data_3GWJ
#
_entry.id   3GWJ
#
_cell.length_a   121.196
_cell.length_b   119.470
_cell.length_c   319.878
_cell.angle_alpha   90.00
_cell.angle_beta   90.00
_cell.angle_gamma   90.00
#
_symmetry.space_group_name_H-M   'P 21 21 21'
#
loop_
_entity.id
_entity.type
_entity.pdbx_description
1 polymer Arylphorin
2 branched alpha-D-glucopyranose-(1-3)-alpha-D-mannopyranose-(1-2)-alpha-D-mannopyranose-(1-2)-alpha-D-mannopyranose-(1-3)-[alpha-D-mannopyranose-(1-2)-alpha-D-mannopyranose-(1-3)-[alpha-D-mannopyranose-(1-2)-alpha-D-mannopyranose-(1-6)]alpha-D-mannopyranose-(1-6)]beta-D-mannopyranose-(1-4)-2-acetamido-2-deoxy-beta-D-glucopyranose-(1-4)-2-acetamido-2-deoxy-beta-D-glucopyranose
3 branched 2-acetamido-2-deoxy-beta-D-glucopyranose-(1-4)-2-acetamido-2-deoxy-beta-D-glucopyranose
4 non-polymer 'FORMIC ACID'
5 water water
#
_entity_poly.entity_id   1
_entity_poly.type   'polypeptide(L)'
_entity_poly.pdbx_seq_one_letter_code
;HVLKTKDVDTVFVERQKKVLSLFQDVDQLNTNDEYYKIGKDYDIEANIDNYTNKKAVEDFLKMYRCGFLPKYNEFSVFHD
KLRDEAIALFHLFYYAKDFDTFYKSAAFARVHLNQGQFLYAYYIAIIQRKDTYGIVLPAPYEIYPELFVNIDTTYKMFRT
KMQNGLINPEAAVEYGIVKEDNHYVYYSNYSNAITYYNEEQRLAYFTEDIGLNAYYFFFHIHLPFWWTAEKYGNLKERRG
EMYHYFYDQLLTRYYFERLTNGLGTIPEFSWYSPVKTGHYPLLTSYYTPFSQRPNFYNVHSEENYEKIRFLDAYENYFVQ
ALQKGVFEGFGQTIYLNDSKANSFVGNYWQDNADLYGEEVTKDYQRSYEIVARQVLGAAPKPFDKYTFMPSALDFYQTSL
RDPTFYQLYNRIIGYFNQFKQYLEPHSQEKLHFVGVKVNNVVVDKLVTFFEYYDFDATNTVFLTEEELKTKYPHNLKVRQ
PRLNHQPFNINIDIKADVATDAVVKIFMGPKYNENGFPITLENDWMKFFEMDWFTHKITPGQNTIVRNSNEFVIFKEDSL
PSTELYKLLEKGKVPFDMSEDFGYLPKRLMLPRGTKGGFPFQFVVFVYPFESTTKNLTPYEKFMIDNKPLGYPFDRPVDT
SCFKQPNIFFRDVSVYHEGEYHAYEYNVPAYFSH
;
_entity_poly.pdbx_strand_id   A,B,C,D,E,F
#
loop_
_chem_comp.id
_chem_comp.type
_chem_comp.name
_chem_comp.formula
BMA D-saccharide, beta linking beta-D-mannopyranose 'C6 H12 O6'
FMT non-polymer 'FORMIC ACID' 'C H2 O2'
GLC D-saccharide, alpha linking alpha-D-glucopyranose 'C6 H12 O6'
MAN D-saccharide, alpha linking alpha-D-mannopyranose 'C6 H12 O6'
NAG D-saccharide, beta linking 2-acetamido-2-deoxy-beta-D-glucopyranose 'C8 H15 N O6'
#
# COMPACT_ATOMS: atom_id res chain seq x y z
N HIS A 1 -38.26 46.41 3.12
CA HIS A 1 -38.43 45.14 2.35
C HIS A 1 -39.74 44.42 2.73
N VAL A 2 -40.69 44.42 1.81
CA VAL A 2 -41.99 43.78 2.02
C VAL A 2 -42.04 42.42 1.31
N LEU A 3 -42.55 41.40 2.02
CA LEU A 3 -42.66 40.07 1.47
C LEU A 3 -43.96 39.91 0.69
N LYS A 4 -43.85 39.53 -0.57
CA LYS A 4 -45.01 39.33 -1.42
C LYS A 4 -45.94 38.28 -0.80
N THR A 5 -47.24 38.58 -0.82
CA THR A 5 -48.23 37.68 -0.25
C THR A 5 -49.26 37.21 -1.28
N LYS A 6 -50.00 36.15 -0.96
CA LYS A 6 -51.01 35.62 -1.87
C LYS A 6 -52.32 35.34 -1.15
N ASP A 7 -53.44 35.70 -1.78
CA ASP A 7 -54.75 35.47 -1.19
C ASP A 7 -55.28 34.05 -1.42
N VAL A 8 -55.89 33.49 -0.38
CA VAL A 8 -56.46 32.14 -0.46
C VAL A 8 -57.88 32.12 0.11
N ASP A 9 -58.72 31.24 -0.45
CA ASP A 9 -60.09 31.14 0.01
C ASP A 9 -60.26 30.31 1.29
N THR A 10 -61.49 30.25 1.76
CA THR A 10 -61.84 29.55 2.99
C THR A 10 -61.53 28.06 2.99
N VAL A 11 -61.68 27.42 1.84
CA VAL A 11 -61.42 25.99 1.76
C VAL A 11 -59.93 25.77 1.99
N PHE A 12 -59.12 26.55 1.30
CA PHE A 12 -57.68 26.46 1.42
C PHE A 12 -57.27 26.70 2.86
N VAL A 13 -57.80 27.75 3.47
CA VAL A 13 -57.46 28.09 4.85
C VAL A 13 -57.71 26.94 5.80
N GLU A 14 -58.87 26.30 5.70
CA GLU A 14 -59.18 25.20 6.59
C GLU A 14 -58.31 23.98 6.34
N ARG A 15 -57.90 23.76 5.09
CA ARG A 15 -57.04 22.63 4.79
C ARG A 15 -55.63 22.92 5.28
N GLN A 16 -55.24 24.19 5.23
CA GLN A 16 -53.93 24.63 5.69
C GLN A 16 -53.82 24.44 7.19
N LYS A 17 -54.87 24.81 7.91
CA LYS A 17 -54.87 24.66 9.36
C LYS A 17 -54.78 23.21 9.75
N LYS A 18 -55.49 22.36 9.02
CA LYS A 18 -55.50 20.93 9.28
C LYS A 18 -54.14 20.28 9.05
N VAL A 19 -53.45 20.64 7.97
CA VAL A 19 -52.16 20.03 7.72
C VAL A 19 -51.13 20.49 8.73
N LEU A 20 -51.24 21.74 9.18
CA LEU A 20 -50.29 22.25 10.17
C LEU A 20 -50.52 21.63 11.55
N SER A 21 -51.76 21.25 11.84
CA SER A 21 -52.03 20.65 13.15
C SER A 21 -51.23 19.36 13.36
N LEU A 22 -50.81 18.72 12.27
CA LEU A 22 -50.06 17.48 12.37
C LEU A 22 -48.54 17.68 12.35
N PHE A 23 -48.10 18.94 12.37
CA PHE A 23 -46.69 19.29 12.36
C PHE A 23 -46.22 19.88 13.69
N GLN A 24 -46.97 19.64 14.77
CA GLN A 24 -46.59 20.19 16.09
C GLN A 24 -46.01 19.13 17.00
N ASP A 25 -44.99 19.51 17.78
CA ASP A 25 -44.36 18.61 18.76
C ASP A 25 -44.30 17.19 18.19
N VAL A 26 -43.82 17.12 16.96
CA VAL A 26 -43.73 15.90 16.17
C VAL A 26 -43.13 14.63 16.77
N ASP A 27 -42.24 14.75 17.76
CA ASP A 27 -41.65 13.56 18.34
C ASP A 27 -42.50 13.02 19.48
N GLN A 28 -43.60 13.71 19.74
CA GLN A 28 -44.49 13.36 20.83
C GLN A 28 -45.94 13.27 20.39
N LEU A 29 -46.73 12.48 21.11
CA LEU A 29 -48.16 12.34 20.83
C LEU A 29 -48.94 13.15 21.88
N ASN A 30 -50.03 13.79 21.45
CA ASN A 30 -50.84 14.60 22.36
C ASN A 30 -52.29 14.09 22.39
N THR A 31 -52.62 13.29 23.41
CA THR A 31 -53.97 12.74 23.52
C THR A 31 -55.08 13.78 23.68
N ASN A 32 -54.68 15.03 23.88
CA ASN A 32 -55.62 16.13 24.05
C ASN A 32 -55.98 16.74 22.70
N ASP A 33 -55.18 16.42 21.68
CA ASP A 33 -55.44 16.97 20.35
C ASP A 33 -56.50 16.15 19.64
N GLU A 34 -57.22 16.81 18.75
CA GLU A 34 -58.27 16.17 18.00
C GLU A 34 -57.74 15.02 17.13
N TYR A 35 -56.57 15.22 16.55
CA TYR A 35 -55.99 14.20 15.67
C TYR A 35 -55.72 12.85 16.33
N TYR A 36 -55.51 12.85 17.64
CA TYR A 36 -55.22 11.61 18.33
C TYR A 36 -56.37 10.62 18.33
N LYS A 37 -57.54 11.06 18.77
CA LYS A 37 -58.72 10.20 18.80
C LYS A 37 -59.03 9.73 17.37
N ILE A 38 -59.04 10.67 16.44
CA ILE A 38 -59.31 10.37 15.03
C ILE A 38 -58.36 9.29 14.50
N GLY A 39 -57.06 9.60 14.52
CA GLY A 39 -56.08 8.66 14.03
C GLY A 39 -56.08 7.33 14.74
N LYS A 40 -56.27 7.36 16.05
CA LYS A 40 -56.27 6.13 16.83
C LYS A 40 -57.35 5.15 16.40
N ASP A 41 -58.56 5.65 16.17
CA ASP A 41 -59.68 4.78 15.80
C ASP A 41 -59.99 4.65 14.31
N TYR A 42 -59.26 5.37 13.46
CA TYR A 42 -59.51 5.30 12.02
C TYR A 42 -59.33 3.89 11.46
N ASP A 43 -60.38 3.39 10.81
CA ASP A 43 -60.37 2.05 10.23
C ASP A 43 -60.17 2.14 8.73
N ILE A 44 -58.93 1.94 8.29
CA ILE A 44 -58.60 2.00 6.87
C ILE A 44 -59.37 0.95 6.07
N GLU A 45 -59.37 -0.29 6.58
CA GLU A 45 -60.06 -1.41 5.93
C GLU A 45 -61.53 -1.09 5.64
N ALA A 46 -62.19 -0.44 6.60
CA ALA A 46 -63.59 -0.07 6.46
C ALA A 46 -63.82 1.04 5.45
N ASN A 47 -62.83 1.91 5.27
CA ASN A 47 -62.94 3.01 4.31
C ASN A 47 -62.23 2.76 2.99
N ILE A 48 -61.89 1.51 2.71
CA ILE A 48 -61.18 1.18 1.49
C ILE A 48 -61.82 1.80 0.25
N ASP A 49 -63.12 2.04 0.33
CA ASP A 49 -63.87 2.63 -0.79
C ASP A 49 -63.51 4.09 -1.05
N ASN A 50 -62.86 4.72 -0.07
CA ASN A 50 -62.47 6.12 -0.19
C ASN A 50 -61.06 6.33 -0.73
N TYR A 51 -60.55 5.31 -1.41
CA TYR A 51 -59.22 5.39 -1.99
C TYR A 51 -59.35 5.00 -3.46
N THR A 52 -58.79 5.82 -4.35
CA THR A 52 -58.88 5.55 -5.77
C THR A 52 -58.11 4.32 -6.25
N ASN A 53 -57.15 3.86 -5.46
CA ASN A 53 -56.38 2.69 -5.85
C ASN A 53 -56.46 1.64 -4.74
N LYS A 54 -57.34 0.66 -4.91
CA LYS A 54 -57.52 -0.35 -3.88
C LYS A 54 -56.34 -1.28 -3.64
N LYS A 55 -55.61 -1.63 -4.69
CA LYS A 55 -54.45 -2.51 -4.54
C LYS A 55 -53.40 -1.84 -3.65
N ALA A 56 -53.20 -0.54 -3.84
CA ALA A 56 -52.26 0.23 -3.07
C ALA A 56 -52.60 0.18 -1.59
N VAL A 57 -53.88 0.28 -1.27
CA VAL A 57 -54.33 0.23 0.12
C VAL A 57 -54.16 -1.15 0.75
N GLU A 58 -54.49 -2.20 0.00
CA GLU A 58 -54.35 -3.56 0.49
C GLU A 58 -52.88 -3.88 0.72
N ASP A 59 -52.02 -3.35 -0.16
CA ASP A 59 -50.59 -3.60 -0.03
C ASP A 59 -50.07 -2.94 1.24
N PHE A 60 -50.59 -1.76 1.55
CA PHE A 60 -50.18 -1.06 2.77
C PHE A 60 -50.66 -1.85 3.99
N LEU A 61 -51.92 -2.25 3.98
CA LEU A 61 -52.48 -3.02 5.09
C LEU A 61 -51.72 -4.34 5.30
N LYS A 62 -51.43 -5.03 4.20
CA LYS A 62 -50.71 -6.29 4.29
C LYS A 62 -49.33 -6.04 4.92
N MET A 63 -48.70 -4.94 4.50
CA MET A 63 -47.38 -4.58 4.99
C MET A 63 -47.45 -4.13 6.45
N TYR A 64 -48.47 -3.34 6.77
CA TYR A 64 -48.63 -2.81 8.11
C TYR A 64 -48.95 -3.85 9.17
N ARG A 65 -49.72 -4.87 8.79
CA ARG A 65 -50.06 -5.91 9.75
C ARG A 65 -48.82 -6.72 10.10
N CYS A 66 -47.76 -6.59 9.31
CA CYS A 66 -46.51 -7.31 9.57
C CYS A 66 -45.64 -6.50 10.52
N GLY A 67 -45.91 -5.20 10.57
CA GLY A 67 -45.16 -4.32 11.43
C GLY A 67 -44.34 -3.32 10.65
N PHE A 68 -44.19 -2.13 11.21
CA PHE A 68 -43.39 -1.08 10.59
C PHE A 68 -42.29 -0.70 11.57
N LEU A 69 -41.44 0.24 11.13
CA LEU A 69 -40.34 0.76 11.94
C LEU A 69 -40.93 1.23 13.27
N PRO A 70 -40.29 0.86 14.40
CA PRO A 70 -40.84 1.30 15.68
C PRO A 70 -40.59 2.78 15.90
N LYS A 71 -41.32 3.37 16.84
CA LYS A 71 -41.15 4.78 17.14
C LYS A 71 -39.77 5.05 17.73
N TYR A 72 -39.31 6.29 17.56
CA TYR A 72 -38.02 6.78 18.04
C TYR A 72 -36.79 6.34 17.24
N ASN A 73 -36.89 5.28 16.45
CA ASN A 73 -35.74 4.86 15.63
C ASN A 73 -35.55 5.89 14.55
N GLU A 74 -34.35 5.96 13.99
CA GLU A 74 -34.06 6.89 12.90
C GLU A 74 -34.65 6.35 11.60
N PHE A 75 -35.21 7.23 10.80
CA PHE A 75 -35.76 6.84 9.51
C PHE A 75 -34.90 7.43 8.42
N SER A 76 -34.64 6.63 7.38
CA SER A 76 -33.84 7.07 6.26
C SER A 76 -34.39 6.41 5.01
N VAL A 77 -34.67 7.22 3.99
CA VAL A 77 -35.20 6.68 2.76
C VAL A 77 -34.17 5.82 2.00
N PHE A 78 -32.91 5.85 2.42
CA PHE A 78 -31.87 5.07 1.74
C PHE A 78 -31.77 3.62 2.23
N HIS A 79 -32.69 3.20 3.07
CA HIS A 79 -32.66 1.85 3.59
C HIS A 79 -33.93 1.14 3.13
N ASP A 80 -33.73 0.07 2.36
CA ASP A 80 -34.80 -0.75 1.78
C ASP A 80 -36.14 -0.87 2.48
N LYS A 81 -36.19 -1.63 3.56
CA LYS A 81 -37.43 -1.81 4.32
C LYS A 81 -38.07 -0.47 4.67
N LEU A 82 -37.26 0.47 5.16
CA LEU A 82 -37.79 1.79 5.53
C LEU A 82 -38.41 2.48 4.33
N ARG A 83 -37.69 2.51 3.21
CA ARG A 83 -38.21 3.15 2.00
C ARG A 83 -39.51 2.50 1.55
N ASP A 84 -39.56 1.17 1.54
CA ASP A 84 -40.77 0.49 1.09
C ASP A 84 -41.96 0.87 1.99
N GLU A 85 -41.74 0.88 3.30
CA GLU A 85 -42.80 1.24 4.22
C GLU A 85 -43.25 2.68 3.99
N ALA A 86 -42.29 3.56 3.73
CA ALA A 86 -42.61 4.96 3.49
C ALA A 86 -43.38 5.09 2.18
N ILE A 87 -43.01 4.32 1.17
CA ILE A 87 -43.69 4.39 -0.12
C ILE A 87 -45.14 3.87 -0.01
N ALA A 88 -45.35 2.84 0.82
CA ALA A 88 -46.69 2.29 0.98
C ALA A 88 -47.53 3.35 1.71
N LEU A 89 -46.89 4.07 2.63
CA LEU A 89 -47.56 5.10 3.38
C LEU A 89 -47.94 6.23 2.44
N PHE A 90 -46.98 6.63 1.60
CA PHE A 90 -47.22 7.70 0.63
C PHE A 90 -48.43 7.40 -0.24
N HIS A 91 -48.52 6.14 -0.69
CA HIS A 91 -49.63 5.72 -1.54
C HIS A 91 -50.96 5.84 -0.81
N LEU A 92 -50.98 5.43 0.45
CA LEU A 92 -52.18 5.50 1.27
C LEU A 92 -52.62 6.97 1.31
N PHE A 93 -51.67 7.89 1.47
CA PHE A 93 -51.97 9.33 1.51
C PHE A 93 -52.34 9.89 0.12
N TYR A 94 -51.60 9.44 -0.88
CA TYR A 94 -51.78 9.89 -2.25
C TYR A 94 -53.11 9.50 -2.88
N TYR A 95 -53.57 8.29 -2.60
CA TYR A 95 -54.81 7.81 -3.20
C TYR A 95 -56.10 8.12 -2.46
N ALA A 96 -56.00 8.79 -1.31
CA ALA A 96 -57.21 9.17 -0.58
C ALA A 96 -58.05 9.96 -1.59
N LYS A 97 -59.32 9.63 -1.70
CA LYS A 97 -60.19 10.29 -2.67
C LYS A 97 -60.34 11.78 -2.47
N ASP A 98 -60.31 12.23 -1.22
CA ASP A 98 -60.47 13.65 -0.94
C ASP A 98 -59.61 14.06 0.25
N PHE A 99 -59.55 15.36 0.51
CA PHE A 99 -58.75 15.86 1.61
C PHE A 99 -59.09 15.17 2.92
N ASP A 100 -60.38 15.00 3.19
CA ASP A 100 -60.82 14.36 4.42
C ASP A 100 -60.23 12.98 4.66
N THR A 101 -60.26 12.12 3.64
CA THR A 101 -59.72 10.79 3.79
C THR A 101 -58.20 10.90 3.99
N PHE A 102 -57.59 11.89 3.33
CA PHE A 102 -56.16 12.10 3.46
C PHE A 102 -55.81 12.43 4.91
N TYR A 103 -56.43 13.48 5.44
CA TYR A 103 -56.19 13.90 6.81
C TYR A 103 -56.37 12.76 7.80
N LYS A 104 -57.43 11.97 7.63
CA LYS A 104 -57.65 10.85 8.54
C LYS A 104 -56.53 9.84 8.37
N SER A 105 -56.10 9.62 7.14
CA SER A 105 -55.02 8.68 6.90
C SER A 105 -53.75 9.17 7.61
N ALA A 106 -53.51 10.47 7.53
CA ALA A 106 -52.32 11.05 8.14
C ALA A 106 -52.39 11.03 9.67
N ALA A 107 -53.60 11.16 10.21
CA ALA A 107 -53.80 11.16 11.65
C ALA A 107 -53.48 9.77 12.14
N PHE A 108 -53.99 8.78 11.40
CA PHE A 108 -53.77 7.38 11.69
C PHE A 108 -52.28 7.09 11.75
N ALA A 109 -51.54 7.64 10.79
CA ALA A 109 -50.10 7.44 10.69
C ALA A 109 -49.32 8.19 11.77
N ARG A 110 -49.73 9.42 12.07
CA ARG A 110 -49.05 10.19 13.09
C ARG A 110 -49.16 9.44 14.42
N VAL A 111 -50.34 8.86 14.65
CA VAL A 111 -50.60 8.13 15.88
C VAL A 111 -49.96 6.75 15.98
N HIS A 112 -49.94 6.00 14.88
CA HIS A 112 -49.41 4.63 14.90
C HIS A 112 -47.99 4.38 14.41
N LEU A 113 -47.49 5.25 13.54
CA LEU A 113 -46.16 5.04 12.96
C LEU A 113 -45.00 5.88 13.46
N ASN A 114 -43.81 5.53 12.98
CA ASN A 114 -42.57 6.22 13.34
C ASN A 114 -42.65 7.69 12.91
N GLN A 115 -42.17 8.58 13.77
CA GLN A 115 -42.24 10.02 13.51
C GLN A 115 -41.57 10.46 12.23
N GLY A 116 -40.34 9.99 12.00
CA GLY A 116 -39.63 10.36 10.78
C GLY A 116 -40.29 9.76 9.54
N GLN A 117 -40.74 8.51 9.66
CA GLN A 117 -41.38 7.84 8.55
C GLN A 117 -42.65 8.58 8.17
N PHE A 118 -43.45 8.94 9.16
CA PHE A 118 -44.69 9.65 8.90
C PHE A 118 -44.43 11.04 8.31
N LEU A 119 -43.51 11.77 8.93
CA LEU A 119 -43.20 13.11 8.46
C LEU A 119 -42.73 13.12 7.00
N TYR A 120 -41.94 12.11 6.64
CA TYR A 120 -41.40 11.96 5.28
C TYR A 120 -42.54 11.84 4.27
N ALA A 121 -43.41 10.86 4.49
CA ALA A 121 -44.53 10.61 3.60
C ALA A 121 -45.52 11.77 3.60
N TYR A 122 -45.73 12.35 4.78
CA TYR A 122 -46.65 13.48 4.90
C TYR A 122 -46.17 14.62 3.99
N TYR A 123 -44.93 15.05 4.20
CA TYR A 123 -44.34 16.12 3.40
C TYR A 123 -44.55 15.91 1.91
N ILE A 124 -44.28 14.69 1.44
CA ILE A 124 -44.39 14.38 0.02
C ILE A 124 -45.82 14.37 -0.49
N ALA A 125 -46.73 13.82 0.29
CA ALA A 125 -48.13 13.78 -0.12
C ALA A 125 -48.68 15.19 -0.29
N ILE A 126 -48.34 16.08 0.63
CA ILE A 126 -48.82 17.46 0.56
C ILE A 126 -48.37 18.13 -0.74
N ILE A 127 -47.20 17.74 -1.24
CA ILE A 127 -46.71 18.32 -2.47
C ILE A 127 -47.39 17.69 -3.69
N GLN A 128 -47.54 16.37 -3.65
CA GLN A 128 -48.13 15.61 -4.75
C GLN A 128 -49.65 15.62 -4.95
N ARG A 129 -50.42 15.66 -3.85
CA ARG A 129 -51.87 15.67 -3.99
C ARG A 129 -52.31 16.97 -4.66
N LYS A 130 -53.28 16.87 -5.56
CA LYS A 130 -53.80 18.04 -6.26
C LYS A 130 -54.61 18.96 -5.33
N ASP A 131 -55.37 18.40 -4.40
CA ASP A 131 -56.17 19.25 -3.53
C ASP A 131 -55.36 19.97 -2.45
N THR A 132 -54.07 19.66 -2.33
CA THR A 132 -53.24 20.35 -1.34
C THR A 132 -52.24 21.21 -2.08
N TYR A 133 -52.45 21.39 -3.37
CA TYR A 133 -51.59 22.22 -4.20
C TYR A 133 -51.52 23.62 -3.64
N GLY A 134 -50.30 24.09 -3.37
CA GLY A 134 -50.12 25.43 -2.84
C GLY A 134 -50.14 25.51 -1.33
N ILE A 135 -50.50 24.42 -0.66
CA ILE A 135 -50.52 24.44 0.80
C ILE A 135 -49.09 24.68 1.26
N VAL A 136 -48.93 25.63 2.19
CA VAL A 136 -47.60 25.97 2.68
C VAL A 136 -47.01 24.91 3.62
N LEU A 137 -45.77 24.52 3.34
CA LEU A 137 -45.08 23.52 4.16
C LEU A 137 -44.20 24.19 5.21
N PRO A 138 -44.20 23.65 6.44
CA PRO A 138 -43.34 24.28 7.45
C PRO A 138 -41.88 24.02 7.08
N ALA A 139 -41.01 24.95 7.44
CA ALA A 139 -39.59 24.82 7.14
C ALA A 139 -39.05 23.51 7.69
N PRO A 140 -38.24 22.79 6.89
CA PRO A 140 -37.66 21.52 7.31
C PRO A 140 -36.87 21.63 8.62
N TYR A 141 -36.17 22.74 8.82
CA TYR A 141 -35.40 22.93 10.04
C TYR A 141 -36.29 23.09 11.27
N GLU A 142 -37.52 23.54 11.04
CA GLU A 142 -38.46 23.72 12.14
C GLU A 142 -39.02 22.36 12.53
N ILE A 143 -39.15 21.47 11.54
CA ILE A 143 -39.70 20.15 11.76
C ILE A 143 -38.64 19.14 12.22
N TYR A 144 -37.44 19.25 11.68
CA TYR A 144 -36.35 18.33 12.04
C TYR A 144 -35.19 19.09 12.66
N PRO A 145 -35.42 19.83 13.74
CA PRO A 145 -34.32 20.58 14.35
C PRO A 145 -33.06 19.75 14.68
N GLU A 146 -33.23 18.49 15.04
CA GLU A 146 -32.08 17.65 15.37
C GLU A 146 -31.21 17.27 14.17
N LEU A 147 -31.59 17.71 12.98
CA LEU A 147 -30.82 17.45 11.77
C LEU A 147 -30.30 18.76 11.22
N PHE A 148 -30.66 19.87 11.86
CA PHE A 148 -30.22 21.18 11.39
C PHE A 148 -29.41 21.99 12.38
N VAL A 149 -29.23 21.47 13.58
CA VAL A 149 -28.45 22.18 14.58
C VAL A 149 -27.55 21.17 15.31
N ASN A 150 -26.29 21.54 15.53
CA ASN A 150 -25.33 20.66 16.21
C ASN A 150 -25.75 20.33 17.64
N ILE A 151 -25.26 19.20 18.16
CA ILE A 151 -25.65 18.80 19.51
C ILE A 151 -25.33 19.76 20.63
N ASP A 152 -24.28 20.56 20.48
CA ASP A 152 -23.95 21.49 21.56
C ASP A 152 -25.16 22.38 21.89
N THR A 153 -25.84 22.88 20.86
CA THR A 153 -26.99 23.72 21.13
C THR A 153 -28.22 22.88 21.49
N THR A 154 -28.29 21.66 20.97
CA THR A 154 -29.40 20.78 21.29
C THR A 154 -29.36 20.49 22.78
N TYR A 155 -28.17 20.21 23.29
CA TYR A 155 -28.03 19.92 24.71
C TYR A 155 -28.34 21.14 25.55
N LYS A 156 -28.05 22.33 25.04
CA LYS A 156 -28.35 23.53 25.79
C LYS A 156 -29.86 23.65 25.95
N MET A 157 -30.60 23.23 24.92
CA MET A 157 -32.05 23.26 24.96
C MET A 157 -32.59 22.20 25.91
N PHE A 158 -31.95 21.03 25.92
CA PHE A 158 -32.38 19.95 26.82
C PHE A 158 -32.20 20.41 28.26
N ARG A 159 -31.06 21.03 28.53
CA ARG A 159 -30.74 21.51 29.86
C ARG A 159 -31.82 22.49 30.31
N THR A 160 -32.12 23.48 29.48
CA THR A 160 -33.14 24.46 29.81
C THR A 160 -34.47 23.78 30.14
N LYS A 161 -34.91 22.86 29.29
CA LYS A 161 -36.18 22.16 29.51
C LYS A 161 -36.16 21.35 30.80
N MET A 162 -35.04 20.72 31.11
CA MET A 162 -34.93 19.94 32.32
C MET A 162 -34.95 20.84 33.56
N GLN A 163 -34.45 22.06 33.41
CA GLN A 163 -34.43 22.99 34.53
C GLN A 163 -35.74 23.75 34.63
N ASN A 164 -36.56 23.64 33.59
CA ASN A 164 -37.84 24.33 33.50
C ASN A 164 -37.55 25.83 33.53
N GLY A 165 -36.57 26.24 32.74
CA GLY A 165 -36.17 27.63 32.67
C GLY A 165 -34.69 27.81 32.98
N LEU A 166 -34.25 29.07 33.06
CA LEU A 166 -32.86 29.36 33.36
C LEU A 166 -32.73 29.54 34.86
N ILE A 167 -31.77 28.85 35.46
CA ILE A 167 -31.55 28.95 36.89
C ILE A 167 -30.70 30.19 37.21
N ASN A 168 -29.78 30.54 36.32
CA ASN A 168 -28.97 31.73 36.50
C ASN A 168 -28.78 32.37 35.13
N PRO A 169 -29.81 33.08 34.66
CA PRO A 169 -29.77 33.74 33.35
C PRO A 169 -28.49 34.53 33.06
N GLU A 170 -27.91 35.14 34.08
CA GLU A 170 -26.70 35.92 33.89
C GLU A 170 -25.57 35.00 33.46
N ALA A 171 -25.52 33.82 34.06
CA ALA A 171 -24.48 32.86 33.75
C ALA A 171 -24.69 32.24 32.38
N ALA A 172 -25.95 31.96 32.04
CA ALA A 172 -26.34 31.35 30.78
C ALA A 172 -25.91 32.10 29.53
N VAL A 173 -25.88 33.43 29.62
CA VAL A 173 -25.50 34.27 28.49
C VAL A 173 -24.11 33.93 27.96
N GLU A 174 -23.22 33.47 28.83
CA GLU A 174 -21.86 33.15 28.41
C GLU A 174 -21.80 31.85 27.60
N TYR A 175 -22.94 31.17 27.46
CA TYR A 175 -23.00 29.94 26.69
C TYR A 175 -23.95 30.10 25.50
N GLY A 176 -24.30 31.35 25.21
CA GLY A 176 -25.19 31.64 24.08
C GLY A 176 -26.67 31.47 24.32
N ILE A 177 -27.07 31.34 25.59
CA ILE A 177 -28.48 31.18 25.97
C ILE A 177 -29.01 32.50 26.54
N VAL A 178 -29.95 33.10 25.83
CA VAL A 178 -30.51 34.39 26.26
C VAL A 178 -32.03 34.34 26.29
N LYS A 179 -32.64 35.16 27.14
CA LYS A 179 -34.08 35.21 27.22
C LYS A 179 -34.58 36.50 26.57
N GLU A 180 -35.48 36.36 25.60
CA GLU A 180 -36.06 37.51 24.89
C GLU A 180 -37.56 37.32 24.87
N ASP A 181 -38.29 38.24 25.52
CA ASP A 181 -39.74 38.14 25.59
C ASP A 181 -40.03 36.85 26.34
N ASN A 182 -40.76 35.96 25.68
CA ASN A 182 -41.10 34.67 26.26
C ASN A 182 -40.34 33.57 25.56
N HIS A 183 -39.35 33.95 24.77
CA HIS A 183 -38.55 32.98 24.04
C HIS A 183 -37.16 32.82 24.62
N TYR A 184 -36.63 31.60 24.48
CA TYR A 184 -35.28 31.32 24.91
C TYR A 184 -34.51 31.21 23.59
N VAL A 185 -33.59 32.15 23.38
CA VAL A 185 -32.78 32.19 22.16
C VAL A 185 -31.44 31.51 22.39
N TYR A 186 -31.03 30.69 21.43
CA TYR A 186 -29.77 29.95 21.49
C TYR A 186 -28.89 30.30 20.28
N TYR A 187 -27.81 31.05 20.52
CA TYR A 187 -26.90 31.41 19.44
C TYR A 187 -26.21 30.11 19.11
N SER A 188 -26.28 29.70 17.83
CA SER A 188 -25.71 28.42 17.42
C SER A 188 -24.62 28.48 16.34
N ASN A 189 -23.41 28.11 16.73
CA ASN A 189 -22.27 28.11 15.81
C ASN A 189 -22.25 26.95 14.83
N TYR A 190 -21.63 27.21 13.67
CA TYR A 190 -21.42 26.21 12.66
C TYR A 190 -20.24 25.42 13.26
N SER A 191 -20.08 24.16 12.90
CA SER A 191 -19.02 23.33 13.49
C SER A 191 -17.56 23.79 13.36
N ASN A 192 -17.25 24.67 12.43
CA ASN A 192 -15.88 25.11 12.28
C ASN A 192 -15.44 25.94 13.47
N ALA A 193 -16.40 26.26 14.34
CA ALA A 193 -16.15 27.05 15.54
C ALA A 193 -15.95 26.18 16.77
N ILE A 194 -15.89 24.87 16.55
CA ILE A 194 -15.69 23.92 17.65
C ILE A 194 -14.71 22.81 17.26
N THR A 195 -14.51 22.61 15.96
CA THR A 195 -13.59 21.59 15.48
C THR A 195 -13.16 21.91 14.06
N TYR A 196 -11.85 21.87 13.83
CA TYR A 196 -11.31 22.18 12.51
C TYR A 196 -10.43 21.03 12.05
N TYR A 197 -11.05 19.86 11.83
CA TYR A 197 -10.31 18.66 11.41
C TYR A 197 -9.68 18.68 10.02
N ASN A 198 -10.14 19.56 9.13
CA ASN A 198 -9.55 19.71 7.79
C ASN A 198 -9.94 21.05 7.18
N GLU A 199 -9.31 21.42 6.08
CA GLU A 199 -9.58 22.72 5.45
C GLU A 199 -11.00 22.95 4.95
N GLU A 200 -11.72 21.87 4.69
CA GLU A 200 -13.08 21.99 4.21
C GLU A 200 -13.97 22.64 5.28
N GLN A 201 -13.50 22.63 6.52
CA GLN A 201 -14.28 23.22 7.60
C GLN A 201 -14.48 24.72 7.39
N ARG A 202 -13.58 25.34 6.63
CA ARG A 202 -13.69 26.75 6.37
C ARG A 202 -15.05 27.10 5.71
N LEU A 203 -15.66 26.13 5.03
CA LEU A 203 -16.95 26.36 4.35
C LEU A 203 -18.19 26.05 5.20
N ALA A 204 -18.00 25.74 6.47
CA ALA A 204 -19.12 25.38 7.34
C ALA A 204 -20.32 26.32 7.36
N TYR A 205 -20.11 27.63 7.24
CA TYR A 205 -21.23 28.57 7.26
C TYR A 205 -22.15 28.35 6.06
N PHE A 206 -21.59 27.79 4.99
CA PHE A 206 -22.35 27.52 3.78
C PHE A 206 -22.93 26.10 3.79
N THR A 207 -22.04 25.12 3.89
CA THR A 207 -22.46 23.71 3.88
C THR A 207 -23.42 23.35 5.01
N GLU A 208 -23.42 24.14 6.08
CA GLU A 208 -24.33 23.88 7.20
C GLU A 208 -25.48 24.86 7.25
N ASP A 209 -25.54 25.76 6.26
CA ASP A 209 -26.62 26.73 6.21
C ASP A 209 -27.95 25.97 6.18
N ILE A 210 -28.86 26.30 7.09
CA ILE A 210 -30.12 25.59 7.17
C ILE A 210 -30.93 25.76 5.89
N GLY A 211 -30.82 26.93 5.27
CA GLY A 211 -31.56 27.18 4.04
C GLY A 211 -31.07 26.29 2.92
N LEU A 212 -29.75 26.18 2.80
CA LEU A 212 -29.13 25.36 1.76
C LEU A 212 -29.59 23.92 1.90
N ASN A 213 -29.48 23.40 3.11
CA ASN A 213 -29.87 22.02 3.39
C ASN A 213 -31.35 21.78 3.18
N ALA A 214 -32.18 22.75 3.52
CA ALA A 214 -33.60 22.59 3.31
C ALA A 214 -33.83 22.54 1.79
N TYR A 215 -33.04 23.33 1.07
CA TYR A 215 -33.14 23.39 -0.38
C TYR A 215 -33.00 22.03 -1.05
N TYR A 216 -32.16 21.17 -0.49
CA TYR A 216 -31.95 19.84 -1.04
C TYR A 216 -33.10 18.93 -0.64
N PHE A 217 -33.59 19.08 0.58
CA PHE A 217 -34.72 18.29 1.07
C PHE A 217 -35.91 18.56 0.17
N PHE A 218 -36.14 19.82 -0.16
CA PHE A 218 -37.27 20.14 -1.03
C PHE A 218 -37.07 19.54 -2.42
N PHE A 219 -35.84 19.56 -2.92
CA PHE A 219 -35.57 18.97 -4.24
C PHE A 219 -36.05 17.53 -4.26
N HIS A 220 -35.75 16.81 -3.18
CA HIS A 220 -36.14 15.40 -3.05
C HIS A 220 -37.64 15.17 -2.96
N ILE A 221 -38.30 15.80 -1.98
CA ILE A 221 -39.75 15.59 -1.83
C ILE A 221 -40.57 16.12 -3.00
N HIS A 222 -40.01 17.05 -3.76
CA HIS A 222 -40.73 17.58 -4.90
C HIS A 222 -40.92 16.45 -5.92
N LEU A 223 -39.92 15.58 -6.04
CA LEU A 223 -39.97 14.45 -6.96
C LEU A 223 -38.91 13.42 -6.57
N PRO A 224 -39.26 12.49 -5.66
CA PRO A 224 -38.36 11.45 -5.18
C PRO A 224 -37.81 10.59 -6.31
N PHE A 225 -36.59 10.08 -6.13
CA PHE A 225 -35.96 9.22 -7.12
C PHE A 225 -36.74 7.91 -7.30
N TRP A 226 -37.37 7.45 -6.23
CA TRP A 226 -38.15 6.21 -6.29
C TRP A 226 -39.48 6.33 -7.00
N TRP A 227 -39.93 7.55 -7.28
CA TRP A 227 -41.22 7.73 -7.94
C TRP A 227 -41.07 8.20 -9.39
N THR A 228 -42.05 7.84 -10.21
CA THR A 228 -42.07 8.22 -11.62
C THR A 228 -42.43 9.70 -11.72
N ALA A 229 -42.05 10.32 -12.82
CA ALA A 229 -42.37 11.74 -13.02
C ALA A 229 -43.71 11.91 -13.71
N GLU A 230 -44.40 10.80 -13.96
CA GLU A 230 -45.70 10.80 -14.65
C GLU A 230 -46.64 11.96 -14.30
N LYS A 231 -46.84 12.20 -13.01
CA LYS A 231 -47.72 13.27 -12.56
C LYS A 231 -47.44 14.61 -13.23
N TYR A 232 -46.16 14.91 -13.48
CA TYR A 232 -45.77 16.17 -14.08
C TYR A 232 -45.74 16.22 -15.61
N GLY A 233 -46.45 15.31 -16.25
CA GLY A 233 -46.53 15.29 -17.70
C GLY A 233 -45.25 15.37 -18.53
N ASN A 234 -44.92 16.56 -19.01
CA ASN A 234 -43.73 16.75 -19.83
C ASN A 234 -42.41 16.52 -19.10
N LEU A 235 -42.40 16.80 -17.79
CA LEU A 235 -41.18 16.60 -17.01
C LEU A 235 -40.64 15.19 -17.18
N LYS A 236 -41.53 14.22 -17.31
CA LYS A 236 -41.11 12.84 -17.47
C LYS A 236 -40.08 12.74 -18.60
N GLU A 237 -40.44 13.24 -19.78
CA GLU A 237 -39.55 13.20 -20.94
C GLU A 237 -38.29 14.02 -20.77
N ARG A 238 -38.32 15.04 -19.91
CA ARG A 238 -37.16 15.88 -19.68
C ARG A 238 -36.55 15.69 -18.30
N ARG A 239 -36.80 14.54 -17.67
CA ARG A 239 -36.28 14.30 -16.33
C ARG A 239 -34.76 14.38 -16.22
N GLY A 240 -34.06 13.72 -17.14
CA GLY A 240 -32.62 13.75 -17.14
C GLY A 240 -32.09 15.16 -17.29
N GLU A 241 -32.86 16.00 -17.96
CA GLU A 241 -32.47 17.39 -18.17
C GLU A 241 -32.50 18.14 -16.83
N MET A 242 -33.53 17.86 -16.04
CA MET A 242 -33.70 18.49 -14.74
C MET A 242 -32.65 18.01 -13.74
N TYR A 243 -32.30 16.73 -13.82
CA TYR A 243 -31.29 16.13 -12.93
C TYR A 243 -29.96 16.84 -13.12
N HIS A 244 -29.55 16.95 -14.39
CA HIS A 244 -28.30 17.59 -14.73
C HIS A 244 -28.31 19.04 -14.29
N TYR A 245 -29.40 19.73 -14.61
CA TYR A 245 -29.53 21.13 -14.28
C TYR A 245 -29.46 21.38 -12.78
N PHE A 246 -30.26 20.66 -12.00
CA PHE A 246 -30.23 20.86 -10.56
C PHE A 246 -28.83 20.68 -9.97
N TYR A 247 -28.22 19.54 -10.25
CA TYR A 247 -26.90 19.26 -9.71
C TYR A 247 -25.79 20.14 -10.25
N ASP A 248 -25.78 20.39 -11.55
CA ASP A 248 -24.74 21.23 -12.10
C ASP A 248 -24.79 22.60 -11.46
N GLN A 249 -26.00 23.16 -11.35
CA GLN A 249 -26.17 24.48 -10.74
C GLN A 249 -25.71 24.46 -9.28
N LEU A 250 -26.11 23.42 -8.54
CA LEU A 250 -25.71 23.28 -7.15
C LEU A 250 -24.19 23.17 -7.02
N LEU A 251 -23.60 22.26 -7.79
CA LEU A 251 -22.16 22.03 -7.81
C LEU A 251 -21.38 23.30 -8.17
N THR A 252 -21.89 24.03 -9.16
CA THR A 252 -21.26 25.27 -9.60
C THR A 252 -21.31 26.32 -8.48
N ARG A 253 -22.47 26.43 -7.84
CA ARG A 253 -22.63 27.37 -6.75
C ARG A 253 -21.69 27.03 -5.61
N TYR A 254 -21.51 25.73 -5.36
CA TYR A 254 -20.61 25.28 -4.30
C TYR A 254 -19.17 25.60 -4.68
N TYR A 255 -18.85 25.43 -5.95
CA TYR A 255 -17.51 25.73 -6.47
C TYR A 255 -17.17 27.22 -6.23
N PHE A 256 -18.15 28.09 -6.43
CA PHE A 256 -17.95 29.52 -6.23
C PHE A 256 -17.53 29.79 -4.79
N GLU A 257 -18.20 29.13 -3.85
CA GLU A 257 -17.88 29.29 -2.44
C GLU A 257 -16.46 28.78 -2.19
N ARG A 258 -16.09 27.68 -2.85
CA ARG A 258 -14.75 27.14 -2.71
C ARG A 258 -13.74 28.16 -3.18
N LEU A 259 -14.04 28.78 -4.32
CA LEU A 259 -13.18 29.78 -4.93
C LEU A 259 -12.83 30.96 -4.02
N THR A 260 -13.83 31.69 -3.53
CA THR A 260 -13.56 32.84 -2.68
C THR A 260 -12.88 32.44 -1.38
N ASN A 261 -12.81 31.14 -1.11
CA ASN A 261 -12.18 30.64 0.09
C ASN A 261 -10.86 29.95 -0.23
N GLY A 262 -10.45 30.04 -1.50
CA GLY A 262 -9.20 29.44 -1.93
C GLY A 262 -9.10 27.92 -1.87
N LEU A 263 -10.25 27.24 -2.00
CA LEU A 263 -10.27 25.79 -1.93
C LEU A 263 -10.28 25.05 -3.26
N GLY A 264 -10.11 25.80 -4.35
CA GLY A 264 -10.08 25.21 -5.68
C GLY A 264 -11.24 24.31 -6.08
N THR A 265 -11.03 23.55 -7.14
CA THR A 265 -12.04 22.64 -7.67
C THR A 265 -12.47 21.56 -6.68
N ILE A 266 -13.58 20.92 -7.01
CA ILE A 266 -14.13 19.85 -6.20
C ILE A 266 -13.21 18.66 -6.35
N PRO A 267 -12.65 18.15 -5.24
CA PRO A 267 -11.73 17.01 -5.27
C PRO A 267 -12.25 15.76 -5.95
N GLU A 268 -11.33 15.02 -6.55
CA GLU A 268 -11.67 13.77 -7.20
C GLU A 268 -11.18 12.67 -6.28
N PHE A 269 -11.80 11.50 -6.34
CA PHE A 269 -11.36 10.40 -5.49
C PHE A 269 -11.38 9.09 -6.25
N SER A 270 -10.94 8.04 -5.57
CA SER A 270 -10.91 6.71 -6.14
C SER A 270 -11.55 5.77 -5.13
N TRP A 271 -12.29 4.77 -5.60
CA TRP A 271 -12.89 3.81 -4.70
C TRP A 271 -11.80 2.87 -4.20
N TYR A 272 -10.60 2.96 -4.78
CA TYR A 272 -9.50 2.09 -4.38
C TYR A 272 -8.37 2.79 -3.63
N SER A 273 -8.62 4.00 -3.15
CA SER A 273 -7.61 4.75 -2.42
C SER A 273 -8.27 5.45 -1.24
N PRO A 274 -7.49 5.81 -0.23
CA PRO A 274 -8.09 6.49 0.91
C PRO A 274 -8.82 7.75 0.47
N VAL A 275 -9.98 8.01 1.07
CA VAL A 275 -10.75 9.20 0.77
C VAL A 275 -10.12 10.27 1.65
N LYS A 276 -9.54 11.29 1.02
CA LYS A 276 -8.85 12.36 1.74
C LYS A 276 -9.67 13.19 2.74
N THR A 277 -10.72 13.87 2.27
CA THR A 277 -11.52 14.73 3.14
C THR A 277 -12.59 14.05 4.00
N GLY A 278 -12.32 13.98 5.31
CA GLY A 278 -13.25 13.35 6.22
C GLY A 278 -14.38 14.24 6.71
N HIS A 279 -15.27 13.68 7.52
CA HIS A 279 -16.37 14.46 8.04
C HIS A 279 -16.79 13.94 9.40
N TYR A 280 -17.09 14.88 10.30
CA TYR A 280 -17.50 14.56 11.65
C TYR A 280 -18.82 15.22 11.96
N PRO A 281 -19.93 14.52 11.74
CA PRO A 281 -21.26 15.06 12.01
C PRO A 281 -21.41 15.28 13.51
N LEU A 282 -21.79 16.48 13.91
CA LEU A 282 -22.01 16.77 15.32
C LEU A 282 -23.51 16.62 15.54
N LEU A 283 -24.02 15.49 15.07
CA LEU A 283 -25.43 15.17 15.17
C LEU A 283 -25.58 13.82 15.85
N THR A 284 -26.78 13.56 16.34
CA THR A 284 -27.03 12.31 17.02
C THR A 284 -28.47 11.86 16.78
N SER A 285 -28.71 10.56 16.91
CA SER A 285 -30.06 10.03 16.77
C SER A 285 -30.45 9.73 18.21
N TYR A 286 -31.60 9.11 18.42
CA TYR A 286 -32.01 8.80 19.79
C TYR A 286 -31.26 7.60 20.35
N TYR A 287 -30.58 6.87 19.48
CA TYR A 287 -29.86 5.68 19.92
C TYR A 287 -28.36 5.65 19.67
N THR A 288 -27.87 6.50 18.77
CA THR A 288 -26.45 6.48 18.48
C THR A 288 -25.95 7.75 17.82
N PRO A 289 -24.64 8.03 17.94
CA PRO A 289 -24.05 9.22 17.32
C PRO A 289 -23.98 8.93 15.82
N PHE A 290 -24.00 9.98 15.00
CA PHE A 290 -23.87 9.76 13.56
C PHE A 290 -22.48 9.17 13.34
N SER A 291 -22.30 8.38 12.28
CA SER A 291 -20.98 7.79 12.03
C SER A 291 -20.05 8.87 11.51
N GLN A 292 -18.76 8.70 11.78
CA GLN A 292 -17.75 9.65 11.37
C GLN A 292 -16.81 9.00 10.36
N ARG A 293 -16.32 9.80 9.41
CA ARG A 293 -15.38 9.30 8.42
C ARG A 293 -14.15 10.14 8.63
N PRO A 294 -13.11 9.56 9.24
CA PRO A 294 -11.88 10.34 9.48
C PRO A 294 -11.19 10.72 8.17
N ASN A 295 -10.23 11.62 8.23
CA ASN A 295 -9.49 12.02 7.03
C ASN A 295 -8.68 10.81 6.51
N PHE A 296 -8.53 10.69 5.20
CA PHE A 296 -7.76 9.58 4.63
C PHE A 296 -8.34 8.24 5.08
N TYR A 297 -9.64 8.14 4.96
CA TYR A 297 -10.39 6.95 5.32
C TYR A 297 -10.13 5.82 4.34
N ASN A 298 -9.69 4.70 4.89
CA ASN A 298 -9.40 3.49 4.13
C ASN A 298 -10.75 2.88 3.72
N VAL A 299 -11.26 3.36 2.59
CA VAL A 299 -12.55 2.93 2.05
C VAL A 299 -12.51 1.54 1.42
N HIS A 300 -11.37 1.18 0.84
CA HIS A 300 -11.24 -0.12 0.20
C HIS A 300 -10.94 -1.23 1.20
N SER A 301 -11.91 -1.53 2.06
CA SER A 301 -11.75 -2.58 3.05
C SER A 301 -12.68 -3.75 2.73
N GLU A 302 -12.47 -4.88 3.40
CA GLU A 302 -13.29 -6.07 3.16
C GLU A 302 -14.79 -5.84 3.23
N GLU A 303 -15.25 -4.94 4.10
CA GLU A 303 -16.68 -4.69 4.20
C GLU A 303 -17.25 -4.05 2.93
N ASN A 304 -16.41 -3.33 2.18
CA ASN A 304 -16.84 -2.66 0.96
C ASN A 304 -16.41 -3.27 -0.39
N TYR A 305 -15.71 -4.41 -0.37
CA TYR A 305 -15.23 -5.03 -1.61
C TYR A 305 -16.27 -5.20 -2.72
N GLU A 306 -17.36 -5.90 -2.41
CA GLU A 306 -18.43 -6.17 -3.37
C GLU A 306 -19.14 -4.88 -3.79
N LYS A 307 -19.43 -4.00 -2.84
CA LYS A 307 -20.08 -2.73 -3.16
C LYS A 307 -19.24 -1.88 -4.11
N ILE A 308 -17.93 -1.86 -3.88
CA ILE A 308 -17.04 -1.10 -4.74
C ILE A 308 -17.02 -1.67 -6.16
N ARG A 309 -16.97 -3.00 -6.28
CA ARG A 309 -16.97 -3.63 -7.60
C ARG A 309 -18.26 -3.23 -8.34
N PHE A 310 -19.37 -3.13 -7.60
CA PHE A 310 -20.64 -2.75 -8.19
C PHE A 310 -20.53 -1.31 -8.70
N LEU A 311 -20.00 -0.42 -7.85
CA LEU A 311 -19.84 0.98 -8.21
C LEU A 311 -18.94 1.11 -9.43
N ASP A 312 -17.86 0.32 -9.44
CA ASP A 312 -16.91 0.34 -10.55
C ASP A 312 -17.63 -0.15 -11.82
N ALA A 313 -18.40 -1.22 -11.68
CA ALA A 313 -19.13 -1.78 -12.82
C ALA A 313 -20.10 -0.74 -13.38
N TYR A 314 -20.80 -0.06 -12.49
CA TYR A 314 -21.78 0.96 -12.86
C TYR A 314 -21.15 2.07 -13.69
N GLU A 315 -19.93 2.44 -13.34
CA GLU A 315 -19.20 3.49 -14.05
C GLU A 315 -18.63 2.96 -15.36
N ASN A 316 -18.13 1.72 -15.36
CA ASN A 316 -17.56 1.11 -16.56
C ASN A 316 -18.58 1.11 -17.67
N TYR A 317 -19.77 0.64 -17.34
CA TYR A 317 -20.88 0.58 -18.27
C TYR A 317 -21.04 1.91 -19.00
N PHE A 318 -21.16 2.99 -18.24
CA PHE A 318 -21.35 4.31 -18.83
C PHE A 318 -20.20 4.70 -19.73
N VAL A 319 -18.98 4.55 -19.23
CA VAL A 319 -17.80 4.88 -19.99
C VAL A 319 -17.75 4.10 -21.30
N GLN A 320 -18.03 2.80 -21.23
CA GLN A 320 -18.01 1.97 -22.43
C GLN A 320 -19.11 2.36 -23.40
N ALA A 321 -20.25 2.77 -22.87
CA ALA A 321 -21.38 3.17 -23.72
C ALA A 321 -20.97 4.40 -24.52
N LEU A 322 -20.29 5.31 -23.84
CA LEU A 322 -19.83 6.53 -24.46
C LEU A 322 -18.87 6.21 -25.57
N GLN A 323 -18.01 5.22 -25.32
CA GLN A 323 -17.01 4.84 -26.30
C GLN A 323 -17.61 4.15 -27.53
N LYS A 324 -18.58 3.27 -27.32
CA LYS A 324 -19.17 2.57 -28.44
C LYS A 324 -20.34 3.32 -29.07
N GLY A 325 -20.69 4.45 -28.47
CA GLY A 325 -21.74 5.29 -29.02
C GLY A 325 -23.17 4.85 -28.84
N VAL A 326 -23.42 3.93 -27.92
CA VAL A 326 -24.77 3.47 -27.72
C VAL A 326 -25.05 2.96 -26.29
N PHE A 327 -26.21 3.32 -25.76
CA PHE A 327 -26.61 2.87 -24.43
C PHE A 327 -27.44 1.60 -24.60
N GLU A 328 -26.89 0.47 -24.17
CA GLU A 328 -27.60 -0.80 -24.30
C GLU A 328 -28.31 -1.25 -23.03
N GLY A 329 -29.30 -2.12 -23.18
CA GLY A 329 -30.03 -2.62 -22.03
C GLY A 329 -31.18 -1.72 -21.61
N PHE A 330 -31.83 -2.10 -20.52
CA PHE A 330 -32.97 -1.37 -20.00
C PHE A 330 -34.10 -1.34 -21.03
N GLY A 331 -34.27 -2.47 -21.71
CA GLY A 331 -35.31 -2.60 -22.72
C GLY A 331 -35.28 -1.60 -23.86
N GLN A 332 -34.09 -1.33 -24.40
CA GLN A 332 -33.95 -0.37 -25.50
C GLN A 332 -32.49 -0.16 -25.87
N THR A 333 -32.28 0.41 -27.05
CA THR A 333 -30.93 0.68 -27.53
C THR A 333 -30.97 2.07 -28.12
N ILE A 334 -30.14 2.95 -27.59
CA ILE A 334 -30.11 4.30 -28.10
C ILE A 334 -28.70 4.80 -28.37
N TYR A 335 -28.58 5.60 -29.42
CA TYR A 335 -27.31 6.19 -29.77
C TYR A 335 -27.27 7.41 -28.87
N LEU A 336 -26.09 7.98 -28.71
CA LEU A 336 -25.93 9.15 -27.87
C LEU A 336 -26.76 10.35 -28.34
N ASN A 337 -26.95 10.49 -29.65
CA ASN A 337 -27.72 11.63 -30.16
C ASN A 337 -29.24 11.46 -30.14
N ASP A 338 -29.70 10.27 -29.74
CA ASP A 338 -31.13 9.98 -29.68
C ASP A 338 -31.79 11.05 -28.83
N SER A 339 -33.02 11.42 -29.18
CA SER A 339 -33.73 12.44 -28.42
C SER A 339 -34.08 12.00 -26.99
N LYS A 340 -34.04 10.70 -26.73
CA LYS A 340 -34.34 10.17 -25.40
C LYS A 340 -33.07 10.01 -24.57
N ALA A 341 -31.92 10.16 -25.22
CA ALA A 341 -30.61 10.00 -24.59
C ALA A 341 -30.37 10.82 -23.32
N ASN A 342 -30.53 12.12 -23.42
CA ASN A 342 -30.31 12.99 -22.25
C ASN A 342 -31.05 12.52 -21.00
N SER A 343 -32.30 12.13 -21.17
CA SER A 343 -33.08 11.66 -20.03
C SER A 343 -32.60 10.30 -19.54
N PHE A 344 -32.03 9.51 -20.44
CA PHE A 344 -31.52 8.21 -20.05
C PHE A 344 -30.32 8.36 -19.11
N VAL A 345 -29.32 9.13 -19.51
CA VAL A 345 -28.15 9.27 -18.66
C VAL A 345 -28.57 9.81 -17.29
N GLY A 346 -29.46 10.78 -17.26
CA GLY A 346 -29.93 11.29 -15.98
C GLY A 346 -30.64 10.20 -15.17
N ASN A 347 -31.58 9.50 -15.79
CA ASN A 347 -32.31 8.46 -15.09
C ASN A 347 -31.42 7.28 -14.71
N TYR A 348 -30.40 7.03 -15.52
CA TYR A 348 -29.49 5.93 -15.25
C TYR A 348 -28.65 6.25 -14.01
N TRP A 349 -28.03 7.42 -13.99
CA TRP A 349 -27.21 7.80 -12.85
C TRP A 349 -27.97 7.88 -11.55
N GLN A 350 -29.25 8.17 -11.64
CA GLN A 350 -30.08 8.27 -10.45
C GLN A 350 -30.80 6.96 -10.15
N ASP A 351 -30.79 6.05 -11.13
CA ASP A 351 -31.46 4.76 -10.98
C ASP A 351 -32.90 4.99 -10.55
N ASN A 352 -33.58 5.95 -11.18
CA ASN A 352 -34.95 6.24 -10.80
C ASN A 352 -35.98 5.35 -11.46
N ALA A 353 -37.23 5.52 -11.04
CA ALA A 353 -38.32 4.73 -11.57
C ALA A 353 -38.52 4.87 -13.07
N ASP A 354 -38.31 6.07 -13.59
CA ASP A 354 -38.51 6.29 -15.02
C ASP A 354 -37.50 5.52 -15.87
N LEU A 355 -36.38 5.15 -15.26
CA LEU A 355 -35.35 4.40 -15.98
C LEU A 355 -35.88 3.02 -16.34
N TYR A 356 -36.86 2.55 -15.57
CA TYR A 356 -37.45 1.23 -15.76
C TYR A 356 -38.88 1.24 -16.30
N GLY A 357 -39.41 2.44 -16.52
CA GLY A 357 -40.78 2.56 -17.01
C GLY A 357 -41.77 1.97 -16.01
N GLU A 358 -41.56 2.28 -14.73
CA GLU A 358 -42.43 1.77 -13.66
C GLU A 358 -42.86 2.98 -12.81
N GLU A 359 -43.74 2.80 -11.82
CA GLU A 359 -44.12 3.95 -11.03
C GLU A 359 -43.25 4.11 -9.77
N VAL A 360 -42.82 3.00 -9.19
CA VAL A 360 -41.94 3.04 -8.02
C VAL A 360 -40.83 2.02 -8.22
N THR A 361 -39.64 2.33 -7.72
CA THR A 361 -38.50 1.42 -7.86
C THR A 361 -38.66 0.19 -6.95
N LYS A 362 -37.99 -0.91 -7.31
CA LYS A 362 -38.04 -2.13 -6.50
C LYS A 362 -36.70 -2.26 -5.78
N ASP A 363 -36.66 -3.06 -4.71
CA ASP A 363 -35.45 -3.28 -3.93
C ASP A 363 -34.25 -3.80 -4.71
N TYR A 364 -34.47 -4.75 -5.60
CA TYR A 364 -33.39 -5.34 -6.37
C TYR A 364 -32.80 -4.44 -7.45
N GLN A 365 -33.43 -3.29 -7.71
CA GLN A 365 -32.89 -2.40 -8.72
C GLN A 365 -31.85 -1.53 -8.03
N ARG A 366 -30.67 -2.10 -7.85
CA ARG A 366 -29.58 -1.44 -7.16
C ARG A 366 -29.18 -0.06 -7.68
N SER A 367 -29.04 0.87 -6.74
CA SER A 367 -28.70 2.25 -7.05
C SER A 367 -27.26 2.65 -6.76
N TYR A 368 -26.64 3.29 -7.74
CA TYR A 368 -25.29 3.79 -7.62
C TYR A 368 -25.21 4.85 -6.48
N GLU A 369 -26.13 5.81 -6.48
CA GLU A 369 -26.14 6.83 -5.43
C GLU A 369 -26.29 6.24 -4.02
N ILE A 370 -27.24 5.33 -3.85
CA ILE A 370 -27.45 4.72 -2.54
C ILE A 370 -26.22 3.95 -2.05
N VAL A 371 -25.59 3.17 -2.91
CA VAL A 371 -24.42 2.42 -2.50
C VAL A 371 -23.22 3.36 -2.29
N ALA A 372 -23.10 4.37 -3.13
CA ALA A 372 -22.00 5.32 -2.99
C ALA A 372 -22.13 6.04 -1.64
N ARG A 373 -23.34 6.47 -1.30
CA ARG A 373 -23.59 7.17 -0.04
C ARG A 373 -23.22 6.25 1.14
N GLN A 374 -23.51 4.97 0.96
CA GLN A 374 -23.25 3.97 1.97
C GLN A 374 -21.76 3.81 2.26
N VAL A 375 -20.94 3.57 1.24
CA VAL A 375 -19.52 3.42 1.49
C VAL A 375 -18.88 4.75 1.89
N LEU A 376 -19.34 5.86 1.31
CA LEU A 376 -18.79 7.17 1.68
C LEU A 376 -19.17 7.60 3.11
N GLY A 377 -20.35 7.18 3.56
CA GLY A 377 -20.80 7.53 4.90
C GLY A 377 -19.93 6.92 6.00
N ALA A 378 -19.27 5.82 5.67
CA ALA A 378 -18.35 5.14 6.59
C ALA A 378 -19.02 4.48 7.80
N ALA A 379 -20.33 4.38 7.79
CA ALA A 379 -21.03 3.74 8.89
C ALA A 379 -20.87 2.23 8.80
N PRO A 380 -20.78 1.55 9.95
CA PRO A 380 -20.64 0.09 9.90
C PRO A 380 -21.99 -0.46 9.42
N LYS A 381 -22.02 -1.69 8.91
CA LYS A 381 -23.28 -2.21 8.41
C LYS A 381 -24.40 -2.23 9.44
N PRO A 382 -25.63 -1.88 9.01
CA PRO A 382 -26.83 -1.82 9.85
C PRO A 382 -26.95 -3.07 10.72
N PHE A 383 -27.37 -2.87 11.97
CA PHE A 383 -27.56 -3.95 12.95
C PHE A 383 -28.65 -4.92 12.45
N ASP A 384 -29.72 -4.35 11.90
CA ASP A 384 -30.82 -5.11 11.33
C ASP A 384 -31.62 -4.14 10.46
N LYS A 385 -32.63 -4.62 9.76
CA LYS A 385 -33.41 -3.76 8.88
C LYS A 385 -33.96 -2.45 9.46
N TYR A 386 -34.16 -2.40 10.78
CA TYR A 386 -34.71 -1.21 11.44
C TYR A 386 -33.67 -0.39 12.20
N THR A 387 -32.51 -0.98 12.42
CA THR A 387 -31.46 -0.32 13.19
C THR A 387 -30.14 -0.13 12.46
N PHE A 388 -29.78 1.14 12.27
CA PHE A 388 -28.53 1.50 11.61
C PHE A 388 -27.91 2.73 12.26
N MET A 389 -26.65 2.99 11.93
CA MET A 389 -25.93 4.14 12.46
C MET A 389 -25.95 5.17 11.33
N PRO A 390 -26.70 6.26 11.49
CA PRO A 390 -26.77 7.27 10.44
C PRO A 390 -25.55 8.14 10.17
N SER A 391 -25.39 8.51 8.89
CA SER A 391 -24.31 9.40 8.49
C SER A 391 -25.01 10.63 7.91
N ALA A 392 -24.26 11.68 7.60
CA ALA A 392 -24.85 12.88 7.03
C ALA A 392 -25.43 12.58 5.66
N LEU A 393 -24.95 11.51 5.05
CA LEU A 393 -25.38 11.11 3.70
C LEU A 393 -26.63 10.25 3.68
N ASP A 394 -27.22 10.02 4.85
CA ASP A 394 -28.45 9.21 4.98
C ASP A 394 -29.71 10.06 4.91
N PHE A 395 -29.54 11.37 4.93
CA PHE A 395 -30.67 12.28 4.91
C PHE A 395 -30.49 13.37 3.87
N TYR A 396 -31.55 13.71 3.17
CA TYR A 396 -31.48 14.76 2.19
C TYR A 396 -31.31 16.10 2.91
N GLN A 397 -31.73 16.16 4.16
CA GLN A 397 -31.58 17.39 4.90
C GLN A 397 -30.20 17.62 5.53
N THR A 398 -29.31 16.64 5.43
CA THR A 398 -27.96 16.78 5.99
C THR A 398 -26.84 16.44 5.00
N SER A 399 -27.21 15.98 3.82
CA SER A 399 -26.22 15.61 2.82
C SER A 399 -25.20 16.67 2.45
N LEU A 400 -25.67 17.90 2.24
CA LEU A 400 -24.76 18.99 1.87
C LEU A 400 -23.75 19.38 2.96
N ARG A 401 -23.88 18.77 4.14
CA ARG A 401 -22.94 19.04 5.23
C ARG A 401 -21.65 18.28 4.99
N ASP A 402 -21.75 17.19 4.26
CA ASP A 402 -20.60 16.33 3.96
C ASP A 402 -19.87 16.68 2.66
N PRO A 403 -18.56 16.93 2.74
CA PRO A 403 -17.76 17.26 1.56
C PRO A 403 -17.83 16.20 0.43
N THR A 404 -17.90 14.92 0.80
CA THR A 404 -17.96 13.88 -0.23
C THR A 404 -19.30 13.90 -0.96
N PHE A 405 -20.26 14.64 -0.45
CA PHE A 405 -21.53 14.73 -1.14
C PHE A 405 -21.26 15.43 -2.49
N TYR A 406 -20.52 16.55 -2.44
CA TYR A 406 -20.22 17.29 -3.64
C TYR A 406 -19.26 16.51 -4.52
N GLN A 407 -18.31 15.83 -3.88
CA GLN A 407 -17.34 15.03 -4.63
C GLN A 407 -18.05 13.92 -5.39
N LEU A 408 -19.04 13.31 -4.77
CA LEU A 408 -19.80 12.23 -5.40
C LEU A 408 -20.57 12.73 -6.62
N TYR A 409 -21.38 13.76 -6.42
CA TYR A 409 -22.18 14.28 -7.52
C TYR A 409 -21.35 15.01 -8.56
N ASN A 410 -20.18 15.49 -8.17
CA ASN A 410 -19.33 16.16 -9.13
C ASN A 410 -18.78 15.06 -10.05
N ARG A 411 -18.60 13.87 -9.49
CA ARG A 411 -18.11 12.72 -10.23
C ARG A 411 -19.19 12.35 -11.24
N ILE A 412 -20.43 12.27 -10.75
CA ILE A 412 -21.59 11.93 -11.58
C ILE A 412 -21.82 12.93 -12.70
N ILE A 413 -21.79 14.21 -12.39
CA ILE A 413 -22.00 15.22 -13.41
C ILE A 413 -20.78 15.28 -14.34
N GLY A 414 -19.63 14.82 -13.84
CA GLY A 414 -18.44 14.80 -14.66
C GLY A 414 -18.73 13.90 -15.84
N TYR A 415 -19.37 12.75 -15.57
CA TYR A 415 -19.74 11.81 -16.61
C TYR A 415 -20.85 12.39 -17.48
N PHE A 416 -21.77 13.13 -16.87
CA PHE A 416 -22.87 13.71 -17.61
C PHE A 416 -22.30 14.76 -18.59
N ASN A 417 -21.38 15.57 -18.12
CA ASN A 417 -20.80 16.59 -18.99
C ASN A 417 -19.93 15.95 -20.07
N GLN A 418 -19.40 14.76 -19.79
CA GLN A 418 -18.59 14.07 -20.80
C GLN A 418 -19.56 13.66 -21.89
N PHE A 419 -20.68 13.09 -21.49
CA PHE A 419 -21.70 12.65 -22.44
C PHE A 419 -22.07 13.83 -23.36
N LYS A 420 -22.18 15.01 -22.77
CA LYS A 420 -22.57 16.19 -23.55
C LYS A 420 -21.60 16.60 -24.63
N GLN A 421 -20.36 16.15 -24.60
CA GLN A 421 -19.46 16.53 -25.67
C GLN A 421 -19.63 15.64 -26.91
N TYR A 422 -20.52 14.66 -26.82
CA TYR A 422 -20.80 13.76 -27.93
C TYR A 422 -22.01 14.24 -28.69
N LEU A 423 -22.64 15.29 -28.19
CA LEU A 423 -23.84 15.83 -28.82
C LEU A 423 -23.49 17.00 -29.72
N GLU A 424 -24.44 17.37 -30.57
CA GLU A 424 -24.27 18.50 -31.47
C GLU A 424 -24.12 19.79 -30.65
N PRO A 425 -22.99 20.49 -30.83
CA PRO A 425 -22.80 21.72 -30.06
C PRO A 425 -23.60 22.87 -30.68
N HIS A 426 -24.07 23.79 -29.85
CA HIS A 426 -24.84 24.94 -30.33
C HIS A 426 -24.00 25.71 -31.32
N SER A 427 -24.53 25.91 -32.52
CA SER A 427 -23.81 26.65 -33.55
C SER A 427 -23.82 28.13 -33.24
N GLN A 428 -22.96 28.89 -33.90
CA GLN A 428 -22.90 30.33 -33.70
C GLN A 428 -24.16 30.96 -34.28
N GLU A 429 -24.66 30.38 -35.37
CA GLU A 429 -25.85 30.90 -36.03
C GLU A 429 -27.08 30.83 -35.13
N LYS A 430 -27.33 29.68 -34.51
CA LYS A 430 -28.48 29.51 -33.65
C LYS A 430 -28.44 30.45 -32.44
N LEU A 431 -27.24 30.67 -31.91
CA LEU A 431 -27.06 31.54 -30.76
C LEU A 431 -27.27 33.01 -31.13
N HIS A 432 -27.02 33.34 -32.39
CA HIS A 432 -27.16 34.71 -32.87
C HIS A 432 -28.62 35.22 -32.92
N PHE A 433 -28.82 36.43 -32.39
CA PHE A 433 -30.13 37.06 -32.39
C PHE A 433 -30.06 38.23 -33.38
N VAL A 434 -30.45 37.97 -34.63
CA VAL A 434 -30.40 39.00 -35.66
C VAL A 434 -31.18 40.27 -35.33
N GLY A 435 -30.46 41.39 -35.28
CA GLY A 435 -31.10 42.65 -34.97
C GLY A 435 -30.92 43.07 -33.54
N VAL A 436 -30.53 42.13 -32.69
CA VAL A 436 -30.34 42.43 -31.28
C VAL A 436 -28.88 42.51 -30.88
N LYS A 437 -28.56 43.51 -30.07
CA LYS A 437 -27.21 43.68 -29.58
C LYS A 437 -27.21 44.24 -28.19
N VAL A 438 -26.35 43.69 -27.34
CA VAL A 438 -26.22 44.16 -25.98
C VAL A 438 -25.04 45.13 -26.00
N ASN A 439 -25.32 46.42 -25.96
CA ASN A 439 -24.26 47.42 -25.98
C ASN A 439 -23.45 47.46 -24.71
N ASN A 440 -24.10 47.24 -23.58
CA ASN A 440 -23.40 47.30 -22.31
C ASN A 440 -24.21 46.73 -21.15
N VAL A 441 -23.51 46.40 -20.07
CA VAL A 441 -24.14 45.91 -18.85
C VAL A 441 -23.40 46.51 -17.66
N VAL A 442 -24.15 47.05 -16.72
CA VAL A 442 -23.56 47.65 -15.53
C VAL A 442 -24.12 46.97 -14.31
N VAL A 443 -23.23 46.59 -13.40
CA VAL A 443 -23.68 45.91 -12.19
C VAL A 443 -23.33 46.70 -10.94
N ASP A 444 -24.32 46.95 -10.09
CA ASP A 444 -24.04 47.68 -8.86
C ASP A 444 -23.04 46.89 -8.05
N LYS A 445 -22.54 47.51 -6.99
CA LYS A 445 -21.56 46.87 -6.11
C LYS A 445 -22.14 45.59 -5.49
N LEU A 446 -21.37 44.51 -5.55
CA LEU A 446 -21.78 43.23 -4.98
C LEU A 446 -21.18 43.10 -3.57
N VAL A 447 -22.05 43.01 -2.57
CA VAL A 447 -21.57 42.92 -1.20
C VAL A 447 -22.28 41.84 -0.38
N THR A 448 -21.49 41.01 0.29
CA THR A 448 -22.07 39.99 1.15
C THR A 448 -21.79 40.38 2.59
N PHE A 449 -22.50 39.73 3.51
CA PHE A 449 -22.34 40.00 4.93
C PHE A 449 -23.17 38.96 5.65
N PHE A 450 -22.96 38.81 6.95
CA PHE A 450 -23.73 37.86 7.74
C PHE A 450 -24.80 38.60 8.51
N GLU A 451 -25.96 37.95 8.64
CA GLU A 451 -27.08 38.55 9.34
C GLU A 451 -27.79 37.51 10.19
N TYR A 452 -28.05 37.86 11.46
CA TYR A 452 -28.73 36.97 12.39
C TYR A 452 -30.05 36.47 11.81
N TYR A 453 -30.32 35.18 11.98
CA TYR A 453 -31.58 34.61 11.50
C TYR A 453 -32.10 33.67 12.57
N ASP A 454 -33.38 33.79 12.89
CA ASP A 454 -33.99 32.94 13.91
C ASP A 454 -35.00 31.95 13.34
N PHE A 455 -35.14 30.79 13.99
CA PHE A 455 -36.14 29.83 13.57
C PHE A 455 -36.62 29.06 14.79
N ASP A 456 -37.86 28.60 14.75
CA ASP A 456 -38.47 27.87 15.86
C ASP A 456 -37.93 26.44 15.99
N ALA A 457 -37.16 26.18 17.04
CA ALA A 457 -36.60 24.87 17.24
C ALA A 457 -37.24 24.13 18.42
N THR A 458 -38.46 24.52 18.80
CA THR A 458 -39.13 23.89 19.92
C THR A 458 -39.38 22.39 19.76
N ASN A 459 -39.49 21.89 18.52
CA ASN A 459 -39.70 20.46 18.33
C ASN A 459 -38.55 19.66 18.94
N THR A 460 -37.44 20.34 19.19
CA THR A 460 -36.26 19.72 19.79
C THR A 460 -36.57 19.09 21.14
N VAL A 461 -37.45 19.75 21.87
CA VAL A 461 -37.81 19.36 23.21
C VAL A 461 -39.09 18.54 23.40
N PHE A 462 -39.19 17.86 24.53
CA PHE A 462 -40.39 17.09 24.86
C PHE A 462 -41.21 17.85 25.89
N LEU A 463 -42.52 17.92 25.64
CA LEU A 463 -43.43 18.64 26.53
C LEU A 463 -43.96 17.82 27.71
N THR A 464 -44.39 18.54 28.74
CA THR A 464 -44.95 17.96 29.97
C THR A 464 -46.41 17.59 29.76
N GLU A 465 -46.91 16.63 30.54
CA GLU A 465 -48.30 16.22 30.42
C GLU A 465 -49.21 17.43 30.59
N GLU A 466 -48.86 18.33 31.51
CA GLU A 466 -49.65 19.54 31.72
C GLU A 466 -49.48 20.49 30.54
N GLU A 467 -48.26 20.57 30.02
CA GLU A 467 -48.01 21.44 28.89
C GLU A 467 -48.78 21.00 27.66
N LEU A 468 -49.07 19.70 27.55
CA LEU A 468 -49.82 19.17 26.41
C LEU A 468 -51.30 19.54 26.50
N LYS A 469 -51.73 19.92 27.70
CA LYS A 469 -53.12 20.32 27.95
C LYS A 469 -53.39 21.74 27.50
N THR A 470 -52.35 22.55 27.32
CA THR A 470 -52.52 23.92 26.86
C THR A 470 -51.89 24.04 25.47
N LYS A 471 -51.92 25.24 24.88
CA LYS A 471 -51.38 25.42 23.54
C LYS A 471 -49.87 25.24 23.47
N TYR A 472 -49.39 24.76 22.32
CA TYR A 472 -47.96 24.53 22.12
C TYR A 472 -47.25 25.84 22.32
N PRO A 473 -46.15 25.82 23.08
CA PRO A 473 -45.35 27.01 23.40
C PRO A 473 -44.58 27.76 22.32
N HIS A 474 -44.06 27.06 21.30
CA HIS A 474 -43.27 27.73 20.25
C HIS A 474 -42.30 28.68 20.97
N ASN A 475 -41.83 28.13 22.07
CA ASN A 475 -40.93 28.71 23.05
C ASN A 475 -39.45 28.93 22.67
N LEU A 476 -38.82 27.92 22.06
CA LEU A 476 -37.42 28.00 21.72
C LEU A 476 -37.09 28.60 20.35
N LYS A 477 -36.00 29.37 20.30
CA LYS A 477 -35.56 30.02 19.07
C LYS A 477 -34.07 29.77 18.87
N VAL A 478 -33.70 29.30 17.68
CA VAL A 478 -32.28 29.11 17.39
C VAL A 478 -31.86 30.31 16.55
N ARG A 479 -30.74 30.94 16.93
CA ARG A 479 -30.26 32.10 16.21
C ARG A 479 -28.87 31.84 15.64
N GLN A 480 -28.69 32.12 14.36
CA GLN A 480 -27.38 31.95 13.72
C GLN A 480 -27.14 33.01 12.65
N PRO A 481 -25.89 33.48 12.55
CA PRO A 481 -25.65 34.48 11.51
C PRO A 481 -25.65 33.69 10.20
N ARG A 482 -26.41 34.18 9.21
CA ARG A 482 -26.49 33.51 7.93
C ARG A 482 -26.11 34.43 6.78
N LEU A 483 -25.39 33.85 5.81
CA LEU A 483 -24.93 34.60 4.64
C LEU A 483 -26.05 35.37 3.96
N ASN A 484 -25.74 36.59 3.55
CA ASN A 484 -26.70 37.47 2.86
C ASN A 484 -25.90 38.49 2.05
N HIS A 485 -26.59 39.23 1.19
CA HIS A 485 -25.94 40.24 0.36
C HIS A 485 -26.90 41.43 0.19
N GLN A 486 -26.37 42.57 -0.22
CA GLN A 486 -27.18 43.76 -0.44
C GLN A 486 -27.84 43.72 -1.82
N PRO A 487 -29.05 44.26 -1.95
CA PRO A 487 -29.70 44.24 -3.26
C PRO A 487 -28.83 44.95 -4.30
N PHE A 488 -28.88 44.50 -5.54
CA PHE A 488 -28.09 45.13 -6.59
C PHE A 488 -28.83 45.17 -7.92
N ASN A 489 -28.53 46.19 -8.72
CA ASN A 489 -29.17 46.33 -10.01
C ASN A 489 -28.24 45.96 -11.14
N ILE A 490 -28.83 45.48 -12.21
CA ILE A 490 -28.09 45.12 -13.40
C ILE A 490 -28.76 45.92 -14.51
N ASN A 491 -28.05 46.91 -15.04
CA ASN A 491 -28.59 47.73 -16.11
C ASN A 491 -28.14 47.17 -17.44
N ILE A 492 -29.11 46.76 -18.26
CA ILE A 492 -28.82 46.19 -19.55
C ILE A 492 -29.14 47.20 -20.65
N ASP A 493 -28.17 47.43 -21.52
CA ASP A 493 -28.31 48.36 -22.63
C ASP A 493 -28.42 47.52 -23.91
N ILE A 494 -29.52 47.67 -24.63
CA ILE A 494 -29.72 46.89 -25.86
C ILE A 494 -30.09 47.76 -27.06
N LYS A 495 -29.43 47.49 -28.18
CA LYS A 495 -29.69 48.21 -29.42
C LYS A 495 -30.32 47.25 -30.40
N ALA A 496 -31.60 47.48 -30.71
CA ALA A 496 -32.33 46.63 -31.63
C ALA A 496 -32.71 47.35 -32.92
N ASP A 497 -32.89 46.57 -33.98
CA ASP A 497 -33.27 47.09 -35.29
C ASP A 497 -34.79 47.04 -35.47
N VAL A 498 -35.38 45.90 -35.10
CA VAL A 498 -36.82 45.72 -35.22
C VAL A 498 -37.39 45.33 -33.85
N ALA A 499 -38.71 45.35 -33.74
CA ALA A 499 -39.34 44.98 -32.47
C ALA A 499 -39.63 43.48 -32.45
N THR A 500 -39.30 42.84 -31.34
CA THR A 500 -39.53 41.40 -31.18
C THR A 500 -39.66 41.02 -29.71
N ASP A 501 -40.26 39.86 -29.46
CA ASP A 501 -40.41 39.36 -28.10
C ASP A 501 -39.09 38.64 -27.83
N ALA A 502 -38.43 39.02 -26.75
CA ALA A 502 -37.17 38.39 -26.43
C ALA A 502 -37.10 37.79 -25.03
N VAL A 503 -36.21 36.81 -24.89
CA VAL A 503 -35.98 36.17 -23.61
C VAL A 503 -34.61 36.70 -23.19
N VAL A 504 -34.46 37.03 -21.93
CA VAL A 504 -33.17 37.51 -21.45
C VAL A 504 -32.78 36.71 -20.22
N LYS A 505 -31.57 36.18 -20.24
CA LYS A 505 -31.05 35.38 -19.12
C LYS A 505 -29.79 36.01 -18.54
N ILE A 506 -29.62 35.85 -17.23
CA ILE A 506 -28.47 36.40 -16.53
C ILE A 506 -27.72 35.28 -15.80
N PHE A 507 -26.42 35.16 -16.07
CA PHE A 507 -25.59 34.14 -15.43
C PHE A 507 -24.41 34.75 -14.69
N MET A 508 -23.92 34.00 -13.72
CA MET A 508 -22.75 34.40 -12.96
C MET A 508 -21.74 33.29 -13.23
N GLY A 509 -20.53 33.67 -13.61
CA GLY A 509 -19.51 32.70 -13.90
C GLY A 509 -18.18 33.11 -13.31
N PRO A 510 -17.22 32.18 -13.22
CA PRO A 510 -15.91 32.53 -12.66
C PRO A 510 -15.14 33.34 -13.69
N LYS A 511 -14.19 34.15 -13.23
CA LYS A 511 -13.38 34.93 -14.12
C LYS A 511 -12.12 34.11 -14.37
N TYR A 512 -11.55 33.58 -13.29
CA TYR A 512 -10.33 32.79 -13.38
C TYR A 512 -10.52 31.37 -12.87
N ASN A 513 -9.64 30.47 -13.29
CA ASN A 513 -9.70 29.09 -12.84
C ASN A 513 -9.04 29.04 -11.47
N GLU A 514 -8.94 27.85 -10.88
CA GLU A 514 -8.36 27.70 -9.55
C GLU A 514 -6.93 28.20 -9.38
N ASN A 515 -6.15 28.23 -10.46
CA ASN A 515 -4.77 28.69 -10.37
C ASN A 515 -4.63 30.18 -10.63
N GLY A 516 -5.76 30.86 -10.81
CA GLY A 516 -5.75 32.29 -11.04
C GLY A 516 -5.66 32.66 -12.50
N PHE A 517 -5.69 31.69 -13.40
CA PHE A 517 -5.61 32.00 -14.82
C PHE A 517 -6.97 32.07 -15.50
N PRO A 518 -7.04 32.82 -16.62
CA PRO A 518 -8.27 33.00 -17.38
C PRO A 518 -9.09 31.76 -17.67
N ILE A 519 -10.38 31.87 -17.42
CA ILE A 519 -11.34 30.80 -17.67
C ILE A 519 -11.42 30.58 -19.17
N THR A 520 -11.83 29.40 -19.58
CA THR A 520 -11.96 29.08 -21.00
C THR A 520 -13.33 28.51 -21.28
N LEU A 521 -14.07 29.11 -22.21
CA LEU A 521 -15.42 28.63 -22.52
C LEU A 521 -15.48 27.18 -22.98
N GLU A 522 -14.44 26.72 -23.68
CA GLU A 522 -14.44 25.34 -24.17
C GLU A 522 -14.43 24.33 -23.03
N ASN A 523 -13.78 24.67 -21.92
CA ASN A 523 -13.71 23.75 -20.79
C ASN A 523 -14.50 24.19 -19.55
N ASP A 524 -15.01 25.42 -19.57
CA ASP A 524 -15.73 25.94 -18.42
C ASP A 524 -17.18 26.36 -18.66
N TRP A 525 -17.77 25.87 -19.74
CA TRP A 525 -19.16 26.18 -20.05
C TRP A 525 -20.11 25.68 -18.96
N MET A 526 -19.72 24.62 -18.24
CA MET A 526 -20.57 24.07 -17.19
C MET A 526 -20.44 24.81 -15.85
N LYS A 527 -19.63 25.87 -15.83
CA LYS A 527 -19.43 26.62 -14.59
C LYS A 527 -20.21 27.93 -14.49
N PHE A 528 -21.32 28.02 -15.21
CA PHE A 528 -22.13 29.24 -15.17
C PHE A 528 -23.42 29.05 -14.38
N PHE A 529 -23.55 29.84 -13.32
CA PHE A 529 -24.70 29.79 -12.42
C PHE A 529 -25.85 30.66 -12.94
N GLU A 530 -26.96 30.05 -13.32
CA GLU A 530 -28.11 30.79 -13.84
C GLU A 530 -28.81 31.58 -12.73
N MET A 531 -28.98 32.88 -12.95
CA MET A 531 -29.59 33.73 -11.95
C MET A 531 -30.91 34.38 -12.30
N ASP A 532 -31.16 34.60 -13.59
CA ASP A 532 -32.40 35.24 -13.96
C ASP A 532 -32.87 34.72 -15.29
N TRP A 533 -34.18 34.80 -15.51
CA TRP A 533 -34.80 34.31 -16.73
C TRP A 533 -36.13 35.05 -16.90
N PHE A 534 -36.24 35.90 -17.91
CA PHE A 534 -37.48 36.63 -18.12
C PHE A 534 -37.68 37.16 -19.54
N THR A 535 -38.95 37.29 -19.92
CA THR A 535 -39.34 37.77 -21.24
C THR A 535 -39.41 39.29 -21.24
N HIS A 536 -39.09 39.89 -22.37
CA HIS A 536 -39.12 41.34 -22.50
C HIS A 536 -39.33 41.73 -23.97
N LYS A 537 -40.26 42.66 -24.21
CA LYS A 537 -40.54 43.10 -25.56
C LYS A 537 -39.52 44.15 -25.96
N ILE A 538 -38.82 43.90 -27.05
CA ILE A 538 -37.81 44.84 -27.49
C ILE A 538 -38.37 45.77 -28.57
N THR A 539 -38.20 47.07 -28.33
CA THR A 539 -38.67 48.10 -29.25
C THR A 539 -37.48 48.55 -30.10
N PRO A 540 -37.73 48.92 -31.38
CA PRO A 540 -36.65 49.37 -32.26
C PRO A 540 -35.85 50.52 -31.66
N GLY A 541 -34.54 50.49 -31.86
CA GLY A 541 -33.70 51.54 -31.33
C GLY A 541 -33.06 51.19 -30.00
N GLN A 542 -33.06 52.14 -29.08
CA GLN A 542 -32.44 51.97 -27.76
C GLN A 542 -33.39 51.38 -26.72
N ASN A 543 -32.92 50.38 -25.99
CA ASN A 543 -33.69 49.72 -24.93
C ASN A 543 -32.84 49.72 -23.67
N THR A 544 -33.46 49.95 -22.52
CA THR A 544 -32.75 49.95 -21.25
C THR A 544 -33.52 49.21 -20.17
N ILE A 545 -33.04 48.03 -19.80
CA ILE A 545 -33.70 47.23 -18.78
C ILE A 545 -32.99 47.34 -17.45
N VAL A 546 -33.75 47.32 -16.36
CA VAL A 546 -33.14 47.39 -15.03
C VAL A 546 -33.68 46.28 -14.15
N ARG A 547 -32.90 45.22 -14.00
CA ARG A 547 -33.28 44.09 -13.16
C ARG A 547 -32.61 44.19 -11.81
N ASN A 548 -33.42 44.14 -10.77
CA ASN A 548 -32.90 44.19 -9.42
C ASN A 548 -32.82 42.75 -8.93
N SER A 549 -31.77 42.44 -8.17
CA SER A 549 -31.56 41.09 -7.67
C SER A 549 -32.78 40.51 -6.97
N ASN A 550 -33.58 41.35 -6.33
CA ASN A 550 -34.75 40.85 -5.63
C ASN A 550 -35.81 40.30 -6.60
N GLU A 551 -35.62 40.56 -7.88
CA GLU A 551 -36.56 40.10 -8.91
C GLU A 551 -36.11 38.82 -9.62
N PHE A 552 -34.85 38.43 -9.44
CA PHE A 552 -34.34 37.21 -10.08
C PHE A 552 -35.30 36.07 -9.78
N VAL A 553 -35.91 35.52 -10.83
CA VAL A 553 -36.88 34.44 -10.69
C VAL A 553 -36.40 33.15 -10.05
N ILE A 554 -35.11 32.88 -10.17
CA ILE A 554 -34.52 31.65 -9.63
C ILE A 554 -34.57 31.49 -8.10
N PHE A 555 -34.57 32.61 -7.35
CA PHE A 555 -34.54 32.52 -5.88
C PHE A 555 -35.82 32.91 -5.11
N LYS A 556 -35.88 32.48 -3.85
CA LYS A 556 -37.04 32.75 -2.99
C LYS A 556 -36.69 33.48 -1.70
N GLU A 557 -37.73 33.94 -1.01
CA GLU A 557 -37.59 34.64 0.28
C GLU A 557 -37.39 33.57 1.36
N ASP A 558 -36.90 33.98 2.53
CA ASP A 558 -36.72 33.01 3.62
C ASP A 558 -38.09 32.56 4.11
N SER A 559 -38.19 31.34 4.60
CA SER A 559 -39.45 30.82 5.10
C SER A 559 -39.84 31.55 6.38
N LEU A 560 -41.11 31.44 6.75
CA LEU A 560 -41.61 32.06 7.98
C LEU A 560 -41.94 30.94 8.95
N PRO A 561 -41.77 31.20 10.26
CA PRO A 561 -42.08 30.15 11.25
C PRO A 561 -43.59 29.90 11.21
N SER A 562 -43.98 28.69 11.62
CA SER A 562 -45.40 28.31 11.61
C SER A 562 -46.33 29.27 12.33
N THR A 563 -45.86 29.86 13.42
CA THR A 563 -46.70 30.80 14.16
C THR A 563 -47.03 32.01 13.28
N GLU A 564 -46.10 32.40 12.43
CA GLU A 564 -46.34 33.54 11.55
C GLU A 564 -47.27 33.15 10.41
N LEU A 565 -47.28 31.86 10.06
CA LEU A 565 -48.15 31.36 9.01
C LEU A 565 -49.60 31.49 9.44
N TYR A 566 -49.85 31.19 10.72
CA TYR A 566 -51.20 31.26 11.27
C TYR A 566 -51.79 32.66 11.29
N LYS A 567 -50.98 33.65 11.70
CA LYS A 567 -51.43 35.03 11.76
C LYS A 567 -51.84 35.51 10.36
N LEU A 568 -51.00 35.19 9.38
CA LEU A 568 -51.24 35.58 8.00
C LEU A 568 -52.48 34.86 7.44
N LEU A 569 -52.77 33.68 7.98
CA LEU A 569 -53.94 32.90 7.56
C LEU A 569 -55.22 33.59 8.01
N GLU A 570 -55.12 34.33 9.11
CA GLU A 570 -56.25 35.06 9.66
C GLU A 570 -56.73 36.11 8.68
N LYS A 571 -55.82 36.57 7.81
CA LYS A 571 -56.16 37.59 6.83
C LYS A 571 -56.40 36.96 5.46
N GLY A 572 -56.51 35.64 5.43
CA GLY A 572 -56.72 34.94 4.18
C GLY A 572 -55.51 35.12 3.26
N LYS A 573 -54.33 34.92 3.82
CA LYS A 573 -53.10 35.09 3.06
C LYS A 573 -52.04 34.05 3.44
N VAL A 574 -51.11 33.81 2.52
CA VAL A 574 -50.00 32.89 2.73
C VAL A 574 -48.83 33.49 1.97
N PRO A 575 -47.59 33.23 2.43
CA PRO A 575 -46.43 33.78 1.72
C PRO A 575 -46.43 33.26 0.28
N PHE A 576 -46.22 34.16 -0.68
CA PHE A 576 -46.22 33.78 -2.10
C PHE A 576 -45.13 32.77 -2.45
N ASP A 577 -43.89 33.07 -2.08
CA ASP A 577 -42.77 32.17 -2.38
C ASP A 577 -42.86 30.83 -1.65
N MET A 578 -43.21 30.88 -0.38
CA MET A 578 -43.33 29.65 0.42
C MET A 578 -44.41 28.73 -0.15
N SER A 579 -45.35 29.30 -0.87
CA SER A 579 -46.46 28.55 -1.44
C SER A 579 -46.22 27.98 -2.83
N GLU A 580 -45.64 28.78 -3.71
CA GLU A 580 -45.43 28.33 -5.09
C GLU A 580 -43.99 28.10 -5.50
N ASP A 581 -43.04 28.60 -4.71
CA ASP A 581 -41.64 28.47 -5.05
C ASP A 581 -40.82 27.94 -3.88
N PHE A 582 -41.41 27.04 -3.10
CA PHE A 582 -40.75 26.46 -1.94
C PHE A 582 -39.44 25.74 -2.28
N GLY A 583 -39.38 25.20 -3.50
CA GLY A 583 -38.20 24.48 -3.95
C GLY A 583 -37.03 25.32 -4.42
N TYR A 584 -37.24 26.63 -4.61
CA TYR A 584 -36.19 27.54 -5.05
C TYR A 584 -35.12 27.78 -3.99
N LEU A 585 -33.91 28.07 -4.45
CA LEU A 585 -32.77 28.35 -3.58
C LEU A 585 -33.03 29.73 -2.99
N PRO A 586 -32.88 29.87 -1.65
CA PRO A 586 -33.10 31.18 -1.03
C PRO A 586 -32.18 32.26 -1.59
N LYS A 587 -32.75 33.41 -1.93
CA LYS A 587 -31.96 34.48 -2.53
C LYS A 587 -30.85 35.04 -1.66
N ARG A 588 -30.97 34.91 -0.33
CA ARG A 588 -29.92 35.42 0.53
C ARG A 588 -28.62 34.64 0.31
N LEU A 589 -28.68 33.58 -0.51
CA LEU A 589 -27.50 32.77 -0.79
C LEU A 589 -27.05 32.83 -2.25
N MET A 590 -27.72 33.63 -3.08
CA MET A 590 -27.35 33.68 -4.50
C MET A 590 -25.89 34.06 -4.77
N LEU A 591 -25.24 34.66 -3.79
CA LEU A 591 -23.85 35.08 -3.95
C LEU A 591 -22.94 34.40 -2.93
N PRO A 592 -21.74 34.00 -3.36
CA PRO A 592 -20.82 33.36 -2.41
C PRO A 592 -20.20 34.45 -1.54
N ARG A 593 -19.78 34.11 -0.33
CA ARG A 593 -19.17 35.08 0.54
C ARG A 593 -18.04 35.75 -0.24
N GLY A 594 -17.98 37.07 -0.20
CA GLY A 594 -16.91 37.76 -0.89
C GLY A 594 -15.67 37.77 -0.04
N THR A 595 -14.77 38.70 -0.33
CA THR A 595 -13.55 38.87 0.44
C THR A 595 -13.42 40.35 0.68
N LYS A 596 -12.68 40.73 1.70
CA LYS A 596 -12.54 42.15 2.00
C LYS A 596 -12.15 42.97 0.78
N GLY A 597 -11.21 42.46 -0.01
CA GLY A 597 -10.75 43.19 -1.18
C GLY A 597 -11.56 43.00 -2.45
N GLY A 598 -12.55 42.12 -2.39
CA GLY A 598 -13.38 41.85 -3.56
C GLY A 598 -12.83 40.69 -4.38
N PHE A 599 -13.65 39.66 -4.58
CA PHE A 599 -13.23 38.50 -5.36
C PHE A 599 -13.85 38.55 -6.77
N PRO A 600 -13.01 38.36 -7.81
CA PRO A 600 -13.35 38.38 -9.24
C PRO A 600 -14.25 37.27 -9.76
N PHE A 601 -15.30 37.70 -10.46
CA PHE A 601 -16.26 36.81 -11.09
C PHE A 601 -16.70 37.59 -12.32
N GLN A 602 -17.70 37.08 -13.01
CA GLN A 602 -18.21 37.81 -14.15
C GLN A 602 -19.65 37.46 -14.44
N PHE A 603 -20.46 38.49 -14.64
CA PHE A 603 -21.85 38.30 -14.96
C PHE A 603 -21.92 38.24 -16.46
N VAL A 604 -22.95 37.58 -16.97
CA VAL A 604 -23.13 37.46 -18.40
C VAL A 604 -24.61 37.52 -18.71
N VAL A 605 -24.98 38.39 -19.65
CA VAL A 605 -26.38 38.50 -20.03
C VAL A 605 -26.51 37.97 -21.45
N PHE A 606 -27.49 37.11 -21.66
CA PHE A 606 -27.75 36.52 -22.97
C PHE A 606 -29.22 36.71 -23.30
N VAL A 607 -29.48 37.25 -24.48
CA VAL A 607 -30.85 37.47 -24.90
C VAL A 607 -31.10 36.79 -26.25
N TYR A 608 -32.19 36.03 -26.32
CA TYR A 608 -32.55 35.30 -27.52
C TYR A 608 -34.06 35.43 -27.85
N PRO A 609 -34.46 35.01 -29.07
CA PRO A 609 -35.86 35.07 -29.51
C PRO A 609 -36.82 34.29 -28.63
N PHE A 610 -37.93 34.92 -28.24
CA PHE A 610 -38.93 34.22 -27.43
C PHE A 610 -39.89 33.49 -28.35
N GLU A 611 -39.98 32.17 -28.20
CA GLU A 611 -40.85 31.38 -29.06
C GLU A 611 -41.64 30.25 -28.38
N SER A 612 -41.39 29.02 -28.81
CA SER A 612 -42.09 27.85 -28.31
C SER A 612 -41.97 27.57 -26.81
N THR A 613 -43.10 27.22 -26.21
CA THR A 613 -43.18 26.89 -24.79
C THR A 613 -44.15 25.71 -24.67
N THR A 614 -44.18 24.89 -25.71
CA THR A 614 -45.07 23.73 -25.78
C THR A 614 -44.74 22.59 -24.82
N LYS A 615 -43.45 22.43 -24.49
CA LYS A 615 -43.02 21.38 -23.57
C LYS A 615 -42.37 21.95 -22.32
N ASN A 616 -42.88 23.07 -21.84
CA ASN A 616 -42.35 23.73 -20.65
C ASN A 616 -42.59 22.87 -19.41
N LEU A 617 -41.94 23.24 -18.31
CA LEU A 617 -42.06 22.51 -17.05
C LEU A 617 -42.64 23.35 -15.92
N THR A 618 -43.59 24.21 -16.24
CA THR A 618 -44.23 25.08 -15.25
C THR A 618 -44.85 24.31 -14.08
N PRO A 619 -45.45 23.12 -14.34
CA PRO A 619 -46.05 22.36 -13.24
C PRO A 619 -45.03 22.02 -12.16
N TYR A 620 -43.76 21.91 -12.55
CA TYR A 620 -42.68 21.60 -11.62
C TYR A 620 -42.13 22.90 -11.02
N GLU A 621 -41.26 23.57 -11.78
CA GLU A 621 -40.67 24.85 -11.35
C GLU A 621 -41.22 25.95 -12.25
N LYS A 622 -41.84 26.96 -11.65
CA LYS A 622 -42.44 28.07 -12.37
C LYS A 622 -41.58 28.76 -13.45
N PHE A 623 -40.34 29.10 -13.11
CA PHE A 623 -39.45 29.80 -14.05
C PHE A 623 -39.07 29.10 -15.35
N MET A 624 -39.39 27.81 -15.46
CA MET A 624 -39.05 27.04 -16.67
C MET A 624 -40.19 27.18 -17.70
N ILE A 625 -40.33 28.38 -18.27
CA ILE A 625 -41.38 28.66 -19.24
C ILE A 625 -40.98 28.61 -20.71
N ASP A 626 -39.98 27.77 -21.03
CA ASP A 626 -39.51 27.70 -22.40
C ASP A 626 -39.30 26.27 -22.89
N ASN A 627 -38.98 26.16 -24.17
CA ASN A 627 -38.74 24.86 -24.80
C ASN A 627 -37.25 24.56 -24.80
N LYS A 628 -36.45 25.60 -24.67
CA LYS A 628 -35.00 25.47 -24.65
C LYS A 628 -34.52 24.59 -23.51
N PRO A 629 -33.38 23.90 -23.70
CA PRO A 629 -32.81 23.01 -22.67
C PRO A 629 -32.44 23.79 -21.42
N LEU A 630 -32.74 23.22 -20.26
CA LEU A 630 -32.44 23.87 -18.99
C LEU A 630 -30.97 24.26 -18.89
N GLY A 631 -30.72 25.54 -18.62
CA GLY A 631 -29.36 26.04 -18.51
C GLY A 631 -28.86 26.69 -19.78
N TYR A 632 -29.73 26.77 -20.79
CA TYR A 632 -29.40 27.36 -22.09
C TYR A 632 -28.82 28.78 -21.90
N PRO A 633 -27.75 29.12 -22.63
CA PRO A 633 -27.00 28.36 -23.64
C PRO A 633 -25.75 27.67 -23.08
N PHE A 634 -25.73 27.43 -21.77
CA PHE A 634 -24.58 26.78 -21.15
C PHE A 634 -24.95 25.38 -20.69
N ASP A 635 -25.90 24.77 -21.40
CA ASP A 635 -26.37 23.42 -21.11
C ASP A 635 -25.45 22.39 -21.76
N ARG A 636 -24.64 22.86 -22.70
CA ARG A 636 -23.71 21.97 -23.42
C ARG A 636 -22.60 22.80 -24.07
N PRO A 637 -21.58 22.14 -24.62
CA PRO A 637 -20.51 22.92 -25.25
C PRO A 637 -21.05 23.68 -26.45
N VAL A 638 -20.40 24.79 -26.79
CA VAL A 638 -20.82 25.59 -27.93
C VAL A 638 -19.70 25.54 -28.97
N ASP A 639 -20.06 25.66 -30.25
CA ASP A 639 -19.07 25.64 -31.34
C ASP A 639 -18.04 26.73 -31.10
N THR A 640 -16.89 26.33 -30.61
CA THR A 640 -15.80 27.25 -30.31
C THR A 640 -15.62 28.33 -31.39
N SER A 641 -15.53 29.57 -30.93
CA SER A 641 -15.34 30.72 -31.80
C SER A 641 -14.77 31.83 -30.92
N CYS A 642 -13.71 32.46 -31.41
CA CYS A 642 -13.06 33.53 -30.68
C CYS A 642 -13.80 34.86 -30.81
N PHE A 643 -14.92 34.85 -31.55
CA PHE A 643 -15.70 36.05 -31.75
C PHE A 643 -17.09 35.97 -31.12
N LYS A 644 -17.28 36.80 -30.10
CA LYS A 644 -18.53 36.89 -29.35
C LYS A 644 -19.74 37.32 -30.18
N GLN A 645 -20.89 36.75 -29.84
CA GLN A 645 -22.14 37.08 -30.50
C GLN A 645 -22.55 38.46 -29.98
N PRO A 646 -23.26 39.26 -30.80
CA PRO A 646 -23.66 40.58 -30.33
C PRO A 646 -24.76 40.56 -29.26
N ASN A 647 -25.54 39.47 -29.22
CA ASN A 647 -26.60 39.34 -28.24
C ASN A 647 -26.18 38.67 -26.93
N ILE A 648 -24.92 38.81 -26.55
CA ILE A 648 -24.39 38.26 -25.31
C ILE A 648 -23.31 39.21 -24.84
N PHE A 649 -23.22 39.41 -23.54
CA PHE A 649 -22.25 40.35 -22.99
C PHE A 649 -21.68 39.87 -21.65
N PHE A 650 -20.36 39.95 -21.49
CA PHE A 650 -19.70 39.55 -20.25
C PHE A 650 -19.19 40.77 -19.50
N ARG A 651 -19.46 40.84 -18.20
CA ARG A 651 -19.00 41.95 -17.38
C ARG A 651 -18.25 41.50 -16.12
N ASP A 652 -17.01 41.96 -15.97
CA ASP A 652 -16.22 41.62 -14.80
C ASP A 652 -16.93 42.15 -13.57
N VAL A 653 -16.95 41.34 -12.52
CA VAL A 653 -17.63 41.71 -11.30
C VAL A 653 -16.76 41.29 -10.10
N SER A 654 -16.93 41.97 -8.97
CA SER A 654 -16.18 41.66 -7.76
C SER A 654 -17.13 41.54 -6.60
N VAL A 655 -16.98 40.49 -5.80
CA VAL A 655 -17.83 40.30 -4.64
C VAL A 655 -17.07 40.69 -3.40
N TYR A 656 -17.54 41.75 -2.74
CA TYR A 656 -16.90 42.22 -1.52
C TYR A 656 -17.68 41.66 -0.35
N HIS A 657 -17.07 41.66 0.83
CA HIS A 657 -17.76 41.19 2.02
C HIS A 657 -17.56 42.19 3.16
N GLU A 658 -18.68 42.64 3.73
CA GLU A 658 -18.64 43.61 4.82
C GLU A 658 -18.85 42.95 6.15
N GLY A 659 -18.52 43.69 7.21
CA GLY A 659 -18.67 43.17 8.55
C GLY A 659 -17.68 42.07 8.84
N GLU A 660 -17.89 41.39 9.96
CA GLU A 660 -17.01 40.30 10.35
C GLU A 660 -16.98 39.25 9.23
N TYR A 661 -15.80 38.74 8.94
CA TYR A 661 -15.65 37.74 7.89
C TYR A 661 -16.14 36.37 8.37
N HIS A 662 -15.78 36.01 9.60
CA HIS A 662 -16.18 34.73 10.20
C HIS A 662 -17.52 34.84 10.88
N ALA A 663 -18.42 33.91 10.57
CA ALA A 663 -19.76 33.93 11.14
C ALA A 663 -19.77 33.75 12.65
N TYR A 664 -18.88 32.93 13.19
CA TYR A 664 -18.87 32.70 14.63
C TYR A 664 -18.58 33.93 15.49
N GLU A 665 -17.96 34.95 14.90
CA GLU A 665 -17.66 36.17 15.65
C GLU A 665 -18.93 36.80 16.20
N TYR A 666 -20.04 36.63 15.47
CA TYR A 666 -21.32 37.18 15.89
C TYR A 666 -21.94 36.33 16.97
N ASN A 667 -21.32 35.20 17.27
CA ASN A 667 -21.84 34.36 18.33
C ASN A 667 -21.01 34.46 19.60
N VAL A 668 -20.07 35.42 19.63
CA VAL A 668 -19.27 35.59 20.82
C VAL A 668 -20.10 36.40 21.81
N PRO A 669 -20.28 35.88 23.04
CA PRO A 669 -21.07 36.56 24.07
C PRO A 669 -20.76 38.05 24.22
N ALA A 670 -19.48 38.40 24.28
CA ALA A 670 -19.10 39.81 24.43
C ALA A 670 -19.72 40.63 23.32
N TYR A 671 -19.90 40.04 22.15
CA TYR A 671 -20.49 40.77 21.05
C TYR A 671 -22.01 40.87 21.11
N PHE A 672 -22.71 39.74 21.29
CA PHE A 672 -24.17 39.81 21.30
C PHE A 672 -24.77 40.37 22.58
N SER A 673 -23.94 40.66 23.57
CA SER A 673 -24.43 41.25 24.81
C SER A 673 -24.17 42.74 24.71
N HIS A 674 -23.49 43.13 23.62
CA HIS A 674 -23.13 44.52 23.35
C HIS A 674 -22.32 45.17 24.48
N HIS B 1 -27.27 -52.42 12.07
CA HIS B 1 -27.30 -51.63 10.81
C HIS B 1 -26.78 -52.45 9.61
N VAL B 2 -27.70 -52.92 8.78
CA VAL B 2 -27.34 -53.70 7.60
C VAL B 2 -27.30 -52.77 6.39
N LEU B 3 -26.40 -53.05 5.44
CA LEU B 3 -26.28 -52.22 4.25
C LEU B 3 -27.18 -52.74 3.13
N LYS B 4 -27.98 -51.85 2.57
CA LYS B 4 -28.90 -52.21 1.49
C LYS B 4 -28.09 -52.72 0.30
N THR B 5 -28.54 -53.82 -0.27
CA THR B 5 -27.84 -54.42 -1.40
C THR B 5 -28.70 -54.43 -2.66
N LYS B 6 -28.07 -54.68 -3.81
CA LYS B 6 -28.79 -54.73 -5.08
C LYS B 6 -28.36 -55.96 -5.90
N ASP B 7 -29.32 -56.58 -6.57
CA ASP B 7 -29.04 -57.75 -7.36
C ASP B 7 -28.56 -57.44 -8.77
N VAL B 8 -27.61 -58.23 -9.24
CA VAL B 8 -27.06 -58.05 -10.57
C VAL B 8 -26.87 -59.41 -11.21
N ASP B 9 -26.99 -59.49 -12.53
CA ASP B 9 -26.82 -60.75 -13.20
C ASP B 9 -25.36 -61.05 -13.44
N THR B 10 -25.12 -62.17 -14.08
CA THR B 10 -23.77 -62.63 -14.36
C THR B 10 -22.99 -61.74 -15.32
N VAL B 11 -23.67 -61.16 -16.30
CA VAL B 11 -22.96 -60.30 -17.25
C VAL B 11 -22.40 -59.11 -16.50
N PHE B 12 -23.22 -58.53 -15.62
CA PHE B 12 -22.80 -57.40 -14.83
C PHE B 12 -21.58 -57.76 -13.98
N VAL B 13 -21.67 -58.89 -13.29
CA VAL B 13 -20.58 -59.35 -12.45
C VAL B 13 -19.28 -59.52 -13.23
N GLU B 14 -19.37 -59.98 -14.46
CA GLU B 14 -18.19 -60.16 -15.28
C GLU B 14 -17.57 -58.82 -15.66
N ARG B 15 -18.41 -57.88 -16.06
CA ARG B 15 -17.94 -56.56 -16.44
C ARG B 15 -17.32 -55.87 -15.23
N GLN B 16 -17.95 -56.04 -14.07
CA GLN B 16 -17.47 -55.45 -12.83
C GLN B 16 -16.07 -55.96 -12.50
N LYS B 17 -15.84 -57.25 -12.62
CA LYS B 17 -14.52 -57.81 -12.33
C LYS B 17 -13.51 -57.29 -13.35
N LYS B 18 -13.97 -57.04 -14.56
CA LYS B 18 -13.09 -56.53 -15.61
C LYS B 18 -12.66 -55.10 -15.32
N VAL B 19 -13.61 -54.21 -15.02
CA VAL B 19 -13.27 -52.82 -14.75
C VAL B 19 -12.34 -52.73 -13.55
N LEU B 20 -12.60 -53.54 -12.52
CA LEU B 20 -11.76 -53.52 -11.33
C LEU B 20 -10.36 -54.07 -11.59
N SER B 21 -10.22 -54.94 -12.60
CA SER B 21 -8.91 -55.51 -12.90
C SER B 21 -7.92 -54.42 -13.35
N LEU B 22 -8.47 -53.28 -13.77
CA LEU B 22 -7.67 -52.15 -14.23
C LEU B 22 -7.49 -51.06 -13.15
N PHE B 23 -7.96 -51.33 -11.93
CA PHE B 23 -7.88 -50.38 -10.82
C PHE B 23 -6.95 -50.85 -9.71
N GLN B 24 -6.03 -51.76 -10.02
CA GLN B 24 -5.12 -52.27 -9.00
C GLN B 24 -3.68 -51.78 -9.19
N ASP B 25 -2.99 -51.54 -8.08
CA ASP B 25 -1.59 -51.09 -8.10
C ASP B 25 -1.41 -50.12 -9.25
N VAL B 26 -2.33 -49.17 -9.33
CA VAL B 26 -2.41 -48.17 -10.40
C VAL B 26 -1.17 -47.42 -10.89
N ASP B 27 -0.20 -47.15 -10.02
CA ASP B 27 0.99 -46.44 -10.46
C ASP B 27 2.05 -47.37 -11.03
N GLN B 28 1.70 -48.64 -11.18
CA GLN B 28 2.62 -49.66 -11.67
C GLN B 28 1.94 -50.58 -12.67
N LEU B 29 2.72 -51.17 -13.56
CA LEU B 29 2.18 -52.11 -14.56
C LEU B 29 2.55 -53.52 -14.15
N ASN B 30 1.64 -54.46 -14.38
CA ASN B 30 1.91 -55.85 -14.04
C ASN B 30 1.90 -56.71 -15.31
N THR B 31 3.09 -57.07 -15.78
CA THR B 31 3.21 -57.87 -17.01
C THR B 31 2.62 -59.28 -16.85
N ASN B 32 2.37 -59.69 -15.62
CA ASN B 32 1.80 -61.01 -15.34
C ASN B 32 0.27 -61.02 -15.47
N ASP B 33 -0.33 -59.83 -15.55
CA ASP B 33 -1.78 -59.71 -15.68
C ASP B 33 -2.23 -59.75 -17.13
N GLU B 34 -3.46 -60.20 -17.33
CA GLU B 34 -4.04 -60.32 -18.66
C GLU B 34 -4.15 -59.01 -19.44
N TYR B 35 -4.49 -57.92 -18.76
CA TYR B 35 -4.66 -56.63 -19.42
C TYR B 35 -3.38 -56.14 -20.10
N TYR B 36 -2.23 -56.49 -19.55
CA TYR B 36 -0.98 -56.03 -20.13
C TYR B 36 -0.78 -56.49 -21.57
N LYS B 37 -0.80 -57.78 -21.79
CA LYS B 37 -0.63 -58.33 -23.14
C LYS B 37 -1.68 -57.73 -24.06
N ILE B 38 -2.93 -57.69 -23.60
CA ILE B 38 -4.01 -57.16 -24.38
C ILE B 38 -3.78 -55.69 -24.76
N GLY B 39 -3.47 -54.87 -23.76
CA GLY B 39 -3.24 -53.46 -24.02
C GLY B 39 -1.97 -53.14 -24.79
N LYS B 40 -0.92 -53.92 -24.57
CA LYS B 40 0.34 -53.69 -25.25
C LYS B 40 0.25 -53.89 -26.76
N ASP B 41 -0.47 -54.91 -27.19
CA ASP B 41 -0.58 -55.20 -28.61
C ASP B 41 -1.83 -54.71 -29.31
N TYR B 42 -2.79 -54.17 -28.56
CA TYR B 42 -4.03 -53.67 -29.16
C TYR B 42 -3.79 -52.65 -30.28
N ASP B 43 -4.49 -52.82 -31.39
CA ASP B 43 -4.35 -51.92 -32.53
C ASP B 43 -5.64 -51.15 -32.79
N ILE B 44 -5.71 -49.92 -32.26
CA ILE B 44 -6.89 -49.07 -32.41
C ILE B 44 -7.26 -48.88 -33.89
N GLU B 45 -6.31 -48.39 -34.68
CA GLU B 45 -6.52 -48.15 -36.10
C GLU B 45 -7.19 -49.35 -36.79
N ALA B 46 -6.63 -50.54 -36.57
CA ALA B 46 -7.13 -51.78 -37.16
C ALA B 46 -8.57 -52.05 -36.77
N ASN B 47 -8.96 -51.62 -35.58
CA ASN B 47 -10.32 -51.83 -35.09
C ASN B 47 -11.20 -50.60 -35.15
N ILE B 48 -10.75 -49.57 -35.87
CA ILE B 48 -11.53 -48.33 -35.97
C ILE B 48 -13.01 -48.60 -36.26
N ASP B 49 -13.30 -49.78 -36.80
CA ASP B 49 -14.67 -50.13 -37.13
C ASP B 49 -15.51 -50.50 -35.90
N ASN B 50 -14.86 -50.63 -34.75
CA ASN B 50 -15.58 -50.95 -33.52
C ASN B 50 -15.86 -49.72 -32.66
N TYR B 51 -15.83 -48.56 -33.29
CA TYR B 51 -16.10 -47.30 -32.61
C TYR B 51 -17.22 -46.62 -33.38
N THR B 52 -18.17 -46.06 -32.63
CA THR B 52 -19.33 -45.42 -33.24
C THR B 52 -19.08 -44.04 -33.84
N ASN B 53 -17.91 -43.46 -33.57
CA ASN B 53 -17.56 -42.14 -34.09
C ASN B 53 -16.12 -42.18 -34.58
N LYS B 54 -15.95 -42.37 -35.89
CA LYS B 54 -14.61 -42.45 -36.47
C LYS B 54 -13.75 -41.21 -36.36
N LYS B 55 -14.34 -40.04 -36.57
CA LYS B 55 -13.58 -38.80 -36.48
C LYS B 55 -12.95 -38.66 -35.10
N ALA B 56 -13.73 -38.98 -34.07
CA ALA B 56 -13.26 -38.89 -32.69
C ALA B 56 -12.05 -39.78 -32.47
N VAL B 57 -12.09 -40.98 -33.02
CA VAL B 57 -10.99 -41.94 -32.88
C VAL B 57 -9.76 -41.51 -33.67
N GLU B 58 -9.98 -40.95 -34.86
CA GLU B 58 -8.86 -40.50 -35.67
C GLU B 58 -8.16 -39.33 -34.99
N ASP B 59 -8.92 -38.50 -34.28
CA ASP B 59 -8.34 -37.37 -33.56
C ASP B 59 -7.49 -37.87 -32.40
N PHE B 60 -7.95 -38.92 -31.73
CA PHE B 60 -7.19 -39.46 -30.64
C PHE B 60 -5.84 -39.97 -31.17
N LEU B 61 -5.89 -40.65 -32.31
CA LEU B 61 -4.69 -41.19 -32.94
C LEU B 61 -3.74 -40.10 -33.41
N LYS B 62 -4.28 -39.07 -34.05
CA LYS B 62 -3.48 -37.96 -34.55
C LYS B 62 -2.78 -37.29 -33.38
N MET B 63 -3.48 -37.24 -32.25
CA MET B 63 -2.97 -36.62 -31.03
C MET B 63 -1.96 -37.52 -30.32
N TYR B 64 -2.29 -38.81 -30.24
CA TYR B 64 -1.44 -39.78 -29.59
C TYR B 64 -0.11 -39.99 -30.33
N ARG B 65 -0.11 -39.79 -31.65
CA ARG B 65 1.12 -39.96 -32.41
C ARG B 65 2.12 -38.87 -32.08
N CYS B 66 1.61 -37.75 -31.57
CA CYS B 66 2.47 -36.64 -31.19
C CYS B 66 2.97 -36.72 -29.75
N GLY B 67 2.50 -37.72 -29.02
CA GLY B 67 2.93 -37.87 -27.65
C GLY B 67 1.94 -37.28 -26.65
N PHE B 68 1.82 -37.95 -25.51
CA PHE B 68 0.93 -37.55 -24.43
C PHE B 68 1.80 -37.29 -23.19
N LEU B 69 1.15 -36.84 -22.13
CA LEU B 69 1.83 -36.59 -20.86
C LEU B 69 2.60 -37.87 -20.52
N PRO B 70 3.84 -37.75 -20.06
CA PRO B 70 4.64 -38.94 -19.72
C PRO B 70 4.16 -39.52 -18.41
N LYS B 71 4.49 -40.80 -18.17
CA LYS B 71 4.10 -41.46 -16.93
C LYS B 71 4.79 -40.79 -15.74
N TYR B 72 4.15 -40.87 -14.58
CA TYR B 72 4.65 -40.30 -13.32
C TYR B 72 4.43 -38.80 -13.15
N ASN B 73 4.22 -38.06 -14.24
CA ASN B 73 3.97 -36.64 -14.10
C ASN B 73 2.57 -36.44 -13.50
N GLU B 74 2.37 -35.36 -12.76
CA GLU B 74 1.05 -35.11 -12.19
C GLU B 74 0.10 -34.73 -13.31
N PHE B 75 -1.12 -35.26 -13.23
CA PHE B 75 -2.14 -34.93 -14.22
C PHE B 75 -3.21 -34.07 -13.56
N SER B 76 -3.67 -33.05 -14.26
CA SER B 76 -4.72 -32.19 -13.75
C SER B 76 -5.58 -31.74 -14.92
N VAL B 77 -6.90 -31.75 -14.75
CA VAL B 77 -7.80 -31.36 -15.84
C VAL B 77 -7.83 -29.84 -16.09
N PHE B 78 -7.27 -29.08 -15.16
CA PHE B 78 -7.25 -27.63 -15.29
C PHE B 78 -6.15 -27.11 -16.22
N HIS B 79 -5.30 -28.01 -16.70
CA HIS B 79 -4.23 -27.62 -17.61
C HIS B 79 -4.56 -28.06 -19.03
N ASP B 80 -4.72 -27.07 -19.91
CA ASP B 80 -5.03 -27.24 -21.33
C ASP B 80 -4.67 -28.55 -22.03
N LYS B 81 -3.39 -28.71 -22.35
CA LYS B 81 -2.91 -29.90 -23.04
C LYS B 81 -3.31 -31.17 -22.33
N LEU B 82 -3.19 -31.17 -21.01
CA LEU B 82 -3.56 -32.34 -20.24
C LEU B 82 -5.04 -32.65 -20.38
N ARG B 83 -5.88 -31.62 -20.34
CA ARG B 83 -7.31 -31.83 -20.47
C ARG B 83 -7.67 -32.33 -21.87
N ASP B 84 -7.13 -31.67 -22.90
CA ASP B 84 -7.41 -32.06 -24.29
C ASP B 84 -7.05 -33.51 -24.57
N GLU B 85 -6.00 -33.99 -23.93
CA GLU B 85 -5.57 -35.36 -24.12
C GLU B 85 -6.56 -36.28 -23.41
N ALA B 86 -6.91 -35.93 -22.18
CA ALA B 86 -7.86 -36.71 -21.39
C ALA B 86 -9.21 -36.84 -22.09
N ILE B 87 -9.68 -35.75 -22.69
CA ILE B 87 -10.96 -35.75 -23.40
C ILE B 87 -10.89 -36.66 -24.63
N ALA B 88 -9.80 -36.56 -25.38
CA ALA B 88 -9.63 -37.40 -26.56
C ALA B 88 -9.65 -38.84 -26.09
N LEU B 89 -8.99 -39.11 -24.96
CA LEU B 89 -8.94 -40.46 -24.41
C LEU B 89 -10.35 -40.89 -24.03
N PHE B 90 -11.10 -39.96 -23.45
CA PHE B 90 -12.46 -40.25 -23.02
C PHE B 90 -13.31 -40.63 -24.22
N HIS B 91 -13.12 -39.92 -25.33
CA HIS B 91 -13.88 -40.19 -26.53
C HIS B 91 -13.58 -41.59 -27.06
N LEU B 92 -12.34 -42.02 -26.89
CA LEU B 92 -11.93 -43.36 -27.32
C LEU B 92 -12.69 -44.40 -26.48
N PHE B 93 -12.82 -44.16 -25.19
CA PHE B 93 -13.52 -45.09 -24.31
C PHE B 93 -15.04 -45.00 -24.51
N TYR B 94 -15.55 -43.79 -24.59
CA TYR B 94 -16.98 -43.57 -24.75
C TYR B 94 -17.57 -44.05 -26.07
N TYR B 95 -16.82 -43.94 -27.16
CA TYR B 95 -17.33 -44.35 -28.46
C TYR B 95 -17.10 -45.81 -28.80
N ALA B 96 -16.49 -46.56 -27.89
CA ALA B 96 -16.27 -47.99 -28.13
C ALA B 96 -17.69 -48.53 -28.37
N LYS B 97 -17.84 -49.37 -29.40
CA LYS B 97 -19.18 -49.89 -29.72
C LYS B 97 -19.76 -50.82 -28.64
N ASP B 98 -18.91 -51.55 -27.93
CA ASP B 98 -19.39 -52.46 -26.91
C ASP B 98 -18.37 -52.60 -25.79
N PHE B 99 -18.76 -53.25 -24.70
CA PHE B 99 -17.87 -53.40 -23.55
C PHE B 99 -16.50 -53.95 -23.89
N ASP B 100 -16.47 -54.94 -24.76
CA ASP B 100 -15.22 -55.56 -25.15
C ASP B 100 -14.22 -54.58 -25.75
N THR B 101 -14.68 -53.77 -26.69
CA THR B 101 -13.83 -52.79 -27.35
C THR B 101 -13.39 -51.75 -26.32
N PHE B 102 -14.31 -51.40 -25.42
CA PHE B 102 -14.05 -50.44 -24.37
C PHE B 102 -12.92 -50.96 -23.48
N TYR B 103 -13.05 -52.21 -23.04
CA TYR B 103 -12.07 -52.82 -22.17
C TYR B 103 -10.69 -52.87 -22.80
N LYS B 104 -10.63 -53.15 -24.10
CA LYS B 104 -9.34 -53.21 -24.77
C LYS B 104 -8.76 -51.81 -24.92
N SER B 105 -9.64 -50.83 -25.08
CA SER B 105 -9.22 -49.44 -25.21
C SER B 105 -8.61 -49.02 -23.88
N ALA B 106 -9.29 -49.38 -22.80
CA ALA B 106 -8.83 -49.06 -21.46
C ALA B 106 -7.53 -49.78 -21.14
N ALA B 107 -7.42 -51.02 -21.60
CA ALA B 107 -6.21 -51.81 -21.36
C ALA B 107 -5.04 -51.14 -22.09
N PHE B 108 -5.30 -50.72 -23.31
CA PHE B 108 -4.30 -50.03 -24.12
C PHE B 108 -3.84 -48.78 -23.38
N ALA B 109 -4.82 -48.00 -22.89
CA ALA B 109 -4.56 -46.76 -22.17
C ALA B 109 -3.76 -46.99 -20.88
N ARG B 110 -4.17 -47.96 -20.09
CA ARG B 110 -3.46 -48.25 -18.85
C ARG B 110 -2.00 -48.58 -19.13
N VAL B 111 -1.75 -49.30 -20.22
CA VAL B 111 -0.37 -49.67 -20.55
C VAL B 111 0.48 -48.51 -21.07
N HIS B 112 -0.01 -47.84 -22.11
CA HIS B 112 0.73 -46.75 -22.76
C HIS B 112 0.70 -45.35 -22.17
N LEU B 113 -0.36 -44.99 -21.45
CA LEU B 113 -0.48 -43.62 -20.94
C LEU B 113 -0.17 -43.36 -19.47
N ASN B 114 -0.15 -42.08 -19.13
CA ASN B 114 0.11 -41.61 -17.78
C ASN B 114 -0.96 -42.21 -16.84
N GLN B 115 -0.56 -42.67 -15.67
CA GLN B 115 -1.51 -43.29 -14.75
C GLN B 115 -2.69 -42.39 -14.32
N GLY B 116 -2.39 -41.14 -13.95
CA GLY B 116 -3.45 -40.23 -13.55
C GLY B 116 -4.40 -39.89 -14.68
N GLN B 117 -3.84 -39.63 -15.85
CA GLN B 117 -4.62 -39.29 -17.04
C GLN B 117 -5.56 -40.43 -17.43
N PHE B 118 -5.06 -41.66 -17.34
CA PHE B 118 -5.88 -42.83 -17.65
C PHE B 118 -6.99 -43.01 -16.61
N LEU B 119 -6.63 -42.98 -15.33
CA LEU B 119 -7.61 -43.16 -14.28
C LEU B 119 -8.74 -42.13 -14.41
N TYR B 120 -8.38 -40.90 -14.78
CA TYR B 120 -9.34 -39.83 -14.93
C TYR B 120 -10.33 -40.12 -16.05
N ALA B 121 -9.84 -40.52 -17.22
CA ALA B 121 -10.73 -40.81 -18.33
C ALA B 121 -11.50 -42.11 -18.10
N TYR B 122 -10.88 -43.04 -17.40
CA TYR B 122 -11.48 -44.33 -17.12
C TYR B 122 -12.68 -44.17 -16.19
N TYR B 123 -12.49 -43.45 -15.08
CA TYR B 123 -13.56 -43.20 -14.11
C TYR B 123 -14.78 -42.61 -14.82
N ILE B 124 -14.54 -41.60 -15.64
CA ILE B 124 -15.62 -40.93 -16.35
C ILE B 124 -16.31 -41.82 -17.38
N ALA B 125 -15.52 -42.60 -18.12
CA ALA B 125 -16.06 -43.50 -19.14
C ALA B 125 -17.02 -44.50 -18.50
N ILE B 126 -16.62 -45.03 -17.35
CA ILE B 126 -17.45 -45.98 -16.63
C ILE B 126 -18.79 -45.39 -16.25
N ILE B 127 -18.81 -44.08 -15.96
CA ILE B 127 -20.01 -43.37 -15.57
C ILE B 127 -20.90 -43.03 -16.77
N GLN B 128 -20.28 -42.60 -17.87
CA GLN B 128 -21.07 -42.21 -19.04
C GLN B 128 -21.53 -43.32 -20.00
N ARG B 129 -20.76 -44.39 -20.13
CA ARG B 129 -21.16 -45.47 -21.03
C ARG B 129 -22.43 -46.15 -20.52
N LYS B 130 -23.41 -46.30 -21.39
CA LYS B 130 -24.64 -46.96 -20.98
C LYS B 130 -24.37 -48.39 -20.54
N ASP B 131 -23.57 -49.15 -21.29
CA ASP B 131 -23.33 -50.53 -20.90
C ASP B 131 -22.64 -50.73 -19.56
N THR B 132 -22.11 -49.66 -18.96
CA THR B 132 -21.47 -49.79 -17.65
C THR B 132 -22.28 -49.13 -16.54
N TYR B 133 -23.52 -48.77 -16.89
CA TYR B 133 -24.43 -48.14 -15.94
C TYR B 133 -24.56 -49.01 -14.69
N GLY B 134 -24.42 -48.39 -13.52
CA GLY B 134 -24.54 -49.16 -12.30
C GLY B 134 -23.27 -49.85 -11.86
N ILE B 135 -22.27 -49.92 -12.74
CA ILE B 135 -21.01 -50.54 -12.36
C ILE B 135 -20.41 -49.72 -11.21
N VAL B 136 -20.03 -50.41 -10.15
CA VAL B 136 -19.50 -49.77 -8.97
C VAL B 136 -18.07 -49.27 -9.13
N LEU B 137 -17.85 -48.01 -8.76
CA LEU B 137 -16.54 -47.39 -8.85
C LEU B 137 -15.81 -47.48 -7.51
N PRO B 138 -14.51 -47.82 -7.53
CA PRO B 138 -13.78 -47.90 -6.26
C PRO B 138 -13.69 -46.50 -5.65
N ALA B 139 -13.66 -46.40 -4.33
CA ALA B 139 -13.56 -45.10 -3.66
C ALA B 139 -12.32 -44.35 -4.14
N PRO B 140 -12.48 -43.06 -4.47
CA PRO B 140 -11.37 -42.22 -4.94
C PRO B 140 -10.16 -42.22 -4.02
N TYR B 141 -10.39 -42.30 -2.70
CA TYR B 141 -9.29 -42.31 -1.77
C TYR B 141 -8.51 -43.62 -1.80
N GLU B 142 -9.11 -44.63 -2.44
CA GLU B 142 -8.49 -45.93 -2.56
C GLU B 142 -7.62 -45.93 -3.83
N ILE B 143 -8.06 -45.18 -4.82
CA ILE B 143 -7.32 -45.10 -6.07
C ILE B 143 -6.26 -44.01 -6.02
N TYR B 144 -6.55 -42.94 -5.29
CA TYR B 144 -5.60 -41.83 -5.19
C TYR B 144 -5.24 -41.55 -3.72
N PRO B 145 -4.76 -42.57 -2.99
CA PRO B 145 -4.40 -42.35 -1.59
C PRO B 145 -3.45 -41.17 -1.36
N GLU B 146 -2.59 -40.87 -2.34
CA GLU B 146 -1.64 -39.77 -2.20
C GLU B 146 -2.30 -38.39 -2.26
N LEU B 147 -3.60 -38.37 -2.53
CA LEU B 147 -4.35 -37.11 -2.60
C LEU B 147 -5.33 -37.03 -1.44
N PHE B 148 -5.42 -38.11 -0.66
CA PHE B 148 -6.36 -38.14 0.45
C PHE B 148 -5.74 -38.32 1.82
N VAL B 149 -4.42 -38.42 1.87
CA VAL B 149 -3.75 -38.58 3.16
C VAL B 149 -2.47 -37.72 3.16
N ASN B 150 -2.17 -37.08 4.28
CA ASN B 150 -0.99 -36.23 4.38
C ASN B 150 0.30 -37.01 4.26
N ILE B 151 1.37 -36.37 3.77
CA ILE B 151 2.65 -37.05 3.58
C ILE B 151 3.21 -37.77 4.76
N ASP B 152 2.93 -37.29 5.97
CA ASP B 152 3.48 -37.93 7.14
C ASP B 152 3.06 -39.41 7.25
N THR B 153 1.85 -39.73 6.83
CA THR B 153 1.42 -41.11 6.90
C THR B 153 1.84 -41.85 5.62
N THR B 154 1.90 -41.12 4.50
CA THR B 154 2.36 -41.73 3.25
C THR B 154 3.80 -42.20 3.41
N TYR B 155 4.64 -41.37 4.05
CA TYR B 155 6.03 -41.74 4.27
C TYR B 155 6.17 -42.92 5.23
N LYS B 156 5.19 -43.09 6.14
CA LYS B 156 5.24 -44.21 7.08
C LYS B 156 4.98 -45.49 6.30
N MET B 157 4.10 -45.43 5.32
CA MET B 157 3.81 -46.59 4.50
C MET B 157 5.03 -46.87 3.63
N PHE B 158 5.68 -45.82 3.14
CA PHE B 158 6.88 -46.00 2.33
C PHE B 158 7.95 -46.70 3.13
N ARG B 159 8.10 -46.28 4.39
CA ARG B 159 9.12 -46.87 5.25
C ARG B 159 8.86 -48.37 5.41
N THR B 160 7.61 -48.71 5.75
CA THR B 160 7.23 -50.10 5.96
C THR B 160 7.51 -50.96 4.74
N LYS B 161 7.18 -50.46 3.57
CA LYS B 161 7.39 -51.22 2.35
C LYS B 161 8.89 -51.44 2.10
N MET B 162 9.68 -50.40 2.34
CA MET B 162 11.12 -50.48 2.14
C MET B 162 11.77 -51.46 3.12
N GLN B 163 11.26 -51.47 4.34
CA GLN B 163 11.80 -52.37 5.35
C GLN B 163 11.19 -53.77 5.17
N ASN B 164 10.15 -53.85 4.36
CA ASN B 164 9.44 -55.10 4.09
C ASN B 164 8.84 -55.65 5.40
N GLY B 165 8.07 -54.81 6.07
CA GLY B 165 7.46 -55.19 7.33
C GLY B 165 7.99 -54.27 8.41
N LEU B 166 7.55 -54.46 9.66
CA LEU B 166 8.01 -53.64 10.76
C LEU B 166 9.24 -54.27 11.40
N ILE B 167 10.30 -53.49 11.59
CA ILE B 167 11.53 -54.01 12.19
C ILE B 167 11.39 -54.11 13.70
N ASN B 168 10.66 -53.17 14.29
CA ASN B 168 10.42 -53.16 15.72
C ASN B 168 9.00 -52.66 15.91
N PRO B 169 8.01 -53.59 15.89
CA PRO B 169 6.58 -53.27 16.06
C PRO B 169 6.21 -52.58 17.36
N GLU B 170 6.94 -52.87 18.44
CA GLU B 170 6.64 -52.23 19.70
C GLU B 170 6.91 -50.73 19.57
N ALA B 171 7.97 -50.39 18.85
CA ALA B 171 8.34 -49.01 18.65
C ALA B 171 7.39 -48.32 17.67
N ALA B 172 7.11 -48.99 16.56
CA ALA B 172 6.23 -48.45 15.52
C ALA B 172 4.88 -48.00 16.04
N VAL B 173 4.41 -48.64 17.10
CA VAL B 173 3.12 -48.28 17.66
C VAL B 173 3.06 -46.79 18.02
N GLU B 174 4.15 -46.27 18.59
CA GLU B 174 4.21 -44.87 19.00
C GLU B 174 4.09 -43.85 17.87
N TYR B 175 4.19 -44.33 16.63
CA TYR B 175 4.08 -43.44 15.48
C TYR B 175 2.80 -43.75 14.71
N GLY B 176 1.89 -44.47 15.35
CA GLY B 176 0.61 -44.79 14.74
C GLY B 176 0.58 -45.96 13.78
N ILE B 177 1.65 -46.76 13.77
CA ILE B 177 1.70 -47.93 12.90
C ILE B 177 1.40 -49.16 13.74
N VAL B 178 0.38 -49.90 13.35
CA VAL B 178 -0.01 -51.08 14.09
C VAL B 178 -0.23 -52.24 13.13
N LYS B 179 -0.04 -53.46 13.61
CA LYS B 179 -0.27 -54.62 12.76
C LYS B 179 -1.48 -55.36 13.30
N GLU B 180 -2.48 -55.57 12.46
CA GLU B 180 -3.68 -56.31 12.84
C GLU B 180 -3.90 -57.34 11.77
N ASP B 181 -4.01 -58.61 12.17
CA ASP B 181 -4.22 -59.67 11.20
C ASP B 181 -3.01 -59.60 10.29
N ASN B 182 -3.27 -59.53 8.99
CA ASN B 182 -2.19 -59.43 8.01
C ASN B 182 -2.13 -58.04 7.42
N HIS B 183 -2.73 -57.08 8.13
CA HIS B 183 -2.76 -55.69 7.68
C HIS B 183 -1.87 -54.78 8.51
N TYR B 184 -1.38 -53.73 7.88
CA TYR B 184 -0.57 -52.72 8.57
C TYR B 184 -1.50 -51.53 8.63
N VAL B 185 -1.89 -51.15 9.85
CA VAL B 185 -2.82 -50.04 10.02
C VAL B 185 -2.08 -48.75 10.39
N TYR B 186 -2.45 -47.66 9.70
CA TYR B 186 -1.83 -46.36 9.94
C TYR B 186 -2.87 -45.32 10.38
N TYR B 187 -2.73 -44.85 11.61
CA TYR B 187 -3.62 -43.82 12.14
C TYR B 187 -3.14 -42.52 11.50
N SER B 188 -4.02 -41.86 10.77
CA SER B 188 -3.65 -40.64 10.06
C SER B 188 -4.41 -39.40 10.56
N ASN B 189 -3.66 -38.46 11.14
CA ASN B 189 -4.23 -37.21 11.64
C ASN B 189 -4.51 -36.21 10.53
N TYR B 190 -5.46 -35.32 10.79
CA TYR B 190 -5.77 -34.25 9.87
C TYR B 190 -4.65 -33.24 10.14
N SER B 191 -4.43 -32.29 9.23
CA SER B 191 -3.34 -31.32 9.38
C SER B 191 -3.32 -30.41 10.61
N ASN B 192 -4.47 -30.20 11.25
CA ASN B 192 -4.49 -29.34 12.44
C ASN B 192 -3.75 -29.95 13.63
N ALA B 193 -3.37 -31.22 13.52
CA ALA B 193 -2.64 -31.87 14.60
C ALA B 193 -1.14 -31.81 14.36
N ILE B 194 -0.74 -31.18 13.25
CA ILE B 194 0.68 -31.07 12.93
C ILE B 194 1.08 -29.61 12.63
N THR B 195 0.12 -28.78 12.21
CA THR B 195 0.41 -27.39 11.90
C THR B 195 -0.87 -26.58 12.02
N TYR B 196 -0.81 -25.48 12.77
CA TYR B 196 -1.97 -24.63 12.99
C TYR B 196 -1.66 -23.19 12.56
N TYR B 197 -1.52 -23.00 11.25
CA TYR B 197 -1.15 -21.70 10.69
C TYR B 197 -2.18 -20.59 10.69
N ASN B 198 -3.46 -20.93 10.82
CA ASN B 198 -4.56 -19.97 10.90
C ASN B 198 -5.77 -20.64 11.52
N GLU B 199 -6.75 -19.84 11.97
CA GLU B 199 -7.94 -20.38 12.61
C GLU B 199 -8.75 -21.38 11.79
N GLU B 200 -8.62 -21.32 10.47
CA GLU B 200 -9.35 -22.25 9.60
C GLU B 200 -8.91 -23.70 9.85
N GLN B 201 -7.72 -23.89 10.40
CA GLN B 201 -7.23 -25.22 10.68
C GLN B 201 -8.16 -26.00 11.62
N ARG B 202 -8.97 -25.28 12.38
CA ARG B 202 -9.88 -25.92 13.31
C ARG B 202 -10.97 -26.71 12.57
N LEU B 203 -11.09 -26.50 11.27
CA LEU B 203 -12.08 -27.19 10.46
C LEU B 203 -11.48 -28.36 9.67
N ALA B 204 -10.20 -28.65 9.90
CA ALA B 204 -9.50 -29.72 9.19
C ALA B 204 -10.16 -31.09 9.17
N TYR B 205 -10.85 -31.47 10.23
CA TYR B 205 -11.50 -32.80 10.26
C TYR B 205 -12.60 -32.90 9.22
N PHE B 206 -13.14 -31.75 8.83
CA PHE B 206 -14.22 -31.69 7.85
C PHE B 206 -13.67 -31.43 6.45
N THR B 207 -12.88 -30.37 6.32
CA THR B 207 -12.30 -30.00 5.03
C THR B 207 -11.37 -31.07 4.47
N GLU B 208 -10.84 -31.93 5.34
CA GLU B 208 -9.93 -32.98 4.87
C GLU B 208 -10.56 -34.37 4.89
N ASP B 209 -11.83 -34.43 5.24
CA ASP B 209 -12.55 -35.70 5.30
C ASP B 209 -12.49 -36.40 3.94
N ILE B 210 -12.10 -37.66 3.92
CA ILE B 210 -12.00 -38.34 2.63
C ILE B 210 -13.36 -38.51 1.94
N GLY B 211 -14.43 -38.55 2.73
CA GLY B 211 -15.75 -38.69 2.14
C GLY B 211 -16.19 -37.39 1.49
N LEU B 212 -15.90 -36.28 2.15
CA LEU B 212 -16.27 -34.97 1.63
C LEU B 212 -15.52 -34.66 0.35
N ASN B 213 -14.23 -34.97 0.32
CA ASN B 213 -13.43 -34.73 -0.86
C ASN B 213 -13.82 -35.65 -2.01
N ALA B 214 -14.15 -36.90 -1.69
CA ALA B 214 -14.56 -37.86 -2.71
C ALA B 214 -15.84 -37.35 -3.38
N TYR B 215 -16.71 -36.79 -2.54
CA TYR B 215 -17.99 -36.25 -2.99
C TYR B 215 -17.82 -35.20 -4.11
N TYR B 216 -16.86 -34.30 -3.95
CA TYR B 216 -16.65 -33.28 -4.98
C TYR B 216 -16.07 -33.93 -6.24
N PHE B 217 -15.18 -34.89 -6.06
CA PHE B 217 -14.59 -35.58 -7.19
C PHE B 217 -15.71 -36.24 -8.01
N PHE B 218 -16.63 -36.90 -7.32
CA PHE B 218 -17.76 -37.55 -7.99
C PHE B 218 -18.66 -36.55 -8.69
N PHE B 219 -18.80 -35.36 -8.11
CA PHE B 219 -19.64 -34.33 -8.71
C PHE B 219 -19.08 -34.02 -10.10
N HIS B 220 -17.76 -33.94 -10.19
CA HIS B 220 -17.08 -33.64 -11.43
C HIS B 220 -17.20 -34.69 -12.52
N ILE B 221 -16.75 -35.92 -12.24
CA ILE B 221 -16.80 -36.99 -13.23
C ILE B 221 -18.22 -37.38 -13.66
N HIS B 222 -19.20 -37.11 -12.81
CA HIS B 222 -20.58 -37.43 -13.13
C HIS B 222 -20.98 -36.62 -14.35
N LEU B 223 -20.42 -35.42 -14.47
CA LEU B 223 -20.68 -34.54 -15.59
C LEU B 223 -19.69 -33.39 -15.56
N PRO B 224 -18.54 -33.57 -16.23
CA PRO B 224 -17.44 -32.61 -16.34
C PRO B 224 -17.84 -31.29 -16.95
N PHE B 225 -17.26 -30.20 -16.44
CA PHE B 225 -17.56 -28.86 -16.95
C PHE B 225 -17.28 -28.78 -18.45
N TRP B 226 -16.27 -29.53 -18.92
CA TRP B 226 -15.91 -29.50 -20.33
C TRP B 226 -16.82 -30.27 -21.28
N TRP B 227 -17.76 -31.03 -20.73
CA TRP B 227 -18.68 -31.83 -21.54
C TRP B 227 -20.10 -31.29 -21.55
N THR B 228 -20.77 -31.48 -22.69
CA THR B 228 -22.16 -31.07 -22.85
C THR B 228 -23.00 -31.99 -21.96
N ALA B 229 -24.17 -31.51 -21.52
CA ALA B 229 -25.06 -32.29 -20.68
C ALA B 229 -26.04 -33.13 -21.51
N GLU B 230 -25.87 -33.08 -22.83
CA GLU B 230 -26.71 -33.78 -23.79
C GLU B 230 -27.20 -35.16 -23.33
N LYS B 231 -26.26 -36.02 -22.99
CA LYS B 231 -26.57 -37.38 -22.56
C LYS B 231 -27.70 -37.50 -21.53
N TYR B 232 -27.80 -36.54 -20.63
CA TYR B 232 -28.82 -36.59 -19.60
C TYR B 232 -30.13 -35.91 -19.95
N GLY B 233 -30.39 -35.80 -21.25
CA GLY B 233 -31.64 -35.20 -21.72
C GLY B 233 -32.05 -33.88 -21.10
N ASN B 234 -32.99 -33.93 -20.16
CA ASN B 234 -33.49 -32.72 -19.49
C ASN B 234 -32.46 -31.95 -18.71
N LEU B 235 -31.46 -32.64 -18.15
CA LEU B 235 -30.45 -31.97 -17.37
C LEU B 235 -29.82 -30.82 -18.14
N LYS B 236 -29.76 -30.95 -19.46
CA LYS B 236 -29.17 -29.90 -20.28
C LYS B 236 -29.88 -28.57 -20.09
N GLU B 237 -31.20 -28.56 -20.19
CA GLU B 237 -31.96 -27.32 -20.02
C GLU B 237 -31.95 -26.83 -18.58
N ARG B 238 -31.71 -27.74 -17.64
CA ARG B 238 -31.70 -27.41 -16.22
C ARG B 238 -30.30 -27.45 -15.62
N ARG B 239 -29.27 -27.36 -16.46
CA ARG B 239 -27.90 -27.42 -15.98
C ARG B 239 -27.53 -26.33 -14.98
N GLY B 240 -27.88 -25.08 -15.29
CA GLY B 240 -27.57 -23.98 -14.40
C GLY B 240 -28.22 -24.15 -13.03
N GLU B 241 -29.40 -24.76 -13.05
CA GLU B 241 -30.15 -25.02 -11.84
C GLU B 241 -29.39 -26.03 -10.98
N MET B 242 -28.82 -27.05 -11.61
CA MET B 242 -28.06 -28.07 -10.88
C MET B 242 -26.73 -27.50 -10.38
N TYR B 243 -26.21 -26.51 -11.10
CA TYR B 243 -24.95 -25.86 -10.72
C TYR B 243 -25.19 -25.09 -9.43
N HIS B 244 -26.23 -24.26 -9.44
CA HIS B 244 -26.59 -23.46 -8.29
C HIS B 244 -26.87 -24.32 -7.07
N TYR B 245 -27.66 -25.37 -7.29
CA TYR B 245 -28.03 -26.28 -6.22
C TYR B 245 -26.86 -26.99 -5.58
N PHE B 246 -26.00 -27.59 -6.40
CA PHE B 246 -24.87 -28.30 -5.84
C PHE B 246 -24.02 -27.40 -4.97
N TYR B 247 -23.60 -26.26 -5.51
CA TYR B 247 -22.75 -25.35 -4.75
C TYR B 247 -23.40 -24.68 -3.56
N ASP B 248 -24.62 -24.17 -3.72
CA ASP B 248 -25.28 -23.52 -2.60
C ASP B 248 -25.41 -24.49 -1.43
N GLN B 249 -25.78 -25.74 -1.72
CA GLN B 249 -25.92 -26.74 -0.68
C GLN B 249 -24.57 -27.00 -0.03
N LEU B 250 -23.53 -27.11 -0.86
CA LEU B 250 -22.18 -27.36 -0.36
C LEU B 250 -21.66 -26.21 0.49
N LEU B 251 -21.88 -24.99 0.01
CA LEU B 251 -21.46 -23.79 0.72
C LEU B 251 -22.18 -23.69 2.07
N THR B 252 -23.47 -24.02 2.08
CA THR B 252 -24.28 -23.99 3.29
C THR B 252 -23.81 -25.02 4.32
N ARG B 253 -23.64 -26.26 3.86
CA ARG B 253 -23.20 -27.32 4.76
C ARG B 253 -21.85 -26.93 5.37
N TYR B 254 -21.01 -26.30 4.58
CA TYR B 254 -19.69 -25.87 5.07
C TYR B 254 -19.86 -24.72 6.06
N TYR B 255 -20.78 -23.81 5.75
CA TYR B 255 -21.06 -22.68 6.63
C TYR B 255 -21.50 -23.24 8.00
N PHE B 256 -22.34 -24.26 8.01
CA PHE B 256 -22.76 -24.84 9.28
C PHE B 256 -21.55 -25.29 10.12
N GLU B 257 -20.54 -25.86 9.47
CA GLU B 257 -19.36 -26.28 10.21
C GLU B 257 -18.65 -25.05 10.77
N ARG B 258 -18.60 -23.96 10.00
CA ARG B 258 -17.98 -22.74 10.51
C ARG B 258 -18.70 -22.25 11.76
N LEU B 259 -20.02 -22.25 11.71
CA LEU B 259 -20.86 -21.81 12.82
C LEU B 259 -20.61 -22.50 14.17
N THR B 260 -20.57 -23.84 14.19
CA THR B 260 -20.37 -24.55 15.44
C THR B 260 -18.94 -24.44 15.92
N ASN B 261 -18.07 -23.88 15.08
CA ASN B 261 -16.68 -23.70 15.43
C ASN B 261 -16.39 -22.23 15.64
N GLY B 262 -17.45 -21.43 15.64
CA GLY B 262 -17.31 -20.00 15.83
C GLY B 262 -16.48 -19.30 14.78
N LEU B 263 -16.58 -19.74 13.52
CA LEU B 263 -15.81 -19.14 12.44
C LEU B 263 -16.54 -18.18 11.52
N GLY B 264 -17.80 -17.88 11.85
CA GLY B 264 -18.56 -16.93 11.03
C GLY B 264 -18.77 -17.27 9.56
N THR B 265 -19.29 -16.29 8.82
CA THR B 265 -19.56 -16.45 7.39
C THR B 265 -18.33 -16.72 6.56
N ILE B 266 -18.53 -17.18 5.33
CA ILE B 266 -17.42 -17.44 4.44
C ILE B 266 -16.79 -16.09 4.11
N PRO B 267 -15.49 -15.93 4.36
CA PRO B 267 -14.77 -14.69 4.10
C PRO B 267 -14.88 -14.22 2.67
N GLU B 268 -14.83 -12.90 2.49
CA GLU B 268 -14.88 -12.30 1.16
C GLU B 268 -13.50 -11.76 0.85
N PHE B 269 -13.15 -11.71 -0.43
CA PHE B 269 -11.83 -11.20 -0.79
C PHE B 269 -11.88 -10.31 -2.01
N SER B 270 -10.72 -9.73 -2.32
CA SER B 270 -10.53 -8.84 -3.46
C SER B 270 -9.30 -9.29 -4.23
N TRP B 271 -9.38 -9.27 -5.57
CA TRP B 271 -8.23 -9.67 -6.38
C TRP B 271 -7.14 -8.62 -6.26
N TYR B 272 -7.47 -7.49 -5.63
CA TYR B 272 -6.52 -6.39 -5.50
C TYR B 272 -5.93 -6.18 -4.11
N SER B 273 -6.24 -7.08 -3.20
CA SER B 273 -5.74 -6.99 -1.84
C SER B 273 -5.25 -8.36 -1.41
N PRO B 274 -4.32 -8.39 -0.47
CA PRO B 274 -3.79 -9.67 0.00
C PRO B 274 -4.91 -10.61 0.41
N VAL B 275 -4.82 -11.87 -0.01
CA VAL B 275 -5.81 -12.87 0.38
C VAL B 275 -5.43 -13.26 1.80
N LYS B 276 -6.35 -13.07 2.73
CA LYS B 276 -6.06 -13.35 4.12
C LYS B 276 -5.78 -14.79 4.57
N THR B 277 -6.65 -15.73 4.21
CA THR B 277 -6.49 -17.10 4.67
C THR B 277 -5.65 -18.00 3.79
N GLY B 278 -4.43 -18.27 4.24
CA GLY B 278 -3.57 -19.15 3.47
C GLY B 278 -3.89 -20.63 3.60
N HIS B 279 -3.08 -21.47 2.95
CA HIS B 279 -3.26 -22.90 3.00
C HIS B 279 -1.96 -23.61 2.68
N TYR B 280 -1.61 -24.62 3.48
CA TYR B 280 -0.40 -25.39 3.25
C TYR B 280 -0.75 -26.85 2.95
N PRO B 281 -0.78 -27.21 1.67
CA PRO B 281 -1.10 -28.60 1.33
C PRO B 281 0.00 -29.55 1.76
N LEU B 282 -0.27 -30.43 2.71
CA LEU B 282 0.74 -31.39 3.16
C LEU B 282 0.73 -32.58 2.19
N LEU B 283 0.74 -32.24 0.90
CA LEU B 283 0.72 -33.22 -0.18
C LEU B 283 1.95 -33.05 -1.06
N THR B 284 2.23 -34.07 -1.86
CA THR B 284 3.40 -34.03 -2.72
C THR B 284 3.14 -34.81 -4.00
N SER B 285 3.79 -34.44 -5.09
CA SER B 285 3.65 -35.16 -6.35
C SER B 285 4.93 -35.99 -6.44
N TYR B 286 5.20 -36.62 -7.59
CA TYR B 286 6.43 -37.42 -7.71
C TYR B 286 7.60 -36.53 -8.04
N TYR B 287 7.31 -35.28 -8.40
CA TYR B 287 8.35 -34.34 -8.77
C TYR B 287 8.45 -33.09 -7.94
N THR B 288 7.40 -32.74 -7.22
CA THR B 288 7.43 -31.52 -6.43
C THR B 288 6.39 -31.45 -5.31
N PRO B 289 6.61 -30.58 -4.32
CA PRO B 289 5.67 -30.41 -3.21
C PRO B 289 4.55 -29.53 -3.75
N PHE B 290 3.32 -29.69 -3.24
CA PHE B 290 2.24 -28.83 -3.72
C PHE B 290 2.60 -27.39 -3.32
N SER B 291 2.22 -26.43 -4.15
CA SER B 291 2.51 -25.04 -3.85
C SER B 291 1.73 -24.63 -2.61
N GLN B 292 2.31 -23.71 -1.84
CA GLN B 292 1.70 -23.20 -0.61
C GLN B 292 1.31 -21.72 -0.79
N ARG B 293 0.23 -21.30 -0.13
CA ARG B 293 -0.21 -19.92 -0.16
C ARG B 293 -0.15 -19.46 1.28
N PRO B 294 0.75 -18.54 1.59
CA PRO B 294 0.84 -18.09 2.97
C PRO B 294 -0.29 -17.13 3.32
N ASN B 295 -0.53 -16.94 4.61
CA ASN B 295 -1.56 -16.01 5.05
C ASN B 295 -1.22 -14.64 4.49
N PHE B 296 -2.27 -13.87 4.16
CA PHE B 296 -2.09 -12.52 3.64
C PHE B 296 -1.22 -12.52 2.37
N TYR B 297 -1.53 -13.44 1.46
CA TYR B 297 -0.81 -13.60 0.21
C TYR B 297 -1.01 -12.43 -0.75
N ASN B 298 0.10 -11.81 -1.16
CA ASN B 298 0.06 -10.69 -2.09
C ASN B 298 -0.27 -11.25 -3.48
N VAL B 299 -1.57 -11.38 -3.76
CA VAL B 299 -2.05 -11.93 -5.02
C VAL B 299 -1.89 -11.01 -6.22
N HIS B 300 -2.02 -9.71 -5.99
CA HIS B 300 -1.91 -8.72 -7.05
C HIS B 300 -0.46 -8.44 -7.41
N SER B 301 0.18 -9.37 -8.10
CA SER B 301 1.58 -9.17 -8.50
C SER B 301 1.69 -9.21 -10.02
N GLU B 302 2.87 -8.89 -10.54
CA GLU B 302 3.07 -8.89 -11.98
C GLU B 302 2.57 -10.16 -12.66
N GLU B 303 2.94 -11.32 -12.12
CA GLU B 303 2.51 -12.60 -12.70
C GLU B 303 1.00 -12.74 -12.88
N ASN B 304 0.22 -12.02 -12.07
CA ASN B 304 -1.24 -12.11 -12.16
C ASN B 304 -1.99 -10.89 -12.70
N TYR B 305 -1.31 -9.78 -12.98
CA TYR B 305 -1.99 -8.58 -13.49
C TYR B 305 -3.04 -8.84 -14.58
N GLU B 306 -2.64 -9.53 -15.65
CA GLU B 306 -3.54 -9.83 -16.74
C GLU B 306 -4.65 -10.80 -16.33
N LYS B 307 -4.31 -11.83 -15.56
CA LYS B 307 -5.33 -12.79 -15.13
C LYS B 307 -6.38 -12.09 -14.29
N ILE B 308 -5.92 -11.19 -13.43
CA ILE B 308 -6.83 -10.45 -12.57
C ILE B 308 -7.74 -9.52 -13.37
N ARG B 309 -7.25 -8.94 -14.46
CA ARG B 309 -8.10 -8.06 -15.26
C ARG B 309 -9.17 -8.92 -15.93
N PHE B 310 -8.80 -10.13 -16.35
CA PHE B 310 -9.75 -11.05 -16.97
C PHE B 310 -10.86 -11.41 -15.99
N LEU B 311 -10.48 -11.77 -14.78
CA LEU B 311 -11.43 -12.14 -13.73
C LEU B 311 -12.35 -10.96 -13.39
N ASP B 312 -11.75 -9.77 -13.32
CA ASP B 312 -12.50 -8.56 -13.01
C ASP B 312 -13.51 -8.29 -14.13
N ALA B 313 -13.07 -8.46 -15.38
CA ALA B 313 -13.95 -8.23 -16.53
C ALA B 313 -15.09 -9.23 -16.54
N TYR B 314 -14.77 -10.48 -16.21
CA TYR B 314 -15.76 -11.55 -16.18
C TYR B 314 -16.85 -11.17 -15.18
N GLU B 315 -16.44 -10.56 -14.08
CA GLU B 315 -17.38 -10.13 -13.06
C GLU B 315 -18.17 -8.91 -13.53
N ASN B 316 -17.49 -7.91 -14.08
CA ASN B 316 -18.18 -6.71 -14.54
C ASN B 316 -19.29 -7.03 -15.52
N TYR B 317 -19.03 -7.98 -16.42
CA TYR B 317 -20.02 -8.33 -17.42
C TYR B 317 -21.30 -8.80 -16.76
N PHE B 318 -21.16 -9.67 -15.78
CA PHE B 318 -22.32 -10.20 -15.08
C PHE B 318 -23.06 -9.14 -14.27
N VAL B 319 -22.32 -8.28 -13.59
CA VAL B 319 -22.94 -7.23 -12.79
C VAL B 319 -23.66 -6.23 -13.70
N GLN B 320 -23.04 -5.89 -14.84
CA GLN B 320 -23.66 -4.96 -15.78
C GLN B 320 -24.89 -5.57 -16.45
N ALA B 321 -24.87 -6.88 -16.67
CA ALA B 321 -26.01 -7.56 -17.27
C ALA B 321 -27.22 -7.43 -16.35
N LEU B 322 -27.00 -7.75 -15.07
CA LEU B 322 -28.06 -7.68 -14.07
C LEU B 322 -28.65 -6.28 -14.03
N GLN B 323 -27.77 -5.28 -14.06
CA GLN B 323 -28.22 -3.90 -14.02
C GLN B 323 -29.08 -3.53 -15.23
N LYS B 324 -28.63 -3.82 -16.44
CA LYS B 324 -29.44 -3.47 -17.59
C LYS B 324 -30.50 -4.49 -17.95
N GLY B 325 -30.67 -5.47 -17.06
CA GLY B 325 -31.69 -6.50 -17.22
C GLY B 325 -31.63 -7.52 -18.34
N VAL B 326 -30.48 -7.64 -19.00
CA VAL B 326 -30.36 -8.58 -20.10
C VAL B 326 -28.94 -9.07 -20.34
N PHE B 327 -28.80 -10.36 -20.63
CA PHE B 327 -27.49 -10.97 -20.92
C PHE B 327 -27.33 -10.95 -22.44
N GLU B 328 -26.29 -10.28 -22.92
CA GLU B 328 -26.02 -10.20 -24.36
C GLU B 328 -24.72 -10.89 -24.71
N GLY B 329 -24.70 -11.56 -25.84
CA GLY B 329 -23.50 -12.26 -26.26
C GLY B 329 -23.78 -13.76 -26.32
N PHE B 330 -22.78 -14.53 -26.73
CA PHE B 330 -22.94 -15.98 -26.82
C PHE B 330 -24.07 -16.33 -27.79
N GLY B 331 -24.22 -15.52 -28.82
CA GLY B 331 -25.22 -15.76 -29.83
C GLY B 331 -26.68 -15.54 -29.45
N GLN B 332 -26.92 -14.80 -28.38
CA GLN B 332 -28.30 -14.56 -27.98
C GLN B 332 -28.53 -13.31 -27.13
N THR B 333 -29.79 -13.10 -26.78
CA THR B 333 -30.22 -11.96 -25.99
C THR B 333 -31.27 -12.48 -25.03
N ILE B 334 -30.87 -12.64 -23.77
CA ILE B 334 -31.76 -13.17 -22.75
C ILE B 334 -32.10 -12.14 -21.68
N TYR B 335 -33.39 -11.92 -21.45
CA TYR B 335 -33.83 -11.01 -20.40
C TYR B 335 -33.80 -11.82 -19.12
N LEU B 336 -33.63 -11.15 -18.00
CA LEU B 336 -33.52 -11.82 -16.72
C LEU B 336 -34.64 -12.82 -16.43
N ASN B 337 -35.85 -12.51 -16.88
CA ASN B 337 -36.99 -13.40 -16.65
C ASN B 337 -37.18 -14.50 -17.71
N ASP B 338 -36.27 -14.56 -18.68
CA ASP B 338 -36.35 -15.58 -19.73
C ASP B 338 -36.27 -16.94 -19.06
N SER B 339 -36.95 -17.93 -19.63
CA SER B 339 -36.95 -19.27 -19.06
C SER B 339 -35.60 -19.97 -19.21
N LYS B 340 -34.71 -19.39 -20.00
CA LYS B 340 -33.39 -19.96 -20.22
C LYS B 340 -32.33 -19.19 -19.44
N ALA B 341 -32.77 -18.18 -18.68
CA ALA B 341 -31.86 -17.35 -17.93
C ALA B 341 -31.11 -18.10 -16.82
N ASN B 342 -31.84 -18.84 -16.01
CA ASN B 342 -31.22 -19.57 -14.92
C ASN B 342 -30.06 -20.45 -15.40
N SER B 343 -30.29 -21.22 -16.46
CA SER B 343 -29.23 -22.08 -16.96
C SER B 343 -28.12 -21.28 -17.59
N PHE B 344 -28.45 -20.12 -18.13
CA PHE B 344 -27.43 -19.28 -18.72
C PHE B 344 -26.43 -18.77 -17.69
N VAL B 345 -26.90 -18.30 -16.52
CA VAL B 345 -25.95 -17.80 -15.53
C VAL B 345 -25.11 -18.93 -14.96
N GLY B 346 -25.69 -20.11 -14.79
CA GLY B 346 -24.94 -21.23 -14.28
C GLY B 346 -23.88 -21.66 -15.28
N ASN B 347 -24.27 -21.76 -16.56
CA ASN B 347 -23.32 -22.16 -17.59
C ASN B 347 -22.27 -21.08 -17.82
N TYR B 348 -22.66 -19.83 -17.62
CA TYR B 348 -21.74 -18.72 -17.78
C TYR B 348 -20.65 -18.84 -16.72
N TRP B 349 -21.06 -18.83 -15.44
CA TRP B 349 -20.08 -18.89 -14.38
C TRP B 349 -19.19 -20.12 -14.42
N GLN B 350 -19.68 -21.22 -14.97
CA GLN B 350 -18.87 -22.41 -15.04
C GLN B 350 -18.09 -22.47 -16.33
N ASP B 351 -18.52 -21.68 -17.31
CA ASP B 351 -17.89 -21.66 -18.63
C ASP B 351 -17.86 -23.07 -19.24
N ASN B 352 -18.96 -23.80 -19.09
CA ASN B 352 -19.06 -25.16 -19.61
C ASN B 352 -19.46 -25.22 -21.09
N ALA B 353 -19.40 -26.43 -21.65
CA ALA B 353 -19.70 -26.65 -23.05
C ALA B 353 -21.10 -26.16 -23.48
N ASP B 354 -22.09 -26.37 -22.63
CA ASP B 354 -23.44 -25.98 -22.96
C ASP B 354 -23.62 -24.47 -23.10
N LEU B 355 -22.67 -23.70 -22.60
CA LEU B 355 -22.75 -22.26 -22.71
C LEU B 355 -22.56 -21.91 -24.18
N TYR B 356 -21.77 -22.72 -24.87
CA TYR B 356 -21.46 -22.51 -26.29
C TYR B 356 -22.25 -23.40 -27.24
N GLY B 357 -23.10 -24.26 -26.71
CA GLY B 357 -23.87 -25.15 -27.55
C GLY B 357 -22.93 -26.05 -28.32
N GLU B 358 -21.93 -26.59 -27.64
CA GLU B 358 -20.94 -27.46 -28.26
C GLU B 358 -20.89 -28.73 -27.42
N GLU B 359 -20.15 -29.75 -27.86
CA GLU B 359 -20.10 -30.96 -27.05
C GLU B 359 -18.93 -30.94 -26.07
N VAL B 360 -17.87 -30.21 -26.43
CA VAL B 360 -16.70 -30.07 -25.56
C VAL B 360 -16.12 -28.66 -25.71
N THR B 361 -15.59 -28.13 -24.61
CA THR B 361 -15.02 -26.81 -24.63
C THR B 361 -13.71 -26.75 -25.40
N LYS B 362 -13.36 -25.56 -25.87
CA LYS B 362 -12.11 -25.42 -26.60
C LYS B 362 -11.11 -24.68 -25.73
N ASP B 363 -9.84 -24.76 -26.13
CA ASP B 363 -8.73 -24.11 -25.43
C ASP B 363 -8.89 -22.61 -25.26
N TYR B 364 -9.35 -21.94 -26.31
CA TYR B 364 -9.51 -20.50 -26.28
C TYR B 364 -10.73 -19.96 -25.53
N GLN B 365 -11.60 -20.84 -25.06
CA GLN B 365 -12.76 -20.38 -24.31
C GLN B 365 -12.32 -20.32 -22.86
N ARG B 366 -11.73 -19.19 -22.49
CA ARG B 366 -11.20 -18.96 -21.15
C ARG B 366 -12.25 -19.09 -20.02
N SER B 367 -11.86 -19.83 -18.99
CA SER B 367 -12.71 -20.10 -17.82
C SER B 367 -12.43 -19.29 -16.55
N TYR B 368 -13.47 -18.66 -16.01
CA TYR B 368 -13.35 -17.89 -14.78
C TYR B 368 -12.86 -18.80 -13.64
N GLU B 369 -13.47 -19.99 -13.51
CA GLU B 369 -13.06 -20.89 -12.45
C GLU B 369 -11.63 -21.35 -12.59
N ILE B 370 -11.21 -21.69 -13.80
CA ILE B 370 -9.84 -22.15 -13.99
C ILE B 370 -8.80 -21.08 -13.66
N VAL B 371 -8.99 -19.86 -14.14
CA VAL B 371 -8.05 -18.80 -13.85
C VAL B 371 -8.06 -18.45 -12.37
N ALA B 372 -9.23 -18.48 -11.76
CA ALA B 372 -9.33 -18.16 -10.34
C ALA B 372 -8.56 -19.19 -9.51
N ARG B 373 -8.76 -20.47 -9.82
CA ARG B 373 -8.08 -21.52 -9.08
C ARG B 373 -6.58 -21.34 -9.29
N GLN B 374 -6.22 -20.79 -10.44
CA GLN B 374 -4.83 -20.57 -10.77
C GLN B 374 -4.17 -19.54 -9.88
N VAL B 375 -4.75 -18.35 -9.79
CA VAL B 375 -4.14 -17.32 -8.96
C VAL B 375 -4.32 -17.59 -7.46
N LEU B 376 -5.42 -18.22 -7.07
CA LEU B 376 -5.65 -18.53 -5.66
C LEU B 376 -4.75 -19.70 -5.20
N GLY B 377 -4.36 -20.56 -6.15
CA GLY B 377 -3.51 -21.68 -5.83
C GLY B 377 -2.12 -21.22 -5.47
N ALA B 378 -1.75 -20.04 -5.95
CA ALA B 378 -0.45 -19.45 -5.65
C ALA B 378 0.78 -20.15 -6.24
N ALA B 379 0.59 -21.10 -7.15
CA ALA B 379 1.73 -21.78 -7.76
C ALA B 379 2.41 -20.95 -8.83
N PRO B 380 3.74 -21.08 -8.98
CA PRO B 380 4.48 -20.32 -10.00
C PRO B 380 3.96 -20.81 -11.35
N LYS B 381 4.10 -20.03 -12.42
CA LYS B 381 3.60 -20.51 -13.71
C LYS B 381 4.25 -21.84 -14.06
N PRO B 382 3.53 -22.69 -14.79
CA PRO B 382 4.04 -24.00 -15.19
C PRO B 382 5.36 -23.93 -15.96
N PHE B 383 6.22 -24.91 -15.70
CA PHE B 383 7.51 -25.02 -16.36
C PHE B 383 7.29 -25.22 -17.87
N ASP B 384 6.34 -26.08 -18.22
CA ASP B 384 5.99 -26.36 -19.60
C ASP B 384 4.60 -27.03 -19.64
N LYS B 385 4.12 -27.42 -20.81
CA LYS B 385 2.78 -28.01 -20.91
C LYS B 385 2.53 -29.28 -20.13
N TYR B 386 3.58 -30.04 -19.84
CA TYR B 386 3.41 -31.28 -19.08
C TYR B 386 3.86 -31.16 -17.63
N THR B 387 4.53 -30.06 -17.30
CA THR B 387 5.06 -29.90 -15.95
C THR B 387 4.56 -28.67 -15.21
N PHE B 388 4.09 -28.90 -13.99
CA PHE B 388 3.59 -27.82 -13.15
C PHE B 388 3.63 -28.21 -11.68
N MET B 389 3.68 -27.20 -10.81
CA MET B 389 3.68 -27.43 -9.37
C MET B 389 2.19 -27.36 -9.02
N PRO B 390 1.63 -28.47 -8.56
CA PRO B 390 0.20 -28.47 -8.22
C PRO B 390 -0.17 -27.84 -6.89
N SER B 391 -1.44 -27.44 -6.79
CA SER B 391 -1.98 -26.87 -5.56
C SER B 391 -3.24 -27.70 -5.28
N ALA B 392 -3.85 -27.48 -4.12
CA ALA B 392 -5.05 -28.24 -3.77
C ALA B 392 -6.19 -27.91 -4.71
N LEU B 393 -6.10 -26.76 -5.36
CA LEU B 393 -7.12 -26.30 -6.30
C LEU B 393 -6.99 -26.91 -7.69
N ASP B 394 -5.94 -27.70 -7.91
CA ASP B 394 -5.71 -28.36 -9.20
C ASP B 394 -6.40 -29.73 -9.31
N PHE B 395 -7.10 -30.17 -8.26
CA PHE B 395 -7.77 -31.48 -8.28
C PHE B 395 -9.14 -31.43 -7.62
N TYR B 396 -10.09 -32.11 -8.23
CA TYR B 396 -11.42 -32.16 -7.64
C TYR B 396 -11.36 -33.00 -6.37
N GLN B 397 -10.36 -33.87 -6.25
CA GLN B 397 -10.24 -34.69 -5.06
C GLN B 397 -9.54 -34.03 -3.86
N THR B 398 -9.02 -32.81 -4.04
CA THR B 398 -8.34 -32.10 -2.95
C THR B 398 -8.83 -30.65 -2.74
N SER B 399 -9.67 -30.16 -3.65
CA SER B 399 -10.17 -28.77 -3.59
C SER B 399 -10.80 -28.31 -2.28
N LEU B 400 -11.65 -29.13 -1.71
CA LEU B 400 -12.32 -28.74 -0.48
C LEU B 400 -11.36 -28.64 0.71
N ARG B 401 -10.07 -28.84 0.47
CA ARG B 401 -9.08 -28.72 1.55
C ARG B 401 -8.63 -27.27 1.68
N ASP B 402 -8.76 -26.51 0.61
CA ASP B 402 -8.34 -25.13 0.60
C ASP B 402 -9.49 -24.21 0.97
N PRO B 403 -9.27 -23.32 1.94
CA PRO B 403 -10.33 -22.38 2.38
C PRO B 403 -10.80 -21.46 1.24
N THR B 404 -9.89 -21.05 0.37
CA THR B 404 -10.26 -20.14 -0.69
C THR B 404 -11.20 -20.79 -1.67
N PHE B 405 -11.25 -22.13 -1.67
CA PHE B 405 -12.16 -22.82 -2.58
C PHE B 405 -13.59 -22.39 -2.26
N TYR B 406 -13.93 -22.41 -0.97
CA TYR B 406 -15.27 -22.03 -0.54
C TYR B 406 -15.47 -20.55 -0.73
N GLN B 407 -14.39 -19.80 -0.57
CA GLN B 407 -14.44 -18.36 -0.75
C GLN B 407 -14.68 -18.00 -2.21
N LEU B 408 -14.15 -18.81 -3.12
CA LEU B 408 -14.30 -18.55 -4.56
C LEU B 408 -15.72 -18.88 -5.02
N TYR B 409 -16.22 -20.04 -4.64
CA TYR B 409 -17.55 -20.43 -5.06
C TYR B 409 -18.64 -19.66 -4.33
N ASN B 410 -18.33 -19.18 -3.13
CA ASN B 410 -19.29 -18.38 -2.38
C ASN B 410 -19.42 -17.03 -3.11
N ARG B 411 -18.32 -16.58 -3.70
CA ARG B 411 -18.31 -15.33 -4.47
C ARG B 411 -19.17 -15.56 -5.73
N ILE B 412 -19.03 -16.72 -6.35
CA ILE B 412 -19.79 -17.06 -7.54
C ILE B 412 -21.29 -17.21 -7.21
N ILE B 413 -21.62 -18.00 -6.20
CA ILE B 413 -23.01 -18.16 -5.84
C ILE B 413 -23.54 -16.82 -5.36
N GLY B 414 -22.66 -15.97 -4.84
CA GLY B 414 -23.07 -14.64 -4.40
C GLY B 414 -23.73 -13.95 -5.59
N TYR B 415 -23.08 -14.02 -6.73
CA TYR B 415 -23.62 -13.42 -7.94
C TYR B 415 -24.91 -14.13 -8.39
N PHE B 416 -24.92 -15.45 -8.27
CA PHE B 416 -26.07 -16.24 -8.66
C PHE B 416 -27.27 -15.83 -7.80
N ASN B 417 -27.06 -15.79 -6.49
CA ASN B 417 -28.12 -15.39 -5.58
C ASN B 417 -28.56 -13.95 -5.86
N GLN B 418 -27.65 -13.09 -6.31
CA GLN B 418 -28.08 -11.73 -6.61
C GLN B 418 -29.01 -11.82 -7.81
N PHE B 419 -28.66 -12.67 -8.77
CA PHE B 419 -29.50 -12.84 -9.96
C PHE B 419 -30.91 -13.27 -9.56
N LYS B 420 -30.99 -14.19 -8.60
CA LYS B 420 -32.26 -14.71 -8.13
C LYS B 420 -33.25 -13.67 -7.63
N GLN B 421 -32.78 -12.53 -7.16
CA GLN B 421 -33.72 -11.53 -6.65
C GLN B 421 -34.44 -10.75 -7.73
N TYR B 422 -34.02 -10.91 -8.98
CA TYR B 422 -34.66 -10.24 -10.11
C TYR B 422 -35.76 -11.14 -10.66
N LEU B 423 -35.81 -12.37 -10.19
CA LEU B 423 -36.82 -13.31 -10.65
C LEU B 423 -38.10 -13.11 -9.85
N GLU B 424 -39.18 -13.70 -10.35
CA GLU B 424 -40.47 -13.65 -9.69
C GLU B 424 -40.38 -14.48 -8.41
N PRO B 425 -40.51 -13.84 -7.24
CA PRO B 425 -40.43 -14.60 -5.98
C PRO B 425 -41.64 -15.49 -5.77
N HIS B 426 -41.47 -16.56 -5.02
CA HIS B 426 -42.60 -17.45 -4.75
C HIS B 426 -43.67 -16.72 -3.97
N SER B 427 -44.89 -16.69 -4.50
CA SER B 427 -45.98 -16.01 -3.83
C SER B 427 -46.49 -16.88 -2.70
N GLN B 428 -47.17 -16.25 -1.75
CA GLN B 428 -47.73 -16.99 -0.61
C GLN B 428 -48.79 -17.98 -1.07
N GLU B 429 -49.52 -17.62 -2.13
CA GLU B 429 -50.56 -18.49 -2.64
C GLU B 429 -50.00 -19.77 -3.23
N LYS B 430 -48.90 -19.65 -3.97
CA LYS B 430 -48.30 -20.81 -4.60
C LYS B 430 -47.66 -21.77 -3.61
N LEU B 431 -47.17 -21.23 -2.49
CA LEU B 431 -46.54 -22.05 -1.46
C LEU B 431 -47.58 -22.73 -0.57
N HIS B 432 -48.75 -22.10 -0.45
CA HIS B 432 -49.84 -22.61 0.36
C HIS B 432 -50.41 -23.91 -0.18
N PHE B 433 -50.55 -24.91 0.70
CA PHE B 433 -51.12 -26.19 0.33
C PHE B 433 -52.50 -26.23 0.99
N VAL B 434 -53.54 -25.96 0.21
CA VAL B 434 -54.90 -25.95 0.74
C VAL B 434 -55.30 -27.26 1.39
N GLY B 435 -55.83 -27.17 2.61
CA GLY B 435 -56.26 -28.37 3.32
C GLY B 435 -55.17 -29.15 4.02
N VAL B 436 -53.92 -28.72 3.89
CA VAL B 436 -52.83 -29.42 4.53
C VAL B 436 -52.11 -28.55 5.54
N LYS B 437 -52.04 -29.02 6.78
CA LYS B 437 -51.39 -28.28 7.84
C LYS B 437 -50.42 -29.17 8.61
N VAL B 438 -49.31 -28.59 9.04
CA VAL B 438 -48.33 -29.34 9.83
C VAL B 438 -48.50 -28.80 11.24
N ASN B 439 -49.13 -29.59 12.11
CA ASN B 439 -49.37 -29.15 13.48
C ASN B 439 -48.13 -29.21 14.35
N ASN B 440 -47.24 -30.13 14.04
CA ASN B 440 -46.07 -30.26 14.86
C ASN B 440 -44.97 -31.10 14.26
N VAL B 441 -43.77 -30.92 14.78
CA VAL B 441 -42.61 -31.66 14.34
C VAL B 441 -41.72 -31.86 15.55
N VAL B 442 -41.42 -33.11 15.84
CA VAL B 442 -40.56 -33.42 16.97
C VAL B 442 -39.31 -34.10 16.43
N VAL B 443 -38.15 -33.69 16.93
CA VAL B 443 -36.90 -34.24 16.44
C VAL B 443 -36.11 -34.86 17.57
N ASP B 444 -35.72 -36.13 17.42
CA ASP B 444 -34.94 -36.79 18.45
C ASP B 444 -33.66 -36.03 18.70
N LYS B 445 -32.93 -36.44 19.73
CA LYS B 445 -31.69 -35.79 20.09
C LYS B 445 -30.66 -35.89 18.96
N LEU B 446 -30.05 -34.75 18.64
CA LEU B 446 -29.04 -34.69 17.59
C LEU B 446 -27.67 -34.80 18.25
N VAL B 447 -26.93 -35.85 17.92
CA VAL B 447 -25.63 -36.05 18.52
C VAL B 447 -24.55 -36.48 17.53
N THR B 448 -23.41 -35.79 17.56
CA THR B 448 -22.31 -36.13 16.67
C THR B 448 -21.18 -36.75 17.49
N PHE B 449 -20.25 -37.40 16.79
CA PHE B 449 -19.12 -38.05 17.44
C PHE B 449 -18.16 -38.54 16.38
N PHE B 450 -16.93 -38.82 16.79
CA PHE B 450 -15.92 -39.30 15.85
C PHE B 450 -15.83 -40.79 15.97
N GLU B 451 -15.71 -41.45 14.83
CA GLU B 451 -15.66 -42.89 14.78
C GLU B 451 -14.60 -43.34 13.79
N TYR B 452 -13.74 -44.23 14.22
CA TYR B 452 -12.68 -44.75 13.35
C TYR B 452 -13.25 -45.27 12.04
N TYR B 453 -12.49 -45.08 10.97
CA TYR B 453 -12.90 -45.55 9.66
C TYR B 453 -11.61 -45.97 8.95
N ASP B 454 -11.67 -47.11 8.28
CA ASP B 454 -10.50 -47.63 7.56
C ASP B 454 -10.77 -47.69 6.07
N PHE B 455 -9.72 -47.53 5.26
CA PHE B 455 -9.84 -47.67 3.81
C PHE B 455 -8.51 -48.24 3.34
N ASP B 456 -8.56 -48.98 2.25
CA ASP B 456 -7.37 -49.62 1.68
C ASP B 456 -6.51 -48.58 0.99
N ALA B 457 -5.30 -48.39 1.51
CA ALA B 457 -4.39 -47.41 0.92
C ALA B 457 -3.17 -48.06 0.25
N THR B 458 -3.30 -49.34 -0.10
CA THR B 458 -2.20 -50.09 -0.70
C THR B 458 -1.66 -49.54 -2.01
N ASN B 459 -2.46 -48.75 -2.73
CA ASN B 459 -1.99 -48.17 -3.99
C ASN B 459 -0.86 -47.16 -3.75
N THR B 460 -0.67 -46.77 -2.50
CA THR B 460 0.36 -45.80 -2.14
C THR B 460 1.77 -46.30 -2.44
N VAL B 461 1.97 -47.58 -2.19
CA VAL B 461 3.22 -48.32 -2.33
C VAL B 461 3.46 -49.00 -3.69
N PHE B 462 4.70 -49.38 -3.96
CA PHE B 462 5.05 -50.08 -5.20
C PHE B 462 5.36 -51.55 -4.87
N LEU B 463 4.97 -52.45 -5.75
CA LEU B 463 5.20 -53.87 -5.54
C LEU B 463 6.47 -54.43 -6.15
N THR B 464 6.97 -55.50 -5.55
CA THR B 464 8.17 -56.19 -5.99
C THR B 464 7.86 -57.05 -7.21
N GLU B 465 8.86 -57.31 -8.04
CA GLU B 465 8.65 -58.14 -9.23
C GLU B 465 8.08 -59.51 -8.81
N GLU B 466 8.50 -59.97 -7.64
CA GLU B 466 8.03 -61.24 -7.13
C GLU B 466 6.58 -61.11 -6.64
N GLU B 467 6.26 -59.98 -6.03
CA GLU B 467 4.91 -59.76 -5.54
C GLU B 467 3.92 -59.67 -6.68
N LEU B 468 4.35 -59.11 -7.80
CA LEU B 468 3.48 -58.98 -8.97
C LEU B 468 3.08 -60.32 -9.56
N LYS B 469 3.79 -61.38 -9.21
CA LYS B 469 3.49 -62.73 -9.70
C LYS B 469 2.37 -63.37 -8.90
N THR B 470 2.14 -62.87 -7.70
CA THR B 470 1.07 -63.38 -6.84
C THR B 470 -0.07 -62.36 -6.79
N LYS B 471 -1.12 -62.67 -6.02
CA LYS B 471 -2.26 -61.77 -5.93
C LYS B 471 -1.92 -60.50 -5.17
N TYR B 472 -2.57 -59.41 -5.56
CA TYR B 472 -2.36 -58.11 -4.91
C TYR B 472 -2.66 -58.28 -3.43
N PRO B 473 -1.76 -57.77 -2.58
CA PRO B 473 -1.91 -57.87 -1.14
C PRO B 473 -3.06 -57.16 -0.43
N HIS B 474 -3.45 -55.96 -0.90
CA HIS B 474 -4.50 -55.18 -0.24
C HIS B 474 -4.11 -55.15 1.24
N ASN B 475 -2.80 -55.01 1.39
CA ASN B 475 -2.01 -55.02 2.61
C ASN B 475 -2.11 -53.85 3.61
N LEU B 476 -2.12 -52.62 3.11
CA LEU B 476 -2.16 -51.47 4.01
C LEU B 476 -3.52 -50.83 4.24
N LYS B 477 -3.72 -50.40 5.49
CA LYS B 477 -4.96 -49.78 5.91
C LYS B 477 -4.70 -48.41 6.53
N VAL B 478 -5.51 -47.42 6.17
CA VAL B 478 -5.39 -46.12 6.77
C VAL B 478 -6.60 -46.01 7.69
N ARG B 479 -6.36 -45.61 8.92
CA ARG B 479 -7.41 -45.45 9.93
C ARG B 479 -7.52 -44.02 10.42
N GLN B 480 -8.73 -43.47 10.37
CA GLN B 480 -8.93 -42.09 10.83
C GLN B 480 -10.26 -41.89 11.50
N PRO B 481 -10.27 -41.11 12.58
CA PRO B 481 -11.53 -40.85 13.26
C PRO B 481 -12.30 -39.94 12.30
N ARG B 482 -13.51 -40.34 11.90
CA ARG B 482 -14.29 -39.51 11.00
C ARG B 482 -15.60 -39.10 11.64
N LEU B 483 -16.05 -37.89 11.32
CA LEU B 483 -17.28 -37.36 11.87
C LEU B 483 -18.45 -38.30 11.60
N ASN B 484 -19.35 -38.39 12.56
CA ASN B 484 -20.53 -39.22 12.44
C ASN B 484 -21.55 -38.68 13.44
N HIS B 485 -22.76 -39.24 13.41
CA HIS B 485 -23.81 -38.83 14.33
C HIS B 485 -24.70 -40.03 14.58
N GLN B 486 -25.50 -39.97 15.65
CA GLN B 486 -26.42 -41.06 15.98
C GLN B 486 -27.68 -40.92 15.13
N PRO B 487 -28.29 -42.04 14.73
CA PRO B 487 -29.50 -41.94 13.92
C PRO B 487 -30.56 -41.21 14.73
N PHE B 488 -31.46 -40.50 14.06
CA PHE B 488 -32.50 -39.80 14.78
C PHE B 488 -33.78 -39.80 13.97
N ASN B 489 -34.90 -39.73 14.68
CA ASN B 489 -36.20 -39.70 14.04
C ASN B 489 -36.73 -38.29 14.02
N ILE B 490 -37.62 -38.05 13.07
CA ILE B 490 -38.29 -36.78 12.93
C ILE B 490 -39.77 -37.15 12.86
N ASN B 491 -40.54 -36.70 13.85
CA ASN B 491 -41.98 -36.99 13.85
C ASN B 491 -42.80 -35.83 13.29
N ILE B 492 -43.53 -36.10 12.21
CA ILE B 492 -44.33 -35.08 11.58
C ILE B 492 -45.82 -35.32 11.78
N ASP B 493 -46.49 -34.31 12.33
CA ASP B 493 -47.93 -34.36 12.60
C ASP B 493 -48.63 -33.48 11.57
N ILE B 494 -49.48 -34.08 10.75
CA ILE B 494 -50.20 -33.35 9.73
C ILE B 494 -51.71 -33.51 9.83
N LYS B 495 -52.44 -32.40 9.82
CA LYS B 495 -53.90 -32.42 9.89
C LYS B 495 -54.40 -32.03 8.50
N ALA B 496 -55.08 -32.95 7.83
CA ALA B 496 -55.59 -32.68 6.49
C ALA B 496 -57.12 -32.67 6.38
N ASP B 497 -57.62 -31.96 5.37
CA ASP B 497 -59.05 -31.86 5.14
C ASP B 497 -59.43 -32.90 4.09
N VAL B 498 -58.75 -32.86 2.94
CA VAL B 498 -59.02 -33.81 1.88
C VAL B 498 -57.82 -34.72 1.66
N ALA B 499 -58.02 -35.78 0.89
CA ALA B 499 -56.95 -36.73 0.60
C ALA B 499 -56.24 -36.32 -0.68
N THR B 500 -54.92 -36.29 -0.64
CA THR B 500 -54.11 -35.93 -1.82
C THR B 500 -52.73 -36.55 -1.77
N ASP B 501 -52.05 -36.51 -2.90
CA ASP B 501 -50.69 -37.01 -3.02
C ASP B 501 -49.81 -35.82 -2.74
N ALA B 502 -49.00 -35.92 -1.69
CA ALA B 502 -48.13 -34.81 -1.32
C ALA B 502 -46.65 -35.12 -1.41
N VAL B 503 -45.86 -34.05 -1.39
CA VAL B 503 -44.42 -34.18 -1.42
C VAL B 503 -43.97 -33.48 -0.15
N VAL B 504 -43.20 -34.18 0.67
CA VAL B 504 -42.71 -33.59 1.89
C VAL B 504 -41.20 -33.46 1.83
N LYS B 505 -40.70 -32.28 2.19
CA LYS B 505 -39.27 -31.97 2.18
C LYS B 505 -38.78 -31.57 3.56
N ILE B 506 -37.55 -31.93 3.86
CA ILE B 506 -36.95 -31.61 5.16
C ILE B 506 -35.65 -30.85 4.98
N PHE B 507 -35.54 -29.70 5.65
CA PHE B 507 -34.33 -28.89 5.57
C PHE B 507 -33.80 -28.58 6.96
N MET B 508 -32.52 -28.21 7.01
CA MET B 508 -31.90 -27.78 8.25
C MET B 508 -31.36 -26.40 7.93
N GLY B 509 -31.57 -25.46 8.85
CA GLY B 509 -31.09 -24.12 8.63
C GLY B 509 -30.48 -23.58 9.90
N PRO B 510 -29.84 -22.41 9.83
CA PRO B 510 -29.25 -21.86 11.05
C PRO B 510 -30.38 -21.20 11.82
N LYS B 511 -30.16 -20.93 13.10
CA LYS B 511 -31.15 -20.29 13.95
C LYS B 511 -30.72 -18.82 14.07
N TYR B 512 -29.43 -18.62 14.28
CA TYR B 512 -28.85 -17.30 14.45
C TYR B 512 -27.81 -17.02 13.39
N ASN B 513 -27.49 -15.74 13.20
CA ASN B 513 -26.47 -15.36 12.24
C ASN B 513 -25.12 -15.49 12.96
N GLU B 514 -24.06 -15.05 12.31
CA GLU B 514 -22.72 -15.15 12.88
C GLU B 514 -22.55 -14.37 14.18
N ASN B 515 -23.34 -13.31 14.34
CA ASN B 515 -23.25 -12.50 15.56
C ASN B 515 -24.16 -12.99 16.68
N GLY B 516 -24.83 -14.11 16.46
CA GLY B 516 -25.72 -14.67 17.47
C GLY B 516 -27.15 -14.13 17.47
N PHE B 517 -27.51 -13.36 16.45
CA PHE B 517 -28.88 -12.84 16.38
C PHE B 517 -29.78 -13.63 15.43
N PRO B 518 -31.11 -13.52 15.62
CA PRO B 518 -32.09 -14.23 14.79
C PRO B 518 -31.88 -14.10 13.29
N ILE B 519 -32.05 -15.24 12.62
CA ILE B 519 -31.93 -15.36 11.18
C ILE B 519 -33.13 -14.62 10.57
N THR B 520 -32.98 -14.18 9.33
CA THR B 520 -34.04 -13.48 8.62
C THR B 520 -34.23 -14.13 7.25
N LEU B 521 -35.40 -14.71 7.01
CA LEU B 521 -35.66 -15.37 5.74
C LEU B 521 -35.41 -14.49 4.53
N GLU B 522 -35.63 -13.19 4.66
CA GLU B 522 -35.42 -12.30 3.53
C GLU B 522 -33.98 -12.31 3.07
N ASN B 523 -33.07 -12.49 4.01
CA ASN B 523 -31.65 -12.50 3.67
C ASN B 523 -30.98 -13.87 3.79
N ASP B 524 -31.63 -14.81 4.46
CA ASP B 524 -31.02 -16.11 4.66
C ASP B 524 -31.69 -17.31 4.00
N TRP B 525 -32.53 -17.05 3.02
CA TRP B 525 -33.21 -18.14 2.33
C TRP B 525 -32.20 -19.11 1.71
N MET B 526 -31.06 -18.60 1.27
CA MET B 526 -30.07 -19.45 0.63
C MET B 526 -29.26 -20.32 1.58
N LYS B 527 -29.59 -20.29 2.86
CA LYS B 527 -28.84 -21.06 3.86
C LYS B 527 -29.55 -22.29 4.40
N PHE B 528 -30.46 -22.86 3.62
CA PHE B 528 -31.16 -24.05 4.06
C PHE B 528 -30.69 -25.32 3.35
N PHE B 529 -30.19 -26.24 4.14
CA PHE B 529 -29.65 -27.50 3.67
C PHE B 529 -30.73 -28.55 3.51
N GLU B 530 -30.94 -29.00 2.27
CA GLU B 530 -31.97 -30.01 2.00
C GLU B 530 -31.48 -31.37 2.49
N MET B 531 -32.29 -32.04 3.30
CA MET B 531 -31.91 -33.34 3.85
C MET B 531 -32.80 -34.50 3.42
N ASP B 532 -34.05 -34.22 3.08
CA ASP B 532 -34.92 -35.30 2.69
C ASP B 532 -35.96 -34.83 1.69
N TRP B 533 -36.40 -35.75 0.85
CA TRP B 533 -37.36 -35.44 -0.20
C TRP B 533 -38.10 -36.74 -0.50
N PHE B 534 -39.40 -36.79 -0.22
CA PHE B 534 -40.16 -38.00 -0.48
C PHE B 534 -41.66 -37.76 -0.61
N THR B 535 -42.32 -38.64 -1.34
CA THR B 535 -43.77 -38.55 -1.56
C THR B 535 -44.50 -39.32 -0.48
N HIS B 536 -45.73 -38.91 -0.22
CA HIS B 536 -46.54 -39.54 0.80
C HIS B 536 -47.99 -39.24 0.51
N LYS B 537 -48.85 -40.22 0.73
CA LYS B 537 -50.27 -40.00 0.50
C LYS B 537 -50.85 -39.50 1.80
N ILE B 538 -51.58 -38.40 1.72
CA ILE B 538 -52.21 -37.83 2.89
C ILE B 538 -53.68 -38.18 2.88
N THR B 539 -54.17 -38.66 4.03
CA THR B 539 -55.57 -39.03 4.19
C THR B 539 -56.25 -37.96 5.04
N PRO B 540 -57.55 -37.74 4.82
CA PRO B 540 -58.27 -36.72 5.61
C PRO B 540 -58.16 -37.03 7.10
N GLY B 541 -57.99 -35.99 7.91
CA GLY B 541 -57.89 -36.20 9.34
C GLY B 541 -56.44 -36.13 9.81
N GLN B 542 -56.12 -36.98 10.78
CA GLN B 542 -54.78 -37.03 11.36
C GLN B 542 -53.80 -37.91 10.59
N ASN B 543 -52.60 -37.39 10.37
CA ASN B 543 -51.54 -38.11 9.66
C ASN B 543 -50.26 -38.00 10.48
N THR B 544 -49.60 -39.12 10.73
CA THR B 544 -48.36 -39.09 11.50
C THR B 544 -47.26 -39.75 10.71
N ILE B 545 -46.22 -39.00 10.39
CA ILE B 545 -45.10 -39.52 9.62
C ILE B 545 -43.83 -39.61 10.45
N VAL B 546 -43.14 -40.74 10.34
CA VAL B 546 -41.88 -40.92 11.06
C VAL B 546 -40.75 -41.25 10.10
N ARG B 547 -39.86 -40.28 9.89
CA ARG B 547 -38.73 -40.47 9.01
C ARG B 547 -37.48 -40.59 9.85
N ASN B 548 -36.72 -41.64 9.62
CA ASN B 548 -35.49 -41.79 10.34
C ASN B 548 -34.38 -41.20 9.48
N SER B 549 -33.34 -40.66 10.11
CA SER B 549 -32.26 -40.04 9.37
C SER B 549 -31.62 -41.01 8.39
N ASN B 550 -31.64 -42.30 8.73
CA ASN B 550 -31.07 -43.32 7.87
C ASN B 550 -31.86 -43.46 6.56
N GLU B 551 -33.06 -42.89 6.51
CA GLU B 551 -33.90 -42.95 5.33
C GLU B 551 -33.82 -41.70 4.44
N PHE B 552 -33.17 -40.65 4.93
CA PHE B 552 -33.04 -39.42 4.16
C PHE B 552 -32.47 -39.73 2.78
N VAL B 553 -33.22 -39.44 1.73
CA VAL B 553 -32.79 -39.74 0.38
C VAL B 553 -31.54 -39.04 -0.13
N ILE B 554 -31.26 -37.86 0.41
CA ILE B 554 -30.11 -37.09 -0.02
C ILE B 554 -28.74 -37.71 0.29
N PHE B 555 -28.65 -38.59 1.28
CA PHE B 555 -27.36 -39.17 1.67
C PHE B 555 -27.09 -40.64 1.35
N LYS B 556 -25.82 -41.02 1.32
CA LYS B 556 -25.42 -42.38 1.01
C LYS B 556 -24.60 -43.06 2.11
N GLU B 557 -24.45 -44.38 1.99
CA GLU B 557 -23.67 -45.16 2.93
C GLU B 557 -22.22 -44.97 2.56
N ASP B 558 -21.32 -45.30 3.47
CA ASP B 558 -19.89 -45.19 3.20
C ASP B 558 -19.52 -46.24 2.15
N SER B 559 -18.53 -45.93 1.32
CA SER B 559 -18.07 -46.89 0.33
C SER B 559 -17.43 -48.09 1.03
N LEU B 560 -17.40 -49.21 0.32
CA LEU B 560 -16.76 -50.41 0.86
C LEU B 560 -15.43 -50.56 0.13
N PRO B 561 -14.47 -51.27 0.74
CA PRO B 561 -13.17 -51.46 0.06
C PRO B 561 -13.41 -52.37 -1.14
N SER B 562 -12.61 -52.24 -2.20
CA SER B 562 -12.76 -53.08 -3.38
C SER B 562 -12.75 -54.57 -3.03
N THR B 563 -12.02 -54.95 -2.00
CA THR B 563 -11.97 -56.35 -1.61
C THR B 563 -13.33 -56.90 -1.18
N GLU B 564 -14.09 -56.13 -0.40
CA GLU B 564 -15.40 -56.58 0.06
C GLU B 564 -16.40 -56.60 -1.10
N LEU B 565 -16.07 -55.89 -2.16
CA LEU B 565 -16.94 -55.85 -3.34
C LEU B 565 -16.90 -57.23 -3.99
N TYR B 566 -15.70 -57.79 -4.11
CA TYR B 566 -15.52 -59.10 -4.71
C TYR B 566 -16.35 -60.18 -4.02
N LYS B 567 -16.33 -60.19 -2.69
CA LYS B 567 -17.08 -61.19 -1.93
C LYS B 567 -18.58 -61.05 -2.16
N LEU B 568 -19.04 -59.81 -2.34
CA LEU B 568 -20.45 -59.54 -2.55
C LEU B 568 -20.91 -59.93 -3.95
N LEU B 569 -20.01 -59.82 -4.91
CA LEU B 569 -20.30 -60.18 -6.29
C LEU B 569 -20.55 -61.69 -6.39
N GLU B 570 -19.86 -62.45 -5.55
CA GLU B 570 -20.00 -63.91 -5.54
C GLU B 570 -21.45 -64.30 -5.27
N LYS B 571 -22.20 -63.37 -4.68
CA LYS B 571 -23.60 -63.61 -4.35
C LYS B 571 -24.54 -62.88 -5.31
N GLY B 572 -23.99 -62.36 -6.40
CA GLY B 572 -24.81 -61.64 -7.36
C GLY B 572 -25.35 -60.34 -6.80
N LYS B 573 -24.53 -59.67 -6.00
CA LYS B 573 -24.95 -58.41 -5.37
C LYS B 573 -23.85 -57.33 -5.31
N VAL B 574 -24.30 -56.08 -5.29
CA VAL B 574 -23.41 -54.93 -5.18
C VAL B 574 -24.07 -53.99 -4.16
N PRO B 575 -23.26 -53.17 -3.46
CA PRO B 575 -23.86 -52.24 -2.49
C PRO B 575 -24.84 -51.31 -3.22
N PHE B 576 -26.04 -51.14 -2.69
CA PHE B 576 -27.03 -50.31 -3.36
C PHE B 576 -26.60 -48.86 -3.59
N ASP B 577 -26.25 -48.16 -2.52
CA ASP B 577 -25.85 -46.76 -2.65
C ASP B 577 -24.63 -46.56 -3.53
N MET B 578 -23.62 -47.42 -3.34
CA MET B 578 -22.39 -47.34 -4.13
C MET B 578 -22.65 -47.48 -5.62
N SER B 579 -23.71 -48.21 -5.97
CA SER B 579 -24.04 -48.44 -7.35
C SER B 579 -24.87 -47.35 -8.01
N GLU B 580 -25.92 -46.90 -7.33
CA GLU B 580 -26.80 -45.89 -7.90
C GLU B 580 -26.72 -44.50 -7.29
N ASP B 581 -26.09 -44.39 -6.13
CA ASP B 581 -26.00 -43.09 -5.47
C ASP B 581 -24.57 -42.74 -5.09
N PHE B 582 -23.61 -43.06 -5.97
CA PHE B 582 -22.21 -42.78 -5.68
C PHE B 582 -21.93 -41.29 -5.49
N GLY B 583 -22.74 -40.44 -6.11
CA GLY B 583 -22.55 -39.01 -6.01
C GLY B 583 -23.18 -38.33 -4.81
N TYR B 584 -23.89 -39.07 -3.98
CA TYR B 584 -24.51 -38.47 -2.80
C TYR B 584 -23.48 -38.18 -1.73
N LEU B 585 -23.83 -37.28 -0.82
CA LEU B 585 -22.95 -36.90 0.28
C LEU B 585 -23.11 -37.96 1.37
N PRO B 586 -21.99 -38.46 1.92
CA PRO B 586 -22.03 -39.49 2.97
C PRO B 586 -22.93 -39.09 4.13
N LYS B 587 -23.90 -39.93 4.47
CA LYS B 587 -24.82 -39.58 5.56
C LYS B 587 -24.15 -39.35 6.90
N ARG B 588 -22.92 -39.83 7.09
CA ARG B 588 -22.24 -39.63 8.36
C ARG B 588 -21.82 -38.18 8.54
N LEU B 589 -21.86 -37.41 7.46
CA LEU B 589 -21.47 -36.00 7.49
C LEU B 589 -22.65 -35.07 7.36
N MET B 590 -23.88 -35.57 7.46
CA MET B 590 -25.07 -34.72 7.30
C MET B 590 -25.22 -33.66 8.38
N LEU B 591 -24.63 -33.91 9.54
CA LEU B 591 -24.69 -33.00 10.67
C LEU B 591 -23.32 -32.42 10.98
N PRO B 592 -23.23 -31.09 11.16
CA PRO B 592 -21.92 -30.49 11.48
C PRO B 592 -21.58 -30.89 12.91
N ARG B 593 -20.29 -31.00 13.22
CA ARG B 593 -19.89 -31.37 14.57
C ARG B 593 -20.61 -30.44 15.53
N GLY B 594 -21.22 -31.01 16.57
CA GLY B 594 -21.92 -30.20 17.54
C GLY B 594 -20.96 -29.65 18.57
N THR B 595 -21.50 -29.15 19.68
CA THR B 595 -20.67 -28.62 20.76
C THR B 595 -21.10 -29.42 22.00
N LYS B 596 -20.30 -29.38 23.06
CA LYS B 596 -20.65 -30.14 24.24
C LYS B 596 -21.99 -29.70 24.84
N GLY B 597 -22.24 -28.39 24.79
CA GLY B 597 -23.47 -27.85 25.33
C GLY B 597 -24.64 -27.86 24.35
N GLY B 598 -24.36 -28.18 23.09
CA GLY B 598 -25.40 -28.19 22.07
C GLY B 598 -25.46 -26.87 21.33
N PHE B 599 -25.31 -26.91 20.00
CA PHE B 599 -25.34 -25.71 19.20
C PHE B 599 -26.67 -25.58 18.47
N PRO B 600 -27.27 -24.38 18.50
CA PRO B 600 -28.56 -24.07 17.87
C PRO B 600 -28.63 -24.08 16.35
N PHE B 601 -29.71 -24.68 15.85
CA PHE B 601 -30.02 -24.80 14.44
C PHE B 601 -31.53 -25.00 14.43
N GLN B 602 -32.09 -25.25 13.25
CA GLN B 602 -33.51 -25.51 13.19
C GLN B 602 -33.86 -26.35 11.98
N PHE B 603 -34.79 -27.27 12.18
CA PHE B 603 -35.24 -28.11 11.09
C PHE B 603 -36.52 -27.51 10.57
N VAL B 604 -36.81 -27.76 9.31
CA VAL B 604 -38.01 -27.24 8.71
C VAL B 604 -38.57 -28.28 7.76
N VAL B 605 -39.86 -28.57 7.90
CA VAL B 605 -40.53 -29.52 7.03
C VAL B 605 -41.55 -28.75 6.21
N PHE B 606 -41.48 -28.93 4.90
CA PHE B 606 -42.38 -28.27 3.97
C PHE B 606 -43.03 -29.34 3.12
N VAL B 607 -44.36 -29.30 3.03
CA VAL B 607 -45.08 -30.29 2.26
C VAL B 607 -45.93 -29.58 1.23
N TYR B 608 -45.85 -30.03 -0.03
CA TYR B 608 -46.60 -29.42 -1.11
C TYR B 608 -47.25 -30.45 -2.02
N PRO B 609 -48.19 -30.03 -2.86
CA PRO B 609 -48.90 -30.92 -3.79
C PRO B 609 -47.99 -31.65 -4.77
N PHE B 610 -48.11 -32.98 -4.80
CA PHE B 610 -47.31 -33.77 -5.73
C PHE B 610 -47.98 -33.72 -7.08
N GLU B 611 -47.28 -33.24 -8.09
CA GLU B 611 -47.86 -33.15 -9.41
C GLU B 611 -46.95 -33.53 -10.59
N SER B 612 -46.67 -32.56 -11.45
CA SER B 612 -45.86 -32.80 -12.64
C SER B 612 -44.42 -33.26 -12.40
N THR B 613 -44.03 -34.32 -13.10
CA THR B 613 -42.69 -34.89 -13.01
C THR B 613 -42.21 -35.06 -14.45
N THR B 614 -42.71 -34.19 -15.33
CA THR B 614 -42.39 -34.23 -16.74
C THR B 614 -40.93 -33.89 -17.10
N LYS B 615 -40.30 -33.03 -16.30
CA LYS B 615 -38.91 -32.65 -16.58
C LYS B 615 -37.97 -32.97 -15.42
N ASN B 616 -38.20 -34.12 -14.78
CA ASN B 616 -37.37 -34.55 -13.66
C ASN B 616 -35.95 -34.87 -14.12
N LEU B 617 -35.04 -34.97 -13.16
CA LEU B 617 -33.64 -35.26 -13.46
C LEU B 617 -33.22 -36.61 -12.87
N THR B 618 -34.13 -37.57 -12.92
CA THR B 618 -33.85 -38.90 -12.39
C THR B 618 -32.60 -39.56 -13.01
N PRO B 619 -32.37 -39.36 -14.32
CA PRO B 619 -31.20 -39.96 -14.99
C PRO B 619 -29.86 -39.51 -14.36
N TYR B 620 -29.85 -38.32 -13.77
CA TYR B 620 -28.67 -37.76 -13.13
C TYR B 620 -28.65 -38.18 -11.66
N GLU B 621 -29.54 -37.60 -10.86
CA GLU B 621 -29.66 -37.92 -9.43
C GLU B 621 -31.07 -38.45 -9.15
N LYS B 622 -31.14 -39.64 -8.60
CA LYS B 622 -32.41 -40.30 -8.29
C LYS B 622 -33.46 -39.50 -7.51
N PHE B 623 -33.04 -38.73 -6.52
CA PHE B 623 -33.99 -37.96 -5.69
C PHE B 623 -34.65 -36.75 -6.34
N MET B 624 -34.17 -36.35 -7.53
CA MET B 624 -34.73 -35.20 -8.24
C MET B 624 -35.95 -35.61 -9.07
N ILE B 625 -36.99 -36.08 -8.39
CA ILE B 625 -38.21 -36.57 -9.03
C ILE B 625 -39.34 -35.59 -9.24
N ASP B 626 -39.02 -34.31 -9.31
CA ASP B 626 -40.08 -33.32 -9.47
C ASP B 626 -39.77 -32.29 -10.53
N ASN B 627 -40.75 -31.44 -10.79
CA ASN B 627 -40.65 -30.39 -11.78
C ASN B 627 -40.21 -29.10 -11.10
N LYS B 628 -40.40 -29.04 -9.79
CA LYS B 628 -40.05 -27.85 -9.02
C LYS B 628 -38.56 -27.56 -9.13
N PRO B 629 -38.18 -26.27 -9.07
CA PRO B 629 -36.75 -25.94 -9.17
C PRO B 629 -35.98 -26.54 -8.01
N LEU B 630 -34.77 -27.01 -8.28
CA LEU B 630 -33.94 -27.61 -7.23
C LEU B 630 -33.76 -26.68 -6.05
N GLY B 631 -34.03 -27.17 -4.85
CA GLY B 631 -33.89 -26.34 -3.66
C GLY B 631 -35.20 -25.74 -3.17
N TYR B 632 -36.27 -25.97 -3.94
CA TYR B 632 -37.63 -25.47 -3.62
C TYR B 632 -38.00 -25.87 -2.19
N PRO B 633 -38.61 -24.94 -1.43
CA PRO B 633 -38.98 -23.58 -1.84
C PRO B 633 -37.93 -22.52 -1.53
N PHE B 634 -36.71 -22.95 -1.18
CA PHE B 634 -35.64 -22.02 -0.85
C PHE B 634 -34.66 -21.83 -2.02
N ASP B 635 -35.16 -22.01 -3.24
CA ASP B 635 -34.32 -21.87 -4.43
C ASP B 635 -34.14 -20.42 -4.83
N ARG B 636 -34.97 -19.56 -4.28
CA ARG B 636 -34.95 -18.13 -4.58
C ARG B 636 -35.62 -17.45 -3.39
N PRO B 637 -35.61 -16.11 -3.34
CA PRO B 637 -36.29 -15.46 -2.20
C PRO B 637 -37.80 -15.71 -2.27
N VAL B 638 -38.51 -15.37 -1.20
CA VAL B 638 -39.96 -15.57 -1.16
C VAL B 638 -40.64 -14.25 -0.81
N ASP B 639 -41.84 -14.03 -1.34
CA ASP B 639 -42.59 -12.81 -1.05
C ASP B 639 -42.67 -12.65 0.46
N THR B 640 -41.89 -11.72 1.00
CA THR B 640 -41.85 -11.50 2.43
C THR B 640 -43.23 -11.45 3.09
N SER B 641 -43.36 -12.22 4.16
CA SER B 641 -44.60 -12.28 4.91
C SER B 641 -44.30 -12.81 6.31
N CYS B 642 -44.43 -11.92 7.29
CA CYS B 642 -44.19 -12.23 8.68
C CYS B 642 -45.18 -13.29 9.16
N PHE B 643 -45.98 -13.82 8.24
CA PHE B 643 -46.98 -14.82 8.57
C PHE B 643 -46.76 -16.15 7.83
N LYS B 644 -46.32 -17.15 8.58
CA LYS B 644 -46.02 -18.48 8.07
C LYS B 644 -47.19 -19.22 7.40
N GLN B 645 -46.87 -20.08 6.44
CA GLN B 645 -47.86 -20.88 5.74
C GLN B 645 -48.18 -22.07 6.64
N PRO B 646 -49.41 -22.59 6.58
CA PRO B 646 -49.71 -23.73 7.46
C PRO B 646 -48.95 -25.00 7.08
N ASN B 647 -48.64 -25.16 5.80
CA ASN B 647 -47.92 -26.36 5.36
C ASN B 647 -46.40 -26.33 5.54
N ILE B 648 -45.90 -25.46 6.41
CA ILE B 648 -44.46 -25.38 6.69
C ILE B 648 -44.26 -25.25 8.20
N PHE B 649 -43.24 -25.90 8.74
CA PHE B 649 -43.03 -25.86 10.18
C PHE B 649 -41.55 -25.77 10.55
N PHE B 650 -41.21 -24.85 11.44
CA PHE B 650 -39.83 -24.71 11.88
C PHE B 650 -39.69 -25.23 13.30
N ARG B 651 -38.65 -26.02 13.54
CA ARG B 651 -38.42 -26.56 14.88
C ARG B 651 -37.00 -26.29 15.35
N ASP B 652 -36.88 -25.68 16.52
CA ASP B 652 -35.56 -25.43 17.09
C ASP B 652 -34.93 -26.79 17.37
N VAL B 653 -33.63 -26.86 17.16
CA VAL B 653 -32.89 -28.09 17.35
C VAL B 653 -31.50 -27.77 17.88
N SER B 654 -30.91 -28.69 18.64
CA SER B 654 -29.58 -28.50 19.18
C SER B 654 -28.69 -29.68 18.81
N VAL B 655 -27.49 -29.38 18.30
CA VAL B 655 -26.56 -30.42 17.92
C VAL B 655 -25.46 -30.54 18.97
N TYR B 656 -25.48 -31.67 19.70
CA TYR B 656 -24.50 -31.93 20.75
C TYR B 656 -23.39 -32.79 20.19
N HIS B 657 -22.27 -32.86 20.91
CA HIS B 657 -21.17 -33.70 20.47
C HIS B 657 -20.67 -34.57 21.63
N GLU B 658 -20.63 -35.88 21.40
CA GLU B 658 -20.19 -36.84 22.41
C GLU B 658 -18.77 -37.31 22.17
N GLY B 659 -18.16 -37.77 23.25
CA GLY B 659 -16.81 -38.27 23.16
C GLY B 659 -15.81 -37.14 23.06
N GLU B 660 -14.63 -37.46 22.55
CA GLU B 660 -13.60 -36.46 22.40
C GLU B 660 -14.01 -35.45 21.34
N TYR B 661 -13.77 -34.17 21.62
CA TYR B 661 -14.13 -33.11 20.70
C TYR B 661 -13.16 -33.02 19.53
N HIS B 662 -11.86 -33.15 19.82
CA HIS B 662 -10.86 -33.08 18.77
C HIS B 662 -10.60 -34.48 18.20
N ALA B 663 -10.69 -34.60 16.89
CA ALA B 663 -10.47 -35.87 16.24
C ALA B 663 -9.11 -36.50 16.54
N TYR B 664 -8.05 -35.69 16.62
CA TYR B 664 -6.72 -36.22 16.85
C TYR B 664 -6.53 -36.97 18.17
N GLU B 665 -7.40 -36.70 19.12
CA GLU B 665 -7.29 -37.38 20.41
C GLU B 665 -7.41 -38.90 20.23
N TYR B 666 -8.19 -39.32 19.24
CA TYR B 666 -8.35 -40.74 18.99
C TYR B 666 -7.12 -41.34 18.30
N ASN B 667 -6.22 -40.48 17.83
CA ASN B 667 -5.01 -40.97 17.19
C ASN B 667 -3.80 -40.91 18.13
N VAL B 668 -4.04 -40.63 19.40
CA VAL B 668 -2.96 -40.60 20.38
C VAL B 668 -2.61 -42.04 20.73
N PRO B 669 -1.35 -42.45 20.55
CA PRO B 669 -0.92 -43.82 20.85
C PRO B 669 -1.39 -44.39 22.19
N ALA B 670 -1.29 -43.62 23.26
CA ALA B 670 -1.72 -44.08 24.58
C ALA B 670 -3.20 -44.45 24.57
N TYR B 671 -3.95 -43.82 23.67
CA TYR B 671 -5.38 -44.10 23.59
C TYR B 671 -5.68 -45.35 22.78
N PHE B 672 -5.19 -45.43 21.54
CA PHE B 672 -5.49 -46.59 20.71
C PHE B 672 -4.73 -47.86 21.07
N SER B 673 -3.91 -47.78 22.11
CA SER B 673 -3.15 -48.95 22.59
C SER B 673 -3.88 -49.44 23.84
N HIS B 674 -4.91 -48.70 24.23
CA HIS B 674 -5.74 -49.01 25.39
C HIS B 674 -4.96 -49.19 26.69
N HIS C 1 30.22 -1.64 -52.14
CA HIS C 1 28.77 -1.42 -51.93
C HIS C 1 28.25 -0.13 -52.59
N VAL C 2 27.56 -0.29 -53.71
CA VAL C 2 27.00 0.84 -54.46
C VAL C 2 25.52 0.99 -54.13
N LEU C 3 25.06 2.22 -53.99
CA LEU C 3 23.67 2.47 -53.66
C LEU C 3 22.80 2.56 -54.93
N LYS C 4 21.72 1.79 -54.93
CA LYS C 4 20.80 1.76 -56.05
C LYS C 4 20.20 3.16 -56.25
N THR C 5 20.18 3.60 -57.51
CA THR C 5 19.64 4.90 -57.87
C THR C 5 18.40 4.75 -58.76
N LYS C 6 17.77 5.88 -59.08
CA LYS C 6 16.58 5.89 -59.93
C LYS C 6 16.60 7.17 -60.78
N ASP C 7 16.09 7.10 -62.00
CA ASP C 7 16.06 8.26 -62.89
C ASP C 7 14.77 9.05 -62.80
N VAL C 8 14.88 10.38 -62.78
CA VAL C 8 13.73 11.27 -62.69
C VAL C 8 13.80 12.40 -63.72
N ASP C 9 12.64 12.85 -64.18
CA ASP C 9 12.59 13.93 -65.19
C ASP C 9 12.76 15.33 -64.62
N THR C 10 12.72 16.32 -65.52
CA THR C 10 12.89 17.74 -65.18
C THR C 10 11.79 18.27 -64.27
N VAL C 11 10.55 17.85 -64.51
CA VAL C 11 9.42 18.29 -63.68
C VAL C 11 9.71 17.87 -62.23
N PHE C 12 9.92 16.57 -62.04
CA PHE C 12 10.22 15.99 -60.74
C PHE C 12 11.38 16.75 -60.08
N VAL C 13 12.50 16.85 -60.81
CA VAL C 13 13.66 17.53 -60.28
C VAL C 13 13.33 18.92 -59.75
N GLU C 14 12.50 19.67 -60.47
CA GLU C 14 12.12 21.01 -60.06
C GLU C 14 11.26 21.06 -58.83
N ARG C 15 10.38 20.07 -58.67
CA ARG C 15 9.49 20.02 -57.51
C ARG C 15 10.33 19.59 -56.31
N GLN C 16 11.26 18.66 -56.53
CA GLN C 16 12.12 18.18 -55.46
C GLN C 16 12.91 19.34 -54.88
N LYS C 17 13.37 20.24 -55.74
CA LYS C 17 14.15 21.39 -55.29
C LYS C 17 13.24 22.36 -54.52
N LYS C 18 11.98 22.41 -54.93
CA LYS C 18 11.02 23.29 -54.29
C LYS C 18 10.67 22.80 -52.89
N VAL C 19 10.41 21.50 -52.75
CA VAL C 19 10.06 20.95 -51.45
C VAL C 19 11.26 21.02 -50.50
N LEU C 20 12.45 20.79 -51.02
CA LEU C 20 13.63 20.86 -50.17
C LEU C 20 13.95 22.29 -49.74
N SER C 21 13.43 23.27 -50.48
CA SER C 21 13.69 24.68 -50.18
C SER C 21 12.97 25.11 -48.91
N LEU C 22 12.03 24.29 -48.46
CA LEU C 22 11.27 24.60 -47.24
C LEU C 22 11.72 23.78 -46.04
N PHE C 23 12.74 22.96 -46.23
CA PHE C 23 13.30 22.14 -45.16
C PHE C 23 14.64 22.68 -44.65
N GLN C 24 14.95 23.94 -44.94
CA GLN C 24 16.22 24.53 -44.52
C GLN C 24 16.08 25.47 -43.34
N ASP C 25 17.04 25.41 -42.43
CA ASP C 25 17.05 26.29 -41.25
C ASP C 25 15.62 26.51 -40.76
N VAL C 26 14.89 25.41 -40.63
CA VAL C 26 13.49 25.37 -40.23
C VAL C 26 13.00 26.18 -39.02
N ASP C 27 13.86 26.43 -38.03
CA ASP C 27 13.42 27.18 -36.85
C ASP C 27 13.57 28.69 -37.01
N GLN C 28 14.02 29.09 -38.20
CA GLN C 28 14.25 30.49 -38.49
C GLN C 28 13.61 30.85 -39.83
N LEU C 29 13.35 32.14 -40.04
CA LEU C 29 12.78 32.61 -41.29
C LEU C 29 13.84 33.37 -42.07
N ASN C 30 13.95 33.10 -43.36
CA ASN C 30 14.95 33.81 -44.16
C ASN C 30 14.24 34.73 -45.13
N THR C 31 14.11 36.00 -44.78
CA THR C 31 13.44 36.98 -45.64
C THR C 31 14.14 37.15 -46.97
N ASN C 32 15.34 36.61 -47.11
CA ASN C 32 16.06 36.71 -48.36
C ASN C 32 15.69 35.56 -49.29
N ASP C 33 15.07 34.53 -48.73
CA ASP C 33 14.68 33.36 -49.50
C ASP C 33 13.41 33.61 -50.30
N GLU C 34 13.36 33.05 -51.49
CA GLU C 34 12.21 33.23 -52.35
C GLU C 34 10.90 32.88 -51.63
N TYR C 35 10.89 31.76 -50.91
CA TYR C 35 9.69 31.31 -50.22
C TYR C 35 9.08 32.35 -49.29
N TYR C 36 9.90 33.21 -48.72
CA TYR C 36 9.40 34.22 -47.80
C TYR C 36 8.51 35.24 -48.49
N LYS C 37 8.97 35.78 -49.61
CA LYS C 37 8.17 36.77 -50.30
C LYS C 37 6.88 36.13 -50.78
N ILE C 38 6.99 34.92 -51.34
CA ILE C 38 5.82 34.19 -51.81
C ILE C 38 4.80 33.93 -50.71
N GLY C 39 5.26 33.33 -49.62
CA GLY C 39 4.39 33.01 -48.51
C GLY C 39 3.82 34.17 -47.73
N LYS C 40 4.60 35.21 -47.54
CA LYS C 40 4.14 36.36 -46.77
C LYS C 40 2.89 37.04 -47.34
N ASP C 41 2.80 37.13 -48.67
CA ASP C 41 1.65 37.80 -49.29
C ASP C 41 0.63 36.87 -49.92
N TYR C 42 0.89 35.58 -49.93
CA TYR C 42 -0.06 34.65 -50.52
C TYR C 42 -1.43 34.82 -49.86
N ASP C 43 -2.44 35.02 -50.70
CA ASP C 43 -3.82 35.19 -50.22
C ASP C 43 -4.60 33.92 -50.50
N ILE C 44 -4.81 33.12 -49.45
CA ILE C 44 -5.55 31.87 -49.59
C ILE C 44 -6.98 32.10 -50.04
N GLU C 45 -7.66 33.02 -49.37
CA GLU C 45 -9.05 33.34 -49.70
C GLU C 45 -9.18 33.62 -51.20
N ALA C 46 -8.40 34.59 -51.68
CA ALA C 46 -8.42 34.97 -53.09
C ALA C 46 -8.19 33.81 -54.06
N ASN C 47 -7.47 32.78 -53.61
CA ASN C 47 -7.20 31.62 -54.46
C ASN C 47 -8.04 30.40 -54.13
N ILE C 48 -9.08 30.59 -53.33
CA ILE C 48 -9.92 29.47 -52.94
C ILE C 48 -10.30 28.56 -54.11
N ASP C 49 -10.43 29.15 -55.29
CA ASP C 49 -10.79 28.40 -56.50
C ASP C 49 -9.70 27.41 -56.90
N ASN C 50 -8.53 27.51 -56.26
CA ASN C 50 -7.40 26.62 -56.58
C ASN C 50 -7.26 25.41 -55.67
N TYR C 51 -8.33 25.06 -54.97
CA TYR C 51 -8.33 23.92 -54.08
C TYR C 51 -9.55 23.09 -54.50
N THR C 52 -9.43 21.77 -54.45
CA THR C 52 -10.51 20.89 -54.85
C THR C 52 -11.61 20.68 -53.79
N ASN C 53 -11.41 21.23 -52.61
CA ASN C 53 -12.38 21.11 -51.52
C ASN C 53 -12.51 22.46 -50.84
N LYS C 54 -13.50 23.22 -51.24
CA LYS C 54 -13.71 24.55 -50.66
C LYS C 54 -14.07 24.56 -49.19
N LYS C 55 -14.75 23.53 -48.73
CA LYS C 55 -15.12 23.49 -47.32
C LYS C 55 -13.84 23.41 -46.48
N ALA C 56 -12.95 22.51 -46.86
CA ALA C 56 -11.69 22.33 -46.15
C ALA C 56 -10.97 23.67 -46.00
N VAL C 57 -10.88 24.42 -47.10
CA VAL C 57 -10.22 25.71 -47.08
C VAL C 57 -10.91 26.72 -46.19
N GLU C 58 -12.23 26.73 -46.21
CA GLU C 58 -12.97 27.68 -45.38
C GLU C 58 -12.78 27.32 -43.91
N ASP C 59 -12.73 26.03 -43.61
CA ASP C 59 -12.55 25.61 -42.23
C ASP C 59 -11.16 26.07 -41.76
N PHE C 60 -10.16 25.92 -42.61
CA PHE C 60 -8.80 26.35 -42.25
C PHE C 60 -8.76 27.88 -42.02
N LEU C 61 -9.44 28.61 -42.89
CA LEU C 61 -9.48 30.06 -42.78
C LEU C 61 -10.23 30.50 -41.55
N LYS C 62 -11.33 29.81 -41.26
CA LYS C 62 -12.15 30.12 -40.08
C LYS C 62 -11.33 29.87 -38.82
N MET C 63 -10.61 28.75 -38.83
CA MET C 63 -9.77 28.37 -37.69
C MET C 63 -8.57 29.30 -37.56
N TYR C 64 -7.90 29.55 -38.67
CA TYR C 64 -6.73 30.42 -38.68
C TYR C 64 -7.03 31.84 -38.19
N ARG C 65 -8.25 32.32 -38.43
CA ARG C 65 -8.60 33.66 -38.00
C ARG C 65 -8.69 33.78 -36.48
N CYS C 66 -8.85 32.64 -35.81
CA CYS C 66 -8.91 32.64 -34.36
C CYS C 66 -7.54 32.46 -33.73
N GLY C 67 -6.56 32.09 -34.56
CA GLY C 67 -5.21 31.92 -34.05
C GLY C 67 -4.75 30.48 -34.00
N PHE C 68 -3.46 30.27 -34.18
CA PHE C 68 -2.86 28.95 -34.14
C PHE C 68 -1.75 28.95 -33.10
N LEU C 69 -1.20 27.77 -32.83
CA LEU C 69 -0.10 27.62 -31.89
C LEU C 69 1.00 28.63 -32.28
N PRO C 70 1.55 29.35 -31.30
CA PRO C 70 2.61 30.33 -31.60
C PRO C 70 3.93 29.67 -31.96
N LYS C 71 4.78 30.44 -32.64
CA LYS C 71 6.09 29.95 -33.02
C LYS C 71 6.92 29.68 -31.77
N TYR C 72 7.80 28.70 -31.87
CA TYR C 72 8.70 28.29 -30.79
C TYR C 72 8.08 27.36 -29.76
N ASN C 73 6.77 27.33 -29.65
CA ASN C 73 6.13 26.41 -28.72
C ASN C 73 6.28 25.01 -29.29
N GLU C 74 6.32 24.01 -28.41
CA GLU C 74 6.43 22.63 -28.86
C GLU C 74 5.14 22.15 -29.48
N PHE C 75 5.27 21.41 -30.58
CA PHE C 75 4.11 20.87 -31.24
C PHE C 75 4.07 19.35 -31.08
N SER C 76 2.88 18.82 -30.81
CA SER C 76 2.66 17.39 -30.64
C SER C 76 1.26 17.06 -31.14
N VAL C 77 1.15 16.03 -31.96
CA VAL C 77 -0.14 15.63 -32.51
C VAL C 77 -1.06 14.95 -31.47
N PHE C 78 -0.53 14.68 -30.29
CA PHE C 78 -1.31 14.04 -29.23
C PHE C 78 -2.16 15.01 -28.41
N HIS C 79 -2.05 16.29 -28.73
CA HIS C 79 -2.82 17.32 -28.05
C HIS C 79 -3.88 17.85 -29.03
N ASP C 80 -5.14 17.76 -28.61
CA ASP C 80 -6.31 18.19 -29.39
C ASP C 80 -6.19 19.41 -30.28
N LYS C 81 -6.12 20.59 -29.66
CA LYS C 81 -6.02 21.83 -30.41
C LYS C 81 -4.91 21.79 -31.44
N LEU C 82 -3.74 21.33 -31.01
CA LEU C 82 -2.60 21.22 -31.90
C LEU C 82 -2.87 20.28 -33.07
N ARG C 83 -3.51 19.16 -32.80
CA ARG C 83 -3.82 18.19 -33.86
C ARG C 83 -4.85 18.76 -34.83
N ASP C 84 -5.90 19.35 -34.30
CA ASP C 84 -6.94 19.91 -35.14
C ASP C 84 -6.38 20.97 -36.11
N GLU C 85 -5.52 21.84 -35.60
CA GLU C 85 -4.91 22.89 -36.42
C GLU C 85 -4.01 22.28 -37.48
N ALA C 86 -3.30 21.22 -37.12
CA ALA C 86 -2.40 20.55 -38.05
C ALA C 86 -3.16 19.87 -39.16
N ILE C 87 -4.30 19.27 -38.81
CA ILE C 87 -5.13 18.57 -39.79
C ILE C 87 -5.71 19.55 -40.78
N ALA C 88 -6.17 20.70 -40.28
CA ALA C 88 -6.72 21.73 -41.16
C ALA C 88 -5.60 22.13 -42.12
N LEU C 89 -4.39 22.31 -41.58
CA LEU C 89 -3.24 22.68 -42.40
C LEU C 89 -2.95 21.58 -43.42
N PHE C 90 -3.10 20.33 -43.02
CA PHE C 90 -2.85 19.23 -43.94
C PHE C 90 -3.85 19.23 -45.09
N HIS C 91 -5.10 19.59 -44.79
CA HIS C 91 -6.15 19.64 -45.80
C HIS C 91 -5.89 20.77 -46.80
N LEU C 92 -5.46 21.92 -46.27
CA LEU C 92 -5.14 23.05 -47.11
C LEU C 92 -4.09 22.58 -48.13
N PHE C 93 -3.10 21.80 -47.66
CA PHE C 93 -2.03 21.30 -48.52
C PHE C 93 -2.46 20.17 -49.45
N TYR C 94 -3.26 19.25 -48.92
CA TYR C 94 -3.72 18.08 -49.66
C TYR C 94 -4.68 18.43 -50.80
N TYR C 95 -5.50 19.45 -50.58
CA TYR C 95 -6.49 19.85 -51.58
C TYR C 95 -6.06 20.93 -52.57
N ALA C 96 -4.78 21.28 -52.55
CA ALA C 96 -4.30 22.27 -53.51
C ALA C 96 -4.44 21.53 -54.84
N LYS C 97 -5.01 22.21 -55.84
CA LYS C 97 -5.25 21.57 -57.14
C LYS C 97 -4.00 21.11 -57.87
N ASP C 98 -2.88 21.80 -57.64
CA ASP C 98 -1.63 21.46 -58.30
C ASP C 98 -0.42 21.85 -57.47
N PHE C 99 0.71 21.22 -57.77
CA PHE C 99 1.94 21.47 -57.04
C PHE C 99 2.20 22.93 -56.72
N ASP C 100 1.97 23.80 -57.69
CA ASP C 100 2.23 25.21 -57.48
C ASP C 100 1.38 25.84 -56.39
N THR C 101 0.10 25.44 -56.31
CA THR C 101 -0.77 25.99 -55.28
C THR C 101 -0.33 25.40 -53.95
N PHE C 102 0.09 24.14 -54.01
CA PHE C 102 0.56 23.45 -52.82
C PHE C 102 1.77 24.20 -52.27
N TYR C 103 2.77 24.41 -53.14
CA TYR C 103 3.99 25.10 -52.74
C TYR C 103 3.67 26.44 -52.09
N LYS C 104 2.83 27.21 -52.73
CA LYS C 104 2.48 28.52 -52.18
C LYS C 104 1.79 28.40 -50.81
N SER C 105 0.95 27.38 -50.64
CA SER C 105 0.27 27.19 -49.37
C SER C 105 1.31 26.85 -48.29
N ALA C 106 2.25 25.98 -48.66
CA ALA C 106 3.33 25.55 -47.78
C ALA C 106 4.20 26.73 -47.39
N ALA C 107 4.56 27.56 -48.37
CA ALA C 107 5.40 28.74 -48.12
C ALA C 107 4.66 29.69 -47.19
N PHE C 108 3.34 29.73 -47.33
CA PHE C 108 2.49 30.57 -46.49
C PHE C 108 2.61 30.05 -45.05
N ALA C 109 2.45 28.74 -44.91
CA ALA C 109 2.52 28.07 -43.62
C ALA C 109 3.88 28.26 -42.95
N ARG C 110 4.94 28.01 -43.71
CA ARG C 110 6.30 28.14 -43.19
C ARG C 110 6.58 29.53 -42.64
N VAL C 111 5.99 30.55 -43.24
CA VAL C 111 6.21 31.93 -42.80
C VAL C 111 5.33 32.31 -41.61
N HIS C 112 4.06 31.89 -41.65
CA HIS C 112 3.10 32.26 -40.62
C HIS C 112 2.86 31.33 -39.44
N LEU C 113 3.11 30.04 -39.62
CA LEU C 113 2.82 29.07 -38.57
C LEU C 113 3.99 28.52 -37.76
N ASN C 114 3.64 27.82 -36.68
CA ASN C 114 4.60 27.19 -35.79
C ASN C 114 5.46 26.21 -36.59
N GLN C 115 6.78 26.37 -36.51
CA GLN C 115 7.69 25.51 -37.26
C GLN C 115 7.32 24.05 -37.20
N GLY C 116 7.25 23.49 -35.99
CA GLY C 116 6.91 22.07 -35.86
C GLY C 116 5.59 21.72 -36.49
N GLN C 117 4.60 22.57 -36.26
CA GLN C 117 3.27 22.32 -36.82
C GLN C 117 3.34 22.28 -38.34
N PHE C 118 4.11 23.21 -38.91
CA PHE C 118 4.24 23.25 -40.35
C PHE C 118 4.97 22.03 -40.88
N LEU C 119 6.12 21.73 -40.31
CA LEU C 119 6.90 20.58 -40.75
C LEU C 119 6.08 19.30 -40.72
N TYR C 120 5.24 19.17 -39.69
CA TYR C 120 4.38 18.01 -39.52
C TYR C 120 3.41 17.81 -40.68
N ALA C 121 2.58 18.83 -40.95
CA ALA C 121 1.60 18.75 -42.04
C ALA C 121 2.34 18.68 -43.39
N TYR C 122 3.48 19.34 -43.47
CA TYR C 122 4.27 19.34 -44.70
C TYR C 122 4.72 17.91 -45.01
N TYR C 123 5.39 17.28 -44.06
CA TYR C 123 5.87 15.91 -44.23
C TYR C 123 4.76 15.00 -44.75
N ILE C 124 3.58 15.09 -44.15
CA ILE C 124 2.46 14.24 -44.54
C ILE C 124 1.88 14.57 -45.92
N ALA C 125 1.69 15.85 -46.21
CA ALA C 125 1.15 16.24 -47.51
C ALA C 125 2.03 15.70 -48.62
N ILE C 126 3.35 15.80 -48.44
CA ILE C 126 4.30 15.32 -49.43
C ILE C 126 4.12 13.83 -49.65
N ILE C 127 3.72 13.11 -48.61
CA ILE C 127 3.52 11.67 -48.73
C ILE C 127 2.17 11.32 -49.36
N GLN C 128 1.16 12.13 -49.08
CA GLN C 128 -0.19 11.87 -49.60
C GLN C 128 -0.52 12.39 -51.01
N ARG C 129 -0.13 13.63 -51.32
CA ARG C 129 -0.41 14.20 -52.65
C ARG C 129 0.12 13.32 -53.77
N LYS C 130 -0.70 13.10 -54.80
CA LYS C 130 -0.28 12.27 -55.94
C LYS C 130 0.83 12.91 -56.76
N ASP C 131 0.80 14.23 -56.91
CA ASP C 131 1.83 14.87 -57.72
C ASP C 131 3.19 14.94 -57.07
N THR C 132 3.28 14.56 -55.79
CA THR C 132 4.56 14.59 -55.08
C THR C 132 5.04 13.18 -54.81
N TYR C 133 4.35 12.19 -55.37
CA TYR C 133 4.71 10.80 -55.19
C TYR C 133 6.14 10.53 -55.64
N GLY C 134 6.93 9.90 -54.78
CA GLY C 134 8.30 9.61 -55.15
C GLY C 134 9.24 10.71 -54.72
N ILE C 135 8.70 11.86 -54.32
CA ILE C 135 9.56 12.95 -53.88
C ILE C 135 10.32 12.44 -52.67
N VAL C 136 11.63 12.72 -52.61
CA VAL C 136 12.45 12.26 -51.50
C VAL C 136 12.33 13.16 -50.28
N LEU C 137 12.07 12.56 -49.13
CA LEU C 137 11.92 13.29 -47.87
C LEU C 137 13.23 13.40 -47.11
N PRO C 138 13.50 14.57 -46.51
CA PRO C 138 14.78 14.62 -45.79
C PRO C 138 14.67 13.74 -44.54
N ALA C 139 15.81 13.27 -44.04
CA ALA C 139 15.82 12.42 -42.84
C ALA C 139 15.21 13.20 -41.70
N PRO C 140 14.35 12.55 -40.90
CA PRO C 140 13.79 13.31 -39.80
C PRO C 140 14.82 13.81 -38.78
N TYR C 141 15.90 13.06 -38.57
CA TYR C 141 16.90 13.52 -37.62
C TYR C 141 17.64 14.76 -38.10
N GLU C 142 17.46 15.08 -39.38
CA GLU C 142 18.09 16.25 -39.99
C GLU C 142 17.17 17.45 -39.80
N ILE C 143 15.87 17.18 -39.76
CA ILE C 143 14.88 18.23 -39.60
C ILE C 143 14.55 18.50 -38.14
N TYR C 144 14.68 17.49 -37.30
CA TYR C 144 14.40 17.61 -35.87
C TYR C 144 15.61 17.13 -35.07
N PRO C 145 16.78 17.72 -35.32
CA PRO C 145 17.94 17.24 -34.55
C PRO C 145 17.73 17.29 -33.05
N GLU C 146 16.98 18.28 -32.57
CA GLU C 146 16.74 18.42 -31.14
C GLU C 146 15.84 17.33 -30.56
N LEU C 147 15.37 16.44 -31.41
CA LEU C 147 14.53 15.32 -30.97
C LEU C 147 15.28 14.00 -31.22
N PHE C 148 16.49 14.09 -31.78
CA PHE C 148 17.29 12.90 -32.08
C PHE C 148 18.69 12.88 -31.45
N VAL C 149 19.05 13.90 -30.70
CA VAL C 149 20.36 13.91 -30.08
C VAL C 149 20.22 14.55 -28.69
N ASN C 150 20.86 13.92 -27.69
CA ASN C 150 20.80 14.40 -26.31
C ASN C 150 21.33 15.83 -26.17
N ILE C 151 20.93 16.52 -25.11
CA ILE C 151 21.34 17.91 -24.92
C ILE C 151 22.82 18.18 -24.75
N ASP C 152 23.56 17.19 -24.27
CA ASP C 152 24.99 17.42 -24.06
C ASP C 152 25.68 17.79 -25.37
N THR C 153 25.27 17.16 -26.47
CA THR C 153 25.87 17.46 -27.76
C THR C 153 25.23 18.71 -28.36
N THR C 154 23.93 18.89 -28.12
CA THR C 154 23.24 20.07 -28.62
C THR C 154 23.88 21.33 -28.02
N TYR C 155 24.20 21.27 -26.73
CA TYR C 155 24.81 22.41 -26.04
C TYR C 155 26.20 22.70 -26.59
N LYS C 156 26.89 21.65 -27.05
CA LYS C 156 28.21 21.80 -27.62
C LYS C 156 28.09 22.57 -28.93
N MET C 157 27.06 22.25 -29.72
CA MET C 157 26.86 22.94 -30.99
C MET C 157 26.52 24.40 -30.69
N PHE C 158 25.70 24.64 -29.68
CA PHE C 158 25.33 26.00 -29.30
C PHE C 158 26.59 26.79 -28.94
N ARG C 159 27.48 26.16 -28.18
CA ARG C 159 28.71 26.83 -27.75
C ARG C 159 29.56 27.20 -28.96
N THR C 160 29.67 26.26 -29.90
CA THR C 160 30.46 26.48 -31.09
C THR C 160 29.92 27.67 -31.87
N LYS C 161 28.61 27.73 -32.01
CA LYS C 161 27.96 28.80 -32.77
C LYS C 161 28.05 30.16 -32.09
N MET C 162 28.00 30.18 -30.77
CA MET C 162 28.11 31.42 -30.02
C MET C 162 29.53 31.95 -30.06
N GLN C 163 30.50 31.04 -30.17
CA GLN C 163 31.92 31.44 -30.22
C GLN C 163 32.30 31.71 -31.66
N ASN C 164 31.43 31.28 -32.56
CA ASN C 164 31.65 31.42 -33.99
C ASN C 164 32.90 30.63 -34.39
N GLY C 165 32.94 29.39 -33.94
CA GLY C 165 34.05 28.53 -34.24
C GLY C 165 34.64 27.99 -32.96
N LEU C 166 35.78 27.31 -33.05
CA LEU C 166 36.43 26.77 -31.88
C LEU C 166 37.49 27.74 -31.42
N ILE C 167 37.50 28.03 -30.13
CA ILE C 167 38.50 28.95 -29.60
C ILE C 167 39.80 28.21 -29.29
N ASN C 168 39.70 26.92 -29.00
CA ASN C 168 40.87 26.08 -28.72
C ASN C 168 40.56 24.65 -29.18
N PRO C 169 40.79 24.38 -30.48
CA PRO C 169 40.56 23.08 -31.12
C PRO C 169 41.14 21.90 -30.37
N GLU C 170 42.34 22.11 -29.83
CA GLU C 170 43.03 21.04 -29.13
C GLU C 170 42.31 20.62 -27.87
N ALA C 171 41.68 21.57 -27.19
CA ALA C 171 40.96 21.26 -25.97
C ALA C 171 39.63 20.64 -26.33
N ALA C 172 38.96 21.24 -27.31
CA ALA C 172 37.65 20.78 -27.78
C ALA C 172 37.60 19.29 -28.12
N VAL C 173 38.72 18.73 -28.56
CA VAL C 173 38.75 17.31 -28.90
C VAL C 173 38.35 16.43 -27.69
N GLU C 174 38.86 16.79 -26.51
CA GLU C 174 38.56 16.03 -25.29
C GLU C 174 37.07 16.00 -24.96
N TYR C 175 36.28 16.82 -25.66
CA TYR C 175 34.84 16.87 -25.43
C TYR C 175 34.04 16.36 -26.62
N GLY C 176 34.72 15.71 -27.55
CA GLY C 176 34.02 15.17 -28.71
C GLY C 176 33.83 16.14 -29.86
N ILE C 177 34.42 17.33 -29.76
CA ILE C 177 34.28 18.33 -30.81
C ILE C 177 35.53 18.30 -31.69
N VAL C 178 35.33 17.98 -32.97
CA VAL C 178 36.43 17.89 -33.94
C VAL C 178 36.10 18.63 -35.24
N LYS C 179 37.13 19.19 -35.86
CA LYS C 179 36.93 19.90 -37.12
C LYS C 179 37.51 19.06 -38.25
N GLU C 180 36.68 18.75 -39.26
CA GLU C 180 37.09 17.98 -40.43
C GLU C 180 36.64 18.77 -41.64
N ASP C 181 37.58 19.14 -42.51
CA ASP C 181 37.24 19.93 -43.69
C ASP C 181 36.65 21.24 -43.17
N ASN C 182 35.45 21.56 -43.64
CA ASN C 182 34.78 22.76 -43.18
C ASN C 182 33.60 22.43 -42.28
N HIS C 183 33.61 21.22 -41.75
CA HIS C 183 32.56 20.75 -40.87
C HIS C 183 33.05 20.66 -39.44
N TYR C 184 32.11 20.81 -38.51
CA TYR C 184 32.39 20.67 -37.10
C TYR C 184 31.67 19.37 -36.76
N VAL C 185 32.44 18.35 -36.38
CA VAL C 185 31.88 17.06 -36.07
C VAL C 185 31.74 16.87 -34.57
N TYR C 186 30.59 16.34 -34.18
CA TYR C 186 30.29 16.11 -32.77
C TYR C 186 30.00 14.64 -32.50
N TYR C 187 30.87 14.00 -31.71
CA TYR C 187 30.69 12.59 -31.33
C TYR C 187 29.60 12.62 -30.26
N SER C 188 28.51 11.90 -30.50
CA SER C 188 27.37 11.88 -29.60
C SER C 188 27.05 10.51 -28.99
N ASN C 189 27.12 10.45 -27.67
CA ASN C 189 26.85 9.23 -26.93
C ASN C 189 25.38 8.96 -26.71
N TYR C 190 25.03 7.69 -26.56
CA TYR C 190 23.66 7.34 -26.23
C TYR C 190 23.62 7.65 -24.74
N SER C 191 22.42 7.77 -24.18
CA SER C 191 22.27 8.14 -22.78
C SER C 191 22.88 7.21 -21.74
N ASN C 192 23.08 5.94 -22.08
CA ASN C 192 23.65 4.99 -21.14
C ASN C 192 25.12 5.28 -20.84
N ALA C 193 25.70 6.21 -21.57
CA ALA C 193 27.11 6.56 -21.32
C ALA C 193 27.18 7.75 -20.35
N ILE C 194 26.02 8.31 -19.99
CA ILE C 194 25.99 9.45 -19.08
C ILE C 194 25.14 9.22 -17.84
N THR C 195 24.16 8.33 -17.93
CA THR C 195 23.29 8.02 -16.78
C THR C 195 22.73 6.61 -16.93
N TYR C 196 22.88 5.82 -15.88
CA TYR C 196 22.43 4.43 -15.89
C TYR C 196 21.41 4.14 -14.80
N TYR C 197 20.30 4.87 -14.83
CA TYR C 197 19.25 4.73 -13.81
C TYR C 197 18.56 3.36 -13.67
N ASN C 198 18.53 2.54 -14.71
CA ASN C 198 17.96 1.20 -14.59
C ASN C 198 18.57 0.31 -15.65
N GLU C 199 18.39 -1.00 -15.52
CA GLU C 199 18.98 -1.94 -16.46
C GLU C 199 18.58 -1.75 -17.92
N GLU C 200 17.44 -1.14 -18.16
CA GLU C 200 16.99 -0.91 -19.54
C GLU C 200 17.94 0.01 -20.31
N GLN C 201 18.78 0.75 -19.58
CA GLN C 201 19.75 1.65 -20.21
C GLN C 201 20.72 0.89 -21.07
N ARG C 202 20.89 -0.40 -20.77
CA ARG C 202 21.80 -1.26 -21.48
C ARG C 202 21.39 -1.33 -22.95
N LEU C 203 20.13 -1.02 -23.23
CA LEU C 203 19.59 -1.06 -24.58
C LEU C 203 19.60 0.29 -25.35
N ALA C 204 20.17 1.32 -24.74
CA ALA C 204 20.21 2.65 -25.34
C ALA C 204 20.73 2.78 -26.77
N TYR C 205 21.69 1.95 -27.16
CA TYR C 205 22.25 2.04 -28.51
C TYR C 205 21.19 1.69 -29.54
N PHE C 206 20.19 0.93 -29.12
CA PHE C 206 19.10 0.52 -30.00
C PHE C 206 17.86 1.40 -29.88
N THR C 207 17.39 1.60 -28.66
CA THR C 207 16.20 2.41 -28.47
C THR C 207 16.42 3.87 -28.86
N GLU C 208 17.68 4.29 -28.93
CA GLU C 208 17.96 5.67 -29.28
C GLU C 208 18.54 5.82 -30.68
N ASP C 209 18.65 4.71 -31.39
CA ASP C 209 19.18 4.76 -32.74
C ASP C 209 18.29 5.69 -33.59
N ILE C 210 18.89 6.69 -34.23
CA ILE C 210 18.12 7.63 -35.03
C ILE C 210 17.34 6.98 -36.17
N GLY C 211 17.84 5.85 -36.68
CA GLY C 211 17.14 5.17 -37.76
C GLY C 211 15.89 4.47 -37.25
N LEU C 212 16.01 3.83 -36.09
CA LEU C 212 14.88 3.13 -35.50
C LEU C 212 13.78 4.11 -35.20
N ASN C 213 14.14 5.25 -34.62
CA ASN C 213 13.15 6.26 -34.32
C ASN C 213 12.55 6.88 -35.59
N ALA C 214 13.39 7.25 -36.56
CA ALA C 214 12.90 7.83 -37.80
C ALA C 214 11.88 6.87 -38.38
N TYR C 215 12.19 5.58 -38.29
CA TYR C 215 11.32 4.53 -38.78
C TYR C 215 9.91 4.66 -38.19
N TYR C 216 9.80 4.96 -36.90
CA TYR C 216 8.49 5.08 -36.29
C TYR C 216 7.77 6.30 -36.83
N PHE C 217 8.50 7.40 -36.95
CA PHE C 217 7.95 8.65 -37.47
C PHE C 217 7.40 8.43 -38.89
N PHE C 218 8.12 7.68 -39.71
CA PHE C 218 7.66 7.42 -41.08
C PHE C 218 6.41 6.57 -41.11
N PHE C 219 6.32 5.63 -40.16
CA PHE C 219 5.16 4.76 -40.07
C PHE C 219 3.93 5.64 -39.86
N HIS C 220 4.08 6.64 -39.00
CA HIS C 220 2.99 7.56 -38.68
C HIS C 220 2.55 8.49 -39.82
N ILE C 221 3.49 9.24 -40.39
CA ILE C 221 3.13 10.17 -41.45
C ILE C 221 2.68 9.46 -42.71
N HIS C 222 3.04 8.19 -42.83
CA HIS C 222 2.64 7.40 -43.98
C HIS C 222 1.13 7.27 -43.99
N LEU C 223 0.56 7.19 -42.78
CA LEU C 223 -0.89 7.06 -42.61
C LEU C 223 -1.26 7.32 -41.14
N PRO C 224 -1.47 8.60 -40.80
CA PRO C 224 -1.83 9.00 -39.42
C PRO C 224 -3.07 8.27 -38.90
N PHE C 225 -3.10 8.03 -37.60
CA PHE C 225 -4.24 7.38 -36.96
C PHE C 225 -5.50 8.24 -37.10
N TRP C 226 -5.32 9.55 -37.23
CA TRP C 226 -6.46 10.44 -37.36
C TRP C 226 -7.05 10.54 -38.75
N TRP C 227 -6.43 9.86 -39.71
CA TRP C 227 -6.92 9.91 -41.09
C TRP C 227 -7.47 8.56 -41.54
N THR C 228 -8.41 8.61 -42.47
CA THR C 228 -8.98 7.38 -43.03
C THR C 228 -7.94 6.80 -43.97
N ALA C 229 -8.04 5.51 -44.25
CA ALA C 229 -7.08 4.87 -45.15
C ALA C 229 -7.65 4.81 -46.57
N GLU C 230 -8.74 5.54 -46.80
CA GLU C 230 -9.42 5.60 -48.10
C GLU C 230 -8.48 5.67 -49.30
N LYS C 231 -7.62 6.69 -49.31
CA LYS C 231 -6.66 6.91 -50.39
C LYS C 231 -5.93 5.64 -50.83
N TYR C 232 -5.69 4.72 -49.90
CA TYR C 232 -4.97 3.50 -50.26
C TYR C 232 -5.85 2.33 -50.68
N GLY C 233 -7.08 2.63 -51.07
CA GLY C 233 -8.01 1.61 -51.52
C GLY C 233 -8.21 0.37 -50.66
N ASN C 234 -7.52 -0.72 -50.98
CA ASN C 234 -7.64 -1.98 -50.24
C ASN C 234 -7.11 -1.92 -48.81
N LEU C 235 -6.13 -1.06 -48.58
CA LEU C 235 -5.55 -0.93 -47.25
C LEU C 235 -6.66 -0.71 -46.22
N LYS C 236 -7.67 0.07 -46.58
CA LYS C 236 -8.78 0.36 -45.67
C LYS C 236 -9.41 -0.90 -45.05
N GLU C 237 -9.73 -1.89 -45.88
CA GLU C 237 -10.34 -3.14 -45.41
C GLU C 237 -9.37 -4.04 -44.64
N ARG C 238 -8.07 -3.83 -44.85
CA ARG C 238 -7.05 -4.64 -44.18
C ARG C 238 -6.25 -3.81 -43.18
N ARG C 239 -6.71 -2.61 -42.90
CA ARG C 239 -5.99 -1.72 -41.98
C ARG C 239 -5.60 -2.39 -40.68
N GLY C 240 -6.55 -3.09 -40.06
CA GLY C 240 -6.28 -3.77 -38.79
C GLY C 240 -5.13 -4.74 -38.90
N GLU C 241 -5.06 -5.42 -40.03
CA GLU C 241 -4.02 -6.39 -40.30
C GLU C 241 -2.67 -5.65 -40.30
N MET C 242 -2.63 -4.51 -40.98
CA MET C 242 -1.40 -3.72 -41.06
C MET C 242 -0.94 -3.19 -39.70
N TYR C 243 -1.90 -2.92 -38.81
CA TYR C 243 -1.61 -2.41 -37.47
C TYR C 243 -0.94 -3.52 -36.66
N HIS C 244 -1.53 -4.71 -36.70
CA HIS C 244 -1.00 -5.85 -35.98
C HIS C 244 0.42 -6.17 -36.46
N TYR C 245 0.58 -6.28 -37.76
CA TYR C 245 1.88 -6.60 -38.35
C TYR C 245 2.98 -5.59 -38.01
N PHE C 246 2.70 -4.31 -38.16
CA PHE C 246 3.71 -3.33 -37.85
C PHE C 246 4.23 -3.46 -36.41
N TYR C 247 3.31 -3.42 -35.45
CA TYR C 247 3.69 -3.50 -34.04
C TYR C 247 4.25 -4.85 -33.60
N ASP C 248 3.62 -5.95 -34.03
CA ASP C 248 4.12 -7.25 -33.64
C ASP C 248 5.57 -7.42 -34.09
N GLN C 249 5.85 -7.06 -35.34
CA GLN C 249 7.19 -7.17 -35.88
C GLN C 249 8.16 -6.29 -35.10
N LEU C 250 7.76 -5.06 -34.80
CA LEU C 250 8.60 -4.13 -34.05
C LEU C 250 8.85 -4.62 -32.61
N LEU C 251 7.80 -5.13 -31.97
CA LEU C 251 7.91 -5.65 -30.61
C LEU C 251 8.80 -6.88 -30.61
N THR C 252 8.70 -7.68 -31.67
CA THR C 252 9.50 -8.89 -31.78
C THR C 252 10.96 -8.55 -32.01
N ARG C 253 11.21 -7.54 -32.85
CA ARG C 253 12.57 -7.12 -33.13
C ARG C 253 13.20 -6.60 -31.83
N TYR C 254 12.44 -5.77 -31.11
CA TYR C 254 12.89 -5.21 -29.84
C TYR C 254 13.12 -6.34 -28.81
N TYR C 255 12.27 -7.36 -28.83
CA TYR C 255 12.41 -8.50 -27.92
C TYR C 255 13.75 -9.19 -28.17
N PHE C 256 14.14 -9.26 -29.45
CA PHE C 256 15.42 -9.91 -29.77
C PHE C 256 16.57 -9.12 -29.15
N GLU C 257 16.45 -7.80 -29.14
CA GLU C 257 17.52 -6.98 -28.57
C GLU C 257 17.60 -7.23 -27.05
N ARG C 258 16.45 -7.44 -26.41
CA ARG C 258 16.41 -7.71 -24.98
C ARG C 258 17.09 -9.05 -24.70
N LEU C 259 16.77 -10.02 -25.55
CA LEU C 259 17.29 -11.38 -25.39
C LEU C 259 18.82 -11.44 -25.39
N THR C 260 19.45 -10.81 -26.38
CA THR C 260 20.90 -10.85 -26.44
C THR C 260 21.52 -9.99 -25.34
N ASN C 261 20.68 -9.26 -24.61
CA ASN C 261 21.18 -8.42 -23.52
C ASN C 261 20.71 -8.93 -22.16
N GLY C 262 20.22 -10.17 -22.13
CA GLY C 262 19.75 -10.77 -20.88
C GLY C 262 18.60 -10.04 -20.21
N LEU C 263 17.78 -9.30 -20.96
CA LEU C 263 16.67 -8.57 -20.37
C LEU C 263 15.31 -9.24 -20.43
N GLY C 264 15.25 -10.46 -20.95
CA GLY C 264 13.98 -11.17 -21.01
C GLY C 264 12.80 -10.59 -21.78
N THR C 265 11.60 -11.05 -21.42
CA THR C 265 10.41 -10.60 -22.10
C THR C 265 10.06 -9.16 -21.77
N ILE C 266 9.22 -8.58 -22.62
CA ILE C 266 8.78 -7.20 -22.43
C ILE C 266 7.96 -7.17 -21.13
N PRO C 267 8.37 -6.36 -20.16
CA PRO C 267 7.68 -6.23 -18.87
C PRO C 267 6.18 -5.99 -18.97
N GLU C 268 5.43 -6.51 -18.00
CA GLU C 268 3.99 -6.28 -17.96
C GLU C 268 3.74 -5.31 -16.81
N PHE C 269 2.74 -4.46 -16.94
CA PHE C 269 2.45 -3.49 -15.87
C PHE C 269 0.98 -3.44 -15.49
N SER C 270 0.67 -2.65 -14.48
CA SER C 270 -0.69 -2.49 -13.98
C SER C 270 -0.96 -1.00 -13.82
N TRP C 271 -2.17 -0.57 -14.13
CA TRP C 271 -2.49 0.86 -13.96
C TRP C 271 -2.69 1.21 -12.49
N TYR C 272 -2.75 0.18 -11.63
CA TYR C 272 -2.98 0.38 -10.22
C TYR C 272 -1.77 0.10 -9.33
N SER C 273 -0.61 -0.05 -9.94
CA SER C 273 0.62 -0.32 -9.19
C SER C 273 1.73 0.52 -9.79
N PRO C 274 2.80 0.75 -9.02
CA PRO C 274 3.92 1.55 -9.50
C PRO C 274 4.49 0.99 -10.80
N VAL C 275 4.81 1.86 -11.74
CA VAL C 275 5.40 1.44 -13.00
C VAL C 275 6.89 1.29 -12.72
N LYS C 276 7.39 0.08 -12.85
CA LYS C 276 8.79 -0.21 -12.55
C LYS C 276 9.88 0.50 -13.36
N THR C 277 9.84 0.40 -14.68
CA THR C 277 10.91 1.00 -15.47
C THR C 277 10.67 2.46 -15.78
N GLY C 278 11.53 3.32 -15.25
CA GLY C 278 11.40 4.73 -15.51
C GLY C 278 12.17 5.16 -16.73
N HIS C 279 12.09 6.45 -17.04
CA HIS C 279 12.78 6.99 -18.18
C HIS C 279 13.11 8.48 -17.98
N TYR C 280 14.33 8.86 -18.33
CA TYR C 280 14.77 10.24 -18.23
C TYR C 280 15.18 10.78 -19.59
N PRO C 281 14.29 11.51 -20.25
CA PRO C 281 14.62 12.05 -21.58
C PRO C 281 15.65 13.16 -21.45
N LEU C 282 16.81 12.99 -22.08
CA LEU C 282 17.84 14.02 -22.02
C LEU C 282 17.61 15.00 -23.17
N LEU C 283 16.35 15.35 -23.38
CA LEU C 283 15.93 16.27 -24.42
C LEU C 283 15.27 17.48 -23.78
N THR C 284 15.21 18.57 -24.52
CA THR C 284 14.61 19.80 -24.02
C THR C 284 13.80 20.47 -25.13
N SER C 285 12.81 21.27 -24.73
CA SER C 285 12.03 22.02 -25.70
C SER C 285 12.59 23.43 -25.58
N TYR C 286 11.96 24.41 -26.23
CA TYR C 286 12.47 25.77 -26.14
C TYR C 286 12.05 26.43 -24.83
N TYR C 287 11.09 25.83 -24.12
CA TYR C 287 10.59 26.40 -22.88
C TYR C 287 10.71 25.52 -21.64
N THR C 288 10.94 24.23 -21.82
CA THR C 288 11.03 23.34 -20.68
C THR C 288 11.75 22.03 -20.94
N PRO C 289 12.23 21.37 -19.89
CA PRO C 289 12.90 20.10 -20.11
C PRO C 289 11.79 19.07 -20.30
N PHE C 290 12.10 17.95 -20.95
CA PHE C 290 11.09 16.90 -21.12
C PHE C 290 10.77 16.35 -19.74
N SER C 291 9.55 15.86 -19.57
CA SER C 291 9.16 15.31 -18.28
C SER C 291 9.83 13.96 -18.08
N GLN C 292 10.19 13.69 -16.83
CA GLN C 292 10.86 12.46 -16.46
C GLN C 292 9.93 11.60 -15.60
N ARG C 293 10.05 10.28 -15.75
CA ARG C 293 9.26 9.34 -14.98
C ARG C 293 10.27 8.48 -14.24
N PRO C 294 10.42 8.71 -12.94
CA PRO C 294 11.38 7.94 -12.15
C PRO C 294 10.98 6.47 -12.07
N ASN C 295 11.92 5.62 -11.69
CA ASN C 295 11.64 4.19 -11.54
C ASN C 295 10.55 4.07 -10.48
N PHE C 296 9.73 3.02 -10.55
CA PHE C 296 8.67 2.80 -9.59
C PHE C 296 7.80 4.03 -9.42
N TYR C 297 7.33 4.53 -10.56
CA TYR C 297 6.48 5.71 -10.61
C TYR C 297 5.06 5.41 -10.14
N ASN C 298 4.60 6.17 -9.14
CA ASN C 298 3.26 6.02 -8.59
C ASN C 298 2.26 6.60 -9.59
N VAL C 299 1.90 5.78 -10.57
CA VAL C 299 0.98 6.16 -11.64
C VAL C 299 -0.48 6.33 -11.20
N HIS C 300 -0.86 5.63 -10.13
CA HIS C 300 -2.21 5.68 -9.62
C HIS C 300 -2.38 6.81 -8.60
N SER C 301 -2.34 8.05 -9.09
CA SER C 301 -2.50 9.22 -8.22
C SER C 301 -3.77 9.95 -8.62
N GLU C 302 -4.24 10.85 -7.76
CA GLU C 302 -5.46 11.61 -8.05
C GLU C 302 -5.52 12.21 -9.45
N GLU C 303 -4.39 12.69 -9.96
CA GLU C 303 -4.41 13.28 -11.30
C GLU C 303 -4.81 12.26 -12.39
N ASN C 304 -4.55 10.97 -12.15
CA ASN C 304 -4.87 9.97 -13.15
C ASN C 304 -6.08 9.07 -12.89
N TYR C 305 -6.76 9.26 -11.76
CA TYR C 305 -7.90 8.43 -11.42
C TYR C 305 -8.90 8.25 -12.56
N GLU C 306 -9.40 9.36 -13.10
CA GLU C 306 -10.38 9.30 -14.18
C GLU C 306 -9.80 8.69 -15.45
N LYS C 307 -8.57 9.06 -15.80
CA LYS C 307 -7.95 8.51 -17.00
C LYS C 307 -7.75 7.00 -16.89
N ILE C 308 -7.34 6.55 -15.71
CA ILE C 308 -7.11 5.14 -15.48
C ILE C 308 -8.42 4.34 -15.55
N ARG C 309 -9.52 4.94 -15.13
CA ARG C 309 -10.82 4.26 -15.20
C ARG C 309 -11.20 4.14 -16.68
N PHE C 310 -10.87 5.15 -17.47
CA PHE C 310 -11.14 5.13 -18.91
C PHE C 310 -10.33 4.01 -19.54
N LEU C 311 -9.05 3.94 -19.18
CA LEU C 311 -8.17 2.92 -19.72
C LEU C 311 -8.64 1.53 -19.33
N ASP C 312 -9.05 1.36 -18.09
CA ASP C 312 -9.52 0.07 -17.61
C ASP C 312 -10.76 -0.34 -18.38
N ALA C 313 -11.69 0.60 -18.52
CA ALA C 313 -12.93 0.35 -19.26
C ALA C 313 -12.64 -0.07 -20.71
N TYR C 314 -11.73 0.64 -21.35
CA TYR C 314 -11.35 0.32 -22.73
C TYR C 314 -10.94 -1.15 -22.84
N GLU C 315 -10.08 -1.57 -21.92
CA GLU C 315 -9.61 -2.95 -21.87
C GLU C 315 -10.73 -3.95 -21.53
N ASN C 316 -11.63 -3.57 -20.65
CA ASN C 316 -12.72 -4.47 -20.26
C ASN C 316 -13.61 -4.78 -21.43
N TYR C 317 -13.97 -3.73 -22.17
CA TYR C 317 -14.82 -3.89 -23.33
C TYR C 317 -14.28 -4.95 -24.26
N PHE C 318 -12.98 -4.92 -24.51
CA PHE C 318 -12.36 -5.88 -25.41
C PHE C 318 -12.31 -7.29 -24.82
N VAL C 319 -12.00 -7.39 -23.54
CA VAL C 319 -11.93 -8.69 -22.88
C VAL C 319 -13.32 -9.34 -22.87
N GLN C 320 -14.34 -8.55 -22.55
CA GLN C 320 -15.71 -9.05 -22.54
C GLN C 320 -16.21 -9.45 -23.94
N ALA C 321 -15.84 -8.67 -24.95
CA ALA C 321 -16.22 -8.97 -26.33
C ALA C 321 -15.69 -10.35 -26.71
N LEU C 322 -14.44 -10.58 -26.38
CA LEU C 322 -13.81 -11.86 -26.67
C LEU C 322 -14.56 -12.98 -25.94
N GLN C 323 -14.89 -12.73 -24.67
CA GLN C 323 -15.57 -13.74 -23.88
C GLN C 323 -16.95 -14.06 -24.47
N LYS C 324 -17.67 -13.03 -24.90
CA LYS C 324 -19.00 -13.25 -25.48
C LYS C 324 -19.03 -13.48 -26.99
N GLY C 325 -17.85 -13.64 -27.58
CA GLY C 325 -17.73 -13.93 -28.99
C GLY C 325 -18.22 -12.90 -30.00
N VAL C 326 -18.37 -11.64 -29.59
CA VAL C 326 -18.85 -10.65 -30.52
C VAL C 326 -18.56 -9.21 -30.08
N PHE C 327 -18.24 -8.37 -31.06
CA PHE C 327 -17.96 -6.97 -30.81
C PHE C 327 -19.25 -6.20 -31.10
N GLU C 328 -19.72 -5.41 -30.14
CA GLU C 328 -20.94 -4.63 -30.33
C GLU C 328 -20.63 -3.15 -30.17
N GLY C 329 -21.40 -2.33 -30.88
CA GLY C 329 -21.18 -0.91 -30.82
C GLY C 329 -20.49 -0.41 -32.07
N PHE C 330 -20.24 0.89 -32.14
CA PHE C 330 -19.61 1.50 -33.31
C PHE C 330 -20.39 1.24 -34.58
N GLY C 331 -21.72 1.21 -34.44
CA GLY C 331 -22.57 1.00 -35.59
C GLY C 331 -22.70 -0.38 -36.20
N GLN C 332 -22.29 -1.42 -35.47
CA GLN C 332 -22.39 -2.76 -36.02
C GLN C 332 -22.20 -3.89 -35.01
N THR C 333 -22.46 -5.10 -35.47
CA THR C 333 -22.32 -6.31 -34.65
C THR C 333 -21.35 -7.24 -35.39
N ILE C 334 -20.17 -7.47 -34.81
CA ILE C 334 -19.18 -8.32 -35.47
C ILE C 334 -18.75 -9.53 -34.65
N TYR C 335 -19.14 -10.72 -35.08
CA TYR C 335 -18.73 -11.94 -34.38
C TYR C 335 -17.24 -12.11 -34.66
N LEU C 336 -16.55 -12.84 -33.79
CA LEU C 336 -15.12 -13.03 -33.95
C LEU C 336 -14.67 -13.60 -35.30
N ASN C 337 -15.47 -14.48 -35.90
CA ASN C 337 -15.08 -15.06 -37.18
C ASN C 337 -15.51 -14.24 -38.40
N ASP C 338 -16.10 -13.07 -38.16
CA ASP C 338 -16.52 -12.22 -39.27
C ASP C 338 -15.27 -11.76 -40.01
N SER C 339 -15.36 -11.66 -41.34
CA SER C 339 -14.21 -11.23 -42.12
C SER C 339 -13.69 -9.86 -41.70
N LYS C 340 -14.59 -9.01 -41.21
CA LYS C 340 -14.22 -7.66 -40.78
C LYS C 340 -13.66 -7.59 -39.35
N ALA C 341 -13.64 -8.72 -38.66
CA ALA C 341 -13.16 -8.77 -37.27
C ALA C 341 -11.72 -8.30 -37.05
N ASN C 342 -10.79 -8.85 -37.81
CA ASN C 342 -9.38 -8.48 -37.69
C ASN C 342 -9.13 -6.97 -37.81
N SER C 343 -9.79 -6.32 -38.77
CA SER C 343 -9.60 -4.88 -38.93
C SER C 343 -10.28 -4.11 -37.82
N PHE C 344 -11.39 -4.66 -37.31
CA PHE C 344 -12.07 -3.98 -36.23
C PHE C 344 -11.21 -3.91 -34.98
N VAL C 345 -10.56 -5.01 -34.60
CA VAL C 345 -9.78 -4.94 -33.37
C VAL C 345 -8.61 -3.98 -33.51
N GLY C 346 -7.97 -3.98 -34.68
CA GLY C 346 -6.85 -3.08 -34.90
C GLY C 346 -7.32 -1.65 -34.89
N ASN C 347 -8.45 -1.37 -35.53
CA ASN C 347 -8.98 -0.01 -35.57
C ASN C 347 -9.51 0.41 -34.21
N TYR C 348 -10.01 -0.56 -33.45
CA TYR C 348 -10.51 -0.30 -32.11
C TYR C 348 -9.33 0.11 -31.22
N TRP C 349 -8.30 -0.71 -31.19
CA TRP C 349 -7.14 -0.40 -30.35
C TRP C 349 -6.43 0.89 -30.71
N GLN C 350 -6.48 1.29 -31.98
CA GLN C 350 -5.82 2.51 -32.39
C GLN C 350 -6.79 3.68 -32.32
N ASP C 351 -8.08 3.37 -32.20
CA ASP C 351 -9.12 4.37 -32.16
C ASP C 351 -8.95 5.30 -33.37
N ASN C 352 -8.77 4.71 -34.56
CA ASN C 352 -8.57 5.54 -35.76
C ASN C 352 -9.87 5.94 -36.46
N ALA C 353 -9.72 6.77 -37.49
CA ALA C 353 -10.86 7.27 -38.25
C ALA C 353 -11.74 6.17 -38.86
N ASP C 354 -11.11 5.11 -39.35
CA ASP C 354 -11.83 4.01 -39.97
C ASP C 354 -12.68 3.19 -39.01
N LEU C 355 -12.46 3.38 -37.72
CA LEU C 355 -13.25 2.66 -36.72
C LEU C 355 -14.66 3.26 -36.76
N TYR C 356 -14.72 4.56 -37.06
CA TYR C 356 -15.96 5.30 -37.13
C TYR C 356 -16.51 5.51 -38.54
N GLY C 357 -15.76 5.13 -39.56
CA GLY C 357 -16.22 5.34 -40.93
C GLY C 357 -16.24 6.82 -41.28
N GLU C 358 -15.26 7.57 -40.79
CA GLU C 358 -15.16 9.01 -41.05
C GLU C 358 -13.85 9.36 -41.75
N GLU C 359 -13.68 10.61 -42.16
CA GLU C 359 -12.46 11.04 -42.82
C GLU C 359 -11.37 11.29 -41.78
N VAL C 360 -11.70 12.07 -40.75
CA VAL C 360 -10.76 12.35 -39.68
C VAL C 360 -11.46 12.15 -38.34
N THR C 361 -10.66 11.92 -37.30
CA THR C 361 -11.18 11.70 -35.95
C THR C 361 -11.58 13.00 -35.30
N LYS C 362 -12.56 12.93 -34.40
CA LYS C 362 -13.04 14.10 -33.68
C LYS C 362 -12.52 14.12 -32.25
N ASP C 363 -12.44 15.31 -31.66
CA ASP C 363 -11.94 15.46 -30.31
C ASP C 363 -12.57 14.56 -29.27
N TYR C 364 -13.88 14.31 -29.36
CA TYR C 364 -14.55 13.48 -28.37
C TYR C 364 -14.41 11.97 -28.54
N GLN C 365 -13.71 11.54 -29.58
CA GLN C 365 -13.54 10.11 -29.78
C GLN C 365 -12.24 9.74 -29.05
N ARG C 366 -12.34 9.65 -27.73
CA ARG C 366 -11.19 9.39 -26.86
C ARG C 366 -10.32 8.18 -27.22
N SER C 367 -9.02 8.42 -27.23
CA SER C 367 -8.07 7.39 -27.61
C SER C 367 -7.32 6.71 -26.47
N TYR C 368 -7.40 5.38 -26.48
CA TYR C 368 -6.71 4.57 -25.49
C TYR C 368 -5.23 4.90 -25.59
N GLU C 369 -4.72 4.90 -26.81
CA GLU C 369 -3.30 5.18 -27.03
C GLU C 369 -2.89 6.56 -26.55
N ILE C 370 -3.72 7.57 -26.81
CA ILE C 370 -3.36 8.92 -26.40
C ILE C 370 -3.41 9.09 -24.88
N VAL C 371 -4.39 8.49 -24.23
CA VAL C 371 -4.47 8.64 -22.77
C VAL C 371 -3.39 7.82 -22.09
N ALA C 372 -3.11 6.63 -22.60
CA ALA C 372 -2.06 5.80 -22.02
C ALA C 372 -0.70 6.49 -22.12
N ARG C 373 -0.45 7.16 -23.25
CA ARG C 373 0.82 7.87 -23.46
C ARG C 373 0.87 9.03 -22.49
N GLN C 374 -0.30 9.61 -22.23
CA GLN C 374 -0.42 10.73 -21.33
C GLN C 374 0.00 10.36 -19.90
N VAL C 375 -0.54 9.26 -19.38
CA VAL C 375 -0.19 8.87 -18.02
C VAL C 375 1.19 8.21 -17.90
N LEU C 376 1.62 7.47 -18.92
CA LEU C 376 2.94 6.84 -18.82
C LEU C 376 4.02 7.91 -18.97
N GLY C 377 3.71 8.97 -19.71
CA GLY C 377 4.68 10.04 -19.90
C GLY C 377 5.01 10.81 -18.62
N ALA C 378 4.14 10.64 -17.62
CA ALA C 378 4.31 11.27 -16.31
C ALA C 378 4.43 12.79 -16.30
N ALA C 379 3.96 13.45 -17.33
CA ALA C 379 4.04 14.91 -17.35
C ALA C 379 2.87 15.55 -16.63
N PRO C 380 3.10 16.67 -15.93
CA PRO C 380 1.99 17.33 -15.22
C PRO C 380 1.03 17.87 -16.28
N LYS C 381 -0.26 17.92 -15.95
CA LYS C 381 -1.26 18.40 -16.90
C LYS C 381 -0.85 19.71 -17.58
N PRO C 382 -1.12 19.82 -18.88
CA PRO C 382 -0.81 21.00 -19.69
C PRO C 382 -1.22 22.33 -19.07
N PHE C 383 -0.33 23.30 -19.13
CA PHE C 383 -0.61 24.62 -18.58
C PHE C 383 -1.87 25.17 -19.26
N ASP C 384 -1.93 25.06 -20.58
CA ASP C 384 -3.09 25.49 -21.34
C ASP C 384 -3.05 24.77 -22.71
N LYS C 385 -4.05 24.98 -23.56
CA LYS C 385 -4.08 24.27 -24.84
C LYS C 385 -2.84 24.36 -25.73
N TYR C 386 -1.99 25.36 -25.50
CA TYR C 386 -0.79 25.56 -26.32
C TYR C 386 0.53 25.27 -25.60
N THR C 387 0.46 25.13 -24.28
CA THR C 387 1.65 24.94 -23.48
C THR C 387 1.63 23.62 -22.72
N PHE C 388 2.64 22.80 -22.92
CA PHE C 388 2.72 21.54 -22.20
C PHE C 388 4.16 21.06 -22.03
N MET C 389 4.41 20.30 -20.97
CA MET C 389 5.73 19.75 -20.72
C MET C 389 5.73 18.44 -21.48
N PRO C 390 6.54 18.34 -22.55
CA PRO C 390 6.62 17.12 -23.35
C PRO C 390 7.36 15.94 -22.75
N SER C 391 6.95 14.73 -23.14
CA SER C 391 7.61 13.49 -22.71
C SER C 391 8.03 12.83 -24.02
N ALA C 392 8.80 11.76 -23.94
CA ALA C 392 9.24 11.06 -25.14
C ALA C 392 8.04 10.41 -25.81
N LEU C 393 6.95 10.27 -25.06
CA LEU C 393 5.75 9.64 -25.58
C LEU C 393 4.82 10.62 -26.33
N ASP C 394 5.26 11.88 -26.42
CA ASP C 394 4.50 12.92 -27.14
C ASP C 394 4.93 13.05 -28.59
N PHE C 395 5.89 12.24 -29.03
CA PHE C 395 6.39 12.31 -30.38
C PHE C 395 6.62 10.94 -30.99
N TYR C 396 6.30 10.81 -32.27
CA TYR C 396 6.53 9.55 -32.95
C TYR C 396 8.04 9.41 -33.18
N GLN C 397 8.75 10.54 -33.14
CA GLN C 397 10.19 10.49 -33.36
C GLN C 397 11.03 10.22 -32.12
N THR C 398 10.39 10.14 -30.96
CA THR C 398 11.11 9.88 -29.71
C THR C 398 10.45 8.79 -28.85
N SER C 399 9.36 8.21 -29.34
CA SER C 399 8.64 7.20 -28.58
C SER C 399 9.45 5.95 -28.26
N LEU C 400 10.18 5.45 -29.24
CA LEU C 400 10.94 4.23 -29.04
C LEU C 400 12.08 4.38 -28.05
N ARG C 401 12.27 5.59 -27.54
CA ARG C 401 13.31 5.84 -26.55
C ARG C 401 12.84 5.39 -25.16
N ASP C 402 11.52 5.48 -24.95
CA ASP C 402 10.88 5.14 -23.67
C ASP C 402 10.47 3.68 -23.56
N PRO C 403 11.04 2.96 -22.57
CA PRO C 403 10.76 1.55 -22.30
C PRO C 403 9.28 1.22 -22.20
N THR C 404 8.48 2.13 -21.66
CA THR C 404 7.06 1.86 -21.52
C THR C 404 6.34 1.87 -22.85
N PHE C 405 6.99 2.42 -23.87
CA PHE C 405 6.39 2.42 -25.20
C PHE C 405 6.15 0.96 -25.58
N TYR C 406 7.22 0.16 -25.51
CA TYR C 406 7.10 -1.25 -25.84
C TYR C 406 6.16 -1.98 -24.88
N GLN C 407 6.12 -1.55 -23.62
CA GLN C 407 5.24 -2.19 -22.65
C GLN C 407 3.78 -1.90 -22.97
N LEU C 408 3.51 -0.67 -23.43
CA LEU C 408 2.16 -0.28 -23.79
C LEU C 408 1.68 -1.08 -25.02
N TYR C 409 2.45 -1.02 -26.10
CA TYR C 409 2.05 -1.73 -27.30
C TYR C 409 2.13 -3.23 -27.16
N ASN C 410 3.01 -3.70 -26.27
CA ASN C 410 3.08 -5.13 -26.04
C ASN C 410 1.79 -5.56 -25.36
N ARG C 411 1.24 -4.67 -24.54
CA ARG C 411 -0.01 -4.95 -23.82
C ARG C 411 -1.14 -5.00 -24.86
N ILE C 412 -1.14 -4.05 -25.79
CA ILE C 412 -2.15 -3.98 -26.86
C ILE C 412 -2.05 -5.18 -27.81
N ILE C 413 -0.84 -5.51 -28.24
CA ILE C 413 -0.67 -6.66 -29.14
C ILE C 413 -0.98 -7.95 -28.37
N GLY C 414 -0.83 -7.91 -27.05
CA GLY C 414 -1.14 -9.08 -26.24
C GLY C 414 -2.62 -9.38 -26.43
N TYR C 415 -3.44 -8.33 -26.44
CA TYR C 415 -4.87 -8.48 -26.63
C TYR C 415 -5.20 -8.91 -28.06
N PHE C 416 -4.45 -8.38 -29.02
CA PHE C 416 -4.65 -8.73 -30.41
C PHE C 416 -4.31 -10.20 -30.62
N ASN C 417 -3.22 -10.66 -30.01
CA ASN C 417 -2.84 -12.06 -30.14
C ASN C 417 -3.81 -12.99 -29.43
N GLN C 418 -4.50 -12.50 -28.40
CA GLN C 418 -5.47 -13.34 -27.71
C GLN C 418 -6.67 -13.49 -28.66
N PHE C 419 -7.06 -12.39 -29.29
CA PHE C 419 -8.16 -12.41 -30.23
C PHE C 419 -7.89 -13.45 -31.33
N LYS C 420 -6.65 -13.50 -31.81
CA LYS C 420 -6.31 -14.44 -32.88
C LYS C 420 -6.43 -15.92 -32.56
N GLN C 421 -6.50 -16.28 -31.28
CA GLN C 421 -6.64 -17.69 -30.97
C GLN C 421 -8.11 -18.11 -31.09
N TYR C 422 -8.98 -17.16 -31.38
CA TYR C 422 -10.41 -17.45 -31.54
C TYR C 422 -10.74 -17.69 -33.01
N LEU C 423 -9.75 -17.45 -33.87
CA LEU C 423 -9.93 -17.64 -35.30
C LEU C 423 -9.53 -19.03 -35.69
N GLU C 424 -9.92 -19.40 -36.91
CA GLU C 424 -9.57 -20.69 -37.48
C GLU C 424 -8.05 -20.75 -37.65
N PRO C 425 -7.39 -21.73 -37.01
CA PRO C 425 -5.94 -21.81 -37.17
C PRO C 425 -5.62 -22.47 -38.50
N HIS C 426 -4.53 -22.04 -39.15
CA HIS C 426 -4.10 -22.60 -40.43
C HIS C 426 -3.95 -24.11 -40.28
N SER C 427 -4.62 -24.85 -41.14
CA SER C 427 -4.56 -26.31 -41.11
C SER C 427 -3.26 -26.76 -41.75
N GLN C 428 -2.80 -27.94 -41.37
CA GLN C 428 -1.57 -28.48 -41.93
C GLN C 428 -1.69 -28.61 -43.45
N GLU C 429 -2.86 -28.98 -43.94
CA GLU C 429 -3.09 -29.16 -45.38
C GLU C 429 -2.88 -27.87 -46.16
N LYS C 430 -3.38 -26.75 -45.64
CA LYS C 430 -3.23 -25.48 -46.34
C LYS C 430 -1.79 -24.98 -46.32
N LEU C 431 -1.04 -25.42 -45.32
CA LEU C 431 0.36 -25.02 -45.19
C LEU C 431 1.23 -25.88 -46.10
N HIS C 432 0.76 -27.07 -46.42
CA HIS C 432 1.51 -27.99 -47.26
C HIS C 432 1.59 -27.58 -48.73
N PHE C 433 2.80 -27.66 -49.29
CA PHE C 433 3.02 -27.33 -50.70
C PHE C 433 3.30 -28.68 -51.34
N VAL C 434 2.28 -29.29 -51.92
CA VAL C 434 2.44 -30.59 -52.55
C VAL C 434 3.52 -30.56 -53.62
N GLY C 435 4.49 -31.47 -53.49
CA GLY C 435 5.56 -31.55 -54.48
C GLY C 435 6.78 -30.70 -54.21
N VAL C 436 6.70 -29.82 -53.22
CA VAL C 436 7.84 -28.96 -52.89
C VAL C 436 8.43 -29.33 -51.55
N LYS C 437 9.76 -29.46 -51.50
CA LYS C 437 10.41 -29.78 -50.25
C LYS C 437 11.74 -29.07 -50.07
N VAL C 438 11.91 -28.44 -48.92
CA VAL C 438 13.14 -27.73 -48.59
C VAL C 438 14.03 -28.77 -47.92
N ASN C 439 15.07 -29.20 -48.63
CA ASN C 439 15.97 -30.22 -48.10
C ASN C 439 16.96 -29.64 -47.12
N ASN C 440 17.38 -28.41 -47.37
CA ASN C 440 18.35 -27.79 -46.49
C ASN C 440 18.44 -26.27 -46.64
N VAL C 441 18.93 -25.63 -45.58
CA VAL C 441 19.11 -24.18 -45.54
C VAL C 441 20.42 -23.96 -44.81
N VAL C 442 21.29 -23.15 -45.40
CA VAL C 442 22.60 -22.83 -44.79
C VAL C 442 22.73 -21.32 -44.70
N VAL C 443 23.09 -20.84 -43.51
CA VAL C 443 23.24 -19.40 -43.33
C VAL C 443 24.69 -19.05 -43.02
N ASP C 444 25.23 -18.06 -43.73
CA ASP C 444 26.60 -17.62 -43.51
C ASP C 444 26.70 -17.05 -42.08
N LYS C 445 27.91 -16.81 -41.61
CA LYS C 445 28.12 -16.27 -40.27
C LYS C 445 27.37 -14.96 -40.03
N LEU C 446 26.68 -14.89 -38.90
CA LEU C 446 25.94 -13.69 -38.52
C LEU C 446 26.81 -12.89 -37.57
N VAL C 447 27.26 -11.72 -38.01
CA VAL C 447 28.14 -10.88 -37.21
C VAL C 447 27.71 -9.42 -37.20
N THR C 448 27.58 -8.85 -36.01
CA THR C 448 27.17 -7.47 -35.87
C THR C 448 28.35 -6.65 -35.41
N PHE C 449 28.25 -5.33 -35.52
CA PHE C 449 29.33 -4.47 -35.09
C PHE C 449 28.86 -3.02 -35.14
N PHE C 450 29.58 -2.11 -34.47
CA PHE C 450 29.21 -0.71 -34.51
C PHE C 450 30.08 0.01 -35.53
N GLU C 451 29.49 0.98 -36.21
CA GLU C 451 30.18 1.74 -37.23
C GLU C 451 29.72 3.19 -37.22
N TYR C 452 30.67 4.12 -37.22
CA TYR C 452 30.35 5.54 -37.21
C TYR C 452 29.38 5.93 -38.32
N TYR C 453 28.38 6.74 -37.97
CA TYR C 453 27.40 7.23 -38.95
C TYR C 453 27.24 8.73 -38.72
N ASP C 454 27.29 9.51 -39.78
CA ASP C 454 27.16 10.97 -39.67
C ASP C 454 25.88 11.49 -40.30
N PHE C 455 25.40 12.62 -39.77
CA PHE C 455 24.24 13.29 -40.33
C PHE C 455 24.30 14.78 -40.06
N ASP C 456 23.69 15.56 -40.95
CA ASP C 456 23.67 17.02 -40.85
C ASP C 456 22.75 17.44 -39.71
N ALA C 457 23.32 18.15 -38.74
CA ALA C 457 22.57 18.61 -37.60
C ALA C 457 22.59 20.14 -37.49
N THR C 458 22.88 20.80 -38.60
CA THR C 458 22.96 22.25 -38.60
C THR C 458 21.65 22.95 -38.18
N ASN C 459 20.52 22.26 -38.32
CA ASN C 459 19.24 22.87 -37.94
C ASN C 459 19.12 23.12 -36.44
N THR C 460 20.08 22.60 -35.68
CA THR C 460 20.10 22.79 -34.24
C THR C 460 20.41 24.23 -33.91
N VAL C 461 21.17 24.84 -34.80
CA VAL C 461 21.63 26.20 -34.61
C VAL C 461 20.87 27.30 -35.35
N PHE C 462 21.06 28.54 -34.91
CA PHE C 462 20.44 29.71 -35.53
C PHE C 462 21.52 30.50 -36.29
N LEU C 463 21.17 30.96 -37.48
CA LEU C 463 22.09 31.71 -38.30
C LEU C 463 22.05 33.22 -38.06
N THR C 464 23.11 33.88 -38.48
CA THR C 464 23.25 35.31 -38.36
C THR C 464 22.52 36.00 -39.52
N GLU C 465 22.20 37.28 -39.35
CA GLU C 465 21.53 38.06 -40.40
C GLU C 465 22.38 38.02 -41.67
N GLU C 466 23.69 38.14 -41.49
CA GLU C 466 24.64 38.08 -42.58
C GLU C 466 24.69 36.68 -43.20
N GLU C 467 24.72 35.65 -42.34
CA GLU C 467 24.78 34.27 -42.82
C GLU C 467 23.56 33.92 -43.64
N LEU C 468 22.45 34.60 -43.35
CA LEU C 468 21.22 34.32 -44.07
C LEU C 468 21.25 34.85 -45.51
N LYS C 469 22.14 35.79 -45.77
CA LYS C 469 22.27 36.37 -47.10
C LYS C 469 23.03 35.44 -48.04
N THR C 470 23.83 34.55 -47.48
CA THR C 470 24.59 33.59 -48.27
C THR C 470 23.92 32.22 -48.18
N LYS C 471 24.48 31.23 -48.89
CA LYS C 471 23.89 29.88 -48.86
C LYS C 471 24.01 29.25 -47.47
N TYR C 472 23.09 28.32 -47.18
CA TYR C 472 23.09 27.64 -45.90
C TYR C 472 24.37 26.84 -45.75
N PRO C 473 25.00 26.92 -44.57
CA PRO C 473 26.25 26.22 -44.26
C PRO C 473 26.29 24.68 -44.24
N HIS C 474 25.27 24.02 -43.68
CA HIS C 474 25.28 22.55 -43.59
C HIS C 474 26.62 22.18 -42.98
N ASN C 475 27.02 23.08 -42.10
CA ASN C 475 28.24 23.13 -41.32
C ASN C 475 28.45 22.08 -40.21
N LEU C 476 27.38 21.76 -39.49
CA LEU C 476 27.44 20.83 -38.36
C LEU C 476 27.09 19.38 -38.64
N LYS C 477 27.97 18.48 -38.18
CA LYS C 477 27.80 17.04 -38.36
C LYS C 477 27.75 16.33 -37.01
N VAL C 478 26.83 15.38 -36.86
CA VAL C 478 26.76 14.59 -35.64
C VAL C 478 27.25 13.19 -35.96
N ARG C 479 28.22 12.70 -35.20
CA ARG C 479 28.77 11.38 -35.45
C ARG C 479 28.44 10.40 -34.32
N GLN C 480 27.89 9.24 -34.68
CA GLN C 480 27.57 8.23 -33.68
C GLN C 480 27.85 6.84 -34.17
N PRO C 481 28.27 5.94 -33.27
CA PRO C 481 28.55 4.56 -33.67
C PRO C 481 27.15 3.96 -33.73
N ARG C 482 26.78 3.35 -34.86
CA ARG C 482 25.45 2.76 -34.97
C ARG C 482 25.55 1.28 -35.26
N LEU C 483 24.56 0.52 -34.80
CA LEU C 483 24.56 -0.92 -35.01
C LEU C 483 24.60 -1.24 -36.50
N ASN C 484 25.18 -2.39 -36.84
CA ASN C 484 25.27 -2.81 -38.22
C ASN C 484 25.72 -4.25 -38.18
N HIS C 485 25.70 -4.91 -39.33
CA HIS C 485 26.11 -6.30 -39.39
C HIS C 485 26.73 -6.55 -40.75
N GLN C 486 27.50 -7.63 -40.85
CA GLN C 486 28.13 -8.00 -42.11
C GLN C 486 27.10 -8.68 -43.02
N PRO C 487 27.24 -8.51 -44.35
CA PRO C 487 26.29 -9.14 -45.27
C PRO C 487 26.37 -10.65 -45.18
N PHE C 488 25.25 -11.33 -45.42
CA PHE C 488 25.25 -12.78 -45.34
C PHE C 488 24.31 -13.44 -46.34
N ASN C 489 24.69 -14.62 -46.78
CA ASN C 489 23.89 -15.40 -47.73
C ASN C 489 23.11 -16.50 -47.02
N ILE C 490 21.98 -16.84 -47.62
CA ILE C 490 21.15 -17.91 -47.12
C ILE C 490 20.98 -18.80 -48.34
N ASN C 491 21.49 -20.01 -48.26
CA ASN C 491 21.39 -20.97 -49.37
C ASN C 491 20.23 -21.89 -49.11
N ILE C 492 19.24 -21.86 -49.99
CA ILE C 492 18.07 -22.70 -49.84
C ILE C 492 18.12 -23.82 -50.85
N ASP C 493 17.95 -25.05 -50.34
CA ASP C 493 17.96 -26.26 -51.15
C ASP C 493 16.55 -26.80 -51.26
N ILE C 494 15.99 -26.79 -52.47
CA ILE C 494 14.63 -27.27 -52.72
C ILE C 494 14.53 -28.43 -53.73
N LYS C 495 13.73 -29.43 -53.37
CA LYS C 495 13.52 -30.61 -54.23
C LYS C 495 12.05 -30.64 -54.69
N ALA C 496 11.81 -30.28 -55.95
CA ALA C 496 10.45 -30.24 -56.49
C ALA C 496 10.08 -31.39 -57.44
N ASP C 497 8.79 -31.68 -57.50
CA ASP C 497 8.29 -32.74 -58.37
C ASP C 497 7.90 -32.16 -59.73
N VAL C 498 7.17 -31.06 -59.70
CA VAL C 498 6.76 -30.39 -60.93
C VAL C 498 7.18 -28.94 -60.87
N ALA C 499 7.00 -28.21 -61.96
CA ALA C 499 7.36 -26.80 -62.00
C ALA C 499 6.16 -25.97 -61.56
N THR C 500 6.41 -24.95 -60.76
CA THR C 500 5.36 -24.07 -60.26
C THR C 500 5.91 -22.71 -59.85
N ASP C 501 5.02 -21.74 -59.71
CA ASP C 501 5.40 -20.41 -59.29
C ASP C 501 5.22 -20.41 -57.77
N ALA C 502 6.33 -20.26 -57.04
CA ALA C 502 6.24 -20.29 -55.59
C ALA C 502 6.68 -19.00 -54.93
N VAL C 503 6.19 -18.80 -53.71
CA VAL C 503 6.55 -17.65 -52.90
C VAL C 503 7.45 -18.22 -51.80
N VAL C 504 8.51 -17.52 -51.48
CA VAL C 504 9.38 -17.99 -50.44
C VAL C 504 9.58 -16.89 -49.41
N LYS C 505 9.37 -17.25 -48.15
CA LYS C 505 9.49 -16.32 -47.02
C LYS C 505 10.61 -16.72 -46.08
N ILE C 506 11.31 -15.73 -45.55
CA ILE C 506 12.39 -15.97 -44.62
C ILE C 506 12.12 -15.24 -43.31
N PHE C 507 12.17 -15.99 -42.21
CA PHE C 507 11.94 -15.44 -40.89
C PHE C 507 13.10 -15.75 -39.95
N MET C 508 13.21 -14.94 -38.91
CA MET C 508 14.22 -15.13 -37.88
C MET C 508 13.36 -15.25 -36.62
N GLY C 509 13.66 -16.24 -35.79
CA GLY C 509 12.90 -16.42 -34.58
C GLY C 509 13.81 -16.77 -33.43
N PRO C 510 13.32 -16.73 -32.18
CA PRO C 510 14.20 -17.09 -31.08
C PRO C 510 14.32 -18.61 -31.04
N LYS C 511 15.42 -19.10 -30.49
CA LYS C 511 15.63 -20.53 -30.38
C LYS C 511 15.11 -20.95 -29.01
N TYR C 512 15.37 -20.11 -28.01
CA TYR C 512 14.97 -20.38 -26.63
C TYR C 512 14.12 -19.26 -26.01
N ASN C 513 13.41 -19.55 -24.92
CA ASN C 513 12.62 -18.53 -24.24
C ASN C 513 13.54 -17.78 -23.28
N GLU C 514 13.00 -16.82 -22.54
CA GLU C 514 13.81 -16.04 -21.62
C GLU C 514 14.53 -16.85 -20.55
N ASN C 515 14.07 -18.07 -20.28
CA ASN C 515 14.72 -18.90 -19.27
C ASN C 515 15.75 -19.83 -19.88
N GLY C 516 15.95 -19.73 -21.19
CA GLY C 516 16.92 -20.59 -21.84
C GLY C 516 16.38 -21.93 -22.29
N PHE C 517 15.08 -22.14 -22.17
CA PHE C 517 14.50 -23.41 -22.60
C PHE C 517 13.89 -23.32 -23.98
N PRO C 518 13.78 -24.48 -24.67
CA PRO C 518 13.21 -24.52 -26.02
C PRO C 518 11.91 -23.76 -26.22
N ILE C 519 11.87 -23.01 -27.33
CA ILE C 519 10.72 -22.23 -27.72
C ILE C 519 9.64 -23.23 -28.11
N THR C 520 8.40 -22.77 -28.13
CA THR C 520 7.26 -23.61 -28.49
C THR C 520 6.41 -22.85 -29.51
N LEU C 521 6.12 -23.49 -30.63
CA LEU C 521 5.32 -22.81 -31.66
C LEU C 521 3.91 -22.52 -31.19
N GLU C 522 3.40 -23.33 -30.28
CA GLU C 522 2.04 -23.13 -29.80
C GLU C 522 1.96 -21.82 -29.02
N ASN C 523 3.04 -21.43 -28.36
CA ASN C 523 3.03 -20.19 -27.57
C ASN C 523 3.89 -19.07 -28.12
N ASP C 524 4.78 -19.39 -29.06
CA ASP C 524 5.67 -18.38 -29.59
C ASP C 524 5.57 -18.07 -31.07
N TRP C 525 4.46 -18.42 -31.68
CA TRP C 525 4.26 -18.15 -33.11
C TRP C 525 4.34 -16.66 -33.42
N MET C 526 4.02 -15.80 -32.46
CA MET C 526 4.04 -14.36 -32.72
C MET C 526 5.42 -13.73 -32.60
N LYS C 527 6.45 -14.55 -32.36
CA LYS C 527 7.81 -14.06 -32.18
C LYS C 527 8.72 -14.23 -33.40
N PHE C 528 8.13 -14.39 -34.58
CA PHE C 528 8.95 -14.56 -35.77
C PHE C 528 9.07 -13.29 -36.59
N PHE C 529 10.31 -12.82 -36.70
CA PHE C 529 10.61 -11.61 -37.44
C PHE C 529 10.71 -11.91 -38.92
N GLU C 530 9.82 -11.33 -39.72
CA GLU C 530 9.82 -11.54 -41.17
C GLU C 530 10.99 -10.77 -41.78
N MET C 531 11.85 -11.46 -42.52
CA MET C 531 13.00 -10.80 -43.11
C MET C 531 12.97 -10.67 -44.63
N ASP C 532 12.43 -11.67 -45.31
CA ASP C 532 12.39 -11.61 -46.75
C ASP C 532 11.13 -12.23 -47.33
N TRP C 533 10.73 -11.71 -48.49
CA TRP C 533 9.50 -12.14 -49.17
C TRP C 533 9.72 -11.99 -50.69
N PHE C 534 9.77 -13.11 -51.41
CA PHE C 534 9.96 -13.04 -52.86
C PHE C 534 9.44 -14.25 -53.63
N THR C 535 9.06 -14.02 -54.89
CA THR C 535 8.54 -15.08 -55.75
C THR C 535 9.69 -15.71 -56.52
N HIS C 536 9.63 -17.01 -56.70
CA HIS C 536 10.68 -17.72 -57.42
C HIS C 536 10.06 -18.90 -58.18
N LYS C 537 10.45 -19.06 -59.44
CA LYS C 537 9.94 -20.15 -60.25
C LYS C 537 10.71 -21.43 -59.90
N ILE C 538 9.98 -22.49 -59.63
CA ILE C 538 10.59 -23.76 -59.27
C ILE C 538 10.54 -24.75 -60.43
N THR C 539 11.70 -25.31 -60.73
CA THR C 539 11.84 -26.28 -61.81
C THR C 539 11.89 -27.68 -61.21
N PRO C 540 11.38 -28.70 -61.95
CA PRO C 540 11.39 -30.07 -61.44
C PRO C 540 12.80 -30.47 -61.04
N GLY C 541 12.93 -31.34 -60.03
CA GLY C 541 14.25 -31.76 -59.58
C GLY C 541 14.89 -30.87 -58.53
N GLN C 542 16.20 -30.69 -58.64
CA GLN C 542 16.97 -29.88 -57.68
C GLN C 542 17.02 -28.37 -57.96
N ASN C 543 16.61 -27.58 -56.97
CA ASN C 543 16.64 -26.11 -57.08
C ASN C 543 17.55 -25.56 -56.00
N THR C 544 18.23 -24.46 -56.30
CA THR C 544 19.09 -23.82 -55.32
C THR C 544 18.90 -22.32 -55.38
N ILE C 545 18.47 -21.75 -54.26
CA ILE C 545 18.26 -20.32 -54.18
C ILE C 545 19.29 -19.73 -53.23
N VAL C 546 19.86 -18.60 -53.63
CA VAL C 546 20.84 -17.92 -52.80
C VAL C 546 20.38 -16.48 -52.62
N ARG C 547 20.00 -16.15 -51.39
CA ARG C 547 19.55 -14.80 -51.09
C ARG C 547 20.54 -14.13 -50.17
N ASN C 548 20.98 -12.94 -50.57
CA ASN C 548 21.91 -12.18 -49.77
C ASN C 548 21.10 -11.19 -48.95
N SER C 549 21.52 -10.97 -47.71
CA SER C 549 20.82 -10.06 -46.82
C SER C 549 20.59 -8.68 -47.43
N ASN C 550 21.48 -8.26 -48.34
CA ASN C 550 21.33 -6.96 -48.97
C ASN C 550 20.17 -6.99 -49.98
N GLU C 551 19.60 -8.17 -50.19
CA GLU C 551 18.51 -8.31 -51.14
C GLU C 551 17.16 -8.40 -50.44
N PHE C 552 17.18 -8.70 -49.14
CA PHE C 552 15.94 -8.80 -48.38
C PHE C 552 15.10 -7.57 -48.69
N VAL C 553 13.86 -7.81 -49.10
CA VAL C 553 12.94 -6.74 -49.47
C VAL C 553 12.39 -5.89 -48.33
N ILE C 554 12.41 -6.41 -47.12
CA ILE C 554 11.86 -5.69 -45.97
C ILE C 554 12.67 -4.49 -45.49
N PHE C 555 13.94 -4.41 -45.88
CA PHE C 555 14.78 -3.31 -45.41
C PHE C 555 15.30 -2.29 -46.42
N LYS C 556 15.74 -1.13 -45.92
CA LYS C 556 16.23 -0.05 -46.76
C LYS C 556 17.62 0.46 -46.41
N GLU C 557 18.25 1.11 -47.39
CA GLU C 557 19.57 1.70 -47.21
C GLU C 557 19.40 2.90 -46.29
N ASP C 558 20.48 3.39 -45.69
CA ASP C 558 20.37 4.55 -44.82
C ASP C 558 20.04 5.76 -45.71
N SER C 559 19.48 6.80 -45.11
CA SER C 559 19.13 8.01 -45.86
C SER C 559 20.38 8.85 -46.12
N LEU C 560 20.34 9.66 -47.18
CA LEU C 560 21.46 10.54 -47.52
C LEU C 560 21.14 11.95 -47.08
N PRO C 561 22.15 12.70 -46.61
CA PRO C 561 21.88 14.07 -46.17
C PRO C 561 21.39 14.91 -47.33
N SER C 562 20.59 15.95 -47.04
CA SER C 562 20.03 16.80 -48.08
C SER C 562 21.02 17.37 -49.08
N THR C 563 22.25 17.62 -48.64
CA THR C 563 23.26 18.15 -49.55
C THR C 563 23.65 17.13 -50.61
N GLU C 564 23.68 15.85 -50.24
CA GLU C 564 24.02 14.81 -51.20
C GLU C 564 22.87 14.62 -52.18
N LEU C 565 21.65 14.87 -51.69
CA LEU C 565 20.45 14.75 -52.50
C LEU C 565 20.49 15.72 -53.67
N TYR C 566 20.97 16.93 -53.40
CA TYR C 566 21.08 17.95 -54.44
C TYR C 566 22.04 17.54 -55.54
N LYS C 567 23.24 17.13 -55.15
CA LYS C 567 24.25 16.69 -56.12
C LYS C 567 23.67 15.62 -57.03
N LEU C 568 23.04 14.62 -56.43
CA LEU C 568 22.44 13.53 -57.17
C LEU C 568 21.36 14.04 -58.13
N LEU C 569 20.73 15.15 -57.77
CA LEU C 569 19.67 15.75 -58.59
C LEU C 569 20.24 16.34 -59.88
N GLU C 570 21.46 16.84 -59.80
CA GLU C 570 22.13 17.41 -60.96
C GLU C 570 22.23 16.40 -62.08
N LYS C 571 22.29 15.12 -61.71
CA LYS C 571 22.37 14.05 -62.68
C LYS C 571 20.99 13.49 -62.96
N GLY C 572 19.96 14.18 -62.49
CA GLY C 572 18.60 13.72 -62.69
C GLY C 572 18.36 12.38 -61.99
N LYS C 573 18.89 12.25 -60.78
CA LYS C 573 18.74 11.01 -60.02
C LYS C 573 18.35 11.25 -58.56
N VAL C 574 17.83 10.19 -57.93
CA VAL C 574 17.43 10.20 -56.53
C VAL C 574 17.66 8.78 -55.99
N PRO C 575 17.99 8.66 -54.71
CA PRO C 575 18.23 7.32 -54.16
C PRO C 575 16.98 6.47 -54.31
N PHE C 576 17.15 5.24 -54.78
CA PHE C 576 16.00 4.38 -54.97
C PHE C 576 15.18 4.20 -53.69
N ASP C 577 15.78 3.59 -52.67
CA ASP C 577 15.09 3.35 -51.41
C ASP C 577 14.47 4.58 -50.74
N MET C 578 15.23 5.66 -50.62
CA MET C 578 14.69 6.89 -50.00
C MET C 578 13.43 7.37 -50.73
N SER C 579 13.32 7.06 -52.01
CA SER C 579 12.18 7.48 -52.80
C SER C 579 10.91 6.66 -52.61
N GLU C 580 11.01 5.34 -52.71
CA GLU C 580 9.83 4.48 -52.58
C GLU C 580 9.82 3.42 -51.47
N ASP C 581 10.80 3.45 -50.59
CA ASP C 581 10.86 2.49 -49.50
C ASP C 581 11.30 3.20 -48.22
N PHE C 582 11.00 4.49 -48.14
CA PHE C 582 11.38 5.30 -46.98
C PHE C 582 10.78 4.77 -45.67
N GLY C 583 9.68 4.02 -45.78
CA GLY C 583 9.03 3.50 -44.59
C GLY C 583 9.62 2.20 -44.06
N TYR C 584 10.54 1.60 -44.79
CA TYR C 584 11.18 0.34 -44.37
C TYR C 584 12.14 0.56 -43.22
N LEU C 585 12.41 -0.52 -42.48
CA LEU C 585 13.34 -0.50 -41.35
C LEU C 585 14.75 -0.55 -41.95
N PRO C 586 15.68 0.29 -41.45
CA PRO C 586 17.06 0.31 -41.96
C PRO C 586 17.67 -1.08 -41.88
N LYS C 587 18.25 -1.56 -42.97
CA LYS C 587 18.84 -2.89 -42.99
C LYS C 587 20.00 -3.07 -42.02
N ARG C 588 20.68 -2.00 -41.67
CA ARG C 588 21.79 -2.15 -40.73
C ARG C 588 21.27 -2.59 -39.35
N LEU C 589 19.95 -2.59 -39.18
CA LEU C 589 19.33 -2.97 -37.92
C LEU C 589 18.58 -4.30 -37.97
N MET C 590 18.59 -5.00 -39.11
CA MET C 590 17.84 -6.25 -39.18
C MET C 590 18.30 -7.31 -38.18
N LEU C 591 19.50 -7.13 -37.64
CA LEU C 591 20.04 -8.10 -36.69
C LEU C 591 20.31 -7.43 -35.34
N PRO C 592 19.92 -8.09 -34.23
CA PRO C 592 20.15 -7.52 -32.89
C PRO C 592 21.63 -7.64 -32.55
N ARG C 593 22.16 -6.70 -31.78
CA ARG C 593 23.56 -6.80 -31.41
C ARG C 593 23.78 -8.21 -30.86
N GLY C 594 24.84 -8.87 -31.31
CA GLY C 594 25.11 -10.21 -30.83
C GLY C 594 25.96 -10.22 -29.57
N THR C 595 26.60 -11.36 -29.31
CA THR C 595 27.46 -11.50 -28.15
C THR C 595 28.78 -12.05 -28.67
N LYS C 596 29.85 -11.83 -27.91
CA LYS C 596 31.17 -12.29 -28.34
C LYS C 596 31.21 -13.80 -28.56
N GLY C 597 30.42 -14.53 -27.79
CA GLY C 597 30.40 -15.98 -27.92
C GLY C 597 29.31 -16.45 -28.89
N GLY C 598 28.45 -15.52 -29.29
CA GLY C 598 27.38 -15.87 -30.22
C GLY C 598 26.10 -16.22 -29.51
N PHE C 599 25.03 -15.49 -29.83
CA PHE C 599 23.73 -15.75 -29.22
C PHE C 599 22.80 -16.52 -30.15
N PRO C 600 22.19 -17.61 -29.65
CA PRO C 600 21.27 -18.49 -30.37
C PRO C 600 19.94 -17.92 -30.85
N PHE C 601 19.63 -18.21 -32.10
CA PHE C 601 18.38 -17.80 -32.76
C PHE C 601 18.14 -18.87 -33.82
N GLN C 602 17.13 -18.69 -34.65
CA GLN C 602 16.89 -19.65 -35.71
C GLN C 602 16.22 -18.99 -36.90
N PHE C 603 16.69 -19.37 -38.08
CA PHE C 603 16.12 -18.85 -39.30
C PHE C 603 15.18 -19.92 -39.79
N VAL C 604 14.11 -19.51 -40.43
CA VAL C 604 13.15 -20.47 -40.93
C VAL C 604 12.69 -20.01 -42.29
N VAL C 605 12.72 -20.92 -43.26
CA VAL C 605 12.28 -20.59 -44.61
C VAL C 605 11.01 -21.35 -44.88
N PHE C 606 10.06 -20.66 -45.49
CA PHE C 606 8.77 -21.26 -45.80
C PHE C 606 8.40 -20.87 -47.21
N VAL C 607 8.07 -21.89 -48.01
CA VAL C 607 7.70 -21.66 -49.39
C VAL C 607 6.30 -22.22 -49.65
N TYR C 608 5.46 -21.38 -50.26
CA TYR C 608 4.09 -21.74 -50.59
C TYR C 608 3.74 -21.34 -52.02
N PRO C 609 2.61 -21.84 -52.55
CA PRO C 609 2.15 -21.56 -53.92
C PRO C 609 1.87 -20.09 -54.22
N PHE C 610 2.45 -19.56 -55.30
CA PHE C 610 2.21 -18.17 -55.66
C PHE C 610 0.91 -18.11 -56.44
N GLU C 611 -0.03 -17.31 -55.96
CA GLU C 611 -1.32 -17.19 -56.63
C GLU C 611 -1.95 -15.81 -56.70
N SER C 612 -3.06 -15.63 -55.98
CA SER C 612 -3.82 -14.37 -55.97
C SER C 612 -3.13 -13.16 -55.33
N THR C 613 -3.23 -12.03 -56.01
CA THR C 613 -2.66 -10.76 -55.57
C THR C 613 -3.69 -9.68 -55.88
N THR C 614 -4.97 -10.04 -55.74
CA THR C 614 -6.06 -9.13 -56.02
C THR C 614 -6.22 -8.00 -54.99
N LYS C 615 -5.99 -8.30 -53.72
CA LYS C 615 -6.12 -7.29 -52.67
C LYS C 615 -4.77 -6.99 -52.02
N ASN C 616 -3.73 -6.88 -52.85
CA ASN C 616 -2.39 -6.61 -52.34
C ASN C 616 -2.29 -5.16 -51.84
N LEU C 617 -1.23 -4.88 -51.07
CA LEU C 617 -1.03 -3.55 -50.52
C LEU C 617 0.23 -2.88 -51.05
N THR C 618 0.42 -2.93 -52.36
CA THR C 618 1.59 -2.31 -52.99
C THR C 618 1.57 -0.78 -52.92
N PRO C 619 0.38 -0.16 -53.06
CA PRO C 619 0.30 1.30 -52.98
C PRO C 619 0.85 1.84 -51.66
N TYR C 620 0.77 1.03 -50.61
CA TYR C 620 1.27 1.40 -49.28
C TYR C 620 2.73 0.97 -49.14
N GLU C 621 2.95 -0.34 -49.01
CA GLU C 621 4.30 -0.91 -48.90
C GLU C 621 4.57 -1.88 -50.05
N LYS C 622 5.57 -1.56 -50.85
CA LYS C 622 5.94 -2.36 -52.02
C LYS C 622 5.97 -3.89 -51.84
N PHE C 623 6.62 -4.37 -50.78
CA PHE C 623 6.75 -5.81 -50.55
C PHE C 623 5.47 -6.61 -50.26
N MET C 624 4.36 -5.92 -50.03
CA MET C 624 3.09 -6.59 -49.75
C MET C 624 2.41 -6.90 -51.09
N ILE C 625 2.91 -7.92 -51.78
CA ILE C 625 2.40 -8.31 -53.10
C ILE C 625 1.55 -9.58 -53.16
N ASP C 626 0.96 -9.96 -52.03
CA ASP C 626 0.15 -11.18 -52.02
C ASP C 626 -1.22 -10.96 -51.40
N ASN C 627 -2.00 -12.03 -51.33
CA ASN C 627 -3.33 -11.99 -50.76
C ASN C 627 -3.31 -12.46 -49.32
N LYS C 628 -2.29 -13.27 -49.02
CA LYS C 628 -2.11 -13.82 -47.68
C LYS C 628 -2.06 -12.76 -46.59
N PRO C 629 -2.47 -13.13 -45.37
CA PRO C 629 -2.45 -12.17 -44.27
C PRO C 629 -0.99 -11.83 -43.93
N LEU C 630 -0.73 -10.55 -43.70
CA LEU C 630 0.62 -10.10 -43.37
C LEU C 630 1.25 -10.97 -42.29
N GLY C 631 2.50 -11.36 -42.50
CA GLY C 631 3.20 -12.18 -41.53
C GLY C 631 2.93 -13.67 -41.70
N TYR C 632 2.21 -14.03 -42.76
CA TYR C 632 1.88 -15.44 -43.06
C TYR C 632 3.18 -16.26 -43.12
N PRO C 633 3.19 -17.46 -42.53
CA PRO C 633 2.14 -18.19 -41.80
C PRO C 633 2.14 -18.00 -40.29
N PHE C 634 2.84 -16.97 -39.79
CA PHE C 634 2.90 -16.72 -38.36
C PHE C 634 2.02 -15.54 -37.95
N ASP C 635 0.97 -15.33 -38.71
CA ASP C 635 0.04 -14.23 -38.45
C ASP C 635 -1.00 -14.65 -37.41
N ARG C 636 -1.03 -15.94 -37.08
CA ARG C 636 -1.97 -16.49 -36.12
C ARG C 636 -1.45 -17.85 -35.70
N PRO C 637 -2.11 -18.49 -34.71
CA PRO C 637 -1.63 -19.81 -34.29
C PRO C 637 -1.80 -20.79 -35.44
N VAL C 638 -1.18 -21.95 -35.32
CA VAL C 638 -1.30 -22.98 -36.35
C VAL C 638 -1.74 -24.27 -35.70
N ASP C 639 -2.54 -25.07 -36.42
CA ASP C 639 -3.01 -26.34 -35.87
C ASP C 639 -1.83 -27.17 -35.42
N THR C 640 -1.52 -27.08 -34.13
CA THR C 640 -0.39 -27.80 -33.54
C THR C 640 -0.18 -29.19 -34.09
N SER C 641 1.05 -29.47 -34.50
CA SER C 641 1.43 -30.76 -35.05
C SER C 641 2.93 -30.96 -34.88
N CYS C 642 3.29 -32.05 -34.24
CA CYS C 642 4.68 -32.39 -33.98
C CYS C 642 5.48 -32.76 -35.22
N PHE C 643 4.80 -32.92 -36.36
CA PHE C 643 5.47 -33.27 -37.61
C PHE C 643 5.55 -32.13 -38.61
N LYS C 644 6.78 -31.66 -38.82
CA LYS C 644 7.05 -30.55 -39.73
C LYS C 644 6.59 -30.75 -41.16
N GLN C 645 6.12 -29.66 -41.76
CA GLN C 645 5.68 -29.67 -43.14
C GLN C 645 6.96 -29.74 -43.96
N PRO C 646 6.93 -30.43 -45.11
CA PRO C 646 8.14 -30.53 -45.94
C PRO C 646 8.63 -29.21 -46.54
N ASN C 647 7.71 -28.28 -46.81
CA ASN C 647 8.06 -27.00 -47.39
C ASN C 647 8.44 -25.88 -46.39
N ILE C 648 8.85 -26.28 -45.19
CA ILE C 648 9.28 -25.31 -44.19
C ILE C 648 10.54 -25.88 -43.55
N PHE C 649 11.52 -25.03 -43.27
CA PHE C 649 12.77 -25.51 -42.68
C PHE C 649 13.27 -24.56 -41.60
N PHE C 650 13.76 -25.13 -40.50
CA PHE C 650 14.28 -24.34 -39.38
C PHE C 650 15.77 -24.62 -39.27
N ARG C 651 16.58 -23.58 -39.18
CA ARG C 651 18.02 -23.74 -39.07
C ARG C 651 18.59 -22.93 -37.92
N ASP C 652 19.26 -23.59 -36.99
CA ASP C 652 19.85 -22.90 -35.85
C ASP C 652 20.86 -21.90 -36.36
N VAL C 653 20.94 -20.76 -35.69
CA VAL C 653 21.83 -19.70 -36.12
C VAL C 653 22.38 -18.97 -34.91
N SER C 654 23.60 -18.43 -35.02
CA SER C 654 24.22 -17.70 -33.92
C SER C 654 24.70 -16.32 -34.34
N VAL C 655 24.30 -15.30 -33.60
CA VAL C 655 24.70 -13.93 -33.90
C VAL C 655 25.87 -13.51 -33.01
N TYR C 656 27.03 -13.31 -33.63
CA TYR C 656 28.21 -12.89 -32.90
C TYR C 656 28.33 -11.39 -33.04
N HIS C 657 29.22 -10.77 -32.25
CA HIS C 657 29.46 -9.34 -32.34
C HIS C 657 30.98 -9.11 -32.31
N GLU C 658 31.48 -8.35 -33.29
CA GLU C 658 32.91 -8.05 -33.40
C GLU C 658 33.24 -6.63 -32.94
N GLY C 659 34.51 -6.41 -32.64
CA GLY C 659 34.95 -5.10 -32.19
C GLY C 659 34.45 -4.80 -30.79
N GLU C 660 34.37 -3.53 -30.45
CA GLU C 660 33.92 -3.13 -29.13
C GLU C 660 32.45 -3.47 -28.90
N TYR C 661 32.15 -3.99 -27.71
CA TYR C 661 30.79 -4.36 -27.37
C TYR C 661 29.94 -3.12 -27.12
N HIS C 662 30.48 -2.18 -26.36
CA HIS C 662 29.76 -0.93 -26.06
C HIS C 662 30.05 0.15 -27.08
N ALA C 663 28.98 0.74 -27.60
CA ALA C 663 29.09 1.81 -28.60
C ALA C 663 29.87 3.02 -28.09
N TYR C 664 29.66 3.39 -26.83
CA TYR C 664 30.33 4.56 -26.27
C TYR C 664 31.85 4.49 -26.32
N GLU C 665 32.39 3.28 -26.43
CA GLU C 665 33.84 3.11 -26.48
C GLU C 665 34.42 3.81 -27.70
N TYR C 666 33.66 3.86 -28.79
CA TYR C 666 34.11 4.51 -30.01
C TYR C 666 34.06 6.01 -29.92
N ASN C 667 33.45 6.54 -28.86
CA ASN C 667 33.36 7.98 -28.67
C ASN C 667 34.33 8.45 -27.61
N VAL C 668 35.27 7.58 -27.22
CA VAL C 668 36.28 7.95 -26.22
C VAL C 668 37.38 8.72 -26.97
N PRO C 669 37.65 9.96 -26.56
CA PRO C 669 38.67 10.80 -27.20
C PRO C 669 39.98 10.08 -27.51
N ALA C 670 40.51 9.35 -26.53
CA ALA C 670 41.75 8.62 -26.75
C ALA C 670 41.61 7.67 -27.94
N TYR C 671 40.39 7.26 -28.24
CA TYR C 671 40.17 6.34 -29.35
C TYR C 671 40.05 7.02 -30.71
N PHE C 672 39.11 7.95 -30.86
CA PHE C 672 38.94 8.59 -32.16
C PHE C 672 40.02 9.59 -32.55
N SER C 673 40.96 9.86 -31.65
CA SER C 673 42.06 10.77 -31.96
C SER C 673 43.24 9.89 -32.36
N HIS C 674 43.00 8.58 -32.29
CA HIS C 674 43.99 7.55 -32.64
C HIS C 674 45.31 7.67 -31.87
N HIS D 1 -26.45 -13.84 52.26
CA HIS D 1 -25.20 -13.07 51.99
C HIS D 1 -25.24 -11.66 52.60
N VAL D 2 -24.64 -11.51 53.77
CA VAL D 2 -24.59 -10.23 54.46
C VAL D 2 -23.29 -9.53 54.09
N LEU D 3 -23.34 -8.22 53.93
CA LEU D 3 -22.15 -7.46 53.58
C LEU D 3 -21.38 -7.08 54.84
N LYS D 4 -20.06 -7.20 54.77
CA LYS D 4 -19.20 -6.88 55.90
C LYS D 4 -19.22 -5.36 56.12
N THR D 5 -19.30 -4.97 57.39
CA THR D 5 -19.35 -3.56 57.76
C THR D 5 -18.22 -3.21 58.72
N LYS D 6 -17.94 -1.92 58.85
CA LYS D 6 -16.89 -1.45 59.75
C LYS D 6 -17.45 -0.32 60.61
N ASP D 7 -17.03 -0.27 61.87
CA ASP D 7 -17.49 0.78 62.78
C ASP D 7 -16.63 2.04 62.65
N VAL D 8 -17.27 3.19 62.60
CA VAL D 8 -16.56 4.47 62.49
C VAL D 8 -17.07 5.44 63.54
N ASP D 9 -16.16 6.24 64.09
CA ASP D 9 -16.55 7.20 65.12
C ASP D 9 -17.23 8.45 64.57
N THR D 10 -17.68 9.31 65.48
CA THR D 10 -18.39 10.52 65.09
C THR D 10 -17.59 11.47 64.19
N VAL D 11 -16.29 11.61 64.46
CA VAL D 11 -15.43 12.50 63.67
C VAL D 11 -15.38 12.05 62.22
N PHE D 12 -15.24 10.75 62.03
CA PHE D 12 -15.20 10.17 60.70
C PHE D 12 -16.55 10.42 60.01
N VAL D 13 -17.63 10.12 60.71
CA VAL D 13 -18.96 10.30 60.15
C VAL D 13 -19.20 11.72 59.66
N GLU D 14 -18.79 12.72 60.43
CA GLU D 14 -19.01 14.09 60.01
C GLU D 14 -18.21 14.45 58.77
N ARG D 15 -16.99 13.91 58.66
CA ARG D 15 -16.19 14.20 57.49
C ARG D 15 -16.77 13.49 56.28
N GLN D 16 -17.24 12.27 56.48
CA GLN D 16 -17.86 11.50 55.40
C GLN D 16 -19.05 12.29 54.86
N LYS D 17 -19.88 12.83 55.76
CA LYS D 17 -21.04 13.61 55.35
C LYS D 17 -20.60 14.86 54.60
N LYS D 18 -19.49 15.46 55.03
CA LYS D 18 -18.99 16.66 54.39
C LYS D 18 -18.52 16.39 52.97
N VAL D 19 -17.77 15.30 52.78
CA VAL D 19 -17.26 14.95 51.46
C VAL D 19 -18.38 14.59 50.48
N LEU D 20 -19.40 13.88 50.97
CA LEU D 20 -20.52 13.48 50.11
C LEU D 20 -21.39 14.67 49.76
N SER D 21 -21.30 15.74 50.55
CA SER D 21 -22.11 16.92 50.31
C SER D 21 -21.68 17.61 49.02
N LEU D 22 -20.48 17.29 48.54
CA LEU D 22 -19.97 17.88 47.31
C LEU D 22 -20.10 16.95 46.08
N PHE D 23 -20.67 15.77 46.29
CA PHE D 23 -20.86 14.80 45.22
C PHE D 23 -22.31 14.72 44.74
N GLN D 24 -23.10 15.75 45.01
CA GLN D 24 -24.50 15.74 44.61
C GLN D 24 -24.76 16.62 43.39
N ASP D 25 -25.62 16.14 42.49
CA ASP D 25 -26.02 16.88 41.30
C ASP D 25 -24.83 17.67 40.77
N VAL D 26 -23.69 16.98 40.67
CA VAL D 26 -22.41 17.54 40.24
C VAL D 26 -22.31 18.47 39.03
N ASP D 27 -23.19 18.34 38.05
CA ASP D 27 -23.12 19.21 36.88
C ASP D 27 -23.85 20.53 37.08
N GLN D 28 -24.44 20.69 38.26
CA GLN D 28 -25.21 21.87 38.60
C GLN D 28 -24.71 22.47 39.91
N LEU D 29 -25.08 23.73 40.16
CA LEU D 29 -24.69 24.38 41.41
C LEU D 29 -25.96 24.66 42.18
N ASN D 30 -25.95 24.38 43.48
CA ASN D 30 -27.12 24.62 44.31
C ASN D 30 -26.91 25.79 45.28
N THR D 31 -27.46 26.96 44.96
CA THR D 31 -27.28 28.12 45.84
C THR D 31 -27.92 27.91 47.21
N ASN D 32 -28.84 26.96 47.30
CA ASN D 32 -29.52 26.70 48.56
C ASN D 32 -28.70 25.78 49.47
N ASP D 33 -27.60 25.25 48.96
CA ASP D 33 -26.75 24.38 49.77
C ASP D 33 -25.73 25.20 50.56
N GLU D 34 -25.25 24.62 51.65
CA GLU D 34 -24.30 25.32 52.51
C GLU D 34 -22.96 25.56 51.82
N TYR D 35 -22.48 24.59 51.04
CA TYR D 35 -21.19 24.72 50.36
C TYR D 35 -21.14 25.91 49.40
N TYR D 36 -22.28 26.29 48.83
CA TYR D 36 -22.28 27.40 47.88
C TYR D 36 -21.79 28.71 48.46
N LYS D 37 -22.34 29.11 49.60
CA LYS D 37 -21.94 30.34 50.26
C LYS D 37 -20.48 30.26 50.68
N ILE D 38 -20.10 29.15 51.30
CA ILE D 38 -18.73 28.96 51.76
C ILE D 38 -17.74 29.06 50.60
N GLY D 39 -17.96 28.26 49.56
CA GLY D 39 -17.06 28.26 48.42
C GLY D 39 -17.04 29.54 47.61
N LYS D 40 -18.17 30.23 47.53
CA LYS D 40 -18.24 31.45 46.75
C LYS D 40 -17.47 32.61 47.36
N ASP D 41 -17.38 32.64 48.69
CA ASP D 41 -16.68 33.73 49.35
C ASP D 41 -15.36 33.34 49.99
N TYR D 42 -14.97 32.07 49.85
CA TYR D 42 -13.71 31.63 50.43
C TYR D 42 -12.56 32.37 49.76
N ASP D 43 -11.66 32.88 50.60
CA ASP D 43 -10.49 33.64 50.13
C ASP D 43 -9.24 32.83 50.42
N ILE D 44 -8.68 32.21 49.39
CA ILE D 44 -7.49 31.39 49.53
C ILE D 44 -6.28 32.21 49.97
N GLU D 45 -5.99 33.27 49.23
CA GLU D 45 -4.88 34.17 49.53
C GLU D 45 -4.83 34.49 51.03
N ALA D 46 -5.95 34.97 51.57
CA ALA D 46 -6.07 35.34 52.97
C ALA D 46 -5.81 34.20 53.95
N ASN D 47 -6.14 32.97 53.57
CA ASN D 47 -5.93 31.83 54.45
C ASN D 47 -4.67 31.03 54.12
N ILE D 48 -3.77 31.62 53.34
CA ILE D 48 -2.55 30.93 52.92
C ILE D 48 -1.78 30.27 54.07
N ASP D 49 -1.99 30.77 55.29
CA ASP D 49 -1.32 30.23 56.46
C ASP D 49 -1.89 28.88 56.89
N ASN D 50 -2.96 28.45 56.23
CA ASN D 50 -3.57 27.17 56.57
C ASN D 50 -3.18 26.04 55.63
N TYR D 51 -2.14 26.28 54.85
CA TYR D 51 -1.64 25.29 53.90
C TYR D 51 -0.18 24.99 54.23
N THR D 52 0.16 23.71 54.39
CA THR D 52 1.52 23.32 54.75
C THR D 52 2.60 23.63 53.70
N ASN D 53 2.17 23.96 52.49
CA ASN D 53 3.11 24.26 51.40
C ASN D 53 2.63 25.51 50.67
N LYS D 54 3.18 26.66 51.06
CA LYS D 54 2.79 27.93 50.48
C LYS D 54 3.14 28.11 49.01
N LYS D 55 4.24 27.50 48.57
CA LYS D 55 4.64 27.61 47.19
C LYS D 55 3.55 27.02 46.30
N ALA D 56 3.04 25.86 46.71
CA ALA D 56 2.00 25.17 45.95
C ALA D 56 0.75 26.02 45.86
N VAL D 57 0.38 26.69 46.95
CA VAL D 57 -0.80 27.53 46.94
C VAL D 57 -0.61 28.76 46.09
N GLU D 58 0.59 29.33 46.12
CA GLU D 58 0.85 30.51 45.32
C GLU D 58 0.80 30.14 43.84
N ASP D 59 1.32 28.97 43.49
CA ASP D 59 1.29 28.52 42.10
C ASP D 59 -0.15 28.35 41.65
N PHE D 60 -0.98 27.82 42.53
CA PHE D 60 -2.38 27.65 42.18
C PHE D 60 -3.03 29.01 41.94
N LEU D 61 -2.77 29.99 42.80
CA LEU D 61 -3.38 31.32 42.63
C LEU D 61 -2.89 32.01 41.37
N LYS D 62 -1.60 31.88 41.11
CA LYS D 62 -0.98 32.48 39.93
C LYS D 62 -1.64 31.89 38.68
N MET D 63 -1.85 30.58 38.70
CA MET D 63 -2.44 29.86 37.59
C MET D 63 -3.94 30.15 37.47
N TYR D 64 -4.61 30.22 38.61
CA TYR D 64 -6.05 30.48 38.66
C TYR D 64 -6.43 31.87 38.14
N ARG D 65 -5.58 32.85 38.42
CA ARG D 65 -5.82 34.21 37.98
C ARG D 65 -5.80 34.33 36.47
N CYS D 66 -5.18 33.36 35.81
CA CYS D 66 -5.12 33.35 34.35
C CYS D 66 -6.31 32.64 33.73
N GLY D 67 -7.08 31.97 34.57
CA GLY D 67 -8.22 31.24 34.07
C GLY D 67 -7.97 29.76 33.98
N PHE D 68 -9.04 29.00 34.18
CA PHE D 68 -9.01 27.55 34.12
C PHE D 68 -10.02 27.11 33.05
N LEU D 69 -10.06 25.80 32.81
CA LEU D 69 -10.99 25.21 31.88
C LEU D 69 -12.38 25.73 32.24
N PRO D 70 -13.18 26.16 31.26
CA PRO D 70 -14.51 26.66 31.60
C PRO D 70 -15.48 25.54 31.94
N LYS D 71 -16.58 25.90 32.60
CA LYS D 71 -17.58 24.91 32.99
C LYS D 71 -18.22 24.27 31.76
N TYR D 72 -18.67 23.03 31.94
CA TYR D 72 -19.32 22.25 30.89
C TYR D 72 -18.39 21.57 29.89
N ASN D 73 -17.20 22.13 29.65
CA ASN D 73 -16.25 21.50 28.73
C ASN D 73 -15.79 20.17 29.30
N GLU D 74 -15.35 19.27 28.43
CA GLU D 74 -14.88 17.98 28.86
C GLU D 74 -13.51 18.10 29.50
N PHE D 75 -13.29 17.34 30.57
CA PHE D 75 -12.01 17.34 31.24
C PHE D 75 -11.37 15.98 31.03
N SER D 76 -10.05 15.98 30.82
CA SER D 76 -9.29 14.76 30.65
C SER D 76 -7.90 15.01 31.19
N VAL D 77 -7.37 14.08 31.96
CA VAL D 77 -6.05 14.26 32.52
C VAL D 77 -4.97 14.02 31.48
N PHE D 78 -5.38 13.60 30.28
CA PHE D 78 -4.42 13.35 29.19
C PHE D 78 -4.07 14.58 28.36
N HIS D 79 -4.66 15.72 28.68
CA HIS D 79 -4.37 16.96 27.97
C HIS D 79 -3.57 17.90 28.87
N ASP D 80 -2.38 18.27 28.41
CA ASP D 80 -1.46 19.13 29.14
C ASP D 80 -2.04 20.21 30.06
N LYS D 81 -2.61 21.25 29.48
CA LYS D 81 -3.18 22.34 30.28
C LYS D 81 -4.16 21.87 31.34
N LEU D 82 -5.06 20.97 30.94
CA LEU D 82 -6.05 20.43 31.86
C LEU D 82 -5.38 19.70 33.01
N ARG D 83 -4.39 18.87 32.72
CA ARG D 83 -3.71 18.12 33.77
C ARG D 83 -2.98 19.07 34.71
N ASP D 84 -2.33 20.09 34.15
CA ASP D 84 -1.61 21.03 34.98
C ASP D 84 -2.53 21.77 35.95
N GLU D 85 -3.72 22.14 35.48
CA GLU D 85 -4.66 22.82 36.34
C GLU D 85 -5.12 21.84 37.44
N ALA D 86 -5.51 20.64 37.03
CA ALA D 86 -5.97 19.62 37.97
C ALA D 86 -4.93 19.34 39.06
N ILE D 87 -3.67 19.21 38.67
CA ILE D 87 -2.61 18.96 39.64
C ILE D 87 -2.47 20.15 40.60
N ALA D 88 -2.60 21.36 40.09
CA ALA D 88 -2.51 22.55 40.93
C ALA D 88 -3.65 22.49 41.94
N LEU D 89 -4.84 22.14 41.45
CA LEU D 89 -6.00 22.04 42.31
C LEU D 89 -5.74 20.95 43.36
N PHE D 90 -5.19 19.82 42.94
CA PHE D 90 -4.90 18.74 43.87
C PHE D 90 -4.03 19.23 45.03
N HIS D 91 -2.94 19.91 44.69
CA HIS D 91 -2.03 20.41 45.71
C HIS D 91 -2.75 21.31 46.71
N LEU D 92 -3.68 22.13 46.22
CA LEU D 92 -4.44 23.02 47.08
C LEU D 92 -5.21 22.18 48.09
N PHE D 93 -5.81 21.10 47.61
CA PHE D 93 -6.57 20.21 48.45
C PHE D 93 -5.68 19.43 49.40
N TYR D 94 -4.59 18.90 48.85
CA TYR D 94 -3.65 18.08 49.61
C TYR D 94 -2.90 18.81 50.71
N TYR D 95 -2.48 20.03 50.44
CA TYR D 95 -1.72 20.79 51.40
C TYR D 95 -2.53 21.54 52.45
N ALA D 96 -3.86 21.45 52.36
CA ALA D 96 -4.70 22.09 53.35
C ALA D 96 -4.26 21.49 54.70
N LYS D 97 -4.00 22.35 55.68
CA LYS D 97 -3.51 21.91 56.98
C LYS D 97 -4.42 20.97 57.77
N ASP D 98 -5.74 21.17 57.67
CA ASP D 98 -6.69 20.33 58.37
C ASP D 98 -7.94 20.09 57.51
N PHE D 99 -8.77 19.12 57.92
CA PHE D 99 -9.96 18.80 57.15
C PHE D 99 -10.81 20.00 56.76
N ASP D 100 -10.99 20.91 57.72
CA ASP D 100 -11.81 22.09 57.50
C ASP D 100 -11.30 22.93 56.33
N THR D 101 -10.00 23.19 56.29
CA THR D 101 -9.44 23.99 55.20
C THR D 101 -9.58 23.23 53.88
N PHE D 102 -9.45 21.92 53.95
CA PHE D 102 -9.60 21.10 52.76
C PHE D 102 -11.03 21.26 52.23
N TYR D 103 -12.01 21.13 53.12
CA TYR D 103 -13.40 21.27 52.73
C TYR D 103 -13.70 22.63 52.10
N LYS D 104 -13.15 23.69 52.64
CA LYS D 104 -13.41 25.01 52.07
C LYS D 104 -12.79 25.09 50.68
N SER D 105 -11.56 24.62 50.58
CA SER D 105 -10.88 24.64 49.29
C SER D 105 -11.73 23.88 48.28
N ALA D 106 -12.27 22.74 48.70
CA ALA D 106 -13.11 21.92 47.85
C ALA D 106 -14.41 22.65 47.48
N ALA D 107 -15.00 23.33 48.45
CA ALA D 107 -16.24 24.07 48.19
C ALA D 107 -15.95 25.20 47.22
N PHE D 108 -14.81 25.85 47.39
CA PHE D 108 -14.39 26.94 46.52
C PHE D 108 -14.30 26.41 45.08
N ALA D 109 -13.64 25.26 44.94
CA ALA D 109 -13.43 24.60 43.65
C ALA D 109 -14.75 24.20 43.00
N ARG D 110 -15.60 23.55 43.78
CA ARG D 110 -16.90 23.12 43.28
C ARG D 110 -17.69 24.28 42.69
N VAL D 111 -17.54 25.46 43.29
CA VAL D 111 -18.27 26.65 42.84
C VAL D 111 -17.69 27.33 41.61
N HIS D 112 -16.38 27.52 41.61
CA HIS D 112 -15.71 28.22 40.52
C HIS D 112 -15.18 27.44 39.34
N LEU D 113 -14.78 26.18 39.59
CA LEU D 113 -14.16 25.39 38.54
C LEU D 113 -14.99 24.43 37.72
N ASN D 114 -14.38 23.91 36.65
CA ASN D 114 -15.00 22.94 35.76
C ASN D 114 -15.41 21.74 36.60
N GLN D 115 -16.66 21.32 36.49
CA GLN D 115 -17.14 20.19 37.28
C GLN D 115 -16.27 18.92 37.19
N GLY D 116 -15.94 18.50 35.96
CA GLY D 116 -15.12 17.31 35.81
C GLY D 116 -13.75 17.48 36.44
N GLN D 117 -13.19 18.67 36.27
CA GLN D 117 -11.88 18.95 36.80
C GLN D 117 -11.92 18.87 38.32
N PHE D 118 -12.87 19.57 38.90
CA PHE D 118 -13.02 19.56 40.33
C PHE D 118 -13.15 18.13 40.87
N LEU D 119 -14.09 17.37 40.30
CA LEU D 119 -14.31 16.00 40.73
C LEU D 119 -13.04 15.17 40.66
N TYR D 120 -12.25 15.38 39.62
CA TYR D 120 -11.01 14.62 39.45
C TYR D 120 -10.04 14.86 40.62
N ALA D 121 -9.72 16.12 40.89
CA ALA D 121 -8.81 16.49 41.97
C ALA D 121 -9.36 16.11 43.34
N TYR D 122 -10.67 16.25 43.49
CA TYR D 122 -11.37 15.94 44.73
C TYR D 122 -11.26 14.45 45.06
N TYR D 123 -11.57 13.61 44.07
CA TYR D 123 -11.49 12.16 44.26
C TYR D 123 -10.10 11.75 44.75
N ILE D 124 -9.07 12.34 44.14
CA ILE D 124 -7.70 12.01 44.48
C ILE D 124 -7.26 12.56 45.83
N ALA D 125 -7.73 13.75 46.18
CA ALA D 125 -7.35 14.36 47.46
C ALA D 125 -7.90 13.53 48.61
N ILE D 126 -9.12 13.04 48.47
CA ILE D 126 -9.75 12.24 49.51
C ILE D 126 -8.99 10.95 49.73
N ILE D 127 -8.38 10.45 48.66
CA ILE D 127 -7.60 9.21 48.76
C ILE D 127 -6.23 9.47 49.36
N GLN D 128 -5.64 10.61 49.02
CA GLN D 128 -4.30 10.94 49.49
C GLN D 128 -4.14 11.64 50.83
N ARG D 129 -5.10 12.49 51.22
CA ARG D 129 -4.98 13.18 52.50
C ARG D 129 -5.08 12.17 53.65
N LYS D 130 -4.23 12.33 54.66
CA LYS D 130 -4.26 11.41 55.78
C LYS D 130 -5.54 11.48 56.62
N ASP D 131 -6.08 12.69 56.82
CA ASP D 131 -7.29 12.82 57.62
C ASP D 131 -8.56 12.30 56.97
N THR D 132 -8.50 11.98 55.68
CA THR D 132 -9.66 11.44 55.00
C THR D 132 -9.42 9.97 54.69
N TYR D 133 -8.43 9.39 55.36
CA TYR D 133 -8.14 7.98 55.16
C TYR D 133 -9.36 7.13 55.56
N GLY D 134 -9.74 6.18 54.71
CA GLY D 134 -10.88 5.34 55.01
C GLY D 134 -12.21 5.90 54.55
N ILE D 135 -12.25 7.21 54.30
CA ILE D 135 -13.47 7.85 53.84
C ILE D 135 -13.95 7.15 52.59
N VAL D 136 -15.22 6.75 52.59
CA VAL D 136 -15.79 6.05 51.45
C VAL D 136 -16.10 6.96 50.25
N LEU D 137 -15.63 6.51 49.08
CA LEU D 137 -15.82 7.24 47.83
C LEU D 137 -17.06 6.74 47.10
N PRO D 138 -17.82 7.65 46.51
CA PRO D 138 -19.01 7.19 45.80
C PRO D 138 -18.58 6.50 44.49
N ALA D 139 -19.31 5.47 44.08
CA ALA D 139 -19.00 4.77 42.86
C ALA D 139 -18.92 5.74 41.68
N PRO D 140 -17.87 5.60 40.85
CA PRO D 140 -17.65 6.45 39.67
C PRO D 140 -18.86 6.48 38.73
N TYR D 141 -19.56 5.36 38.58
CA TYR D 141 -20.71 5.36 37.68
C TYR D 141 -21.86 6.20 38.19
N GLU D 142 -21.84 6.53 39.47
CA GLU D 142 -22.88 7.36 40.06
C GLU D 142 -22.54 8.83 39.82
N ILE D 143 -21.25 9.13 39.86
CA ILE D 143 -20.74 10.50 39.67
C ILE D 143 -20.62 10.90 38.19
N TYR D 144 -20.25 9.95 37.33
CA TYR D 144 -20.09 10.24 35.91
C TYR D 144 -20.93 9.25 35.10
N PRO D 145 -22.25 9.24 35.31
CA PRO D 145 -23.11 8.31 34.56
C PRO D 145 -23.03 8.46 33.04
N GLU D 146 -22.65 9.64 32.57
CA GLU D 146 -22.54 9.86 31.13
C GLU D 146 -21.31 9.18 30.54
N LEU D 147 -20.47 8.60 31.41
CA LEU D 147 -19.28 7.89 30.98
C LEU D 147 -19.47 6.40 31.22
N PHE D 148 -20.58 6.04 31.86
CA PHE D 148 -20.84 4.64 32.15
C PHE D 148 -22.08 4.09 31.51
N VAL D 149 -22.77 4.90 30.73
CA VAL D 149 -23.96 4.41 30.08
C VAL D 149 -24.14 5.03 28.70
N ASN D 150 -24.50 4.19 27.74
CA ASN D 150 -24.69 4.64 26.36
C ASN D 150 -25.77 5.71 26.23
N ILE D 151 -25.65 6.55 25.21
CA ILE D 151 -26.60 7.65 25.02
C ILE D 151 -28.03 7.24 24.84
N ASP D 152 -28.28 6.01 24.40
CA ASP D 152 -29.65 5.61 24.20
C ASP D 152 -30.40 5.70 25.52
N THR D 153 -29.80 5.25 26.62
CA THR D 153 -30.48 5.33 27.91
C THR D 153 -30.29 6.72 28.56
N THR D 154 -29.24 7.43 28.18
CA THR D 154 -29.02 8.79 28.67
C THR D 154 -30.14 9.67 28.12
N TYR D 155 -30.49 9.48 26.85
CA TYR D 155 -31.54 10.27 26.21
C TYR D 155 -32.92 9.95 26.76
N LYS D 156 -33.11 8.72 27.20
CA LYS D 156 -34.38 8.30 27.77
C LYS D 156 -34.61 9.02 29.09
N MET D 157 -33.54 9.22 29.85
CA MET D 157 -33.64 9.93 31.12
C MET D 157 -33.90 11.39 30.83
N PHE D 158 -33.24 11.92 29.81
CA PHE D 158 -33.45 13.31 29.42
C PHE D 158 -34.91 13.51 29.08
N ARG D 159 -35.45 12.61 28.26
CA ARG D 159 -36.86 12.70 27.85
C ARG D 159 -37.77 12.68 29.07
N THR D 160 -37.49 11.79 30.01
CA THR D 160 -38.29 11.67 31.23
C THR D 160 -38.30 12.96 32.04
N LYS D 161 -37.11 13.53 32.21
CA LYS D 161 -36.95 14.76 32.96
C LYS D 161 -37.66 15.94 32.28
N MET D 162 -37.56 16.02 30.96
CA MET D 162 -38.20 17.10 30.21
C MET D 162 -39.72 17.02 30.27
N GLN D 163 -40.26 15.80 30.32
CA GLN D 163 -41.71 15.60 30.39
C GLN D 163 -42.15 15.66 31.84
N ASN D 164 -41.17 15.72 32.74
CA ASN D 164 -41.42 15.74 34.18
C ASN D 164 -42.19 14.48 34.57
N GLY D 165 -41.71 13.33 34.09
CA GLY D 165 -42.36 12.07 34.39
C GLY D 165 -42.71 11.33 33.12
N LEU D 166 -43.50 10.26 33.25
CA LEU D 166 -43.90 9.48 32.07
C LEU D 166 -45.28 9.92 31.63
N ILE D 167 -45.44 10.16 30.34
CA ILE D 167 -46.74 10.59 29.84
C ILE D 167 -47.61 9.39 29.54
N ASN D 168 -46.97 8.30 29.12
CA ASN D 168 -47.67 7.05 28.82
C ASN D 168 -46.80 5.89 29.31
N PRO D 169 -46.89 5.58 30.60
CA PRO D 169 -46.12 4.50 31.22
C PRO D 169 -46.24 3.15 30.53
N GLU D 170 -47.45 2.79 30.15
CA GLU D 170 -47.70 1.52 29.48
C GLU D 170 -46.82 1.40 28.23
N ALA D 171 -46.68 2.51 27.49
CA ALA D 171 -45.89 2.54 26.27
C ALA D 171 -44.40 2.62 26.58
N ALA D 172 -44.05 3.42 27.58
CA ALA D 172 -42.64 3.59 27.96
C ALA D 172 -42.00 2.24 28.27
N VAL D 173 -42.80 1.29 28.73
CA VAL D 173 -42.30 -0.03 29.08
C VAL D 173 -41.58 -0.70 27.92
N GLU D 174 -42.10 -0.52 26.72
CA GLU D 174 -41.51 -1.14 25.54
C GLU D 174 -40.13 -0.60 25.18
N TYR D 175 -39.71 0.47 25.86
CA TYR D 175 -38.40 1.07 25.62
C TYR D 175 -37.50 0.90 26.84
N GLY D 176 -37.90 0.01 27.75
CA GLY D 176 -37.10 -0.22 28.94
C GLY D 176 -37.24 0.80 30.05
N ILE D 177 -38.30 1.61 30.02
CA ILE D 177 -38.53 2.61 31.05
C ILE D 177 -39.69 2.12 31.92
N VAL D 178 -39.42 1.91 33.20
CA VAL D 178 -40.44 1.41 34.11
C VAL D 178 -40.39 2.16 35.42
N LYS D 179 -41.56 2.39 36.03
CA LYS D 179 -41.61 3.10 37.30
C LYS D 179 -41.74 2.06 38.41
N GLU D 180 -40.85 2.16 39.41
CA GLU D 180 -40.85 1.27 40.57
C GLU D 180 -40.79 2.16 41.82
N ASP D 181 -41.81 2.08 42.67
CA ASP D 181 -41.86 2.92 43.87
C ASP D 181 -41.86 4.35 43.37
N ASN D 182 -40.85 5.10 43.79
CA ASN D 182 -40.73 6.47 43.37
C ASN D 182 -39.53 6.64 42.46
N HIS D 183 -39.05 5.52 41.93
CA HIS D 183 -37.91 5.52 41.03
C HIS D 183 -38.31 5.25 39.60
N TYR D 184 -37.52 5.78 38.68
CA TYR D 184 -37.71 5.52 37.25
C TYR D 184 -36.52 4.59 36.97
N VAL D 185 -36.81 3.37 36.52
CA VAL D 185 -35.79 2.39 36.22
C VAL D 185 -35.56 2.26 34.72
N TYR D 186 -34.30 2.35 34.31
CA TYR D 186 -33.95 2.27 32.90
C TYR D 186 -33.12 1.04 32.60
N TYR D 187 -33.70 0.10 31.87
CA TYR D 187 -32.98 -1.11 31.47
C TYR D 187 -32.00 -0.66 30.40
N SER D 188 -30.71 -0.87 30.65
CA SER D 188 -29.67 -0.43 29.74
C SER D 188 -28.79 -1.52 29.11
N ASN D 189 -28.88 -1.67 27.79
CA ASN D 189 -28.08 -2.65 27.06
C ASN D 189 -26.65 -2.23 26.81
N TYR D 190 -25.81 -3.23 26.59
CA TYR D 190 -24.42 -2.98 26.25
C TYR D 190 -24.47 -2.71 24.75
N SER D 191 -23.44 -2.11 24.20
CA SER D 191 -23.44 -1.76 22.78
C SER D 191 -23.66 -2.89 21.78
N ASN D 192 -23.28 -4.11 22.12
CA ASN D 192 -23.43 -5.24 21.20
C ASN D 192 -24.88 -5.54 20.89
N ALA D 193 -25.79 -4.86 21.57
CA ALA D 193 -27.21 -5.07 21.35
C ALA D 193 -27.78 -3.97 20.45
N ILE D 194 -26.93 -3.07 20.00
CA ILE D 194 -27.38 -1.98 19.15
C ILE D 194 -26.50 -1.82 17.90
N THR D 195 -25.28 -2.34 17.95
CA THR D 195 -24.36 -2.25 16.82
C THR D 195 -23.26 -3.29 16.96
N TYR D 196 -23.10 -4.11 15.92
CA TYR D 196 -22.12 -5.20 15.94
C TYR D 196 -21.08 -5.00 14.84
N TYR D 197 -20.34 -3.90 14.91
CA TYR D 197 -19.33 -3.57 13.90
C TYR D 197 -18.14 -4.52 13.76
N ASN D 198 -17.85 -5.33 14.77
CA ASN D 198 -16.77 -6.31 14.66
C ASN D 198 -16.93 -7.39 15.74
N GLU D 199 -16.22 -8.51 15.59
CA GLU D 199 -16.36 -9.60 16.54
C GLU D 199 -16.05 -9.27 18.00
N GLU D 200 -15.27 -8.22 18.23
CA GLU D 200 -14.92 -7.84 19.59
C GLU D 200 -16.17 -7.39 20.36
N GLN D 201 -17.22 -7.02 19.63
CA GLN D 201 -18.47 -6.58 20.26
C GLN D 201 -19.12 -7.66 21.12
N ARG D 202 -18.75 -8.92 20.93
CA ARG D 202 -19.34 -9.99 21.71
C ARG D 202 -18.83 -9.99 23.16
N LEU D 203 -17.84 -9.15 23.43
CA LEU D 203 -17.24 -9.01 24.76
C LEU D 203 -17.80 -7.81 25.53
N ALA D 204 -18.69 -7.06 24.89
CA ALA D 204 -19.29 -5.86 25.46
C ALA D 204 -19.83 -5.95 26.91
N TYR D 205 -20.45 -7.07 27.29
CA TYR D 205 -20.98 -7.22 28.65
C TYR D 205 -19.84 -7.16 29.66
N PHE D 206 -18.61 -7.38 29.17
CA PHE D 206 -17.44 -7.34 30.03
C PHE D 206 -16.70 -6.02 29.91
N THR D 207 -16.33 -5.66 28.69
CA THR D 207 -15.59 -4.42 28.46
C THR D 207 -16.36 -3.17 28.85
N GLU D 208 -17.69 -3.28 28.91
CA GLU D 208 -18.53 -2.15 29.29
C GLU D 208 -19.09 -2.26 30.71
N ASP D 209 -18.78 -3.37 31.41
CA ASP D 209 -19.22 -3.55 32.78
C ASP D 209 -18.78 -2.34 33.59
N ILE D 210 -19.72 -1.65 34.24
CA ILE D 210 -19.41 -0.45 35.01
C ILE D 210 -18.39 -0.73 36.12
N GLY D 211 -18.46 -1.92 36.70
CA GLY D 211 -17.53 -2.26 37.76
C GLY D 211 -16.12 -2.37 37.24
N LEU D 212 -15.96 -3.05 36.11
CA LEU D 212 -14.64 -3.22 35.50
C LEU D 212 -14.08 -1.85 35.15
N ASN D 213 -14.91 -0.98 34.60
CA ASN D 213 -14.44 0.35 34.25
C ASN D 213 -14.15 1.20 35.48
N ALA D 214 -14.94 1.02 36.53
CA ALA D 214 -14.73 1.76 37.76
C ALA D 214 -13.40 1.35 38.37
N TYR D 215 -13.12 0.05 38.29
CA TYR D 215 -11.90 -0.55 38.79
C TYR D 215 -10.64 0.14 38.24
N TYR D 216 -10.65 0.44 36.95
CA TYR D 216 -9.49 1.08 36.33
C TYR D 216 -9.37 2.51 36.82
N PHE D 217 -10.52 3.17 36.97
CA PHE D 217 -10.55 4.54 37.47
C PHE D 217 -9.94 4.58 38.88
N PHE D 218 -10.32 3.60 39.72
CA PHE D 218 -9.79 3.56 41.08
C PHE D 218 -8.28 3.34 41.05
N PHE D 219 -7.82 2.52 40.11
CA PHE D 219 -6.40 2.26 39.97
C PHE D 219 -5.67 3.57 39.72
N HIS D 220 -6.26 4.42 38.89
CA HIS D 220 -5.65 5.70 38.59
C HIS D 220 -5.56 6.69 39.76
N ILE D 221 -6.71 7.04 40.33
CA ILE D 221 -6.73 8.00 41.44
C ILE D 221 -5.99 7.52 42.69
N HIS D 222 -5.88 6.22 42.87
CA HIS D 222 -5.16 5.69 44.03
C HIS D 222 -3.70 6.18 43.96
N LEU D 223 -3.17 6.27 42.75
CA LEU D 223 -1.80 6.72 42.51
C LEU D 223 -1.60 7.11 41.04
N PRO D 224 -1.91 8.37 40.68
CA PRO D 224 -1.78 8.89 39.31
C PRO D 224 -0.36 8.79 38.78
N PHE D 225 -0.23 8.60 37.47
CA PHE D 225 1.08 8.50 36.85
C PHE D 225 1.88 9.79 37.03
N TRP D 226 1.19 10.93 37.13
CA TRP D 226 1.88 12.21 37.25
C TRP D 226 2.42 12.53 38.64
N TRP D 227 2.04 11.74 39.64
CA TRP D 227 2.49 11.98 40.99
C TRP D 227 3.49 10.92 41.45
N THR D 228 4.39 11.33 42.34
CA THR D 228 5.41 10.44 42.90
C THR D 228 4.75 9.47 43.88
N ALA D 229 5.37 8.32 44.09
CA ALA D 229 4.82 7.35 45.02
C ALA D 229 5.35 7.56 46.43
N GLU D 230 6.08 8.65 46.63
CA GLU D 230 6.67 8.98 47.93
C GLU D 230 5.79 8.71 49.14
N LYS D 231 4.56 9.22 49.11
CA LYS D 231 3.61 9.04 50.20
C LYS D 231 3.49 7.62 50.71
N TYR D 232 3.66 6.64 49.83
CA TYR D 232 3.52 5.25 50.23
C TYR D 232 4.81 4.51 50.62
N GLY D 233 5.83 5.25 51.04
CA GLY D 233 7.08 4.65 51.47
C GLY D 233 7.69 3.58 50.57
N ASN D 234 7.59 2.32 51.01
CA ASN D 234 8.13 1.19 50.26
C ASN D 234 7.61 1.05 48.85
N LEU D 235 6.33 1.35 48.63
CA LEU D 235 5.77 1.24 47.29
C LEU D 235 6.66 1.93 46.25
N LYS D 236 7.16 3.11 46.57
CA LYS D 236 7.99 3.85 45.64
C LYS D 236 9.07 2.97 45.00
N GLU D 237 9.78 2.18 45.81
CA GLU D 237 10.84 1.31 45.29
C GLU D 237 10.28 0.12 44.51
N ARG D 238 9.03 -0.22 44.74
CA ARG D 238 8.40 -1.35 44.05
C ARG D 238 7.32 -0.88 43.09
N ARG D 239 7.32 0.41 42.75
CA ARG D 239 6.30 0.94 41.85
C ARG D 239 6.21 0.19 40.53
N GLY D 240 7.35 -0.07 39.91
CA GLY D 240 7.35 -0.81 38.66
C GLY D 240 6.77 -2.21 38.81
N GLU D 241 7.04 -2.83 39.94
CA GLU D 241 6.54 -4.18 40.21
C GLU D 241 5.01 -4.15 40.21
N MET D 242 4.44 -3.13 40.83
CA MET D 242 2.99 -2.99 40.91
C MET D 242 2.37 -2.71 39.53
N TYR D 243 3.11 -1.98 38.70
CA TYR D 243 2.66 -1.64 37.35
C TYR D 243 2.49 -2.92 36.54
N HIS D 244 3.53 -3.77 36.57
CA HIS D 244 3.51 -5.03 35.85
C HIS D 244 2.39 -5.92 36.34
N TYR D 245 2.26 -6.02 37.66
CA TYR D 245 1.23 -6.85 38.29
C TYR D 245 -0.19 -6.44 37.92
N PHE D 246 -0.49 -5.16 38.10
CA PHE D 246 -1.83 -4.66 37.77
C PHE D 246 -2.23 -4.98 36.32
N TYR D 247 -1.41 -4.54 35.36
CA TYR D 247 -1.70 -4.77 33.95
C TYR D 247 -1.64 -6.23 33.52
N ASP D 248 -0.69 -7.00 34.03
CA ASP D 248 -0.62 -8.40 33.63
C ASP D 248 -1.88 -9.15 34.10
N GLN D 249 -2.30 -8.91 35.34
CA GLN D 249 -3.50 -9.55 35.87
C GLN D 249 -4.73 -9.14 35.08
N LEU D 250 -4.86 -7.83 34.83
CA LEU D 250 -6.00 -7.33 34.08
C LEU D 250 -6.01 -7.90 32.66
N LEU D 251 -4.85 -7.89 32.01
CA LEU D 251 -4.73 -8.41 30.65
C LEU D 251 -5.01 -9.92 30.62
N THR D 252 -4.54 -10.63 31.64
CA THR D 252 -4.78 -12.08 31.71
C THR D 252 -6.27 -12.32 31.90
N ARG D 253 -6.88 -11.54 32.79
CA ARG D 253 -8.30 -11.68 33.06
C ARG D 253 -9.11 -11.40 31.80
N TYR D 254 -8.67 -10.41 31.02
CA TYR D 254 -9.32 -10.06 29.76
C TYR D 254 -9.18 -11.23 28.80
N TYR D 255 -7.97 -11.78 28.76
CA TYR D 255 -7.68 -12.90 27.89
C TYR D 255 -8.65 -14.05 28.15
N PHE D 256 -8.92 -14.31 29.42
CA PHE D 256 -9.84 -15.37 29.82
C PHE D 256 -11.21 -15.16 29.18
N GLU D 257 -11.68 -13.92 29.17
CA GLU D 257 -12.99 -13.61 28.57
C GLU D 257 -12.92 -13.86 27.06
N ARG D 258 -11.77 -13.65 26.46
CA ARG D 258 -11.64 -13.90 25.02
C ARG D 258 -11.71 -15.41 24.76
N LEU D 259 -11.04 -16.17 25.59
CA LEU D 259 -11.02 -17.62 25.47
C LEU D 259 -12.40 -18.29 25.48
N THR D 260 -13.25 -17.90 26.43
CA THR D 260 -14.57 -18.52 26.50
C THR D 260 -15.48 -18.05 25.38
N ASN D 261 -15.04 -17.02 24.67
CA ASN D 261 -15.78 -16.45 23.56
C ASN D 261 -15.16 -16.76 22.19
N GLY D 262 -14.10 -17.57 22.19
CA GLY D 262 -13.43 -17.93 20.96
C GLY D 262 -12.72 -16.81 20.23
N LEU D 263 -12.18 -15.85 20.97
CA LEU D 263 -11.50 -14.71 20.36
C LEU D 263 -9.98 -14.73 20.48
N GLY D 264 -9.45 -15.86 20.97
CA GLY D 264 -8.00 -16.01 21.10
C GLY D 264 -7.21 -14.90 21.76
N THR D 265 -5.90 -14.93 21.50
CA THR D 265 -4.97 -13.96 22.07
C THR D 265 -5.28 -12.51 21.73
N ILE D 266 -4.74 -11.62 22.55
CA ILE D 266 -4.91 -10.18 22.36
C ILE D 266 -4.17 -9.86 21.07
N PRO D 267 -4.86 -9.26 20.10
CA PRO D 267 -4.26 -8.90 18.83
C PRO D 267 -3.05 -8.00 18.95
N GLU D 268 -2.12 -8.14 18.01
CA GLU D 268 -0.94 -7.30 17.96
C GLU D 268 -1.18 -6.32 16.82
N PHE D 269 -0.57 -5.15 16.88
CA PHE D 269 -0.75 -4.18 15.80
C PHE D 269 0.59 -3.54 15.45
N SER D 270 0.56 -2.66 14.46
CA SER D 270 1.75 -1.94 13.99
C SER D 270 1.34 -0.48 13.83
N TRP D 271 2.26 0.44 14.11
CA TRP D 271 1.94 1.85 13.94
C TRP D 271 2.02 2.22 12.47
N TYR D 272 2.51 1.30 11.63
CA TYR D 272 2.65 1.59 10.21
C TYR D 272 1.66 0.85 9.32
N SER D 273 0.67 0.22 9.92
CA SER D 273 -0.34 -0.50 9.17
C SER D 273 -1.69 -0.23 9.80
N PRO D 274 -2.76 -0.36 9.03
CA PRO D 274 -4.12 -0.12 9.53
C PRO D 274 -4.36 -0.90 10.83
N VAL D 275 -5.02 -0.25 11.79
CA VAL D 275 -5.36 -0.92 13.05
C VAL D 275 -6.66 -1.63 12.75
N LYS D 276 -6.63 -2.95 12.84
CA LYS D 276 -7.78 -3.78 12.52
C LYS D 276 -9.08 -3.56 13.29
N THR D 277 -9.03 -3.60 14.61
CA THR D 277 -10.24 -3.48 15.41
C THR D 277 -10.64 -2.05 15.77
N GLY D 278 -11.78 -1.61 15.21
CA GLY D 278 -12.25 -0.29 15.47
C GLY D 278 -13.11 -0.24 16.72
N HIS D 279 -13.55 0.95 17.10
CA HIS D 279 -14.38 1.12 18.25
C HIS D 279 -15.31 2.31 18.04
N TYR D 280 -16.57 2.16 18.45
CA TYR D 280 -17.53 3.23 18.31
C TYR D 280 -18.15 3.58 19.64
N PRO D 281 -17.58 4.59 20.32
CA PRO D 281 -18.13 4.98 21.62
C PRO D 281 -19.54 5.53 21.44
N LEU D 282 -20.50 4.94 22.15
CA LEU D 282 -21.88 5.41 22.09
C LEU D 282 -22.03 6.39 23.23
N LEU D 283 -21.02 7.23 23.37
CA LEU D 283 -20.98 8.25 24.41
C LEU D 283 -20.87 9.63 23.77
N THR D 284 -21.21 10.66 24.52
CA THR D 284 -21.16 12.02 24.03
C THR D 284 -20.74 12.97 25.14
N SER D 285 -20.25 14.15 24.76
CA SER D 285 -19.89 15.17 25.74
C SER D 285 -20.96 16.23 25.57
N TYR D 286 -20.87 17.35 26.27
CA TYR D 286 -21.87 18.40 26.14
C TYR D 286 -21.69 19.15 24.82
N TYR D 287 -20.52 19.01 24.21
CA TYR D 287 -20.24 19.73 22.97
C TYR D 287 -20.02 18.91 21.72
N THR D 288 -19.69 17.64 21.86
CA THR D 288 -19.43 16.81 20.70
C THR D 288 -19.54 15.32 20.98
N PRO D 289 -19.70 14.50 19.92
CA PRO D 289 -19.80 13.06 20.18
C PRO D 289 -18.35 12.63 20.46
N PHE D 290 -18.17 11.42 20.96
CA PHE D 290 -16.80 10.93 21.18
C PHE D 290 -16.25 10.56 19.79
N SER D 291 -14.94 10.64 19.59
CA SER D 291 -14.41 10.26 18.28
C SER D 291 -14.59 8.76 18.06
N GLN D 292 -14.58 8.36 16.78
CA GLN D 292 -14.77 6.97 16.40
C GLN D 292 -13.60 6.48 15.57
N ARG D 293 -13.24 5.22 15.77
CA ARG D 293 -12.15 4.62 15.01
C ARG D 293 -12.74 3.46 14.25
N PRO D 294 -12.98 3.64 12.94
CA PRO D 294 -13.54 2.55 12.14
C PRO D 294 -12.58 1.38 12.08
N ASN D 295 -13.06 0.23 11.63
CA ASN D 295 -12.22 -0.95 11.51
C ASN D 295 -11.16 -0.67 10.44
N PHE D 296 -10.00 -1.30 10.57
CA PHE D 296 -8.90 -1.11 9.63
C PHE D 296 -8.56 0.38 9.45
N TYR D 297 -8.49 1.08 10.57
CA TYR D 297 -8.18 2.52 10.61
C TYR D 297 -6.79 2.85 10.08
N ASN D 298 -6.73 3.82 9.17
CA ASN D 298 -5.46 4.25 8.60
C ASN D 298 -4.77 5.18 9.58
N VAL D 299 -4.03 4.56 10.51
CA VAL D 299 -3.32 5.23 11.58
C VAL D 299 -2.05 5.97 11.17
N HIS D 300 -1.37 5.44 10.15
CA HIS D 300 -0.14 6.07 9.66
C HIS D 300 -0.47 7.17 8.65
N SER D 301 -1.10 8.23 9.10
CA SER D 301 -1.43 9.34 8.20
C SER D 301 -0.56 10.55 8.58
N GLU D 302 -0.57 11.58 7.73
CA GLU D 302 0.25 12.76 7.99
C GLU D 302 0.11 13.38 9.39
N GLU D 303 -1.10 13.39 9.94
CA GLU D 303 -1.30 13.98 11.27
C GLU D 303 -0.54 13.23 12.35
N ASN D 304 -0.24 11.96 12.13
CA ASN D 304 0.47 11.14 13.11
C ASN D 304 1.92 10.78 12.81
N TYR D 305 2.44 11.21 11.67
CA TYR D 305 3.83 10.88 11.31
C TYR D 305 4.84 11.06 12.45
N GLU D 306 4.86 12.26 13.03
CA GLU D 306 5.81 12.60 14.08
C GLU D 306 5.56 11.86 15.39
N LYS D 307 4.30 11.68 15.76
CA LYS D 307 3.97 10.95 16.99
C LYS D 307 4.39 9.49 16.87
N ILE D 308 4.18 8.92 15.68
CA ILE D 308 4.55 7.54 15.43
C ILE D 308 6.06 7.35 15.51
N ARG D 309 6.82 8.32 15.02
CA ARG D 309 8.28 8.22 15.09
C ARG D 309 8.73 8.26 16.54
N PHE D 310 7.99 8.98 17.37
CA PHE D 310 8.27 9.09 18.79
C PHE D 310 7.99 7.76 19.49
N LEU D 311 6.82 7.21 19.23
CA LEU D 311 6.41 5.94 19.80
C LEU D 311 7.40 4.85 19.38
N ASP D 312 7.75 4.84 18.09
CA ASP D 312 8.68 3.87 17.56
C ASP D 312 10.04 4.02 18.26
N ALA D 313 10.46 5.28 18.46
CA ALA D 313 11.73 5.56 19.12
C ALA D 313 11.72 5.08 20.57
N TYR D 314 10.60 5.29 21.25
CA TYR D 314 10.43 4.88 22.63
C TYR D 314 10.60 3.37 22.75
N GLU D 315 10.00 2.62 21.83
CA GLU D 315 10.10 1.18 21.84
C GLU D 315 11.53 0.75 21.50
N ASN D 316 12.11 1.40 20.49
CA ASN D 316 13.49 1.07 20.09
C ASN D 316 14.45 1.13 21.25
N TYR D 317 14.31 2.18 22.04
CA TYR D 317 15.18 2.39 23.18
C TYR D 317 15.10 1.21 24.14
N PHE D 318 13.89 0.70 24.36
CA PHE D 318 13.73 -0.41 25.28
C PHE D 318 14.34 -1.69 24.74
N VAL D 319 14.09 -1.93 23.46
CA VAL D 319 14.58 -3.13 22.80
C VAL D 319 16.09 -3.18 22.73
N GLN D 320 16.73 -2.03 22.55
CA GLN D 320 18.18 -1.98 22.47
C GLN D 320 18.80 -2.15 23.85
N ALA D 321 18.15 -1.58 24.87
CA ALA D 321 18.63 -1.69 26.23
C ALA D 321 18.65 -3.17 26.60
N LEU D 322 17.56 -3.86 26.27
CA LEU D 322 17.50 -5.28 26.57
C LEU D 322 18.65 -6.00 25.86
N GLN D 323 18.91 -5.62 24.61
CA GLN D 323 19.97 -6.26 23.84
C GLN D 323 21.36 -6.00 24.41
N LYS D 324 21.65 -4.76 24.79
CA LYS D 324 22.96 -4.46 25.35
C LYS D 324 23.07 -4.70 26.85
N GLY D 325 22.00 -5.20 27.45
CA GLY D 325 21.99 -5.52 28.87
C GLY D 325 22.02 -4.40 29.91
N VAL D 326 21.68 -3.17 29.51
CA VAL D 326 21.71 -2.06 30.44
C VAL D 326 20.83 -0.87 30.03
N PHE D 327 20.21 -0.24 31.03
CA PHE D 327 19.38 0.92 30.77
C PHE D 327 20.21 2.19 31.01
N GLU D 328 20.47 2.97 29.98
CA GLU D 328 21.25 4.20 30.14
C GLU D 328 20.31 5.40 30.03
N GLY D 329 20.65 6.48 30.72
CA GLY D 329 19.81 7.67 30.66
C GLY D 329 19.01 7.87 31.94
N PHE D 330 18.23 8.95 31.98
CA PHE D 330 17.43 9.29 33.14
C PHE D 330 18.28 9.45 34.40
N GLY D 331 19.53 9.85 34.20
CA GLY D 331 20.44 10.08 35.32
C GLY D 331 21.05 8.85 35.94
N GLN D 332 21.16 7.75 35.22
CA GLN D 332 21.75 6.56 35.79
C GLN D 332 22.03 5.45 34.80
N THR D 333 22.62 4.38 35.32
CA THR D 333 22.97 3.22 34.51
C THR D 333 22.54 1.99 35.28
N ILE D 334 21.58 1.27 34.72
CA ILE D 334 21.05 0.09 35.38
C ILE D 334 21.17 -1.21 34.59
N TYR D 335 21.96 -2.16 35.10
CA TYR D 335 22.10 -3.43 34.41
C TYR D 335 20.80 -4.19 34.59
N LEU D 336 20.47 -5.04 33.64
CA LEU D 336 19.23 -5.77 33.73
C LEU D 336 18.98 -6.42 35.09
N ASN D 337 19.99 -7.02 35.72
CA ASN D 337 19.75 -7.65 37.01
C ASN D 337 19.92 -6.75 38.23
N ASP D 338 20.20 -5.48 38.00
CA ASP D 338 20.32 -4.54 39.10
C ASP D 338 19.02 -4.62 39.89
N SER D 339 19.09 -4.37 41.20
CA SER D 339 17.89 -4.44 42.04
C SER D 339 16.85 -3.36 41.71
N LYS D 340 17.28 -2.29 41.05
CA LYS D 340 16.36 -1.21 40.69
C LYS D 340 15.80 -1.34 39.28
N ALA D 341 16.21 -2.40 38.58
CA ALA D 341 15.78 -2.63 37.21
C ALA D 341 14.28 -2.83 37.02
N ASN D 342 13.69 -3.71 37.81
CA ASN D 342 12.28 -3.95 37.66
C ASN D 342 11.44 -2.67 37.77
N SER D 343 11.78 -1.81 38.73
CA SER D 343 11.04 -0.57 38.90
C SER D 343 11.31 0.39 37.76
N PHE D 344 12.51 0.32 37.18
CA PHE D 344 12.82 1.21 36.09
C PHE D 344 11.97 0.92 34.85
N VAL D 345 11.88 -0.35 34.45
CA VAL D 345 11.11 -0.63 33.25
C VAL D 345 9.67 -0.24 33.46
N GLY D 346 9.18 -0.40 34.69
CA GLY D 346 7.81 -0.06 35.01
C GLY D 346 7.58 1.43 34.91
N ASN D 347 8.46 2.20 35.54
CA ASN D 347 8.36 3.66 35.55
C ASN D 347 8.67 4.25 34.18
N TYR D 348 9.46 3.53 33.39
CA TYR D 348 9.82 3.98 32.07
C TYR D 348 8.61 3.90 31.16
N TRP D 349 8.01 2.72 31.09
CA TRP D 349 6.84 2.53 30.24
C TRP D 349 5.69 3.45 30.62
N GLN D 350 5.60 3.79 31.90
CA GLN D 350 4.53 4.65 32.35
C GLN D 350 4.89 6.14 32.27
N ASP D 351 6.18 6.44 32.15
CA ASP D 351 6.65 7.83 32.09
C ASP D 351 6.12 8.58 33.31
N ASN D 352 6.20 7.94 34.48
CA ASN D 352 5.71 8.57 35.70
C ASN D 352 6.77 9.43 36.40
N ALA D 353 6.36 10.11 37.47
CA ALA D 353 7.25 11.02 38.19
C ALA D 353 8.48 10.35 38.79
N ASP D 354 8.30 9.17 39.37
CA ASP D 354 9.39 8.45 39.98
C ASP D 354 10.51 8.08 39.00
N LEU D 355 10.21 8.17 37.71
CA LEU D 355 11.20 7.88 36.67
C LEU D 355 12.23 9.00 36.63
N TYR D 356 11.75 10.21 36.84
CA TYR D 356 12.57 11.41 36.84
C TYR D 356 12.99 11.88 38.22
N GLY D 357 12.54 11.17 39.26
CA GLY D 357 12.88 11.56 40.62
C GLY D 357 12.33 12.92 40.97
N GLU D 358 11.06 13.14 40.66
CA GLU D 358 10.40 14.41 40.95
C GLU D 358 9.10 14.14 41.66
N GLU D 359 8.39 15.21 42.03
CA GLU D 359 7.11 15.14 42.72
C GLU D 359 5.99 14.93 41.72
N VAL D 360 5.99 15.76 40.67
CA VAL D 360 4.99 15.68 39.62
C VAL D 360 5.68 15.82 38.27
N THR D 361 5.09 15.23 37.24
CA THR D 361 5.67 15.28 35.90
C THR D 361 5.50 16.65 35.24
N LYS D 362 6.39 16.95 34.29
CA LYS D 362 6.32 18.23 33.58
C LYS D 362 5.79 17.98 32.17
N ASP D 363 5.41 19.04 31.48
CA ASP D 363 4.84 18.94 30.14
C ASP D 363 5.79 18.37 29.09
N TYR D 364 7.04 18.83 29.11
CA TYR D 364 8.03 18.38 28.12
C TYR D 364 8.43 16.92 28.27
N GLN D 365 8.07 16.31 29.41
CA GLN D 365 8.38 14.90 29.63
C GLN D 365 7.31 14.09 28.90
N ARG D 366 7.53 13.88 27.61
CA ARG D 366 6.57 13.19 26.78
C ARG D 366 6.32 11.73 27.17
N SER D 367 5.05 11.36 27.16
CA SER D 367 4.58 10.03 27.54
C SER D 367 4.14 9.12 26.39
N TYR D 368 4.65 7.88 26.41
CA TYR D 368 4.32 6.85 25.42
C TYR D 368 2.83 6.52 25.53
N GLU D 369 2.39 6.20 26.74
CA GLU D 369 0.98 5.89 26.98
C GLU D 369 0.07 7.01 26.48
N ILE D 370 0.40 8.25 26.83
CA ILE D 370 -0.42 9.38 26.41
C ILE D 370 -0.45 9.55 24.89
N VAL D 371 0.73 9.54 24.26
CA VAL D 371 0.79 9.69 22.81
C VAL D 371 0.12 8.51 22.10
N ALA D 372 0.26 7.31 22.65
CA ALA D 372 -0.37 6.15 22.02
C ALA D 372 -1.89 6.24 22.13
N ARG D 373 -2.38 6.72 23.28
CA ARG D 373 -3.82 6.84 23.51
C ARG D 373 -4.35 7.89 22.54
N GLN D 374 -3.48 8.82 22.20
CA GLN D 374 -3.80 9.90 21.29
C GLN D 374 -3.99 9.37 19.85
N VAL D 375 -3.03 8.59 19.35
CA VAL D 375 -3.19 8.09 17.98
C VAL D 375 -4.20 6.95 17.88
N LEU D 376 -4.33 6.15 18.93
CA LEU D 376 -5.31 5.06 18.88
C LEU D 376 -6.72 5.61 19.02
N GLY D 377 -6.86 6.74 19.71
CA GLY D 377 -8.18 7.32 19.91
C GLY D 377 -8.81 7.76 18.60
N ALA D 378 -7.97 8.00 17.60
CA ALA D 378 -8.40 8.42 16.26
C ALA D 378 -9.13 9.75 16.18
N ALA D 379 -8.95 10.60 17.18
CA ALA D 379 -9.60 11.90 17.18
C ALA D 379 -8.76 12.97 16.46
N PRO D 380 -9.43 13.92 15.81
CA PRO D 380 -8.67 14.99 15.10
C PRO D 380 -7.97 15.84 16.16
N LYS D 381 -6.93 16.57 15.78
CA LYS D 381 -6.24 17.35 16.80
C LYS D 381 -7.15 18.35 17.51
N PRO D 382 -6.90 18.58 18.81
CA PRO D 382 -7.67 19.49 19.66
C PRO D 382 -7.84 20.88 19.04
N PHE D 383 -9.05 21.41 19.15
CA PHE D 383 -9.37 22.73 18.61
C PHE D 383 -8.47 23.78 19.29
N ASP D 384 -8.29 23.63 20.60
CA ASP D 384 -7.44 24.50 21.42
C ASP D 384 -7.20 23.78 22.75
N LYS D 385 -6.41 24.38 23.63
CA LYS D 385 -6.09 23.74 24.90
C LYS D 385 -7.30 23.36 25.76
N TYR D 386 -8.42 24.03 25.55
CA TYR D 386 -9.62 23.73 26.34
C TYR D 386 -10.69 22.95 25.60
N THR D 387 -10.52 22.79 24.29
CA THR D 387 -11.50 22.10 23.47
C THR D 387 -10.96 20.93 22.66
N PHE D 388 -11.50 19.76 22.92
CA PHE D 388 -11.06 18.57 22.20
C PHE D 388 -12.19 17.58 21.99
N MET D 389 -12.05 16.70 21.00
CA MET D 389 -13.08 15.69 20.76
C MET D 389 -12.56 14.48 21.53
N PRO D 390 -13.33 13.99 22.51
CA PRO D 390 -12.87 12.84 23.29
C PRO D 390 -13.08 11.45 22.71
N SER D 391 -12.23 10.53 23.14
CA SER D 391 -12.33 9.14 22.73
C SER D 391 -12.41 8.34 24.02
N ALA D 392 -12.70 7.05 23.91
CA ALA D 392 -12.81 6.20 25.09
C ALA D 392 -11.47 6.15 25.80
N LEU D 393 -10.41 6.43 25.06
CA LEU D 393 -9.06 6.40 25.61
C LEU D 393 -8.62 7.65 26.34
N ASP D 394 -9.52 8.64 26.43
CA ASP D 394 -9.21 9.89 27.12
C ASP D 394 -9.56 9.86 28.61
N PHE D 395 -10.21 8.78 29.04
CA PHE D 395 -10.64 8.64 30.42
C PHE D 395 -10.34 7.28 31.01
N TYR D 396 -9.95 7.26 32.28
CA TYR D 396 -9.67 6.00 32.95
C TYR D 396 -10.96 5.25 33.17
N GLN D 397 -12.07 5.98 33.25
CA GLN D 397 -13.34 5.33 33.46
C GLN D 397 -14.01 4.75 32.20
N THR D 398 -13.42 4.98 31.03
CA THR D 398 -13.98 4.44 29.78
C THR D 398 -12.97 3.62 28.97
N SER D 399 -11.69 3.81 29.27
CA SER D 399 -10.61 3.10 28.56
C SER D 399 -10.83 1.62 28.27
N LEU D 400 -11.34 0.85 29.23
CA LEU D 400 -11.53 -0.58 29.00
C LEU D 400 -12.63 -0.91 27.99
N ARG D 401 -13.34 0.12 27.53
CA ARG D 401 -14.39 -0.07 26.54
C ARG D 401 -13.81 -0.21 25.13
N ASP D 402 -12.54 0.19 24.99
CA ASP D 402 -11.89 0.13 23.68
C ASP D 402 -10.93 -1.05 23.57
N PRO D 403 -11.10 -1.89 22.55
CA PRO D 403 -10.24 -3.07 22.36
C PRO D 403 -8.74 -2.74 22.27
N THR D 404 -8.40 -1.59 21.67
CA THR D 404 -7.01 -1.19 21.53
C THR D 404 -6.39 -0.85 22.86
N PHE D 405 -7.22 -0.59 23.87
CA PHE D 405 -6.67 -0.32 25.18
C PHE D 405 -5.89 -1.57 25.58
N TYR D 406 -6.53 -2.74 25.46
CA TYR D 406 -5.87 -3.98 25.81
C TYR D 406 -4.71 -4.27 24.87
N GLN D 407 -4.87 -3.93 23.60
CA GLN D 407 -3.81 -4.17 22.64
C GLN D 407 -2.57 -3.36 22.95
N LEU D 408 -2.78 -2.12 23.39
CA LEU D 408 -1.68 -1.22 23.73
C LEU D 408 -0.90 -1.68 24.97
N TYR D 409 -1.62 -2.03 26.03
CA TYR D 409 -0.97 -2.46 27.25
C TYR D 409 -0.42 -3.86 27.12
N ASN D 410 -1.03 -4.65 26.24
CA ASN D 410 -0.53 -6.00 26.02
C ASN D 410 0.80 -5.85 25.29
N ARG D 411 0.93 -4.79 24.50
CA ARG D 411 2.16 -4.53 23.76
C ARG D 411 3.26 -4.16 24.77
N ILE D 412 2.90 -3.30 25.72
CA ILE D 412 3.84 -2.85 26.75
C ILE D 412 4.24 -3.99 27.65
N ILE D 413 3.26 -4.71 28.19
CA ILE D 413 3.59 -5.84 29.06
C ILE D 413 4.32 -6.93 28.26
N GLY D 414 4.20 -6.86 26.94
CA GLY D 414 4.90 -7.82 26.09
C GLY D 414 6.38 -7.56 26.32
N TYR D 415 6.76 -6.29 26.25
CA TYR D 415 8.12 -5.87 26.46
C TYR D 415 8.53 -6.17 27.90
N PHE D 416 7.64 -5.90 28.84
CA PHE D 416 7.94 -6.15 30.23
C PHE D 416 8.20 -7.65 30.47
N ASN D 417 7.34 -8.51 29.94
CA ASN D 417 7.53 -9.95 30.12
C ASN D 417 8.78 -10.45 29.41
N GLN D 418 9.22 -9.70 28.40
CA GLN D 418 10.41 -10.02 27.63
C GLN D 418 11.61 -9.73 28.54
N PHE D 419 11.53 -8.62 29.27
CA PHE D 419 12.57 -8.20 30.20
C PHE D 419 12.69 -9.23 31.33
N LYS D 420 11.56 -9.79 31.74
CA LYS D 420 11.54 -10.78 32.81
C LYS D 420 12.39 -12.01 32.49
N GLN D 421 12.56 -12.32 31.21
CA GLN D 421 13.36 -13.49 30.86
C GLN D 421 14.87 -13.25 30.96
N TYR D 422 15.27 -12.03 31.32
CA TYR D 422 16.68 -11.71 31.47
C TYR D 422 17.07 -11.78 32.94
N LEU D 423 16.08 -12.08 33.77
CA LEU D 423 16.28 -12.16 35.21
C LEU D 423 16.50 -13.59 35.68
N GLU D 424 17.02 -13.71 36.90
CA GLU D 424 17.29 -15.00 37.53
C GLU D 424 15.96 -15.75 37.69
N PRO D 425 15.78 -16.86 36.96
CA PRO D 425 14.53 -17.63 37.06
C PRO D 425 14.43 -18.29 38.44
N HIS D 426 13.22 -18.44 38.93
CA HIS D 426 13.00 -19.08 40.22
C HIS D 426 13.55 -20.50 40.15
N SER D 427 14.48 -20.84 41.03
CA SER D 427 15.06 -22.18 41.03
C SER D 427 14.07 -23.16 41.66
N GLN D 428 14.19 -24.43 41.26
CA GLN D 428 13.32 -25.46 41.80
C GLN D 428 13.46 -25.55 43.31
N GLU D 429 14.68 -25.36 43.80
CA GLU D 429 14.93 -25.44 45.23
C GLU D 429 14.16 -24.36 46.00
N LYS D 430 14.24 -23.12 45.54
CA LYS D 430 13.55 -22.01 46.20
C LYS D 430 12.04 -22.15 46.20
N LEU D 431 11.51 -22.85 45.22
CA LEU D 431 10.06 -23.06 45.13
C LEU D 431 9.63 -24.23 46.00
N HIS D 432 10.58 -25.10 46.32
CA HIS D 432 10.29 -26.27 47.13
C HIS D 432 10.07 -25.93 48.60
N PHE D 433 9.01 -26.49 49.16
CA PHE D 433 8.66 -26.32 50.56
C PHE D 433 8.96 -27.66 51.19
N VAL D 434 10.13 -27.78 51.82
CA VAL D 434 10.52 -29.03 52.45
C VAL D 434 9.56 -29.48 53.54
N GLY D 435 9.11 -30.73 53.42
CA GLY D 435 8.19 -31.27 54.41
C GLY D 435 6.72 -30.99 54.18
N VAL D 436 6.39 -30.12 53.22
CA VAL D 436 5.00 -29.77 52.93
C VAL D 436 4.54 -30.30 51.57
N LYS D 437 3.41 -30.98 51.55
CA LYS D 437 2.89 -31.54 50.30
C LYS D 437 1.40 -31.36 50.10
N VAL D 438 1.01 -30.91 48.91
CA VAL D 438 -0.40 -30.74 48.59
C VAL D 438 -0.87 -32.06 47.97
N ASN D 439 -1.61 -32.84 48.76
CA ASN D 439 -2.12 -34.13 48.31
C ASN D 439 -3.24 -34.01 47.32
N ASN D 440 -4.13 -33.05 47.55
CA ASN D 440 -5.25 -32.90 46.64
C ASN D 440 -5.91 -31.54 46.76
N VAL D 441 -6.61 -31.18 45.70
CA VAL D 441 -7.35 -29.93 45.62
C VAL D 441 -8.64 -30.27 44.91
N VAL D 442 -9.77 -29.92 45.51
CA VAL D 442 -11.07 -30.17 44.91
C VAL D 442 -11.81 -28.85 44.81
N VAL D 443 -12.41 -28.59 43.66
CA VAL D 443 -13.13 -27.35 43.47
C VAL D 443 -14.59 -27.64 43.20
N ASP D 444 -15.48 -26.89 43.84
CA ASP D 444 -16.91 -27.09 43.62
C ASP D 444 -17.15 -26.64 42.18
N LYS D 445 -18.37 -26.82 41.71
CA LYS D 445 -18.74 -26.44 40.36
C LYS D 445 -18.61 -24.93 40.17
N LEU D 446 -18.06 -24.52 39.03
CA LEU D 446 -17.91 -23.11 38.69
C LEU D 446 -19.03 -22.75 37.74
N VAL D 447 -19.88 -21.82 38.15
CA VAL D 447 -21.02 -21.42 37.34
C VAL D 447 -21.24 -19.93 37.32
N THR D 448 -21.37 -19.36 36.12
CA THR D 448 -21.58 -17.94 35.98
C THR D 448 -23.00 -17.73 35.48
N PHE D 449 -23.46 -16.49 35.57
CA PHE D 449 -24.79 -16.13 35.13
C PHE D 449 -24.92 -14.62 35.19
N PHE D 450 -25.97 -14.08 34.57
CA PHE D 450 -26.19 -12.64 34.61
C PHE D 450 -27.26 -12.33 35.66
N GLU D 451 -27.02 -11.28 36.42
CA GLU D 451 -27.92 -10.85 37.47
C GLU D 451 -28.09 -9.33 37.38
N TYR D 452 -29.33 -8.86 37.44
CA TYR D 452 -29.62 -7.42 37.37
C TYR D 452 -28.90 -6.66 38.48
N TYR D 453 -28.43 -5.46 38.14
CA TYR D 453 -27.75 -4.58 39.08
C TYR D 453 -28.20 -3.14 38.82
N ASP D 454 -28.55 -2.44 39.89
CA ASP D 454 -29.02 -1.07 39.78
C ASP D 454 -28.06 -0.07 40.39
N PHE D 455 -27.96 1.11 39.78
CA PHE D 455 -27.14 2.14 40.36
C PHE D 455 -27.83 3.47 40.14
N ASP D 456 -27.59 4.41 41.04
CA ASP D 456 -28.19 5.73 40.98
C ASP D 456 -27.57 6.55 39.84
N ALA D 457 -28.39 6.91 38.85
CA ALA D 457 -27.89 7.69 37.73
C ALA D 457 -28.53 9.08 37.61
N THR D 458 -29.05 9.59 38.71
CA THR D 458 -29.71 10.91 38.75
C THR D 458 -28.81 12.09 38.33
N ASN D 459 -27.50 11.98 38.55
CA ASN D 459 -26.58 13.05 38.15
C ASN D 459 -26.62 13.33 36.65
N THR D 460 -27.28 12.44 35.91
CA THR D 460 -27.43 12.55 34.46
C THR D 460 -28.31 13.73 34.08
N VAL D 461 -29.25 14.01 34.95
CA VAL D 461 -30.23 15.06 34.74
C VAL D 461 -29.97 16.39 35.43
N PHE D 462 -30.63 17.44 34.96
CA PHE D 462 -30.50 18.77 35.55
C PHE D 462 -31.77 19.08 36.35
N LEU D 463 -31.58 19.60 37.55
CA LEU D 463 -32.71 19.91 38.41
C LEU D 463 -33.30 21.31 38.22
N THR D 464 -34.54 21.44 38.63
CA THR D 464 -35.32 22.66 38.57
C THR D 464 -34.94 23.58 39.72
N GLU D 465 -35.11 24.88 39.54
CA GLU D 465 -34.82 25.86 40.58
C GLU D 465 -35.55 25.44 41.85
N GLU D 466 -36.81 25.01 41.69
CA GLU D 466 -37.61 24.57 42.82
C GLU D 466 -37.09 23.27 43.40
N GLU D 467 -36.72 22.34 42.54
CA GLU D 467 -36.21 21.06 43.02
C GLU D 467 -34.94 21.24 43.84
N LEU D 468 -34.20 22.31 43.56
CA LEU D 468 -32.98 22.58 44.28
C LEU D 468 -33.27 23.11 45.69
N LYS D 469 -34.49 23.54 45.93
CA LYS D 469 -34.89 24.05 47.24
C LYS D 469 -35.23 22.92 48.20
N THR D 470 -35.36 21.71 47.68
CA THR D 470 -35.66 20.57 48.52
C THR D 470 -34.56 19.51 48.36
N LYS D 471 -34.66 18.40 49.09
CA LYS D 471 -33.63 17.36 49.02
C LYS D 471 -33.45 16.74 47.63
N TYR D 472 -32.22 16.36 47.32
CA TYR D 472 -31.92 15.74 46.03
C TYR D 472 -32.77 14.49 45.89
N PRO D 473 -33.44 14.33 44.74
CA PRO D 473 -34.31 13.18 44.45
C PRO D 473 -33.74 11.76 44.44
N HIS D 474 -32.56 11.57 43.84
CA HIS D 474 -31.97 10.23 43.75
C HIS D 474 -33.06 9.36 43.13
N ASN D 475 -33.73 10.03 42.21
CA ASN D 475 -34.88 9.58 41.44
C ASN D 475 -34.62 8.50 40.37
N LEU D 476 -33.55 8.65 39.59
CA LEU D 476 -33.27 7.71 38.51
C LEU D 476 -32.34 6.53 38.79
N LYS D 477 -32.73 5.39 38.24
CA LYS D 477 -32.01 4.13 38.39
C LYS D 477 -31.71 3.49 37.04
N VAL D 478 -30.46 3.07 36.86
CA VAL D 478 -30.08 2.39 35.63
C VAL D 478 -29.98 0.92 35.99
N ARG D 479 -30.64 0.07 35.22
CA ARG D 479 -30.59 -1.36 35.49
C ARG D 479 -29.94 -2.12 34.35
N GLN D 480 -28.94 -2.92 34.70
CA GLN D 480 -28.26 -3.75 33.71
C GLN D 480 -27.95 -5.12 34.26
N PRO D 481 -28.08 -6.15 33.44
CA PRO D 481 -27.75 -7.48 33.96
C PRO D 481 -26.22 -7.54 33.91
N ARG D 482 -25.59 -7.86 35.04
CA ARG D 482 -24.13 -7.93 35.09
C ARG D 482 -23.61 -9.33 35.41
N LEU D 483 -22.46 -9.66 34.85
CA LEU D 483 -21.88 -10.98 35.07
C LEU D 483 -21.73 -11.28 36.56
N ASN D 484 -21.94 -12.55 36.90
CA ASN D 484 -21.78 -12.99 38.28
C ASN D 484 -21.57 -14.50 38.29
N HIS D 485 -21.29 -15.05 39.46
CA HIS D 485 -21.07 -16.49 39.58
C HIS D 485 -21.52 -16.96 40.95
N GLN D 486 -21.77 -18.25 41.07
CA GLN D 486 -22.17 -18.82 42.34
C GLN D 486 -20.95 -19.02 43.23
N PRO D 487 -21.13 -18.87 44.55
CA PRO D 487 -19.99 -19.06 45.45
C PRO D 487 -19.51 -20.52 45.30
N PHE D 488 -18.22 -20.75 45.53
CA PHE D 488 -17.66 -22.08 45.42
C PHE D 488 -16.51 -22.30 46.40
N ASN D 489 -16.36 -23.54 46.86
CA ASN D 489 -15.31 -23.87 47.80
C ASN D 489 -14.13 -24.55 47.14
N ILE D 490 -12.96 -24.36 47.72
CA ILE D 490 -11.76 -25.00 47.23
C ILE D 490 -11.20 -25.77 48.41
N ASN D 491 -11.32 -27.09 48.37
CA ASN D 491 -10.81 -27.92 49.45
C ASN D 491 -9.38 -28.33 49.16
N ILE D 492 -8.49 -27.95 50.07
CA ILE D 492 -7.07 -28.22 49.93
C ILE D 492 -6.62 -29.27 50.95
N ASP D 493 -5.98 -30.31 50.44
CA ASP D 493 -5.49 -31.43 51.26
C ASP D 493 -3.96 -31.38 51.37
N ILE D 494 -3.45 -31.06 52.56
CA ILE D 494 -2.01 -30.96 52.78
C ILE D 494 -1.44 -31.96 53.78
N LYS D 495 -0.35 -32.61 53.40
CA LYS D 495 0.33 -33.59 54.25
C LYS D 495 1.67 -32.98 54.67
N ALA D 496 1.81 -32.64 55.95
CA ALA D 496 3.05 -32.03 56.43
C ALA D 496 3.83 -32.87 57.44
N ASP D 497 5.15 -32.70 57.42
CA ASP D 497 6.05 -33.41 58.34
C ASP D 497 6.07 -32.70 59.68
N VAL D 498 6.46 -31.43 59.64
CA VAL D 498 6.55 -30.61 60.84
C VAL D 498 5.60 -29.43 60.75
N ALA D 499 5.45 -28.69 61.85
CA ALA D 499 4.57 -27.54 61.90
C ALA D 499 5.30 -26.27 61.48
N THR D 500 4.64 -25.45 60.66
CA THR D 500 5.22 -24.18 60.20
C THR D 500 4.14 -23.21 59.77
N ASP D 501 4.51 -21.94 59.65
CA ASP D 501 3.60 -20.90 59.19
C ASP D 501 3.77 -20.91 57.67
N ALA D 502 2.70 -21.20 56.96
CA ALA D 502 2.77 -21.24 55.51
C ALA D 502 1.86 -20.23 54.83
N VAL D 503 2.29 -19.77 53.66
CA VAL D 503 1.50 -18.85 52.87
C VAL D 503 0.91 -19.73 51.78
N VAL D 504 -0.38 -19.60 51.54
CA VAL D 504 -1.01 -20.38 50.49
C VAL D 504 -1.66 -19.45 49.47
N LYS D 505 -1.27 -19.58 48.21
CA LYS D 505 -1.84 -18.75 47.15
C LYS D 505 -2.68 -19.60 46.22
N ILE D 506 -3.62 -18.96 45.52
CA ILE D 506 -4.49 -19.67 44.60
C ILE D 506 -4.56 -18.95 43.25
N PHE D 507 -4.23 -19.66 42.18
CA PHE D 507 -4.28 -19.05 40.86
C PHE D 507 -5.23 -19.76 39.91
N MET D 508 -5.66 -19.03 38.90
CA MET D 508 -6.50 -19.60 37.86
C MET D 508 -5.73 -19.39 36.57
N GLY D 509 -5.50 -20.46 35.83
CA GLY D 509 -4.79 -20.35 34.59
C GLY D 509 -5.50 -21.09 33.48
N PRO D 510 -5.15 -20.81 32.23
CA PRO D 510 -5.81 -21.50 31.13
C PRO D 510 -5.32 -22.95 31.08
N LYS D 511 -6.07 -23.79 30.39
CA LYS D 511 -5.70 -25.20 30.27
C LYS D 511 -5.05 -25.40 28.92
N TYR D 512 -5.64 -24.76 27.91
CA TYR D 512 -5.21 -24.81 26.51
C TYR D 512 -4.92 -23.42 25.95
N ASN D 513 -4.20 -23.38 24.83
CA ASN D 513 -3.89 -22.12 24.18
C ASN D 513 -5.07 -21.78 23.27
N GLU D 514 -4.96 -20.68 22.56
CA GLU D 514 -6.04 -20.25 21.66
C GLU D 514 -6.38 -21.29 20.59
N ASN D 515 -5.44 -22.18 20.27
CA ASN D 515 -5.67 -23.20 19.26
C ASN D 515 -6.22 -24.50 19.81
N GLY D 516 -6.47 -24.53 21.11
CA GLY D 516 -7.01 -25.74 21.73
C GLY D 516 -5.98 -26.77 22.21
N PHE D 517 -4.70 -26.45 22.13
CA PHE D 517 -3.67 -27.37 22.60
C PHE D 517 -3.17 -27.01 23.98
N PRO D 518 -2.58 -27.99 24.69
CA PRO D 518 -2.04 -27.81 26.03
C PRO D 518 -1.14 -26.59 26.23
N ILE D 519 -1.35 -25.91 27.34
CA ILE D 519 -0.58 -24.73 27.73
C ILE D 519 0.83 -25.22 28.08
N THR D 520 1.78 -24.28 28.14
CA THR D 520 3.16 -24.60 28.49
C THR D 520 3.65 -23.56 29.48
N LEU D 521 4.14 -24.01 30.63
CA LEU D 521 4.61 -23.08 31.65
C LEU D 521 5.75 -22.17 31.19
N GLU D 522 6.61 -22.68 30.31
CA GLU D 522 7.72 -21.88 29.82
C GLU D 522 7.25 -20.67 29.02
N ASN D 523 6.09 -20.80 28.37
CA ASN D 523 5.57 -19.69 27.57
C ASN D 523 4.29 -19.06 28.11
N ASP D 524 3.64 -19.70 29.08
CA ASP D 524 2.39 -19.20 29.63
C ASP D 524 2.36 -18.87 31.12
N TRP D 525 3.53 -18.70 31.72
CA TRP D 525 3.61 -18.37 33.13
C TRP D 525 2.93 -17.01 33.41
N MET D 526 2.92 -16.11 32.42
CA MET D 526 2.31 -14.80 32.60
C MET D 526 0.78 -14.81 32.48
N LYS D 527 0.20 -15.98 32.24
CA LYS D 527 -1.24 -16.09 32.10
C LYS D 527 -1.96 -16.66 33.32
N PHE D 528 -1.38 -16.49 34.50
CA PHE D 528 -2.01 -17.00 35.71
C PHE D 528 -2.62 -15.90 36.57
N PHE D 529 -3.94 -15.98 36.74
CA PHE D 529 -4.71 -15.00 37.51
C PHE D 529 -4.70 -15.33 39.00
N GLU D 530 -4.15 -14.42 39.80
CA GLU D 530 -4.06 -14.61 41.25
C GLU D 530 -5.45 -14.38 41.83
N MET D 531 -5.92 -15.32 42.63
CA MET D 531 -7.24 -15.20 43.19
C MET D 531 -7.30 -15.08 44.70
N ASP D 532 -6.35 -15.71 45.38
CA ASP D 532 -6.35 -15.67 46.84
C ASP D 532 -4.93 -15.72 47.38
N TRP D 533 -4.77 -15.16 48.57
CA TRP D 533 -3.47 -15.07 49.23
C TRP D 533 -3.73 -15.03 50.74
N PHE D 534 -3.32 -16.07 51.45
CA PHE D 534 -3.51 -16.07 52.91
C PHE D 534 -2.57 -16.98 53.66
N THR D 535 -2.31 -16.60 54.92
CA THR D 535 -1.43 -17.35 55.80
C THR D 535 -2.24 -18.40 56.54
N HIS D 536 -1.59 -19.52 56.85
CA HIS D 536 -2.24 -20.61 57.55
C HIS D 536 -1.19 -21.37 58.35
N LYS D 537 -1.54 -21.79 59.56
CA LYS D 537 -0.61 -22.55 60.38
C LYS D 537 -0.76 -24.04 60.11
N ILE D 538 0.28 -24.64 59.55
CA ILE D 538 0.22 -26.06 59.24
C ILE D 538 0.70 -26.90 60.42
N THR D 539 -0.05 -27.96 60.71
CA THR D 539 0.29 -28.86 61.81
C THR D 539 0.80 -30.18 61.24
N PRO D 540 1.67 -30.88 61.99
CA PRO D 540 2.21 -32.16 61.51
C PRO D 540 1.07 -33.11 61.15
N GLY D 541 1.27 -33.90 60.10
CA GLY D 541 0.25 -34.83 59.67
C GLY D 541 -0.67 -34.30 58.59
N GLN D 542 -1.95 -34.68 58.68
CA GLN D 542 -2.96 -34.28 57.71
C GLN D 542 -3.63 -32.93 58.02
N ASN D 543 -3.70 -32.07 57.01
CA ASN D 543 -4.31 -30.74 57.14
C ASN D 543 -5.38 -30.60 56.07
N THR D 544 -6.47 -29.91 56.38
CA THR D 544 -7.53 -29.71 55.41
C THR D 544 -8.06 -28.29 55.48
N ILE D 545 -7.83 -27.53 54.42
CA ILE D 545 -8.27 -26.15 54.36
C ILE D 545 -9.48 -26.01 53.43
N VAL D 546 -10.40 -25.15 53.82
CA VAL D 546 -11.58 -24.90 53.01
C VAL D 546 -11.75 -23.40 52.80
N ARG D 547 -11.42 -22.93 51.60
CA ARG D 547 -11.55 -21.52 51.26
C ARG D 547 -12.76 -21.34 50.36
N ASN D 548 -13.64 -20.41 50.73
CA ASN D 548 -14.81 -20.15 49.90
C ASN D 548 -14.44 -18.96 49.01
N SER D 549 -14.93 -18.95 47.79
CA SER D 549 -14.61 -17.87 46.86
C SER D 549 -14.92 -16.51 47.47
N ASN D 550 -15.95 -16.44 48.30
CA ASN D 550 -16.32 -15.18 48.93
C ASN D 550 -15.24 -14.66 49.89
N GLU D 551 -14.29 -15.53 50.24
CA GLU D 551 -13.21 -15.15 51.14
C GLU D 551 -11.93 -14.73 50.42
N PHE D 552 -11.89 -14.90 49.10
CA PHE D 552 -10.70 -14.52 48.35
C PHE D 552 -10.36 -13.05 48.62
N VAL D 553 -9.12 -12.78 49.02
CA VAL D 553 -8.69 -11.43 49.37
C VAL D 553 -8.48 -10.48 48.20
N ILE D 554 -8.40 -11.01 46.99
CA ILE D 554 -8.18 -10.17 45.81
C ILE D 554 -9.41 -9.40 45.35
N PHE D 555 -10.60 -9.83 45.76
CA PHE D 555 -11.82 -9.18 45.30
C PHE D 555 -12.67 -8.45 46.36
N LYS D 556 -13.55 -7.56 45.89
CA LYS D 556 -14.40 -6.79 46.77
C LYS D 556 -15.88 -6.94 46.46
N GLU D 557 -16.73 -6.39 47.33
CA GLU D 557 -18.17 -6.42 47.17
C GLU D 557 -18.52 -5.23 46.29
N ASP D 558 -19.72 -5.24 45.72
CA ASP D 558 -20.13 -4.14 44.85
C ASP D 558 -20.34 -2.87 45.67
N SER D 559 -20.21 -1.72 45.03
CA SER D 559 -20.43 -0.46 45.70
C SER D 559 -21.91 -0.30 46.04
N LEU D 560 -22.18 0.51 47.07
CA LEU D 560 -23.56 0.79 47.46
C LEU D 560 -23.84 2.20 46.98
N PRO D 561 -25.10 2.52 46.66
CA PRO D 561 -25.40 3.87 46.20
C PRO D 561 -25.13 4.82 47.37
N SER D 562 -24.89 6.10 47.08
CA SER D 562 -24.61 7.06 48.14
C SER D 562 -25.73 7.18 49.16
N THR D 563 -26.96 6.95 48.73
CA THR D 563 -28.10 7.02 49.63
C THR D 563 -28.03 5.93 50.69
N GLU D 564 -27.57 4.73 50.32
CA GLU D 564 -27.46 3.64 51.27
C GLU D 564 -26.28 3.89 52.22
N LEU D 565 -25.32 4.68 51.76
CA LEU D 565 -24.16 5.01 52.57
C LEU D 565 -24.62 5.84 53.76
N TYR D 566 -25.51 6.80 53.52
CA TYR D 566 -26.04 7.65 54.57
C TYR D 566 -26.75 6.84 55.65
N LYS D 567 -27.64 5.94 55.24
CA LYS D 567 -28.38 5.14 56.20
C LYS D 567 -27.42 4.37 57.08
N LEU D 568 -26.35 3.87 56.48
CA LEU D 568 -25.35 3.10 57.20
C LEU D 568 -24.52 3.95 58.15
N LEU D 569 -24.33 5.23 57.80
CA LEU D 569 -23.57 6.13 58.65
C LEU D 569 -24.33 6.40 59.93
N GLU D 570 -25.66 6.45 59.83
CA GLU D 570 -26.49 6.71 61.00
C GLU D 570 -26.35 5.60 62.03
N LYS D 571 -25.80 4.47 61.59
CA LYS D 571 -25.57 3.36 62.50
C LYS D 571 -24.10 3.30 62.84
N GLY D 572 -23.39 4.40 62.52
CA GLY D 572 -21.96 4.48 62.78
C GLY D 572 -21.18 3.39 62.07
N LYS D 573 -21.56 3.15 60.81
CA LYS D 573 -20.89 2.12 60.02
C LYS D 573 -20.71 2.52 58.56
N VAL D 574 -19.77 1.85 57.91
CA VAL D 574 -19.49 2.05 56.50
C VAL D 574 -19.19 0.67 55.95
N PRO D 575 -19.48 0.42 54.67
CA PRO D 575 -19.20 -0.91 54.12
C PRO D 575 -17.70 -1.18 54.27
N PHE D 576 -17.34 -2.39 54.69
CA PHE D 576 -15.92 -2.69 54.87
C PHE D 576 -15.05 -2.60 53.62
N ASP D 577 -15.48 -3.24 52.53
CA ASP D 577 -14.71 -3.21 51.28
C ASP D 577 -14.69 -1.85 50.59
N MET D 578 -15.81 -1.14 50.59
CA MET D 578 -15.86 0.18 49.95
C MET D 578 -14.91 1.18 50.60
N SER D 579 -14.56 0.91 51.85
CA SER D 579 -13.68 1.78 52.61
C SER D 579 -12.20 1.43 52.54
N GLU D 580 -11.88 0.15 52.69
CA GLU D 580 -10.47 -0.26 52.67
C GLU D 580 -9.95 -0.96 51.42
N ASP D 581 -10.87 -1.47 50.60
CA ASP D 581 -10.49 -2.20 49.39
C ASP D 581 -11.20 -1.69 48.15
N PHE D 582 -11.48 -0.39 48.11
CA PHE D 582 -12.20 0.22 46.99
C PHE D 582 -11.59 -0.06 45.62
N GLY D 583 -10.27 -0.24 45.59
CA GLY D 583 -9.60 -0.50 44.34
C GLY D 583 -9.53 -1.95 43.92
N TYR D 584 -10.14 -2.84 44.68
CA TYR D 584 -10.11 -4.25 44.33
C TYR D 584 -11.08 -4.53 43.20
N LEU D 585 -10.80 -5.58 42.43
CA LEU D 585 -11.66 -5.98 41.33
C LEU D 585 -12.94 -6.58 41.92
N PRO D 586 -14.12 -6.17 41.41
CA PRO D 586 -15.37 -6.72 41.94
C PRO D 586 -15.33 -8.24 41.89
N LYS D 587 -15.67 -8.91 42.97
CA LYS D 587 -15.64 -10.36 42.98
C LYS D 587 -16.63 -11.01 42.01
N ARG D 588 -17.73 -10.32 41.71
CA ARG D 588 -18.70 -10.90 40.77
C ARG D 588 -18.08 -11.10 39.38
N LEU D 589 -16.92 -10.49 39.15
CA LEU D 589 -16.23 -10.60 37.87
C LEU D 589 -15.00 -11.52 37.93
N MET D 590 -14.79 -12.22 39.05
CA MET D 590 -13.60 -13.07 39.14
C MET D 590 -13.54 -14.20 38.12
N LEU D 591 -14.71 -14.64 37.65
CA LEU D 591 -14.79 -15.72 36.67
C LEU D 591 -15.29 -15.22 35.33
N PRO D 592 -14.67 -15.66 34.24
CA PRO D 592 -15.09 -15.26 32.88
C PRO D 592 -16.39 -15.97 32.57
N ARG D 593 -17.26 -15.36 31.76
CA ARG D 593 -18.51 -16.02 31.42
C ARG D 593 -18.17 -17.40 30.89
N GLY D 594 -18.80 -18.44 31.43
CA GLY D 594 -18.52 -19.78 30.98
C GLY D 594 -19.34 -20.09 29.74
N THR D 595 -19.49 -21.37 29.43
CA THR D 595 -20.28 -21.80 28.28
C THR D 595 -21.21 -22.87 28.79
N LYS D 596 -22.29 -23.12 28.06
CA LYS D 596 -23.27 -24.11 28.46
C LYS D 596 -22.62 -25.47 28.73
N GLY D 597 -21.76 -25.90 27.82
CA GLY D 597 -21.09 -27.18 28.00
C GLY D 597 -19.94 -27.12 28.97
N GLY D 598 -19.55 -25.91 29.36
CA GLY D 598 -18.45 -25.74 30.31
C GLY D 598 -17.09 -25.53 29.65
N PHE D 599 -16.47 -24.39 29.90
CA PHE D 599 -15.17 -24.12 29.30
C PHE D 599 -14.00 -24.49 30.23
N PRO D 600 -12.96 -25.13 29.67
CA PRO D 600 -11.76 -25.57 30.40
C PRO D 600 -10.78 -24.51 30.85
N PHE D 601 -10.32 -24.67 32.09
CA PHE D 601 -9.35 -23.81 32.75
C PHE D 601 -8.71 -24.69 33.83
N GLN D 602 -7.85 -24.11 34.64
CA GLN D 602 -7.26 -24.88 35.71
C GLN D 602 -6.90 -24.00 36.89
N PHE D 603 -7.12 -24.56 38.07
CA PHE D 603 -6.82 -23.87 39.31
C PHE D 603 -5.51 -24.42 39.84
N VAL D 604 -4.73 -23.55 40.46
CA VAL D 604 -3.47 -23.99 41.01
C VAL D 604 -3.33 -23.41 42.41
N VAL D 605 -2.90 -24.25 43.35
CA VAL D 605 -2.68 -23.84 44.72
C VAL D 605 -1.20 -24.07 45.00
N PHE D 606 -0.55 -23.04 45.52
CA PHE D 606 0.87 -23.09 45.81
C PHE D 606 1.05 -22.61 47.23
N VAL D 607 1.80 -23.37 48.01
CA VAL D 607 2.05 -23.00 49.39
C VAL D 607 3.53 -22.92 49.67
N TYR D 608 3.95 -21.82 50.30
CA TYR D 608 5.34 -21.61 50.62
C TYR D 608 5.54 -21.09 52.06
N PRO D 609 6.78 -21.14 52.56
CA PRO D 609 7.11 -20.68 53.92
C PRO D 609 6.79 -19.23 54.17
N PHE D 610 6.08 -18.95 55.25
CA PHE D 610 5.77 -17.57 55.58
C PHE D 610 6.96 -17.00 56.32
N GLU D 611 7.42 -15.83 55.91
CA GLU D 611 8.57 -15.21 56.53
C GLU D 611 8.56 -13.66 56.49
N SER D 612 9.53 -13.09 55.80
CA SER D 612 9.68 -11.63 55.71
C SER D 612 8.51 -10.86 55.11
N THR D 613 8.22 -9.72 55.73
CA THR D 613 7.15 -8.82 55.30
C THR D 613 7.67 -7.42 55.59
N THR D 614 8.99 -7.28 55.58
CA THR D 614 9.67 -6.01 55.85
C THR D 614 9.39 -4.92 54.81
N LYS D 615 9.23 -5.31 53.56
CA LYS D 615 8.96 -4.36 52.50
C LYS D 615 7.59 -4.59 51.87
N ASN D 616 6.59 -4.86 52.69
CA ASN D 616 5.23 -5.11 52.22
C ASN D 616 4.58 -3.81 51.75
N LEU D 617 3.46 -3.95 51.02
CA LEU D 617 2.75 -2.79 50.49
C LEU D 617 1.33 -2.65 51.06
N THR D 618 1.19 -2.87 52.36
CA THR D 618 -0.11 -2.77 53.03
C THR D 618 -0.75 -1.37 52.90
N PRO D 619 0.06 -0.31 53.05
CA PRO D 619 -0.47 1.06 52.94
C PRO D 619 -1.18 1.32 51.60
N TYR D 620 -0.79 0.58 50.57
CA TYR D 620 -1.39 0.71 49.25
C TYR D 620 -2.56 -0.29 49.12
N GLU D 621 -2.23 -1.58 48.97
CA GLU D 621 -3.25 -2.63 48.87
C GLU D 621 -3.08 -3.58 50.05
N LYS D 622 -4.17 -3.84 50.76
CA LYS D 622 -4.16 -4.70 51.94
C LYS D 622 -3.58 -6.11 51.82
N PHE D 623 -3.88 -6.81 50.72
CA PHE D 623 -3.41 -8.20 50.53
C PHE D 623 -1.93 -8.44 50.22
N MET D 624 -1.17 -7.38 49.96
CA MET D 624 0.26 -7.51 49.63
C MET D 624 1.13 -7.56 50.90
N ILE D 625 0.84 -8.51 51.78
CA ILE D 625 1.53 -8.65 53.07
C ILE D 625 2.82 -9.47 53.11
N ASP D 626 3.58 -9.49 52.02
CA ASP D 626 4.80 -10.29 51.99
C ASP D 626 5.97 -9.55 51.36
N ASN D 627 7.09 -10.24 51.25
CA ASN D 627 8.31 -9.67 50.68
C ASN D 627 8.49 -10.19 49.25
N LYS D 628 7.81 -11.29 48.95
CA LYS D 628 7.88 -11.90 47.62
C LYS D 628 7.40 -10.97 46.50
N PRO D 629 7.96 -11.12 45.30
CA PRO D 629 7.53 -10.24 44.22
C PRO D 629 6.04 -10.50 43.94
N LEU D 630 5.29 -9.44 43.65
CA LEU D 630 3.86 -9.55 43.35
C LEU D 630 3.59 -10.56 42.23
N GLY D 631 2.69 -11.51 42.51
CA GLY D 631 2.37 -12.52 41.51
C GLY D 631 3.17 -13.79 41.66
N TYR D 632 4.04 -13.81 42.67
CA TYR D 632 4.87 -14.97 42.96
C TYR D 632 3.99 -16.21 43.05
N PRO D 633 4.44 -17.34 42.48
CA PRO D 633 5.69 -17.56 41.77
C PRO D 633 5.58 -17.40 40.25
N PHE D 634 4.50 -16.76 39.77
CA PHE D 634 4.31 -16.57 38.33
C PHE D 634 4.60 -15.13 37.91
N ASP D 635 5.56 -14.51 38.59
CA ASP D 635 5.94 -13.12 38.31
C ASP D 635 7.04 -13.08 37.24
N ARG D 636 7.62 -14.23 36.97
CA ARG D 636 8.70 -14.34 36.00
C ARG D 636 8.75 -15.81 35.65
N PRO D 637 9.52 -16.18 34.62
CA PRO D 637 9.58 -17.61 34.30
C PRO D 637 10.33 -18.38 35.39
N VAL D 638 10.12 -19.69 35.42
CA VAL D 638 10.77 -20.56 36.41
C VAL D 638 11.67 -21.57 35.70
N ASP D 639 12.76 -21.97 36.34
CA ASP D 639 13.68 -22.95 35.75
C ASP D 639 12.88 -24.14 35.25
N THR D 640 12.68 -24.19 33.94
CA THR D 640 11.92 -25.27 33.33
C THR D 640 12.23 -26.64 33.92
N SER D 641 11.17 -27.34 34.34
CA SER D 641 11.29 -28.66 34.91
C SER D 641 9.99 -29.43 34.74
N CYS D 642 10.10 -30.63 34.17
CA CYS D 642 8.95 -31.49 33.93
C CYS D 642 8.47 -32.20 35.20
N PHE D 643 9.20 -32.01 36.30
CA PHE D 643 8.82 -32.64 37.56
C PHE D 643 8.30 -31.63 38.58
N LYS D 644 6.98 -31.67 38.76
CA LYS D 644 6.27 -30.78 39.67
C LYS D 644 6.75 -30.83 41.11
N GLN D 645 6.70 -29.66 41.75
CA GLN D 645 7.09 -29.52 43.14
C GLN D 645 5.95 -30.12 43.96
N PRO D 646 6.25 -30.69 45.13
CA PRO D 646 5.20 -31.29 45.97
C PRO D 646 4.27 -30.29 46.65
N ASN D 647 4.72 -29.05 46.81
CA ASN D 647 3.89 -28.03 47.44
C ASN D 647 3.05 -27.20 46.46
N ILE D 648 2.85 -27.71 45.25
CA ILE D 648 2.04 -27.02 44.25
C ILE D 648 1.10 -28.05 43.63
N PHE D 649 -0.13 -27.63 43.31
CA PHE D 649 -1.10 -28.56 42.72
C PHE D 649 -1.96 -27.92 41.63
N PHE D 650 -2.12 -28.60 40.52
CA PHE D 650 -2.91 -28.12 39.40
C PHE D 650 -4.18 -28.95 39.29
N ARG D 651 -5.32 -28.29 39.17
CA ARG D 651 -6.60 -28.99 39.07
C ARG D 651 -7.47 -28.52 37.91
N ASP D 652 -7.84 -29.43 37.02
CA ASP D 652 -8.69 -29.09 35.90
C ASP D 652 -10.02 -28.59 36.43
N VAL D 653 -10.57 -27.60 35.75
CA VAL D 653 -11.81 -27.00 36.16
C VAL D 653 -12.59 -26.56 34.92
N SER D 654 -13.91 -26.54 35.02
CA SER D 654 -14.76 -26.13 33.91
C SER D 654 -15.74 -25.06 34.37
N VAL D 655 -15.79 -23.95 33.66
CA VAL D 655 -16.69 -22.85 34.00
C VAL D 655 -17.97 -22.97 33.15
N TYR D 656 -19.09 -23.24 33.82
CA TYR D 656 -20.37 -23.37 33.14
C TYR D 656 -21.12 -22.05 33.22
N HIS D 657 -22.09 -21.85 32.32
CA HIS D 657 -22.87 -20.63 32.38
C HIS D 657 -24.36 -20.97 32.39
N GLU D 658 -25.07 -20.47 33.39
CA GLU D 658 -26.51 -20.75 33.53
C GLU D 658 -27.38 -19.60 33.07
N GLY D 659 -28.63 -19.93 32.78
CA GLY D 659 -29.56 -18.91 32.34
C GLY D 659 -29.25 -18.46 30.94
N GLU D 660 -29.79 -17.31 30.58
CA GLU D 660 -29.57 -16.76 29.26
C GLU D 660 -28.09 -16.48 29.05
N TYR D 661 -27.58 -16.82 27.88
CA TYR D 661 -26.18 -16.60 27.56
C TYR D 661 -25.88 -15.13 27.31
N HIS D 662 -26.70 -14.48 26.48
CA HIS D 662 -26.51 -13.07 26.15
C HIS D 662 -27.20 -12.21 27.19
N ALA D 663 -26.49 -11.19 27.65
CA ALA D 663 -27.02 -10.28 28.66
C ALA D 663 -28.23 -9.48 28.18
N TYR D 664 -28.24 -9.10 26.92
CA TYR D 664 -29.34 -8.29 26.40
C TYR D 664 -30.71 -8.97 26.44
N GLU D 665 -30.72 -10.30 26.57
CA GLU D 665 -31.97 -11.05 26.63
C GLU D 665 -32.79 -10.64 27.84
N TYR D 666 -32.10 -10.24 28.91
CA TYR D 666 -32.75 -9.84 30.14
C TYR D 666 -33.33 -8.43 30.05
N ASN D 667 -32.94 -7.69 29.01
CA ASN D 667 -33.43 -6.33 28.79
C ASN D 667 -34.53 -6.29 27.72
N VAL D 668 -35.07 -7.46 27.38
CA VAL D 668 -36.15 -7.55 26.41
C VAL D 668 -37.44 -7.26 27.16
N PRO D 669 -38.23 -6.27 26.71
CA PRO D 669 -39.49 -5.94 27.38
C PRO D 669 -40.36 -7.15 27.72
N ALA D 670 -40.54 -8.05 26.76
CA ALA D 670 -41.36 -9.23 27.01
C ALA D 670 -40.86 -9.97 28.27
N TYR D 671 -39.55 -10.02 28.44
CA TYR D 671 -38.97 -10.71 29.58
C TYR D 671 -39.11 -10.00 30.93
N PHE D 672 -38.69 -8.74 31.04
CA PHE D 672 -38.78 -8.08 32.34
C PHE D 672 -40.19 -7.63 32.75
N SER D 673 -41.15 -7.76 31.85
CA SER D 673 -42.54 -7.41 32.17
C SER D 673 -43.24 -8.69 32.60
N HIS D 674 -42.51 -9.81 32.48
CA HIS D 674 -42.99 -11.14 32.84
C HIS D 674 -44.21 -11.61 32.05
N HIS E 1 15.81 58.20 -2.75
CA HIS E 1 16.48 57.07 -2.02
C HIS E 1 17.92 56.91 -2.49
N VAL E 2 18.86 57.34 -1.65
CA VAL E 2 20.27 57.23 -1.98
C VAL E 2 20.86 56.01 -1.28
N LEU E 3 21.85 55.38 -1.91
CA LEU E 3 22.51 54.21 -1.34
C LEU E 3 23.73 54.62 -0.53
N LYS E 4 23.77 54.16 0.71
CA LYS E 4 24.88 54.45 1.61
C LYS E 4 26.18 53.92 1.02
N THR E 5 27.22 54.75 1.04
CA THR E 5 28.52 54.38 0.49
C THR E 5 29.63 54.39 1.55
N LYS E 6 30.77 53.76 1.23
CA LYS E 6 31.90 53.71 2.15
C LYS E 6 33.19 54.05 1.40
N ASP E 7 34.12 54.70 2.10
CA ASP E 7 35.40 55.10 1.48
C ASP E 7 36.48 54.05 1.63
N VAL E 8 37.23 53.84 0.55
CA VAL E 8 38.31 52.86 0.54
C VAL E 8 39.59 53.43 -0.06
N ASP E 9 40.73 53.00 0.48
CA ASP E 9 42.03 53.46 0.00
C ASP E 9 42.44 52.79 -1.31
N THR E 10 43.62 53.15 -1.82
CA THR E 10 44.12 52.61 -3.08
C THR E 10 44.48 51.13 -3.06
N VAL E 11 45.02 50.65 -1.94
CA VAL E 11 45.38 49.24 -1.82
C VAL E 11 44.12 48.40 -2.05
N PHE E 12 43.07 48.72 -1.28
CA PHE E 12 41.79 48.03 -1.38
C PHE E 12 41.28 48.04 -2.82
N VAL E 13 41.20 49.23 -3.41
CA VAL E 13 40.71 49.37 -4.77
C VAL E 13 41.44 48.46 -5.73
N GLU E 14 42.76 48.34 -5.56
CA GLU E 14 43.55 47.49 -6.44
C GLU E 14 43.20 46.02 -6.27
N ARG E 15 42.99 45.60 -5.03
CA ARG E 15 42.66 44.22 -4.76
C ARG E 15 41.26 43.93 -5.29
N GLN E 16 40.38 44.92 -5.18
CA GLN E 16 39.00 44.78 -5.64
C GLN E 16 38.95 44.56 -7.15
N LYS E 17 39.76 45.31 -7.90
CA LYS E 17 39.78 45.16 -9.35
C LYS E 17 40.36 43.80 -9.67
N LYS E 18 41.36 43.39 -8.90
CA LYS E 18 42.00 42.10 -9.10
C LYS E 18 41.05 40.91 -8.90
N VAL E 19 40.23 40.95 -7.84
CA VAL E 19 39.30 39.86 -7.60
C VAL E 19 38.21 39.82 -8.66
N LEU E 20 37.75 40.99 -9.10
CA LEU E 20 36.72 41.04 -10.11
C LEU E 20 37.22 40.61 -11.47
N SER E 21 38.52 40.69 -11.68
CA SER E 21 39.08 40.32 -12.99
C SER E 21 38.98 38.82 -13.22
N LEU E 22 38.73 38.07 -12.15
CA LEU E 22 38.60 36.62 -12.24
C LEU E 22 37.14 36.16 -12.23
N PHE E 23 36.22 37.12 -12.22
CA PHE E 23 34.77 36.85 -12.22
C PHE E 23 34.10 37.19 -13.52
N GLN E 24 34.86 37.30 -14.60
CA GLN E 24 34.31 37.66 -15.91
C GLN E 24 34.22 36.50 -16.89
N ASP E 25 33.09 36.42 -17.60
CA ASP E 25 32.88 35.39 -18.61
C ASP E 25 33.40 34.07 -18.04
N VAL E 26 32.97 33.78 -16.81
CA VAL E 26 33.41 32.61 -16.06
C VAL E 26 33.43 31.19 -16.63
N ASP E 27 32.66 30.92 -17.68
CA ASP E 27 32.66 29.57 -18.25
C ASP E 27 33.63 29.45 -19.41
N GLN E 28 34.36 30.53 -19.65
CA GLN E 28 35.32 30.61 -20.74
C GLN E 28 36.66 31.13 -20.20
N LEU E 29 37.72 30.91 -20.97
CA LEU E 29 39.06 31.39 -20.62
C LEU E 29 39.47 32.44 -21.65
N ASN E 30 40.13 33.50 -21.19
CA ASN E 30 40.57 34.55 -22.09
C ASN E 30 42.09 34.66 -22.07
N THR E 31 42.74 34.07 -23.07
CA THR E 31 44.19 34.09 -23.17
C THR E 31 44.77 35.51 -23.32
N ASN E 32 43.91 36.48 -23.58
CA ASN E 32 44.34 37.87 -23.75
C ASN E 32 44.41 38.56 -22.39
N ASP E 33 43.72 38.00 -21.39
CA ASP E 33 43.73 38.58 -20.06
C ASP E 33 45.02 38.27 -19.33
N GLU E 34 45.42 39.18 -18.48
CA GLU E 34 46.64 39.05 -17.70
C GLU E 34 46.66 37.81 -16.81
N TYR E 35 45.50 37.46 -16.27
CA TYR E 35 45.41 36.30 -15.37
C TYR E 35 45.78 34.97 -16.01
N TYR E 36 45.52 34.83 -17.31
CA TYR E 36 45.80 33.58 -18.01
C TYR E 36 47.25 33.20 -18.00
N LYS E 37 48.11 34.12 -18.42
CA LYS E 37 49.54 33.87 -18.45
C LYS E 37 50.04 33.50 -17.06
N ILE E 38 49.62 34.29 -16.08
CA ILE E 38 50.01 34.08 -14.70
C ILE E 38 49.60 32.72 -14.18
N GLY E 39 48.32 32.40 -14.32
CA GLY E 39 47.82 31.13 -13.85
C GLY E 39 48.38 29.92 -14.58
N LYS E 40 48.63 30.07 -15.87
CA LYS E 40 49.14 28.97 -16.67
C LYS E 40 50.56 28.56 -16.29
N ASP E 41 51.38 29.51 -15.86
CA ASP E 41 52.75 29.19 -15.51
C ASP E 41 53.04 29.12 -14.01
N TYR E 42 52.03 29.42 -13.18
CA TYR E 42 52.23 29.40 -11.72
C TYR E 42 52.65 28.03 -11.19
N ASP E 43 53.74 28.00 -10.44
CA ASP E 43 54.23 26.75 -9.89
C ASP E 43 53.97 26.71 -8.39
N ILE E 44 52.91 26.02 -7.99
CA ILE E 44 52.53 25.93 -6.59
C ILE E 44 53.62 25.32 -5.72
N GLU E 45 54.12 24.17 -6.14
CA GLU E 45 55.16 23.48 -5.41
C GLU E 45 56.37 24.39 -5.16
N ALA E 46 56.76 25.15 -6.18
CA ALA E 46 57.89 26.05 -6.09
C ALA E 46 57.59 27.23 -5.21
N ASN E 47 56.32 27.56 -5.04
CA ASN E 47 55.93 28.69 -4.20
C ASN E 47 55.43 28.24 -2.84
N ILE E 48 55.62 26.98 -2.51
CA ILE E 48 55.15 26.43 -1.24
C ILE E 48 55.51 27.29 -0.01
N ASP E 49 56.64 27.97 -0.08
CA ASP E 49 57.09 28.82 1.02
C ASP E 49 56.19 30.04 1.22
N ASN E 50 55.35 30.33 0.23
CA ASN E 50 54.47 31.48 0.28
C ASN E 50 53.09 31.18 0.85
N TYR E 51 52.99 30.10 1.63
CA TYR E 51 51.74 29.68 2.25
C TYR E 51 52.04 29.42 3.72
N THR E 52 51.12 29.80 4.60
CA THR E 52 51.33 29.63 6.03
C THR E 52 51.05 28.24 6.59
N ASN E 53 50.65 27.32 5.72
CA ASN E 53 50.37 25.93 6.13
C ASN E 53 50.83 25.04 5.00
N LYS E 54 52.04 24.49 5.12
CA LYS E 54 52.59 23.64 4.08
C LYS E 54 51.84 22.34 3.91
N LYS E 55 51.32 21.77 4.99
CA LYS E 55 50.59 20.52 4.88
C LYS E 55 49.39 20.66 3.94
N ALA E 56 48.71 21.79 4.04
CA ALA E 56 47.55 22.06 3.20
C ALA E 56 47.94 22.13 1.74
N VAL E 57 49.13 22.66 1.46
CA VAL E 57 49.61 22.77 0.09
C VAL E 57 50.01 21.41 -0.47
N GLU E 58 50.67 20.61 0.36
CA GLU E 58 51.10 19.29 -0.06
C GLU E 58 49.87 18.42 -0.32
N ASP E 59 48.86 18.59 0.52
CA ASP E 59 47.63 17.83 0.36
C ASP E 59 46.92 18.22 -0.92
N PHE E 60 46.94 19.51 -1.26
CA PHE E 60 46.31 19.96 -2.49
C PHE E 60 47.08 19.38 -3.68
N LEU E 61 48.40 19.54 -3.68
CA LEU E 61 49.23 19.03 -4.76
C LEU E 61 49.03 17.52 -4.94
N LYS E 62 49.06 16.80 -3.82
CA LYS E 62 48.89 15.35 -3.87
C LYS E 62 47.54 14.98 -4.50
N MET E 63 46.50 15.75 -4.18
CA MET E 63 45.18 15.49 -4.72
C MET E 63 45.10 15.92 -6.18
N TYR E 64 45.70 17.05 -6.51
CA TYR E 64 45.67 17.57 -7.87
C TYR E 64 46.41 16.69 -8.87
N ARG E 65 47.47 16.01 -8.41
CA ARG E 65 48.24 15.17 -9.30
C ARG E 65 47.48 13.92 -9.70
N CYS E 66 46.33 13.75 -9.08
CA CYS E 66 45.46 12.62 -9.33
C CYS E 66 44.30 13.00 -10.23
N GLY E 67 44.11 14.29 -10.45
CA GLY E 67 43.02 14.74 -11.30
C GLY E 67 41.89 15.31 -10.46
N PHE E 68 41.23 16.31 -11.03
CA PHE E 68 40.11 17.00 -10.40
C PHE E 68 38.93 16.93 -11.36
N LEU E 69 37.78 17.39 -10.89
CA LEU E 69 36.60 17.42 -11.70
C LEU E 69 36.95 18.11 -13.03
N PRO E 70 36.54 17.51 -14.17
CA PRO E 70 36.85 18.14 -15.46
C PRO E 70 36.00 19.39 -15.70
N LYS E 71 36.46 20.23 -16.61
CA LYS E 71 35.74 21.44 -16.95
C LYS E 71 34.37 21.11 -17.54
N TYR E 72 33.44 22.06 -17.40
CA TYR E 72 32.08 21.94 -17.91
C TYR E 72 31.14 21.05 -17.09
N ASN E 73 31.70 20.10 -16.35
CA ASN E 73 30.85 19.24 -15.52
C ASN E 73 30.25 20.08 -14.37
N GLU E 74 29.06 19.71 -13.92
CA GLU E 74 28.42 20.42 -12.82
C GLU E 74 29.18 20.20 -11.52
N PHE E 75 29.32 21.26 -10.72
CA PHE E 75 29.98 21.10 -9.44
C PHE E 75 28.95 21.25 -8.33
N SER E 76 29.07 20.42 -7.30
CA SER E 76 28.15 20.46 -6.17
C SER E 76 28.87 20.01 -4.92
N VAL E 77 28.80 20.83 -3.88
CA VAL E 77 29.47 20.56 -2.63
C VAL E 77 28.88 19.35 -1.89
N PHE E 78 27.73 18.88 -2.34
CA PHE E 78 27.08 17.73 -1.71
C PHE E 78 27.59 16.38 -2.20
N HIS E 79 28.61 16.41 -3.06
CA HIS E 79 29.18 15.17 -3.55
C HIS E 79 30.62 15.04 -3.02
N ASP E 80 30.86 14.01 -2.22
CA ASP E 80 32.17 13.73 -1.60
C ASP E 80 33.42 14.21 -2.32
N LYS E 81 33.78 13.52 -3.40
CA LYS E 81 34.97 13.88 -4.17
C LYS E 81 35.00 15.35 -4.58
N LEU E 82 33.87 15.87 -5.03
CA LEU E 82 33.81 17.26 -5.46
C LEU E 82 34.07 18.23 -4.30
N ARG E 83 33.52 17.92 -3.13
CA ARG E 83 33.71 18.76 -1.97
C ARG E 83 35.16 18.73 -1.50
N ASP E 84 35.73 17.53 -1.35
CA ASP E 84 37.11 17.41 -0.89
C ASP E 84 38.06 18.18 -1.80
N GLU E 85 37.77 18.19 -3.09
CA GLU E 85 38.61 18.92 -4.02
C GLU E 85 38.41 20.41 -3.78
N ALA E 86 37.16 20.81 -3.65
CA ALA E 86 36.83 22.20 -3.40
C ALA E 86 37.51 22.69 -2.12
N ILE E 87 37.48 21.87 -1.07
CA ILE E 87 38.08 22.24 0.21
C ILE E 87 39.60 22.36 0.12
N ALA E 88 40.24 21.42 -0.55
CA ALA E 88 41.69 21.47 -0.72
C ALA E 88 42.02 22.79 -1.43
N LEU E 89 41.25 23.12 -2.46
CA LEU E 89 41.46 24.35 -3.22
C LEU E 89 41.28 25.56 -2.29
N PHE E 90 40.24 25.53 -1.47
CA PHE E 90 39.97 26.61 -0.52
C PHE E 90 41.14 26.77 0.45
N HIS E 91 41.73 25.67 0.87
CA HIS E 91 42.87 25.74 1.77
C HIS E 91 44.05 26.42 1.08
N LEU E 92 44.24 26.08 -0.18
CA LEU E 92 45.31 26.64 -1.00
C LEU E 92 45.10 28.17 -1.05
N PHE E 93 43.86 28.62 -1.25
CA PHE E 93 43.56 30.05 -1.30
C PHE E 93 43.67 30.75 0.06
N TYR E 94 43.20 30.06 1.09
CA TYR E 94 43.19 30.59 2.45
C TYR E 94 44.57 30.76 3.09
N TYR E 95 45.46 29.81 2.86
CA TYR E 95 46.78 29.90 3.46
C TYR E 95 47.82 30.72 2.71
N ALA E 96 47.47 31.25 1.54
CA ALA E 96 48.41 32.10 0.81
C ALA E 96 48.82 33.17 1.82
N LYS E 97 50.12 33.42 1.93
CA LYS E 97 50.62 34.40 2.90
C LYS E 97 50.17 35.84 2.66
N ASP E 98 49.92 36.20 1.41
CA ASP E 98 49.50 37.55 1.10
C ASP E 98 48.60 37.60 -0.13
N PHE E 99 47.95 38.73 -0.32
CA PHE E 99 47.03 38.89 -1.43
C PHE E 99 47.62 38.46 -2.77
N ASP E 100 48.89 38.76 -3.00
CA ASP E 100 49.48 38.39 -4.26
C ASP E 100 49.57 36.87 -4.47
N THR E 101 49.97 36.15 -3.43
CA THR E 101 50.07 34.69 -3.55
C THR E 101 48.66 34.15 -3.77
N PHE E 102 47.70 34.75 -3.09
CA PHE E 102 46.33 34.35 -3.22
C PHE E 102 45.83 34.58 -4.64
N TYR E 103 46.11 35.75 -5.20
CA TYR E 103 45.68 36.07 -6.56
C TYR E 103 46.23 35.06 -7.58
N LYS E 104 47.53 34.80 -7.51
CA LYS E 104 48.17 33.87 -8.42
C LYS E 104 47.58 32.46 -8.27
N SER E 105 47.27 32.07 -7.03
CA SER E 105 46.69 30.76 -6.77
C SER E 105 45.33 30.70 -7.48
N ALA E 106 44.58 31.79 -7.36
CA ALA E 106 43.26 31.90 -7.97
C ALA E 106 43.36 31.89 -9.49
N ALA E 107 44.38 32.53 -10.03
CA ALA E 107 44.60 32.57 -11.47
C ALA E 107 44.88 31.13 -11.95
N PHE E 108 45.71 30.42 -11.20
CA PHE E 108 46.06 29.03 -11.52
C PHE E 108 44.78 28.18 -11.60
N ALA E 109 43.96 28.28 -10.54
CA ALA E 109 42.71 27.53 -10.44
C ALA E 109 41.73 27.89 -11.57
N ARG E 110 41.53 29.17 -11.82
CA ARG E 110 40.62 29.58 -12.88
C ARG E 110 41.03 28.96 -14.21
N VAL E 111 42.32 28.94 -14.48
CA VAL E 111 42.85 28.37 -15.72
C VAL E 111 42.81 26.84 -15.77
N HIS E 112 43.24 26.18 -14.71
CA HIS E 112 43.26 24.71 -14.71
C HIS E 112 42.03 23.93 -14.23
N LEU E 113 41.27 24.47 -13.29
CA LEU E 113 40.14 23.74 -12.73
C LEU E 113 38.75 23.98 -13.27
N ASN E 114 37.82 23.15 -12.82
CA ASN E 114 36.42 23.23 -13.21
C ASN E 114 35.91 24.61 -12.81
N GLN E 115 35.17 25.27 -13.71
CA GLN E 115 34.67 26.60 -13.42
C GLN E 115 33.81 26.73 -12.15
N GLY E 116 32.85 25.84 -11.98
CA GLY E 116 32.00 25.91 -10.80
C GLY E 116 32.79 25.68 -9.52
N GLN E 117 33.78 24.81 -9.59
CA GLN E 117 34.61 24.46 -8.45
C GLN E 117 35.53 25.62 -8.06
N PHE E 118 36.04 26.32 -9.06
CA PHE E 118 36.90 27.45 -8.79
C PHE E 118 36.07 28.57 -8.18
N LEU E 119 34.93 28.86 -8.79
CA LEU E 119 34.08 29.94 -8.30
C LEU E 119 33.69 29.69 -6.84
N TYR E 120 33.38 28.43 -6.54
CA TYR E 120 33.00 28.04 -5.19
C TYR E 120 34.10 28.34 -4.15
N ALA E 121 35.32 27.86 -4.41
CA ALA E 121 36.42 28.06 -3.47
C ALA E 121 36.82 29.53 -3.39
N TYR E 122 36.76 30.17 -4.55
CA TYR E 122 37.11 31.58 -4.70
C TYR E 122 36.20 32.46 -3.85
N TYR E 123 34.89 32.31 -4.05
CA TYR E 123 33.88 33.05 -3.30
C TYR E 123 34.18 32.96 -1.81
N ILE E 124 34.26 31.74 -1.29
CA ILE E 124 34.53 31.50 0.12
C ILE E 124 35.83 32.10 0.63
N ALA E 125 36.90 31.96 -0.15
CA ALA E 125 38.20 32.50 0.26
C ALA E 125 38.15 34.02 0.41
N ILE E 126 37.52 34.69 -0.54
CA ILE E 126 37.39 36.14 -0.48
C ILE E 126 36.72 36.56 0.83
N ILE E 127 35.74 35.78 1.27
CA ILE E 127 35.03 36.07 2.51
C ILE E 127 35.87 35.78 3.74
N GLN E 128 36.68 34.73 3.69
CA GLN E 128 37.47 34.33 4.86
C GLN E 128 38.86 34.96 5.01
N ARG E 129 39.52 35.30 3.91
CA ARG E 129 40.85 35.89 4.02
C ARG E 129 40.80 37.25 4.71
N LYS E 130 41.65 37.43 5.72
CA LYS E 130 41.63 38.70 6.43
C LYS E 130 41.99 39.86 5.53
N ASP E 131 42.90 39.65 4.58
CA ASP E 131 43.29 40.73 3.69
C ASP E 131 42.27 41.09 2.62
N THR E 132 41.20 40.32 2.51
CA THR E 132 40.17 40.65 1.52
C THR E 132 38.90 41.10 2.24
N TYR E 133 38.98 41.26 3.55
CA TYR E 133 37.83 41.68 4.34
C TYR E 133 37.25 42.99 3.78
N GLY E 134 35.96 42.98 3.50
CA GLY E 134 35.35 44.18 2.96
C GLY E 134 35.29 44.20 1.44
N ILE E 135 36.09 43.37 0.78
CA ILE E 135 36.07 43.31 -0.68
C ILE E 135 34.65 42.94 -1.06
N VAL E 136 34.09 43.70 -1.99
CA VAL E 136 32.71 43.48 -2.44
C VAL E 136 32.57 42.30 -3.40
N LEU E 137 31.68 41.37 -3.05
CA LEU E 137 31.43 40.19 -3.89
C LEU E 137 30.37 40.49 -4.94
N PRO E 138 30.54 39.98 -6.17
CA PRO E 138 29.51 40.25 -7.17
C PRO E 138 28.28 39.38 -6.82
N ALA E 139 27.12 39.79 -7.30
CA ALA E 139 25.91 39.03 -7.01
C ALA E 139 25.94 37.62 -7.59
N PRO E 140 25.56 36.63 -6.77
CA PRO E 140 25.55 35.24 -7.21
C PRO E 140 24.79 35.04 -8.53
N TYR E 141 23.68 35.76 -8.73
CA TYR E 141 22.91 35.61 -9.97
C TYR E 141 23.63 36.18 -11.18
N GLU E 142 24.70 36.92 -10.92
CA GLU E 142 25.51 37.49 -12.00
C GLU E 142 26.58 36.49 -12.43
N ILE E 143 27.04 35.69 -11.47
CA ILE E 143 28.06 34.69 -11.71
C ILE E 143 27.45 33.33 -12.12
N TYR E 144 26.29 32.99 -11.56
CA TYR E 144 25.64 31.72 -11.88
C TYR E 144 24.26 31.96 -12.50
N PRO E 145 24.18 32.77 -13.57
CA PRO E 145 22.88 33.03 -14.19
C PRO E 145 22.07 31.78 -14.60
N GLU E 146 22.75 30.67 -14.86
CA GLU E 146 22.07 29.45 -15.26
C GLU E 146 21.42 28.73 -14.07
N LEU E 147 21.67 29.25 -12.87
CA LEU E 147 21.08 28.69 -11.67
C LEU E 147 20.04 29.66 -11.11
N PHE E 148 19.88 30.80 -11.78
CA PHE E 148 18.92 31.81 -11.32
C PHE E 148 17.84 32.20 -12.33
N VAL E 149 17.85 31.57 -13.49
CA VAL E 149 16.84 31.89 -14.48
C VAL E 149 16.47 30.65 -15.30
N ASN E 150 15.17 30.42 -15.46
CA ASN E 150 14.67 29.27 -16.19
C ASN E 150 15.21 29.17 -17.61
N ILE E 151 15.36 27.94 -18.10
CA ILE E 151 15.90 27.70 -19.43
C ILE E 151 15.18 28.38 -20.58
N ASP E 152 13.95 28.80 -20.38
CA ASP E 152 13.25 29.45 -21.48
C ASP E 152 13.94 30.79 -21.77
N THR E 153 14.35 31.54 -20.74
CA THR E 153 15.00 32.80 -21.02
C THR E 153 16.46 32.55 -21.37
N THR E 154 17.03 31.47 -20.84
CA THR E 154 18.41 31.12 -21.14
C THR E 154 18.58 30.83 -22.62
N TYR E 155 17.62 30.09 -23.18
CA TYR E 155 17.65 29.74 -24.59
C TYR E 155 17.45 30.96 -25.49
N LYS E 156 16.75 31.97 -24.99
CA LYS E 156 16.53 33.19 -25.76
C LYS E 156 17.86 33.93 -25.89
N MET E 157 18.61 34.00 -24.79
CA MET E 157 19.90 34.65 -24.79
C MET E 157 20.82 33.88 -25.72
N PHE E 158 20.69 32.55 -25.71
CA PHE E 158 21.48 31.67 -26.57
C PHE E 158 21.16 32.00 -28.03
N ARG E 159 19.87 32.05 -28.36
CA ARG E 159 19.44 32.34 -29.73
C ARG E 159 19.99 33.69 -30.19
N THR E 160 19.92 34.68 -29.31
CA THR E 160 20.42 36.00 -29.66
C THR E 160 21.92 35.95 -29.94
N LYS E 161 22.68 35.24 -29.10
CA LYS E 161 24.11 35.17 -29.27
C LYS E 161 24.51 34.46 -30.55
N MET E 162 23.78 33.42 -30.92
CA MET E 162 24.09 32.68 -32.11
C MET E 162 23.74 33.54 -33.34
N GLN E 163 22.70 34.34 -33.23
CA GLN E 163 22.30 35.20 -34.35
C GLN E 163 23.13 36.47 -34.39
N ASN E 164 23.91 36.69 -33.33
CA ASN E 164 24.74 37.89 -33.22
C ASN E 164 23.85 39.13 -33.28
N GLY E 165 22.78 39.10 -32.49
CA GLY E 165 21.85 40.19 -32.45
C GLY E 165 20.45 39.72 -32.83
N LEU E 166 19.50 40.64 -32.85
CA LEU E 166 18.12 40.31 -33.21
C LEU E 166 17.89 40.43 -34.71
N ILE E 167 17.34 39.38 -35.32
CA ILE E 167 17.08 39.37 -36.75
C ILE E 167 15.80 40.14 -37.09
N ASN E 168 14.86 40.14 -36.17
CA ASN E 168 13.62 40.87 -36.33
C ASN E 168 13.22 41.33 -34.93
N PRO E 169 13.71 42.50 -34.53
CA PRO E 169 13.42 43.05 -33.20
C PRO E 169 11.94 43.24 -32.89
N GLU E 170 11.15 43.63 -33.89
CA GLU E 170 9.72 43.83 -33.68
C GLU E 170 9.10 42.52 -33.19
N ALA E 171 9.45 41.41 -33.85
CA ALA E 171 8.93 40.09 -33.52
C ALA E 171 9.40 39.59 -32.17
N ALA E 172 10.67 39.83 -31.87
CA ALA E 172 11.28 39.39 -30.62
C ALA E 172 10.57 39.94 -29.38
N VAL E 173 10.05 41.15 -29.49
CA VAL E 173 9.34 41.79 -28.38
C VAL E 173 8.24 40.89 -27.82
N GLU E 174 7.61 40.12 -28.71
CA GLU E 174 6.52 39.22 -28.33
C GLU E 174 7.01 38.06 -27.45
N TYR E 175 8.32 37.82 -27.47
CA TYR E 175 8.89 36.75 -26.66
C TYR E 175 9.67 37.34 -25.48
N GLY E 176 9.42 38.62 -25.22
CA GLY E 176 10.07 39.27 -24.10
C GLY E 176 11.52 39.70 -24.33
N ILE E 177 11.93 39.78 -25.59
CA ILE E 177 13.31 40.20 -25.91
C ILE E 177 13.27 41.62 -26.48
N VAL E 178 13.82 42.56 -25.72
CA VAL E 178 13.83 43.97 -26.13
C VAL E 178 15.24 44.55 -26.11
N LYS E 179 15.49 45.54 -26.97
CA LYS E 179 16.80 46.17 -27.01
C LYS E 179 16.70 47.58 -26.42
N GLU E 180 17.52 47.85 -25.41
CA GLU E 180 17.57 49.14 -24.74
C GLU E 180 19.01 49.57 -24.68
N ASP E 181 19.32 50.72 -25.26
CA ASP E 181 20.70 51.21 -25.29
C ASP E 181 21.47 50.17 -26.08
N ASN E 182 22.55 49.67 -25.49
CA ASN E 182 23.37 48.65 -26.13
C ASN E 182 23.14 47.30 -25.48
N HIS E 183 22.09 47.22 -24.65
CA HIS E 183 21.76 45.99 -23.94
C HIS E 183 20.59 45.23 -24.55
N TYR E 184 20.62 43.90 -24.39
CA TYR E 184 19.51 43.07 -24.85
C TYR E 184 18.85 42.70 -23.55
N VAL E 185 17.61 43.16 -23.36
CA VAL E 185 16.86 42.87 -22.13
C VAL E 185 15.90 41.72 -22.35
N TYR E 186 15.87 40.81 -21.38
CA TYR E 186 14.99 39.64 -21.45
C TYR E 186 14.07 39.62 -20.25
N TYR E 187 12.77 39.76 -20.50
CA TYR E 187 11.79 39.71 -19.42
C TYR E 187 11.68 38.22 -19.10
N SER E 188 11.90 37.88 -17.82
CA SER E 188 11.88 36.49 -17.38
C SER E 188 10.83 36.15 -16.32
N ASN E 189 9.88 35.29 -16.67
CA ASN E 189 8.83 34.85 -15.76
C ASN E 189 9.28 33.78 -14.78
N TYR E 190 8.55 33.70 -13.66
CA TYR E 190 8.80 32.67 -12.65
C TYR E 190 8.08 31.46 -13.23
N SER E 191 8.48 30.25 -12.85
CA SER E 191 7.86 29.05 -13.40
C SER E 191 6.33 28.96 -13.32
N ASN E 192 5.71 29.55 -12.30
CA ASN E 192 4.25 29.48 -12.17
C ASN E 192 3.55 30.05 -13.42
N ALA E 193 4.30 30.76 -14.25
CA ALA E 193 3.73 31.34 -15.45
C ALA E 193 3.86 30.42 -16.65
N ILE E 194 4.42 29.23 -16.45
CA ILE E 194 4.62 28.30 -17.56
C ILE E 194 4.17 26.87 -17.22
N THR E 195 4.18 26.55 -15.93
CA THR E 195 3.73 25.24 -15.47
C THR E 195 3.17 25.37 -14.06
N TYR E 196 1.96 24.86 -13.86
CA TYR E 196 1.31 24.93 -12.55
C TYR E 196 0.99 23.52 -12.06
N TYR E 197 2.05 22.73 -11.84
CA TYR E 197 1.88 21.34 -11.40
C TYR E 197 1.30 21.08 -10.00
N ASN E 198 1.40 22.05 -9.10
CA ASN E 198 0.79 21.92 -7.78
C ASN E 198 0.59 23.30 -7.18
N GLU E 199 -0.29 23.41 -6.19
CA GLU E 199 -0.58 24.68 -5.56
C GLU E 199 0.62 25.47 -5.07
N GLU E 200 1.71 24.79 -4.75
CA GLU E 200 2.89 25.50 -4.26
C GLU E 200 3.48 26.45 -5.32
N GLN E 201 3.13 26.24 -6.59
CA GLN E 201 3.63 27.10 -7.64
C GLN E 201 3.21 28.56 -7.41
N ARG E 202 2.09 28.74 -6.72
CA ARG E 202 1.59 30.08 -6.43
C ARG E 202 2.64 30.93 -5.70
N LEU E 203 3.65 30.28 -5.13
CA LEU E 203 4.70 30.98 -4.39
C LEU E 203 5.97 31.22 -5.22
N ALA E 204 5.95 30.89 -6.51
CA ALA E 204 7.12 31.04 -7.35
C ALA E 204 7.84 32.39 -7.31
N TYR E 205 7.08 33.47 -7.24
CA TYR E 205 7.69 34.80 -7.22
C TYR E 205 8.58 34.97 -6.00
N PHE E 206 8.32 34.17 -4.97
CA PHE E 206 9.13 34.24 -3.74
C PHE E 206 10.21 33.17 -3.74
N THR E 207 9.80 31.92 -3.85
CA THR E 207 10.75 30.82 -3.81
C THR E 207 11.77 30.89 -4.92
N GLU E 208 11.49 31.66 -5.97
CA GLU E 208 12.43 31.80 -7.09
C GLU E 208 13.12 33.16 -7.15
N ASP E 209 12.87 34.01 -6.16
CA ASP E 209 13.46 35.34 -6.13
C ASP E 209 14.98 35.21 -6.05
N ILE E 210 15.68 35.88 -6.97
CA ILE E 210 17.13 35.80 -7.01
C ILE E 210 17.78 36.29 -5.73
N GLY E 211 17.17 37.27 -5.07
CA GLY E 211 17.74 37.77 -3.84
C GLY E 211 17.59 36.75 -2.72
N LEU E 212 16.43 36.12 -2.65
CA LEU E 212 16.19 35.11 -1.62
C LEU E 212 17.18 33.96 -1.80
N ASN E 213 17.34 33.49 -3.04
CA ASN E 213 18.27 32.40 -3.30
C ASN E 213 19.73 32.77 -3.05
N ALA E 214 20.11 33.99 -3.43
CA ALA E 214 21.49 34.45 -3.22
C ALA E 214 21.75 34.51 -1.74
N TYR E 215 20.72 34.88 -0.99
CA TYR E 215 20.77 35.01 0.45
C TYR E 215 21.21 33.70 1.13
N TYR E 216 20.67 32.58 0.67
CA TYR E 216 21.02 31.27 1.21
C TYR E 216 22.44 30.92 0.81
N PHE E 217 22.78 31.24 -0.43
CA PHE E 217 24.12 30.98 -0.92
C PHE E 217 25.08 31.72 -0.03
N PHE E 218 24.80 32.99 0.24
CA PHE E 218 25.69 33.77 1.10
C PHE E 218 25.80 33.19 2.50
N PHE E 219 24.70 32.63 3.00
CA PHE E 219 24.70 32.01 4.32
C PHE E 219 25.75 30.88 4.34
N HIS E 220 25.74 30.09 3.26
CA HIS E 220 26.67 28.97 3.13
C HIS E 220 28.13 29.39 3.03
N ILE E 221 28.48 30.21 2.05
CA ILE E 221 29.88 30.59 1.90
C ILE E 221 30.43 31.43 3.04
N HIS E 222 29.54 32.05 3.83
CA HIS E 222 29.98 32.85 4.96
C HIS E 222 30.59 31.93 6.02
N LEU E 223 30.04 30.73 6.14
CA LEU E 223 30.55 29.71 7.07
C LEU E 223 30.01 28.34 6.68
N PRO E 224 30.74 27.62 5.80
CA PRO E 224 30.39 26.29 5.30
C PRO E 224 30.18 25.25 6.40
N PHE E 225 29.24 24.35 6.18
CA PHE E 225 28.97 23.30 7.15
C PHE E 225 30.22 22.44 7.36
N TRP E 226 31.03 22.32 6.30
CA TRP E 226 32.22 21.48 6.39
C TRP E 226 33.43 22.09 7.08
N TRP E 227 33.36 23.37 7.41
CA TRP E 227 34.47 24.05 8.07
C TRP E 227 34.19 24.40 9.53
N THR E 228 35.26 24.51 10.32
CA THR E 228 35.13 24.86 11.72
C THR E 228 34.86 26.37 11.83
N ALA E 229 34.19 26.78 12.90
CA ALA E 229 33.90 28.20 13.09
C ALA E 229 35.04 28.89 13.83
N GLU E 230 36.12 28.15 14.07
CA GLU E 230 37.28 28.66 14.80
C GLU E 230 37.62 30.12 14.48
N LYS E 231 37.68 30.45 13.20
CA LYS E 231 38.03 31.78 12.74
C LYS E 231 37.27 32.90 13.43
N TYR E 232 35.99 32.70 13.68
CA TYR E 232 35.15 33.72 14.28
C TYR E 232 35.07 33.75 15.81
N GLY E 233 36.15 33.33 16.46
CA GLY E 233 36.21 33.33 17.91
C GLY E 233 35.01 32.81 18.69
N ASN E 234 34.17 33.72 19.15
CA ASN E 234 32.99 33.35 19.94
C ASN E 234 31.91 32.57 19.20
N LEU E 235 31.70 32.89 17.93
CA LEU E 235 30.69 32.19 17.13
C LEU E 235 30.79 30.66 17.27
N LYS E 236 32.00 30.16 17.51
CA LYS E 236 32.18 28.72 17.64
C LYS E 236 31.33 28.14 18.76
N GLU E 237 31.36 28.77 19.94
CA GLU E 237 30.58 28.29 21.05
C GLU E 237 29.10 28.53 20.87
N ARG E 238 28.75 29.48 20.00
CA ARG E 238 27.35 29.81 19.73
C ARG E 238 26.89 29.41 18.33
N ARG E 239 27.60 28.48 17.71
CA ARG E 239 27.25 28.04 16.36
C ARG E 239 25.85 27.42 16.26
N GLY E 240 25.53 26.53 17.20
CA GLY E 240 24.22 25.90 17.20
C GLY E 240 23.14 26.97 17.29
N GLU E 241 23.44 28.01 18.05
CA GLU E 241 22.52 29.11 18.25
C GLU E 241 22.24 29.80 16.91
N MET E 242 23.30 30.01 16.13
CA MET E 242 23.18 30.67 14.83
C MET E 242 22.39 29.83 13.82
N TYR E 243 22.60 28.53 13.88
CA TYR E 243 21.92 27.56 13.01
C TYR E 243 20.42 27.63 13.29
N HIS E 244 20.03 27.54 14.56
CA HIS E 244 18.62 27.60 14.93
C HIS E 244 18.00 28.93 14.47
N TYR E 245 18.71 30.02 14.73
CA TYR E 245 18.22 31.33 14.38
C TYR E 245 18.07 31.55 12.88
N PHE E 246 19.08 31.17 12.10
CA PHE E 246 18.99 31.35 10.66
C PHE E 246 17.79 30.66 10.06
N TYR E 247 17.65 29.37 10.36
CA TYR E 247 16.56 28.58 9.81
C TYR E 247 15.19 28.91 10.34
N ASP E 248 15.08 29.17 11.64
CA ASP E 248 13.78 29.49 12.18
C ASP E 248 13.27 30.76 11.51
N GLN E 249 14.12 31.77 11.41
CA GLN E 249 13.77 33.03 10.77
C GLN E 249 13.35 32.84 9.31
N LEU E 250 14.18 32.12 8.54
CA LEU E 250 13.87 31.86 7.14
C LEU E 250 12.55 31.08 7.04
N LEU E 251 12.45 30.01 7.83
CA LEU E 251 11.24 29.18 7.86
C LEU E 251 10.00 29.99 8.25
N THR E 252 10.15 30.94 9.17
CA THR E 252 9.02 31.76 9.60
C THR E 252 8.63 32.71 8.47
N ARG E 253 9.63 33.35 7.89
CA ARG E 253 9.40 34.30 6.80
C ARG E 253 8.70 33.60 5.65
N TYR E 254 9.08 32.36 5.40
CA TYR E 254 8.46 31.60 4.32
C TYR E 254 7.03 31.27 4.73
N TYR E 255 6.83 30.98 6.01
CA TYR E 255 5.50 30.67 6.52
C TYR E 255 4.56 31.84 6.23
N PHE E 256 5.03 33.04 6.53
CA PHE E 256 4.25 34.25 6.28
C PHE E 256 3.81 34.30 4.82
N GLU E 257 4.72 33.99 3.90
CA GLU E 257 4.37 34.02 2.48
C GLU E 257 3.25 33.00 2.22
N ARG E 258 3.30 31.85 2.90
CA ARG E 258 2.27 30.83 2.72
C ARG E 258 0.94 31.39 3.20
N LEU E 259 0.94 31.94 4.41
CA LEU E 259 -0.25 32.52 5.00
C LEU E 259 -1.02 33.46 4.07
N THR E 260 -0.34 34.45 3.48
CA THR E 260 -1.02 35.40 2.60
C THR E 260 -1.47 34.77 1.29
N ASN E 261 -1.01 33.56 1.03
CA ASN E 261 -1.38 32.85 -0.18
C ASN E 261 -2.33 31.70 0.13
N GLY E 262 -2.75 31.64 1.40
CA GLY E 262 -3.67 30.61 1.86
C GLY E 262 -3.11 29.20 1.79
N LEU E 263 -1.80 29.07 1.96
CA LEU E 263 -1.17 27.75 1.89
C LEU E 263 -0.89 27.06 3.22
N GLY E 264 -1.35 27.67 4.31
CA GLY E 264 -1.17 27.06 5.63
C GLY E 264 0.24 26.72 6.04
N THR E 265 0.37 25.95 7.13
CA THR E 265 1.67 25.56 7.66
C THR E 265 2.53 24.73 6.71
N ILE E 266 3.83 24.71 6.98
CA ILE E 266 4.75 23.94 6.17
C ILE E 266 4.39 22.47 6.31
N PRO E 267 4.15 21.78 5.19
CA PRO E 267 3.80 20.36 5.16
C PRO E 267 4.78 19.45 5.87
N GLU E 268 4.25 18.41 6.51
CA GLU E 268 5.07 17.41 7.18
C GLU E 268 5.10 16.20 6.25
N PHE E 269 6.17 15.42 6.30
CA PHE E 269 6.25 14.26 5.44
C PHE E 269 6.81 13.05 6.19
N SER E 270 6.77 11.90 5.53
CA SER E 270 7.28 10.65 6.10
C SER E 270 8.24 10.02 5.09
N TRP E 271 9.32 9.42 5.57
CA TRP E 271 10.25 8.76 4.67
C TRP E 271 9.64 7.46 4.14
N TYR E 272 8.51 7.04 4.72
CA TYR E 272 7.89 5.78 4.31
C TYR E 272 6.61 5.94 3.52
N SER E 273 6.28 7.17 3.16
CA SER E 273 5.08 7.43 2.39
C SER E 273 5.43 8.37 1.24
N PRO E 274 4.60 8.39 0.19
CA PRO E 274 4.86 9.27 -0.94
C PRO E 274 4.97 10.73 -0.47
N VAL E 275 5.90 11.47 -1.06
CA VAL E 275 6.08 12.88 -0.73
C VAL E 275 5.11 13.64 -1.64
N LYS E 276 4.14 14.28 -1.03
CA LYS E 276 3.12 14.99 -1.78
C LYS E 276 3.55 16.10 -2.76
N THR E 277 4.29 17.10 -2.29
CA THR E 277 4.65 18.20 -3.17
C THR E 277 5.87 17.98 -4.05
N GLY E 278 5.63 17.93 -5.35
CA GLY E 278 6.72 17.68 -6.28
C GLY E 278 7.39 18.96 -6.70
N HIS E 279 8.42 18.85 -7.52
CA HIS E 279 9.11 20.02 -8.01
C HIS E 279 9.76 19.73 -9.36
N TYR E 280 9.59 20.66 -10.29
CA TYR E 280 10.16 20.50 -11.62
C TYR E 280 11.12 21.65 -11.91
N PRO E 281 12.43 21.42 -11.74
CA PRO E 281 13.39 22.50 -12.01
C PRO E 281 13.49 22.80 -13.51
N LEU E 282 13.16 24.02 -13.91
CA LEU E 282 13.25 24.44 -15.31
C LEU E 282 14.71 24.89 -15.52
N LEU E 283 15.62 24.05 -15.05
CA LEU E 283 17.05 24.30 -15.10
C LEU E 283 17.81 23.18 -15.79
N THR E 284 18.99 23.48 -16.28
CA THR E 284 19.79 22.49 -16.96
C THR E 284 21.28 22.66 -16.71
N SER E 285 22.02 21.57 -16.81
CA SER E 285 23.48 21.60 -16.67
C SER E 285 23.97 21.48 -18.11
N TYR E 286 25.28 21.39 -18.29
CA TYR E 286 25.80 21.27 -19.64
C TYR E 286 25.60 19.87 -20.20
N TYR E 287 25.30 18.91 -19.33
CA TYR E 287 25.13 17.53 -19.78
C TYR E 287 23.77 16.88 -19.54
N THR E 288 22.97 17.45 -18.65
CA THR E 288 21.69 16.84 -18.33
C THR E 288 20.69 17.80 -17.73
N PRO E 289 19.40 17.47 -17.89
CA PRO E 289 18.39 18.37 -17.29
C PRO E 289 18.45 18.07 -15.79
N PHE E 290 17.97 19.00 -14.96
CA PHE E 290 17.93 18.73 -13.52
C PHE E 290 16.89 17.63 -13.26
N SER E 291 17.11 16.80 -12.24
CA SER E 291 16.14 15.75 -11.95
C SER E 291 14.85 16.38 -11.46
N GLN E 292 13.74 15.71 -11.76
CA GLN E 292 12.43 16.20 -11.36
C GLN E 292 11.80 15.24 -10.36
N ARG E 293 11.04 15.78 -9.41
CA ARG E 293 10.34 14.97 -8.44
C ARG E 293 8.83 15.20 -8.62
N PRO E 294 8.13 14.23 -9.20
CA PRO E 294 6.68 14.37 -9.43
C PRO E 294 5.93 14.38 -8.10
N ASN E 295 4.66 14.82 -8.14
CA ASN E 295 3.83 14.87 -6.93
C ASN E 295 3.61 13.44 -6.46
N PHE E 296 3.47 13.24 -5.15
CA PHE E 296 3.23 11.92 -4.59
C PHE E 296 4.33 10.97 -5.03
N TYR E 297 5.57 11.44 -4.90
CA TYR E 297 6.76 10.69 -5.25
C TYR E 297 6.99 9.51 -4.33
N ASN E 298 7.11 8.33 -4.92
CA ASN E 298 7.34 7.10 -4.18
C ASN E 298 8.79 7.12 -3.68
N VAL E 299 9.02 7.80 -2.56
CA VAL E 299 10.34 7.94 -1.97
C VAL E 299 10.89 6.66 -1.33
N HIS E 300 10.00 5.79 -0.85
CA HIS E 300 10.42 4.54 -0.22
C HIS E 300 10.64 3.40 -1.23
N SER E 301 11.64 3.54 -2.09
CA SER E 301 11.92 2.51 -3.09
C SER E 301 13.23 1.79 -2.75
N GLU E 302 13.50 0.70 -3.45
CA GLU E 302 14.71 -0.06 -3.18
C GLU E 302 16.00 0.76 -3.16
N GLU E 303 16.10 1.74 -4.05
CA GLU E 303 17.30 2.58 -4.11
C GLU E 303 17.53 3.40 -2.84
N ASN E 304 16.46 3.68 -2.10
CA ASN E 304 16.56 4.49 -0.89
C ASN E 304 16.47 3.76 0.46
N TYR E 305 16.14 2.47 0.45
CA TYR E 305 16.00 1.73 1.70
C TYR E 305 17.11 2.00 2.72
N GLU E 306 18.35 1.77 2.34
CA GLU E 306 19.48 1.97 3.24
C GLU E 306 19.63 3.42 3.69
N LYS E 307 19.37 4.35 2.78
CA LYS E 307 19.45 5.77 3.11
C LYS E 307 18.35 6.16 4.10
N ILE E 308 17.15 5.66 3.85
CA ILE E 308 16.03 5.97 4.72
C ILE E 308 16.26 5.41 6.12
N ARG E 309 16.90 4.24 6.23
CA ARG E 309 17.15 3.68 7.56
C ARG E 309 18.15 4.54 8.30
N PHE E 310 19.07 5.16 7.56
CA PHE E 310 20.07 6.03 8.16
C PHE E 310 19.39 7.29 8.71
N LEU E 311 18.52 7.89 7.89
CA LEU E 311 17.79 9.09 8.26
C LEU E 311 16.88 8.83 9.47
N ASP E 312 16.26 7.65 9.50
CA ASP E 312 15.37 7.28 10.59
C ASP E 312 16.19 7.09 11.88
N ALA E 313 17.38 6.53 11.75
CA ALA E 313 18.24 6.28 12.91
C ALA E 313 18.74 7.60 13.46
N TYR E 314 19.14 8.49 12.55
CA TYR E 314 19.64 9.80 12.89
C TYR E 314 18.60 10.54 13.74
N GLU E 315 17.33 10.40 13.36
CA GLU E 315 16.24 11.04 14.08
C GLU E 315 16.03 10.35 15.43
N ASN E 316 16.02 9.02 15.41
CA ASN E 316 15.82 8.23 16.62
C ASN E 316 16.78 8.61 17.73
N TYR E 317 18.04 8.78 17.36
CA TYR E 317 19.08 9.14 18.29
C TYR E 317 18.71 10.42 19.02
N PHE E 318 18.31 11.44 18.26
CA PHE E 318 17.94 12.70 18.86
C PHE E 318 16.74 12.54 19.78
N VAL E 319 15.66 11.98 19.24
CA VAL E 319 14.43 11.79 20.00
C VAL E 319 14.69 11.01 21.29
N GLN E 320 15.53 9.98 21.22
CA GLN E 320 15.86 9.20 22.41
C GLN E 320 16.72 9.99 23.39
N ALA E 321 17.63 10.81 22.85
CA ALA E 321 18.48 11.62 23.70
C ALA E 321 17.60 12.52 24.54
N LEU E 322 16.63 13.16 23.88
CA LEU E 322 15.71 14.06 24.55
C LEU E 322 14.92 13.34 25.64
N GLN E 323 14.50 12.12 25.36
CA GLN E 323 13.73 11.36 26.32
C GLN E 323 14.54 11.04 27.58
N LYS E 324 15.76 10.55 27.40
CA LYS E 324 16.59 10.20 28.55
C LYS E 324 17.39 11.35 29.14
N GLY E 325 17.18 12.56 28.60
CA GLY E 325 17.80 13.76 29.11
C GLY E 325 19.28 13.99 28.89
N VAL E 326 19.91 13.23 28.01
CA VAL E 326 21.32 13.41 27.79
C VAL E 326 21.77 12.97 26.41
N PHE E 327 22.70 13.73 25.84
CA PHE E 327 23.27 13.41 24.54
C PHE E 327 24.57 12.65 24.82
N GLU E 328 24.64 11.40 24.38
CA GLU E 328 25.86 10.61 24.58
C GLU E 328 26.53 10.39 23.23
N GLY E 329 27.85 10.23 23.25
CA GLY E 329 28.59 10.03 22.02
C GLY E 329 29.34 11.26 21.57
N PHE E 330 30.08 11.13 20.48
CA PHE E 330 30.87 12.24 19.96
C PHE E 330 31.87 12.69 21.01
N GLY E 331 32.36 11.73 21.78
CA GLY E 331 33.36 12.00 22.81
C GLY E 331 32.90 12.79 24.04
N GLN E 332 31.62 12.77 24.34
CA GLN E 332 31.14 13.50 25.49
C GLN E 332 29.75 13.10 25.96
N THR E 333 29.38 13.65 27.10
CA THR E 333 28.09 13.42 27.70
C THR E 333 27.59 14.82 28.01
N ILE E 334 26.50 15.20 27.37
CA ILE E 334 25.92 16.52 27.56
C ILE E 334 24.47 16.42 28.00
N TYR E 335 24.18 16.89 29.21
CA TYR E 335 22.81 16.86 29.69
C TYR E 335 22.09 18.00 29.01
N LEU E 336 20.78 17.92 28.91
CA LEU E 336 20.01 18.95 28.24
C LEU E 336 20.26 20.37 28.74
N ASN E 337 20.50 20.55 30.04
CA ASN E 337 20.71 21.88 30.61
C ASN E 337 22.16 22.36 30.59
N ASP E 338 23.04 21.64 29.90
CA ASP E 338 24.44 22.01 29.82
C ASP E 338 24.56 23.24 28.93
N SER E 339 25.51 24.10 29.26
CA SER E 339 25.74 25.34 28.50
C SER E 339 26.16 25.07 27.05
N LYS E 340 26.65 23.86 26.80
CA LYS E 340 27.10 23.49 25.45
C LYS E 340 26.00 22.77 24.65
N ALA E 341 24.90 22.44 25.31
CA ALA E 341 23.79 21.71 24.69
C ALA E 341 23.21 22.34 23.43
N ASN E 342 22.84 23.61 23.53
CA ASN E 342 22.25 24.30 22.39
C ASN E 342 23.13 24.19 21.16
N SER E 343 24.44 24.35 21.33
CA SER E 343 25.33 24.25 20.20
C SER E 343 25.47 22.82 19.70
N PHE E 344 25.37 21.85 20.62
CA PHE E 344 25.49 20.48 20.20
C PHE E 344 24.36 20.10 19.25
N VAL E 345 23.11 20.36 19.65
CA VAL E 345 22.00 19.97 18.79
C VAL E 345 22.10 20.64 17.43
N GLY E 346 22.63 21.85 17.40
CA GLY E 346 22.78 22.56 16.15
C GLY E 346 23.85 21.91 15.30
N ASN E 347 24.99 21.63 15.90
CA ASN E 347 26.09 21.00 15.17
C ASN E 347 25.75 19.57 14.81
N TYR E 348 24.96 18.91 15.66
CA TYR E 348 24.55 17.54 15.42
C TYR E 348 23.70 17.50 14.16
N TRP E 349 22.62 18.27 14.14
CA TRP E 349 21.75 18.28 12.96
C TRP E 349 22.42 18.70 11.66
N GLN E 350 23.44 19.54 11.76
CA GLN E 350 24.14 19.98 10.55
C GLN E 350 25.28 19.04 10.22
N ASP E 351 25.69 18.24 11.21
CA ASP E 351 26.79 17.31 11.03
C ASP E 351 28.04 18.11 10.63
N ASN E 352 28.21 19.30 11.22
CA ASN E 352 29.33 20.14 10.87
C ASN E 352 30.67 19.78 11.52
N ALA E 353 31.71 20.50 11.14
CA ALA E 353 33.05 20.24 11.65
C ALA E 353 33.14 20.36 13.16
N ASP E 354 32.51 21.38 13.72
CA ASP E 354 32.57 21.60 15.15
C ASP E 354 31.94 20.48 16.00
N LEU E 355 31.05 19.70 15.41
CA LEU E 355 30.42 18.61 16.13
C LEU E 355 31.47 17.58 16.53
N TYR E 356 32.51 17.47 15.70
CA TYR E 356 33.61 16.52 15.90
C TYR E 356 34.90 17.19 16.40
N GLY E 357 34.88 18.51 16.59
CA GLY E 357 36.07 19.21 17.03
C GLY E 357 37.21 19.10 16.04
N GLU E 358 36.90 19.29 14.76
CA GLU E 358 37.90 19.21 13.69
C GLU E 358 37.80 20.49 12.88
N GLU E 359 38.73 20.71 11.94
CA GLU E 359 38.64 21.92 11.13
C GLU E 359 37.79 21.69 9.89
N VAL E 360 37.79 20.45 9.37
CA VAL E 360 36.98 20.08 8.21
C VAL E 360 36.41 18.69 8.40
N THR E 361 35.23 18.47 7.83
CA THR E 361 34.54 17.18 7.92
C THR E 361 35.19 16.11 7.05
N LYS E 362 35.00 14.85 7.43
CA LYS E 362 35.56 13.71 6.70
C LYS E 362 34.43 13.01 5.93
N ASP E 363 34.80 12.30 4.87
CA ASP E 363 33.84 11.58 4.04
C ASP E 363 32.96 10.58 4.79
N TYR E 364 33.55 9.89 5.76
CA TYR E 364 32.81 8.89 6.53
C TYR E 364 31.87 9.46 7.58
N GLN E 365 31.94 10.77 7.81
CA GLN E 365 31.05 11.39 8.80
C GLN E 365 29.76 11.72 8.07
N ARG E 366 28.92 10.70 7.88
CA ARG E 366 27.66 10.81 7.16
C ARG E 366 26.74 11.91 7.66
N SER E 367 26.26 12.72 6.72
CA SER E 367 25.39 13.86 7.03
C SER E 367 23.90 13.67 6.81
N TYR E 368 23.10 14.04 7.80
CA TYR E 368 21.65 13.93 7.68
C TYR E 368 21.13 14.85 6.56
N GLU E 369 21.56 16.09 6.56
CA GLU E 369 21.11 17.03 5.54
C GLU E 369 21.51 16.57 4.13
N ILE E 370 22.74 16.07 3.98
CA ILE E 370 23.16 15.65 2.65
C ILE E 370 22.35 14.45 2.16
N VAL E 371 22.19 13.43 2.99
CA VAL E 371 21.44 12.25 2.58
C VAL E 371 19.99 12.60 2.33
N ALA E 372 19.42 13.49 3.15
CA ALA E 372 18.03 13.89 2.97
C ALA E 372 17.84 14.64 1.64
N ARG E 373 18.77 15.54 1.31
CA ARG E 373 18.67 16.26 0.04
C ARG E 373 18.78 15.24 -1.08
N GLN E 374 19.56 14.20 -0.84
CA GLN E 374 19.76 13.16 -1.82
C GLN E 374 18.47 12.42 -2.17
N VAL E 375 17.74 11.98 -1.16
CA VAL E 375 16.52 11.25 -1.46
C VAL E 375 15.34 12.16 -1.80
N LEU E 376 15.32 13.38 -1.30
CA LEU E 376 14.21 14.28 -1.64
C LEU E 376 14.41 14.85 -3.05
N GLY E 377 15.67 14.92 -3.49
CA GLY E 377 15.97 15.43 -4.82
C GLY E 377 15.43 14.53 -5.92
N ALA E 378 15.23 13.26 -5.59
CA ALA E 378 14.70 12.28 -6.52
C ALA E 378 15.58 11.87 -7.70
N ALA E 379 16.82 12.35 -7.76
CA ALA E 379 17.72 11.99 -8.85
C ALA E 379 18.20 10.54 -8.74
N PRO E 380 18.44 9.88 -9.88
CA PRO E 380 18.92 8.49 -9.89
C PRO E 380 20.36 8.51 -9.40
N LYS E 381 20.89 7.40 -8.88
CA LYS E 381 22.24 7.47 -8.37
C LYS E 381 23.23 7.98 -9.40
N PRO E 382 24.28 8.67 -8.94
CA PRO E 382 25.32 9.24 -9.77
C PRO E 382 25.99 8.22 -10.69
N PHE E 383 26.24 8.64 -11.93
CA PHE E 383 26.90 7.78 -12.90
C PHE E 383 28.28 7.41 -12.38
N ASP E 384 28.98 8.36 -11.77
CA ASP E 384 30.31 8.12 -11.20
C ASP E 384 30.67 9.32 -10.29
N LYS E 385 31.84 9.30 -9.66
CA LYS E 385 32.19 10.41 -8.75
C LYS E 385 32.15 11.82 -9.33
N TYR E 386 32.35 11.94 -10.64
CA TYR E 386 32.35 13.24 -11.28
C TYR E 386 31.07 13.54 -12.06
N THR E 387 30.20 12.55 -12.19
CA THR E 387 28.98 12.73 -12.98
C THR E 387 27.68 12.44 -12.25
N PHE E 388 26.78 13.41 -12.23
CA PHE E 388 25.48 13.24 -11.57
C PHE E 388 24.39 14.13 -12.18
N MET E 389 23.13 13.72 -12.00
CA MET E 389 22.01 14.49 -12.49
C MET E 389 21.68 15.42 -11.32
N PRO E 390 21.82 16.74 -11.51
CA PRO E 390 21.52 17.59 -10.36
C PRO E 390 20.05 17.88 -10.12
N SER E 391 19.75 18.35 -8.91
CA SER E 391 18.41 18.74 -8.51
C SER E 391 18.54 20.11 -7.83
N ALA E 392 17.41 20.75 -7.56
CA ALA E 392 17.42 22.05 -6.91
C ALA E 392 18.13 21.98 -5.56
N LEU E 393 18.08 20.81 -4.92
CA LEU E 393 18.71 20.62 -3.61
C LEU E 393 20.22 20.38 -3.61
N ASP E 394 20.84 20.45 -4.79
CA ASP E 394 22.28 20.25 -4.91
C ASP E 394 23.07 21.54 -4.85
N PHE E 395 22.36 22.66 -4.80
CA PHE E 395 23.02 23.94 -4.74
C PHE E 395 22.38 24.83 -3.72
N TYR E 396 23.21 25.58 -3.02
CA TYR E 396 22.68 26.51 -2.05
C TYR E 396 22.00 27.66 -2.79
N GLN E 397 22.37 27.86 -4.04
CA GLN E 397 21.77 28.95 -4.80
C GLN E 397 20.41 28.59 -5.43
N THR E 398 19.99 27.33 -5.32
CA THR E 398 18.72 26.90 -5.90
C THR E 398 17.81 26.15 -4.91
N SER E 399 18.35 25.79 -3.75
CA SER E 399 17.60 25.06 -2.74
C SER E 399 16.23 25.62 -2.39
N LEU E 400 16.15 26.94 -2.21
CA LEU E 400 14.89 27.57 -1.85
C LEU E 400 13.82 27.52 -2.93
N ARG E 401 14.17 26.97 -4.09
CA ARG E 401 13.20 26.83 -5.17
C ARG E 401 12.34 25.60 -4.91
N ASP E 402 12.89 24.63 -4.18
CA ASP E 402 12.19 23.37 -3.91
C ASP E 402 11.38 23.36 -2.60
N PRO E 403 10.08 23.10 -2.68
CA PRO E 403 9.22 23.06 -1.49
C PRO E 403 9.72 22.13 -0.38
N THR E 404 10.29 20.98 -0.76
CA THR E 404 10.77 20.04 0.25
C THR E 404 11.97 20.60 1.01
N PHE E 405 12.59 21.65 0.47
CA PHE E 405 13.71 22.26 1.18
C PHE E 405 13.14 22.75 2.51
N TYR E 406 12.05 23.51 2.44
CA TYR E 406 11.42 24.07 3.64
C TYR E 406 10.88 22.96 4.53
N GLN E 407 10.26 21.96 3.91
CA GLN E 407 9.72 20.83 4.65
C GLN E 407 10.84 20.11 5.40
N LEU E 408 11.99 19.99 4.76
CA LEU E 408 13.12 19.35 5.38
C LEU E 408 13.65 20.13 6.57
N TYR E 409 13.90 21.42 6.40
CA TYR E 409 14.42 22.20 7.51
C TYR E 409 13.37 22.50 8.56
N ASN E 410 12.11 22.41 8.19
CA ASN E 410 11.03 22.61 9.15
C ASN E 410 10.99 21.37 10.06
N ARG E 411 11.29 20.21 9.48
CA ARG E 411 11.33 18.98 10.25
C ARG E 411 12.50 19.07 11.24
N ILE E 412 13.65 19.52 10.75
CA ILE E 412 14.81 19.65 11.61
C ILE E 412 14.58 20.64 12.73
N ILE E 413 14.12 21.84 12.40
CA ILE E 413 13.88 22.85 13.41
C ILE E 413 12.76 22.42 14.34
N GLY E 414 11.90 21.53 13.84
CA GLY E 414 10.82 21.01 14.67
C GLY E 414 11.48 20.28 15.83
N TYR E 415 12.54 19.53 15.55
CA TYR E 415 13.26 18.79 16.58
C TYR E 415 14.00 19.75 17.50
N PHE E 416 14.56 20.81 16.92
CA PHE E 416 15.29 21.80 17.68
C PHE E 416 14.31 22.48 18.65
N ASN E 417 13.11 22.79 18.17
CA ASN E 417 12.13 23.44 19.02
C ASN E 417 11.59 22.53 20.11
N GLN E 418 11.70 21.22 19.92
CA GLN E 418 11.25 20.30 20.95
C GLN E 418 12.33 20.35 22.02
N PHE E 419 13.58 20.42 21.59
CA PHE E 419 14.70 20.50 22.53
C PHE E 419 14.59 21.77 23.39
N LYS E 420 14.11 22.86 22.80
CA LYS E 420 13.96 24.12 23.51
C LYS E 420 13.05 24.00 24.71
N GLN E 421 12.00 23.19 24.61
CA GLN E 421 11.08 23.07 25.74
C GLN E 421 11.65 22.34 26.95
N TYR E 422 12.84 21.76 26.81
CA TYR E 422 13.47 21.08 27.95
C TYR E 422 14.33 22.04 28.73
N LEU E 423 14.52 23.25 28.21
CA LEU E 423 15.34 24.26 28.84
C LEU E 423 14.51 25.16 29.75
N GLU E 424 15.21 25.94 30.55
CA GLU E 424 14.60 26.90 31.48
C GLU E 424 13.90 27.99 30.67
N PRO E 425 12.57 28.07 30.76
CA PRO E 425 11.88 29.12 30.01
C PRO E 425 12.12 30.48 30.66
N HIS E 426 12.06 31.54 29.86
CA HIS E 426 12.28 32.89 30.39
C HIS E 426 11.21 33.25 31.42
N SER E 427 11.63 33.52 32.65
CA SER E 427 10.71 33.89 33.72
C SER E 427 10.13 35.28 33.42
N GLN E 428 9.00 35.59 34.05
CA GLN E 428 8.37 36.88 33.85
C GLN E 428 9.21 38.01 34.44
N GLU E 429 9.98 37.71 35.47
CA GLU E 429 10.81 38.72 36.09
C GLU E 429 11.95 39.14 35.18
N LYS E 430 12.67 38.16 34.66
CA LYS E 430 13.80 38.43 33.76
C LYS E 430 13.38 39.21 32.54
N LEU E 431 12.15 39.00 32.10
CA LEU E 431 11.60 39.69 30.93
C LEU E 431 11.10 41.09 31.24
N HIS E 432 10.85 41.36 32.52
CA HIS E 432 10.35 42.65 32.96
C HIS E 432 11.46 43.70 33.03
N PHE E 433 11.15 44.88 32.49
CA PHE E 433 12.09 46.02 32.50
C PHE E 433 11.51 46.99 33.51
N VAL E 434 12.01 46.93 34.74
CA VAL E 434 11.53 47.80 35.80
C VAL E 434 11.67 49.28 35.43
N GLY E 435 10.55 49.99 35.48
CA GLY E 435 10.57 51.41 35.14
C GLY E 435 10.21 51.76 33.71
N VAL E 436 10.38 50.82 32.79
CA VAL E 436 10.07 51.07 31.38
C VAL E 436 8.73 50.50 30.96
N LYS E 437 8.01 51.25 30.13
CA LYS E 437 6.72 50.80 29.65
C LYS E 437 6.43 51.36 28.27
N VAL E 438 5.89 50.52 27.40
CA VAL E 438 5.54 50.95 26.05
C VAL E 438 4.06 51.30 26.06
N ASN E 439 3.77 52.59 26.04
CA ASN E 439 2.39 53.07 26.06
C ASN E 439 1.69 52.84 24.75
N ASN E 440 2.45 52.89 23.66
CA ASN E 440 1.85 52.71 22.36
C ASN E 440 2.83 52.50 21.22
N VAL E 441 2.32 51.91 20.14
CA VAL E 441 3.10 51.63 18.96
C VAL E 441 2.14 51.85 17.79
N VAL E 442 2.54 52.67 16.84
CA VAL E 442 1.72 52.97 15.67
C VAL E 442 2.56 52.70 14.44
N VAL E 443 2.02 51.93 13.52
CA VAL E 443 2.73 51.56 12.31
C VAL E 443 2.06 52.13 11.06
N ASP E 444 2.84 52.72 10.16
CA ASP E 444 2.25 53.26 8.94
C ASP E 444 1.70 52.12 8.08
N LYS E 445 0.96 52.47 7.04
CA LYS E 445 0.38 51.48 6.15
C LYS E 445 1.46 50.55 5.56
N LEU E 446 1.17 49.25 5.53
CA LEU E 446 2.07 48.25 4.99
C LEU E 446 1.61 47.89 3.59
N VAL E 447 2.40 48.27 2.59
CA VAL E 447 2.03 48.02 1.20
C VAL E 447 3.12 47.35 0.37
N THR E 448 2.76 46.26 -0.32
CA THR E 448 3.72 45.57 -1.19
C THR E 448 3.31 45.77 -2.64
N PHE E 449 4.27 45.56 -3.55
CA PHE E 449 3.99 45.72 -4.96
C PHE E 449 5.17 45.14 -5.72
N PHE E 450 5.00 44.90 -7.01
CA PHE E 450 6.09 44.36 -7.81
C PHE E 450 6.76 45.46 -8.61
N GLU E 451 8.08 45.41 -8.65
CA GLU E 451 8.88 46.39 -9.35
C GLU E 451 10.02 45.75 -10.14
N TYR E 452 10.07 46.05 -11.44
CA TYR E 452 11.11 45.50 -12.31
C TYR E 452 12.50 45.63 -11.70
N TYR E 453 13.31 44.60 -11.90
CA TYR E 453 14.67 44.61 -11.39
C TYR E 453 15.53 43.97 -12.46
N ASP E 454 16.68 44.57 -12.75
CA ASP E 454 17.57 44.02 -13.77
C ASP E 454 18.91 43.57 -13.21
N PHE E 455 19.47 42.52 -13.81
CA PHE E 455 20.81 42.10 -13.43
C PHE E 455 21.55 41.65 -14.69
N ASP E 456 22.88 41.75 -14.65
CA ASP E 456 23.73 41.35 -15.76
C ASP E 456 23.78 39.82 -15.86
N ALA E 457 23.32 39.28 -16.98
CA ALA E 457 23.30 37.83 -17.17
C ALA E 457 24.17 37.41 -18.34
N THR E 458 25.11 38.27 -18.72
CA THR E 458 25.98 37.97 -19.84
C THR E 458 26.82 36.73 -19.66
N ASN E 459 27.14 36.34 -18.42
CA ASN E 459 27.93 35.14 -18.18
C ASN E 459 27.27 33.91 -18.80
N THR E 460 25.96 34.00 -19.02
CA THR E 460 25.18 32.92 -19.62
C THR E 460 25.75 32.50 -20.97
N VAL E 461 26.27 33.50 -21.69
CA VAL E 461 26.78 33.30 -23.04
C VAL E 461 28.30 33.09 -23.21
N PHE E 462 28.67 32.52 -24.35
CA PHE E 462 30.06 32.29 -24.69
C PHE E 462 30.50 33.35 -25.70
N LEU E 463 31.67 33.92 -25.47
CA LEU E 463 32.18 34.95 -26.36
C LEU E 463 33.01 34.40 -27.51
N THR E 464 33.15 35.25 -28.53
CA THR E 464 33.91 34.95 -29.73
C THR E 464 35.41 35.23 -29.51
N GLU E 465 36.26 34.61 -30.32
CA GLU E 465 37.70 34.82 -30.20
C GLU E 465 38.02 36.32 -30.36
N GLU E 466 37.32 36.98 -31.27
CA GLU E 466 37.48 38.40 -31.49
C GLU E 466 37.01 39.18 -30.27
N GLU E 467 35.78 38.90 -29.83
CA GLU E 467 35.20 39.58 -28.67
C GLU E 467 36.11 39.49 -27.46
N LEU E 468 36.83 38.37 -27.32
CA LEU E 468 37.73 38.19 -26.19
C LEU E 468 38.92 39.16 -26.25
N LYS E 469 39.18 39.71 -27.44
CA LYS E 469 40.28 40.65 -27.64
C LYS E 469 39.91 42.05 -27.19
N THR E 470 38.62 42.30 -27.04
CA THR E 470 38.14 43.61 -26.60
C THR E 470 37.52 43.47 -25.20
N LYS E 471 37.13 44.59 -24.61
CA LYS E 471 36.55 44.56 -23.27
C LYS E 471 35.27 43.74 -23.23
N TYR E 472 34.99 43.16 -22.07
CA TYR E 472 33.77 42.34 -21.92
C TYR E 472 32.55 43.22 -22.16
N PRO E 473 31.56 42.68 -22.89
CA PRO E 473 30.34 43.41 -23.23
C PRO E 473 29.35 43.78 -22.11
N HIS E 474 29.08 42.87 -21.17
CA HIS E 474 28.11 43.14 -20.10
C HIS E 474 26.86 43.58 -20.86
N ASN E 475 26.69 42.90 -21.98
CA ASN E 475 25.65 43.08 -22.98
C ASN E 475 24.22 42.61 -22.64
N LEU E 476 24.10 41.47 -21.96
CA LEU E 476 22.78 40.93 -21.64
C LEU E 476 22.20 41.27 -20.27
N LYS E 477 20.91 41.61 -20.27
CA LYS E 477 20.18 41.99 -19.06
C LYS E 477 18.95 41.12 -18.86
N VAL E 478 18.74 40.67 -17.63
CA VAL E 478 17.55 39.89 -17.32
C VAL E 478 16.70 40.81 -16.47
N ARG E 479 15.43 40.94 -16.84
CA ARG E 479 14.53 41.80 -16.09
C ARG E 479 13.35 40.99 -15.56
N GLN E 480 13.08 41.14 -14.27
CA GLN E 480 11.94 40.44 -13.67
C GLN E 480 11.29 41.31 -12.61
N PRO E 481 9.96 41.29 -12.54
CA PRO E 481 9.34 42.11 -11.50
C PRO E 481 9.65 41.39 -10.19
N ARG E 482 10.05 42.12 -9.16
CA ARG E 482 10.38 41.51 -7.88
C ARG E 482 9.63 42.16 -6.74
N LEU E 483 9.27 41.34 -5.75
CA LEU E 483 8.55 41.81 -4.58
C LEU E 483 9.25 42.98 -3.87
N ASN E 484 8.48 44.00 -3.51
CA ASN E 484 8.99 45.16 -2.81
C ASN E 484 7.84 45.77 -2.00
N HIS E 485 8.18 46.72 -1.12
CA HIS E 485 7.17 47.36 -0.30
C HIS E 485 7.54 48.82 -0.14
N GLN E 486 6.58 49.65 0.27
CA GLN E 486 6.85 51.06 0.49
C GLN E 486 7.48 51.22 1.88
N PRO E 487 8.36 52.22 2.04
CA PRO E 487 8.99 52.41 3.36
C PRO E 487 7.88 52.73 4.35
N PHE E 488 8.10 52.42 5.62
CA PHE E 488 7.08 52.70 6.63
C PHE E 488 7.69 52.96 7.99
N ASN E 489 7.05 53.83 8.75
CA ASN E 489 7.53 54.17 10.09
C ASN E 489 6.80 53.41 11.19
N ILE E 490 7.51 53.25 12.29
CA ILE E 490 6.99 52.58 13.48
C ILE E 490 7.23 53.58 14.60
N ASN E 491 6.15 54.11 15.18
CA ASN E 491 6.28 55.07 16.26
C ASN E 491 6.12 54.39 17.59
N ILE E 492 7.18 54.45 18.41
CA ILE E 492 7.15 53.81 19.71
C ILE E 492 7.03 54.82 20.84
N ASP E 493 6.01 54.64 21.67
CA ASP E 493 5.77 55.52 22.78
C ASP E 493 6.18 54.81 24.08
N ILE E 494 7.16 55.37 24.77
CA ILE E 494 7.68 54.79 26.01
C ILE E 494 7.62 55.75 27.20
N LYS E 495 7.11 55.25 28.33
CA LYS E 495 7.01 56.03 29.57
C LYS E 495 7.99 55.45 30.57
N ALA E 496 9.05 56.17 30.89
CA ALA E 496 10.02 55.66 31.83
C ALA E 496 10.10 56.49 33.10
N ASP E 497 10.52 55.85 34.18
CA ASP E 497 10.64 56.50 35.47
C ASP E 497 12.02 57.13 35.59
N VAL E 498 13.04 56.34 35.32
CA VAL E 498 14.42 56.83 35.37
C VAL E 498 15.03 56.77 33.99
N ALA E 499 16.30 57.09 33.89
CA ALA E 499 16.99 57.04 32.60
C ALA E 499 17.92 55.83 32.59
N THR E 500 17.92 55.10 31.48
CA THR E 500 18.79 53.92 31.33
C THR E 500 19.04 53.65 29.86
N ASP E 501 20.06 52.83 29.59
CA ASP E 501 20.40 52.44 28.22
C ASP E 501 19.52 51.24 27.95
N ALA E 502 18.73 51.32 26.89
CA ALA E 502 17.83 50.24 26.56
C ALA E 502 18.02 49.65 25.16
N VAL E 503 17.61 48.41 25.03
CA VAL E 503 17.68 47.72 23.76
C VAL E 503 16.23 47.56 23.37
N VAL E 504 15.91 47.88 22.14
CA VAL E 504 14.55 47.76 21.65
C VAL E 504 14.56 46.91 20.38
N LYS E 505 13.78 45.83 20.40
CA LYS E 505 13.69 44.94 19.24
C LYS E 505 12.30 45.01 18.65
N ILE E 506 12.21 44.85 17.33
CA ILE E 506 10.94 44.88 16.62
C ILE E 506 10.71 43.56 15.90
N PHE E 507 9.61 42.89 16.21
CA PHE E 507 9.31 41.62 15.54
C PHE E 507 8.01 41.70 14.78
N MET E 508 7.81 40.72 13.91
CA MET E 508 6.58 40.60 13.14
C MET E 508 6.14 39.16 13.34
N GLY E 509 4.91 38.99 13.79
CA GLY E 509 4.40 37.65 14.00
C GLY E 509 3.04 37.51 13.34
N PRO E 510 2.52 36.29 13.24
CA PRO E 510 1.22 36.14 12.61
C PRO E 510 0.14 36.55 13.64
N LYS E 511 -1.06 36.82 13.15
CA LYS E 511 -2.17 37.18 14.03
C LYS E 511 -2.98 35.92 14.33
N TYR E 512 -3.33 35.19 13.28
CA TYR E 512 -4.11 33.96 13.39
C TYR E 512 -3.31 32.73 12.94
N ASN E 513 -3.83 31.55 13.25
CA ASN E 513 -3.16 30.34 12.80
C ASN E 513 -3.71 30.03 11.40
N GLU E 514 -3.26 28.93 10.80
CA GLU E 514 -3.69 28.55 9.47
C GLU E 514 -5.19 28.39 9.31
N ASN E 515 -5.91 28.14 10.40
CA ASN E 515 -7.37 27.98 10.33
C ASN E 515 -8.12 29.27 10.61
N GLY E 516 -7.37 30.36 10.81
CA GLY E 516 -7.99 31.65 11.07
C GLY E 516 -8.30 31.94 12.53
N PHE E 517 -7.74 31.16 13.44
CA PHE E 517 -7.98 31.42 14.86
C PHE E 517 -6.80 32.08 15.53
N PRO E 518 -7.07 32.82 16.61
CA PRO E 518 -6.01 33.51 17.36
C PRO E 518 -4.77 32.66 17.59
N ILE E 519 -3.62 33.30 17.51
CA ILE E 519 -2.35 32.65 17.72
C ILE E 519 -2.19 32.43 19.23
N THR E 520 -1.25 31.57 19.61
CA THR E 520 -1.01 31.30 21.02
C THR E 520 0.49 31.34 21.30
N LEU E 521 0.90 32.22 22.20
CA LEU E 521 2.31 32.34 22.52
C LEU E 521 2.95 31.02 22.98
N GLU E 522 2.18 30.16 23.63
CA GLU E 522 2.72 28.89 24.10
C GLU E 522 3.13 27.96 22.95
N ASN E 523 2.43 28.03 21.83
CA ASN E 523 2.73 27.16 20.69
C ASN E 523 3.30 27.89 19.48
N ASP E 524 3.27 29.22 19.50
CA ASP E 524 3.74 30.00 18.36
C ASP E 524 4.91 30.95 18.62
N TRP E 525 5.57 30.81 19.76
CA TRP E 525 6.70 31.67 20.07
C TRP E 525 7.78 31.60 18.99
N MET E 526 7.84 30.49 18.26
CA MET E 526 8.85 30.32 17.23
C MET E 526 8.45 30.93 15.90
N LYS E 527 7.28 31.56 15.83
CA LYS E 527 6.82 32.15 14.58
C LYS E 527 7.00 33.66 14.49
N PHE E 528 7.94 34.20 15.26
CA PHE E 528 8.20 35.63 15.24
C PHE E 528 9.45 36.00 14.44
N PHE E 529 9.23 36.82 13.42
CA PHE E 529 10.28 37.27 12.54
C PHE E 529 10.92 38.51 13.16
N GLU E 530 12.23 38.49 13.34
CA GLU E 530 12.95 39.63 13.92
C GLU E 530 13.20 40.63 12.79
N MET E 531 12.90 41.90 13.03
CA MET E 531 13.10 42.88 11.99
C MET E 531 14.02 44.04 12.36
N ASP E 532 14.21 44.28 13.64
CA ASP E 532 15.05 45.39 14.03
C ASP E 532 15.68 45.18 15.40
N TRP E 533 16.85 45.76 15.59
CA TRP E 533 17.59 45.62 16.82
C TRP E 533 18.47 46.86 16.98
N PHE E 534 18.23 47.64 18.03
CA PHE E 534 19.03 48.84 18.24
C PHE E 534 18.94 49.40 19.67
N THR E 535 20.03 50.01 20.12
CA THR E 535 20.07 50.59 21.46
C THR E 535 19.51 52.00 21.38
N HIS E 536 19.05 52.49 22.51
CA HIS E 536 18.48 53.83 22.61
C HIS E 536 18.46 54.24 24.08
N LYS E 537 18.95 55.45 24.35
CA LYS E 537 18.97 55.96 25.71
C LYS E 537 17.58 56.46 26.07
N ILE E 538 17.06 56.02 27.21
CA ILE E 538 15.72 56.42 27.63
C ILE E 538 15.78 57.47 28.73
N THR E 539 15.09 58.58 28.47
CA THR E 539 15.03 59.71 29.41
C THR E 539 13.80 59.61 30.29
N PRO E 540 13.92 60.02 31.55
CA PRO E 540 12.76 59.96 32.44
C PRO E 540 11.56 60.67 31.83
N GLY E 541 10.38 60.09 31.98
CA GLY E 541 9.17 60.69 31.44
C GLY E 541 8.70 60.07 30.14
N GLN E 542 8.23 60.90 29.23
CA GLN E 542 7.73 60.46 27.93
C GLN E 542 8.82 60.42 26.86
N ASN E 543 8.92 59.28 26.16
CA ASN E 543 9.91 59.13 25.09
C ASN E 543 9.16 58.74 23.82
N THR E 544 9.70 59.15 22.69
CA THR E 544 9.09 58.84 21.40
C THR E 544 10.20 58.54 20.40
N ILE E 545 10.15 57.32 19.86
CA ILE E 545 11.13 56.87 18.89
C ILE E 545 10.46 56.62 17.55
N VAL E 546 11.11 57.03 16.47
CA VAL E 546 10.56 56.82 15.15
C VAL E 546 11.56 55.99 14.35
N ARG E 547 11.17 54.77 14.00
CA ARG E 547 12.04 53.88 13.22
C ARG E 547 11.46 53.68 11.84
N ASN E 548 12.26 53.99 10.82
CA ASN E 548 11.81 53.81 9.46
C ASN E 548 12.25 52.41 9.04
N SER E 549 11.42 51.74 8.23
CA SER E 549 11.75 50.39 7.76
C SER E 549 13.10 50.36 7.06
N ASN E 550 13.51 51.49 6.49
CA ASN E 550 14.79 51.54 5.80
C ASN E 550 15.94 51.51 6.80
N GLU E 551 15.61 51.66 8.08
CA GLU E 551 16.60 51.66 9.15
C GLU E 551 16.76 50.32 9.87
N PHE E 552 15.89 49.36 9.57
CA PHE E 552 15.97 48.05 10.22
C PHE E 552 17.32 47.42 9.90
N VAL E 553 18.07 47.12 10.96
CA VAL E 553 19.41 46.56 10.82
C VAL E 553 19.49 45.14 10.27
N ILE E 554 18.36 44.44 10.22
CA ILE E 554 18.33 43.07 9.74
C ILE E 554 18.43 42.94 8.22
N PHE E 555 18.06 44.00 7.49
CA PHE E 555 18.07 43.91 6.03
C PHE E 555 19.08 44.76 5.29
N LYS E 556 19.38 44.36 4.06
CA LYS E 556 20.36 45.06 3.21
C LYS E 556 19.75 45.58 1.91
N GLU E 557 20.51 46.43 1.22
CA GLU E 557 20.11 47.00 -0.06
C GLU E 557 20.32 45.95 -1.13
N ASP E 558 19.79 46.17 -2.33
CA ASP E 558 19.99 45.23 -3.42
C ASP E 558 21.44 45.37 -3.89
N SER E 559 21.97 44.34 -4.52
CA SER E 559 23.34 44.39 -5.01
C SER E 559 23.42 45.22 -6.29
N LEU E 560 24.59 45.78 -6.55
CA LEU E 560 24.80 46.57 -7.76
C LEU E 560 25.59 45.73 -8.76
N PRO E 561 25.24 45.84 -10.05
CA PRO E 561 25.97 45.05 -11.05
C PRO E 561 27.45 45.39 -11.00
N SER E 562 28.30 44.41 -11.30
CA SER E 562 29.74 44.63 -11.28
C SER E 562 30.16 45.87 -12.06
N THR E 563 29.45 46.19 -13.13
CA THR E 563 29.77 47.35 -13.94
C THR E 563 29.66 48.63 -13.12
N GLU E 564 28.62 48.73 -12.30
CA GLU E 564 28.42 49.89 -11.45
C GLU E 564 29.43 49.92 -10.32
N LEU E 565 29.93 48.74 -9.96
CA LEU E 565 30.92 48.63 -8.90
C LEU E 565 32.20 49.35 -9.32
N TYR E 566 32.55 49.22 -10.59
CA TYR E 566 33.77 49.83 -11.12
C TYR E 566 33.73 51.36 -11.08
N LYS E 567 32.64 51.94 -11.55
CA LYS E 567 32.48 53.39 -11.56
C LYS E 567 32.63 53.93 -10.15
N LEU E 568 32.04 53.23 -9.19
CA LEU E 568 32.09 53.64 -7.80
C LEU E 568 33.52 53.55 -7.25
N LEU E 569 34.28 52.59 -7.76
CA LEU E 569 35.66 52.41 -7.33
C LEU E 569 36.48 53.60 -7.77
N GLU E 570 36.17 54.12 -8.96
CA GLU E 570 36.86 55.27 -9.51
C GLU E 570 36.89 56.42 -8.51
N LYS E 571 35.87 56.49 -7.67
CA LYS E 571 35.75 57.54 -6.67
C LYS E 571 36.25 57.05 -5.31
N GLY E 572 36.82 55.85 -5.28
CA GLY E 572 37.33 55.30 -4.04
C GLY E 572 36.20 54.96 -3.08
N LYS E 573 35.10 54.49 -3.65
CA LYS E 573 33.93 54.13 -2.86
C LYS E 573 33.40 52.74 -3.23
N VAL E 574 32.69 52.14 -2.29
CA VAL E 574 32.08 50.82 -2.48
C VAL E 574 30.73 50.89 -1.79
N PRO E 575 29.76 50.09 -2.25
CA PRO E 575 28.46 50.16 -1.57
C PRO E 575 28.65 49.64 -0.13
N PHE E 576 28.06 50.34 0.83
CA PHE E 576 28.18 49.95 2.23
C PHE E 576 27.61 48.54 2.53
N ASP E 577 26.33 48.32 2.27
CA ASP E 577 25.70 47.02 2.53
C ASP E 577 26.40 45.88 1.82
N MET E 578 26.66 46.04 0.51
CA MET E 578 27.33 45.02 -0.29
C MET E 578 28.69 44.63 0.25
N SER E 579 29.28 45.51 1.05
CA SER E 579 30.60 45.29 1.63
C SER E 579 30.62 44.57 2.98
N GLU E 580 29.81 45.04 3.93
CA GLU E 580 29.80 44.44 5.27
C GLU E 580 28.49 43.77 5.68
N ASP E 581 27.50 43.80 4.79
CA ASP E 581 26.21 43.20 5.10
C ASP E 581 25.69 42.33 3.95
N PHE E 582 26.62 41.74 3.19
CA PHE E 582 26.27 40.89 2.05
C PHE E 582 25.37 39.70 2.41
N GLY E 583 25.51 39.21 3.64
CA GLY E 583 24.72 38.07 4.06
C GLY E 583 23.32 38.38 4.55
N TYR E 584 22.99 39.67 4.70
CA TYR E 584 21.64 40.06 5.16
C TYR E 584 20.56 39.80 4.11
N LEU E 585 19.33 39.63 4.59
CA LEU E 585 18.19 39.39 3.71
C LEU E 585 17.81 40.73 3.06
N PRO E 586 17.62 40.75 1.73
CA PRO E 586 17.25 41.99 1.03
C PRO E 586 16.03 42.64 1.65
N LYS E 587 16.14 43.93 2.00
CA LYS E 587 15.02 44.63 2.62
C LYS E 587 13.76 44.69 1.75
N ARG E 588 13.90 44.58 0.44
CA ARG E 588 12.72 44.59 -0.42
C ARG E 588 11.84 43.35 -0.16
N LEU E 589 12.39 42.37 0.55
CA LEU E 589 11.66 41.15 0.85
C LEU E 589 11.27 41.01 2.32
N MET E 590 11.39 42.08 3.11
CA MET E 590 11.05 41.99 4.53
C MET E 590 9.56 41.79 4.75
N LEU E 591 8.76 41.98 3.70
CA LEU E 591 7.33 41.83 3.82
C LEU E 591 6.76 40.85 2.80
N PRO E 592 5.93 39.91 3.25
CA PRO E 592 5.33 38.93 2.35
C PRO E 592 4.30 39.66 1.49
N ARG E 593 4.14 39.25 0.23
CA ARG E 593 3.17 39.87 -0.64
C ARG E 593 1.81 39.94 0.07
N GLY E 594 1.26 41.14 0.18
CA GLY E 594 -0.02 41.31 0.85
C GLY E 594 -1.18 40.88 -0.02
N THR E 595 -2.38 41.34 0.33
CA THR E 595 -3.58 41.04 -0.44
C THR E 595 -4.29 42.36 -0.67
N LYS E 596 -5.10 42.42 -1.72
CA LYS E 596 -5.81 43.63 -2.06
C LYS E 596 -6.60 44.14 -0.85
N GLY E 597 -7.23 43.24 -0.11
CA GLY E 597 -7.99 43.67 1.05
C GLY E 597 -7.21 43.79 2.35
N GLY E 598 -5.93 43.43 2.34
CA GLY E 598 -5.13 43.54 3.55
C GLY E 598 -5.16 42.31 4.44
N PHE E 599 -4.02 41.60 4.51
CA PHE E 599 -3.87 40.39 5.30
C PHE E 599 -3.32 40.70 6.69
N PRO E 600 -3.94 40.14 7.74
CA PRO E 600 -3.57 40.33 9.14
C PRO E 600 -2.29 39.67 9.64
N PHE E 601 -1.50 40.50 10.33
CA PHE E 601 -0.24 40.11 10.94
C PHE E 601 -0.12 41.04 12.14
N GLN E 602 0.89 40.84 12.97
CA GLN E 602 1.04 41.76 14.08
C GLN E 602 2.49 42.04 14.39
N PHE E 603 2.77 43.31 14.69
CA PHE E 603 4.10 43.76 15.04
C PHE E 603 4.19 43.79 16.54
N VAL E 604 5.39 43.59 17.06
CA VAL E 604 5.61 43.60 18.49
C VAL E 604 6.96 44.23 18.80
N VAL E 605 6.96 45.19 19.73
CA VAL E 605 8.19 45.87 20.13
C VAL E 605 8.50 45.43 21.56
N PHE E 606 9.75 45.08 21.78
CA PHE E 606 10.18 44.61 23.09
C PHE E 606 11.43 45.40 23.46
N VAL E 607 11.44 45.96 24.66
CA VAL E 607 12.58 46.74 25.11
C VAL E 607 13.08 46.24 26.47
N TYR E 608 14.38 45.96 26.52
CA TYR E 608 15.00 45.44 27.72
C TYR E 608 16.30 46.21 28.02
N PRO E 609 16.82 46.08 29.25
CA PRO E 609 18.06 46.74 29.70
C PRO E 609 19.31 46.43 28.88
N PHE E 610 19.99 47.46 28.39
CA PHE E 610 21.21 47.24 27.63
C PHE E 610 22.37 46.95 28.59
N GLU E 611 23.07 45.84 28.36
CA GLU E 611 24.18 45.46 29.24
C GLU E 611 25.37 44.72 28.58
N SER E 612 25.48 43.42 28.85
CA SER E 612 26.59 42.61 28.34
C SER E 612 26.65 42.31 26.85
N THR E 613 27.83 42.50 26.28
CA THR E 613 28.11 42.26 24.85
C THR E 613 29.50 41.62 24.77
N THR E 614 29.85 40.87 25.82
CA THR E 614 31.16 40.21 25.89
C THR E 614 31.32 39.05 24.89
N LYS E 615 30.24 38.34 24.64
CA LYS E 615 30.26 37.20 23.71
C LYS E 615 29.40 37.48 22.47
N ASN E 616 29.48 38.70 21.96
CA ASN E 616 28.72 39.12 20.78
C ASN E 616 29.30 38.48 19.52
N LEU E 617 28.51 38.50 18.44
CA LEU E 617 28.92 37.92 17.16
C LEU E 617 29.06 38.98 16.05
N THR E 618 29.69 40.09 16.39
CA THR E 618 29.90 41.17 15.43
C THR E 618 30.83 40.75 14.27
N PRO E 619 31.84 39.90 14.54
CA PRO E 619 32.72 39.46 13.45
C PRO E 619 31.95 38.76 12.33
N TYR E 620 30.89 38.05 12.71
CA TYR E 620 30.06 37.32 11.76
C TYR E 620 28.99 38.24 11.17
N GLU E 621 27.99 38.59 11.96
CA GLU E 621 26.92 39.49 11.52
C GLU E 621 26.92 40.72 12.43
N LYS E 622 27.05 41.89 11.81
CA LYS E 622 27.11 43.17 12.53
C LYS E 622 26.02 43.42 13.59
N PHE E 623 24.77 43.16 13.25
CA PHE E 623 23.65 43.41 14.18
C PHE E 623 23.60 42.60 15.47
N MET E 624 24.42 41.55 15.56
CA MET E 624 24.45 40.70 16.75
C MET E 624 25.38 41.29 17.82
N ILE E 625 24.98 42.41 18.41
CA ILE E 625 25.78 43.10 19.42
C ILE E 625 25.42 42.91 20.88
N ASP E 626 24.81 41.77 21.21
CA ASP E 626 24.39 41.53 22.59
C ASP E 626 24.73 40.12 23.09
N ASN E 627 24.57 39.91 24.39
CA ASN E 627 24.86 38.62 25.01
C ASN E 627 23.60 37.76 25.14
N LYS E 628 22.48 38.32 24.71
CA LYS E 628 21.21 37.59 24.75
C LYS E 628 21.17 36.56 23.62
N PRO E 629 20.46 35.44 23.84
CA PRO E 629 20.37 34.41 22.80
C PRO E 629 19.67 34.96 21.56
N LEU E 630 20.23 34.70 20.39
CA LEU E 630 19.67 35.16 19.13
C LEU E 630 18.17 34.90 19.10
N GLY E 631 17.42 35.91 18.68
CA GLY E 631 15.96 35.79 18.62
C GLY E 631 15.26 36.11 19.91
N TYR E 632 16.01 36.64 20.89
CA TYR E 632 15.46 37.00 22.20
C TYR E 632 14.35 38.04 22.02
N PRO E 633 13.22 37.89 22.74
CA PRO E 633 12.86 36.86 23.72
C PRO E 633 12.04 35.69 23.15
N PHE E 634 12.06 35.51 21.83
CA PHE E 634 11.33 34.41 21.20
C PHE E 634 12.25 33.28 20.75
N ASP E 635 13.34 33.08 21.49
CA ASP E 635 14.33 32.04 21.19
C ASP E 635 13.97 30.70 21.85
N ARG E 636 12.99 30.73 22.73
CA ARG E 636 12.53 29.54 23.45
C ARG E 636 11.18 29.86 24.06
N PRO E 637 10.49 28.85 24.63
CA PRO E 637 9.19 29.13 25.24
C PRO E 637 9.38 30.06 26.43
N VAL E 638 8.34 30.80 26.78
CA VAL E 638 8.40 31.71 27.92
C VAL E 638 7.38 31.25 28.96
N ASP E 639 7.71 31.43 30.24
CA ASP E 639 6.79 31.02 31.32
C ASP E 639 5.44 31.65 31.08
N THR E 640 4.54 30.85 30.51
CA THR E 640 3.20 31.31 30.19
C THR E 640 2.58 32.17 31.29
N SER E 641 1.98 33.28 30.86
CA SER E 641 1.32 34.22 31.75
C SER E 641 0.38 35.06 30.91
N CYS E 642 -0.88 35.05 31.30
CA CYS E 642 -1.94 35.79 30.61
C CYS E 642 -1.81 37.30 30.77
N PHE E 643 -0.85 37.73 31.58
CA PHE E 643 -0.66 39.16 31.81
C PHE E 643 0.62 39.70 31.19
N LYS E 644 0.46 40.42 30.09
CA LYS E 644 1.56 41.01 29.35
C LYS E 644 2.51 41.84 30.21
N GLN E 645 3.77 41.86 29.82
CA GLN E 645 4.79 42.63 30.51
C GLN E 645 4.61 44.07 30.00
N PRO E 646 4.91 45.08 30.82
CA PRO E 646 4.73 46.46 30.34
C PRO E 646 5.73 46.90 29.26
N ASN E 647 6.89 46.25 29.19
CA ASN E 647 7.89 46.61 28.20
C ASN E 647 7.78 45.88 26.87
N ILE E 648 6.62 45.29 26.59
CA ILE E 648 6.39 44.59 25.33
C ILE E 648 5.03 45.07 24.82
N PHE E 649 4.91 45.23 23.52
CA PHE E 649 3.66 45.73 22.97
C PHE E 649 3.32 45.09 21.62
N PHE E 650 2.09 44.60 21.49
CA PHE E 650 1.65 43.98 20.25
C PHE E 650 0.68 44.91 19.54
N ARG E 651 0.86 45.06 18.24
CA ARG E 651 0.01 45.94 17.43
C ARG E 651 -0.49 45.24 16.16
N ASP E 652 -1.81 45.15 16.02
CA ASP E 652 -2.40 44.53 14.84
C ASP E 652 -1.96 45.31 13.61
N VAL E 653 -1.61 44.60 12.56
CA VAL E 653 -1.16 45.26 11.36
C VAL E 653 -1.78 44.57 10.14
N SER E 654 -1.88 45.28 9.03
CA SER E 654 -2.47 44.72 7.81
C SER E 654 -1.57 44.96 6.59
N VAL E 655 -1.24 43.89 5.87
CA VAL E 655 -0.40 44.04 4.69
C VAL E 655 -1.18 44.03 3.39
N TYR E 656 -1.29 45.20 2.75
CA TYR E 656 -2.01 45.31 1.48
C TYR E 656 -1.06 45.15 0.30
N HIS E 657 -1.60 44.93 -0.88
CA HIS E 657 -0.76 44.81 -2.06
C HIS E 657 -1.33 45.63 -3.20
N GLU E 658 -0.50 46.52 -3.74
CA GLU E 658 -0.89 47.40 -4.84
C GLU E 658 -0.42 46.93 -6.19
N GLY E 659 -1.08 47.44 -7.23
CA GLY E 659 -0.73 47.09 -8.58
C GLY E 659 -1.20 45.70 -8.93
N GLU E 660 -0.58 45.12 -9.95
CA GLU E 660 -0.94 43.78 -10.38
C GLU E 660 -0.54 42.79 -9.28
N TYR E 661 -1.44 41.86 -8.99
CA TYR E 661 -1.20 40.86 -7.97
C TYR E 661 -0.19 39.82 -8.43
N HIS E 662 -0.35 39.34 -9.66
CA HIS E 662 0.54 38.34 -10.23
C HIS E 662 1.71 39.00 -10.92
N ALA E 663 2.92 38.58 -10.56
CA ALA E 663 4.12 39.13 -11.14
C ALA E 663 4.19 39.00 -12.66
N TYR E 664 3.80 37.84 -13.17
CA TYR E 664 3.87 37.59 -14.61
C TYR E 664 3.11 38.57 -15.47
N GLU E 665 2.22 39.34 -14.87
CA GLU E 665 1.45 40.31 -15.63
C GLU E 665 2.34 41.45 -16.13
N TYR E 666 3.42 41.72 -15.42
CA TYR E 666 4.33 42.78 -15.83
C TYR E 666 5.26 42.30 -16.93
N ASN E 667 5.18 41.02 -17.26
CA ASN E 667 6.03 40.50 -18.33
C ASN E 667 5.24 40.20 -19.60
N VAL E 668 3.96 40.59 -19.59
CA VAL E 668 3.13 40.38 -20.76
C VAL E 668 3.55 41.41 -21.79
N PRO E 669 3.89 40.96 -23.01
CA PRO E 669 4.32 41.87 -24.09
C PRO E 669 3.48 43.14 -24.20
N ALA E 670 2.17 42.97 -24.42
CA ALA E 670 1.27 44.10 -24.54
C ALA E 670 1.46 45.15 -23.46
N TYR E 671 1.88 44.69 -22.27
CA TYR E 671 2.09 45.62 -21.16
C TYR E 671 3.40 46.37 -21.22
N PHE E 672 4.52 45.64 -21.37
CA PHE E 672 5.83 46.32 -21.38
C PHE E 672 6.21 47.01 -22.68
N SER E 673 5.33 46.95 -23.68
CA SER E 673 5.56 47.67 -24.93
C SER E 673 4.74 48.95 -24.82
N HIS E 674 3.95 49.02 -23.73
CA HIS E 674 3.06 50.13 -23.40
C HIS E 674 2.01 50.44 -24.47
N HIS F 1 46.21 -36.81 -12.14
CA HIS F 1 45.85 -36.11 -10.87
C HIS F 1 45.64 -37.08 -9.72
N VAL F 2 46.66 -37.21 -8.88
CA VAL F 2 46.61 -38.09 -7.72
C VAL F 2 46.21 -37.27 -6.50
N LEU F 3 45.52 -37.89 -5.56
CA LEU F 3 45.10 -37.18 -4.35
C LEU F 3 46.13 -37.33 -3.25
N LYS F 4 46.47 -36.22 -2.61
CA LYS F 4 47.44 -36.21 -1.54
C LYS F 4 46.90 -37.06 -0.38
N THR F 5 47.76 -37.89 0.19
CA THR F 5 47.38 -38.76 1.29
C THR F 5 48.22 -38.51 2.53
N LYS F 6 47.78 -39.03 3.69
CA LYS F 6 48.51 -38.86 4.94
C LYS F 6 48.58 -40.17 5.73
N ASP F 7 49.66 -40.37 6.47
CA ASP F 7 49.83 -41.58 7.26
C ASP F 7 49.32 -41.46 8.69
N VAL F 8 48.57 -42.47 9.13
CA VAL F 8 48.01 -42.50 10.49
C VAL F 8 48.36 -43.83 11.14
N ASP F 9 48.49 -43.83 12.47
CA ASP F 9 48.84 -45.05 13.19
C ASP F 9 47.67 -45.98 13.46
N THR F 10 47.93 -47.04 14.23
CA THR F 10 46.91 -48.04 14.53
C THR F 10 45.81 -47.57 15.49
N VAL F 11 46.14 -46.66 16.39
CA VAL F 11 45.14 -46.14 17.32
C VAL F 11 44.13 -45.30 16.55
N PHE F 12 44.65 -44.38 15.74
CA PHE F 12 43.82 -43.50 14.93
C PHE F 12 42.87 -44.34 14.08
N VAL F 13 43.44 -45.30 13.36
CA VAL F 13 42.65 -46.17 12.50
C VAL F 13 41.49 -46.81 13.23
N GLU F 14 41.75 -47.29 14.45
CA GLU F 14 40.72 -47.93 15.24
C GLU F 14 39.64 -46.95 15.67
N ARG F 15 40.02 -45.71 15.97
CA ARG F 15 39.05 -44.71 16.36
C ARG F 15 38.26 -44.26 15.12
N GLN F 16 38.93 -44.18 13.98
CA GLN F 16 38.28 -43.79 12.74
C GLN F 16 37.15 -44.79 12.37
N LYS F 17 37.44 -46.08 12.48
CA LYS F 17 36.45 -47.10 12.17
C LYS F 17 35.28 -47.06 13.15
N LYS F 18 35.56 -46.69 14.39
CA LYS F 18 34.51 -46.60 15.39
C LYS F 18 33.55 -45.46 15.09
N VAL F 19 34.10 -44.27 14.84
CA VAL F 19 33.24 -43.13 14.55
C VAL F 19 32.43 -43.41 13.30
N LEU F 20 33.02 -44.08 12.33
CA LEU F 20 32.30 -44.37 11.10
C LEU F 20 31.22 -45.43 11.29
N SER F 21 31.35 -46.24 12.34
CA SER F 21 30.35 -47.28 12.61
C SER F 21 29.02 -46.66 13.07
N LEU F 22 29.07 -45.40 13.48
CA LEU F 22 27.88 -44.71 13.94
C LEU F 22 27.26 -43.81 12.86
N PHE F 23 27.93 -43.73 11.71
CA PHE F 23 27.45 -42.94 10.58
C PHE F 23 26.80 -43.78 9.48
N GLN F 24 26.36 -45.00 9.81
CA GLN F 24 25.73 -45.87 8.81
C GLN F 24 24.23 -45.97 8.99
N ASP F 25 23.50 -46.01 7.87
CA ASP F 25 22.05 -46.17 7.87
C ASP F 25 21.44 -45.35 9.02
N VAL F 26 21.94 -44.13 9.17
CA VAL F 26 21.55 -43.22 10.23
C VAL F 26 20.10 -43.02 10.64
N ASP F 27 19.15 -43.21 9.75
CA ASP F 27 17.75 -43.02 10.12
C ASP F 27 17.14 -44.28 10.72
N GLN F 28 17.95 -45.33 10.83
CA GLN F 28 17.48 -46.61 11.33
C GLN F 28 18.44 -47.15 12.40
N LEU F 29 17.94 -48.06 13.23
CA LEU F 29 18.76 -48.70 14.27
C LEU F 29 19.03 -50.14 13.86
N ASN F 30 20.26 -50.60 14.03
CA ASN F 30 20.58 -51.98 13.68
C ASN F 30 20.94 -52.73 14.95
N THR F 31 20.02 -53.56 15.44
CA THR F 31 20.25 -54.34 16.66
C THR F 31 21.39 -55.33 16.54
N ASN F 32 21.81 -55.64 15.31
CA ASN F 32 22.91 -56.57 15.08
C ASN F 32 24.28 -55.92 15.25
N ASP F 33 24.31 -54.59 15.19
CA ASP F 33 25.55 -53.84 15.33
C ASP F 33 25.97 -53.70 16.78
N GLU F 34 27.27 -53.86 17.01
CA GLU F 34 27.86 -53.77 18.32
C GLU F 34 27.39 -52.55 19.10
N TYR F 35 27.31 -51.40 18.43
CA TYR F 35 26.90 -50.14 19.06
C TYR F 35 25.53 -50.17 19.73
N TYR F 36 24.62 -50.98 19.19
CA TYR F 36 23.27 -51.07 19.74
C TYR F 36 23.27 -51.64 21.16
N LYS F 37 24.02 -52.72 21.37
CA LYS F 37 24.10 -53.34 22.68
C LYS F 37 24.78 -52.41 23.68
N ILE F 38 25.90 -51.83 23.25
CA ILE F 38 26.65 -50.91 24.10
C ILE F 38 25.79 -49.72 24.47
N GLY F 39 25.24 -49.07 23.45
CA GLY F 39 24.43 -47.89 23.65
C GLY F 39 23.14 -48.08 24.44
N LYS F 40 22.41 -49.14 24.12
CA LYS F 40 21.15 -49.40 24.78
C LYS F 40 21.23 -49.49 26.30
N ASP F 41 22.32 -50.06 26.81
CA ASP F 41 22.45 -50.24 28.24
C ASP F 41 23.46 -49.35 28.95
N TYR F 42 24.07 -48.43 28.22
CA TYR F 42 25.04 -47.54 28.83
C TYR F 42 24.37 -46.74 29.94
N ASP F 43 25.03 -46.67 31.10
CA ASP F 43 24.50 -45.94 32.25
C ASP F 43 25.39 -44.73 32.49
N ILE F 44 24.94 -43.57 32.03
CA ILE F 44 25.72 -42.34 32.19
C ILE F 44 25.94 -42.02 33.67
N GLU F 45 24.88 -42.10 34.46
CA GLU F 45 24.97 -41.82 35.89
C GLU F 45 26.09 -42.63 36.55
N ALA F 46 26.10 -43.93 36.29
CA ALA F 46 27.09 -44.85 36.85
C ALA F 46 28.53 -44.56 36.42
N ASN F 47 28.72 -43.89 35.29
CA ASN F 47 30.07 -43.56 34.83
C ASN F 47 30.31 -42.05 34.94
N ILE F 48 29.53 -41.38 35.76
CA ILE F 48 29.69 -39.94 35.89
C ILE F 48 31.13 -39.55 36.24
N ASP F 49 31.91 -40.53 36.68
CA ASP F 49 33.30 -40.30 37.05
C ASP F 49 34.20 -40.28 35.82
N ASN F 50 33.66 -40.71 34.69
CA ASN F 50 34.42 -40.73 33.44
C ASN F 50 34.18 -39.50 32.58
N TYR F 51 33.87 -38.38 33.23
CA TYR F 51 33.64 -37.12 32.54
C TYR F 51 34.37 -36.03 33.29
N THR F 52 35.13 -35.22 32.56
CA THR F 52 35.90 -34.15 33.17
C THR F 52 35.05 -33.04 33.79
N ASN F 53 33.76 -32.99 33.45
CA ASN F 53 32.87 -31.95 33.99
C ASN F 53 31.59 -32.61 34.51
N LYS F 54 31.47 -32.70 35.84
CA LYS F 54 30.30 -33.33 36.46
C LYS F 54 29.01 -32.54 36.29
N LYS F 55 29.10 -31.21 36.37
CA LYS F 55 27.92 -30.37 36.22
C LYS F 55 27.24 -30.56 34.87
N ALA F 56 28.01 -30.46 33.80
CA ALA F 56 27.49 -30.62 32.44
C ALA F 56 26.75 -31.94 32.29
N VAL F 57 27.34 -33.02 32.81
CA VAL F 57 26.72 -34.33 32.72
C VAL F 57 25.40 -34.36 33.50
N GLU F 58 25.41 -33.79 34.71
CA GLU F 58 24.20 -33.75 35.52
C GLU F 58 23.10 -32.93 34.85
N ASP F 59 23.49 -31.85 34.18
CA ASP F 59 22.50 -31.02 33.49
C ASP F 59 21.89 -31.84 32.38
N PHE F 60 22.73 -32.60 31.68
CA PHE F 60 22.24 -33.44 30.61
C PHE F 60 21.22 -34.44 31.12
N LEU F 61 21.60 -35.18 32.17
CA LEU F 61 20.72 -36.17 32.79
C LEU F 61 19.41 -35.55 33.25
N LYS F 62 19.52 -34.38 33.89
CA LYS F 62 18.35 -33.65 34.38
C LYS F 62 17.44 -33.33 33.20
N MET F 63 18.05 -32.88 32.10
CA MET F 63 17.29 -32.52 30.92
C MET F 63 16.73 -33.76 30.25
N TYR F 64 17.55 -34.80 30.13
CA TYR F 64 17.15 -36.04 29.50
C TYR F 64 15.99 -36.75 30.20
N ARG F 65 15.94 -36.64 31.51
CA ARG F 65 14.87 -37.28 32.28
C ARG F 65 13.54 -36.61 31.98
N CYS F 66 13.61 -35.41 31.41
CA CYS F 66 12.40 -34.66 31.05
C CYS F 66 11.96 -34.91 29.64
N GLY F 67 12.80 -35.59 28.88
CA GLY F 67 12.47 -35.90 27.50
C GLY F 67 13.21 -35.04 26.51
N PHE F 68 13.50 -35.62 25.36
CA PHE F 68 14.18 -34.93 24.28
C PHE F 68 13.31 -35.03 23.02
N LEU F 69 13.72 -34.33 21.97
CA LEU F 69 13.01 -34.34 20.70
C LEU F 69 12.83 -35.79 20.30
N PRO F 70 11.63 -36.18 19.89
CA PRO F 70 11.41 -37.58 19.50
C PRO F 70 12.09 -37.92 18.18
N LYS F 71 12.23 -39.22 17.92
CA LYS F 71 12.84 -39.69 16.69
C LYS F 71 11.97 -39.36 15.48
N TYR F 72 12.61 -39.17 14.33
CA TYR F 72 11.97 -38.84 13.07
C TYR F 72 11.60 -37.36 12.87
N ASN F 73 11.41 -36.60 13.94
CA ASN F 73 11.09 -35.18 13.79
C ASN F 73 12.30 -34.45 13.24
N GLU F 74 12.07 -33.32 12.59
CA GLU F 74 13.16 -32.52 12.05
C GLU F 74 13.89 -31.82 13.17
N PHE F 75 15.22 -31.77 13.06
CA PHE F 75 16.03 -31.10 14.04
C PHE F 75 16.68 -29.88 13.39
N SER F 76 16.64 -28.76 14.09
CA SER F 76 17.24 -27.53 13.59
C SER F 76 17.85 -26.80 14.76
N VAL F 77 19.11 -26.39 14.62
CA VAL F 77 19.80 -25.69 15.69
C VAL F 77 19.22 -24.28 15.95
N PHE F 78 18.33 -23.82 15.06
CA PHE F 78 17.74 -22.48 15.22
C PHE F 78 16.51 -22.45 16.12
N HIS F 79 16.15 -23.59 16.70
CA HIS F 79 15.01 -23.63 17.60
C HIS F 79 15.49 -23.92 19.02
N ASP F 80 15.23 -22.96 19.91
CA ASP F 80 15.63 -23.02 21.33
C ASP F 80 15.76 -24.38 21.97
N LYS F 81 14.64 -25.02 22.26
CA LYS F 81 14.66 -26.33 22.91
C LYS F 81 15.58 -27.31 22.22
N LEU F 82 15.45 -27.42 20.90
CA LEU F 82 16.29 -28.32 20.13
C LEU F 82 17.76 -27.99 20.31
N ARG F 83 18.09 -26.70 20.29
CA ARG F 83 19.47 -26.31 20.45
C ARG F 83 20.01 -26.65 21.84
N ASP F 84 19.27 -26.27 22.88
CA ASP F 84 19.71 -26.53 24.25
C ASP F 84 19.95 -28.01 24.48
N GLU F 85 19.09 -28.84 23.90
CA GLU F 85 19.24 -30.28 24.04
C GLU F 85 20.50 -30.73 23.31
N ALA F 86 20.66 -30.24 22.08
CA ALA F 86 21.81 -30.58 21.28
C ALA F 86 23.10 -30.15 21.96
N ILE F 87 23.06 -28.98 22.61
CA ILE F 87 24.24 -28.46 23.30
C ILE F 87 24.54 -29.29 24.53
N ALA F 88 23.50 -29.71 25.25
CA ALA F 88 23.71 -30.52 26.43
C ALA F 88 24.36 -31.83 25.96
N LEU F 89 23.87 -32.35 24.84
CA LEU F 89 24.40 -33.59 24.28
C LEU F 89 25.86 -33.39 23.88
N PHE F 90 26.16 -32.23 23.31
CA PHE F 90 27.55 -31.96 22.91
C PHE F 90 28.48 -31.96 24.12
N HIS F 91 28.00 -31.42 25.23
CA HIS F 91 28.81 -31.36 26.44
C HIS F 91 29.07 -32.76 26.99
N LEU F 92 28.12 -33.66 26.80
CA LEU F 92 28.24 -35.04 27.25
C LEU F 92 29.32 -35.72 26.39
N PHE F 93 29.41 -35.33 25.13
CA PHE F 93 30.40 -35.91 24.22
C PHE F 93 31.80 -35.30 24.43
N TYR F 94 31.84 -33.98 24.56
CA TYR F 94 33.08 -33.22 24.72
C TYR F 94 33.81 -33.48 26.02
N TYR F 95 33.07 -33.67 27.11
CA TYR F 95 33.70 -33.90 28.40
C TYR F 95 34.04 -35.36 28.72
N ALA F 96 33.74 -36.28 27.81
CA ALA F 96 34.09 -37.68 28.05
C ALA F 96 35.62 -37.63 28.26
N LYS F 97 36.10 -38.30 29.30
CA LYS F 97 37.53 -38.29 29.62
C LYS F 97 38.44 -38.92 28.57
N ASP F 98 37.92 -39.89 27.83
CA ASP F 98 38.71 -40.56 26.80
C ASP F 98 37.83 -41.02 25.65
N PHE F 99 38.46 -41.36 24.55
CA PHE F 99 37.71 -41.79 23.37
C PHE F 99 36.69 -42.88 23.68
N ASP F 100 37.06 -43.80 24.55
CA ASP F 100 36.15 -44.90 24.87
C ASP F 100 34.85 -44.46 25.55
N THR F 101 34.96 -43.54 26.51
CA THR F 101 33.76 -43.05 27.18
C THR F 101 32.95 -42.26 26.14
N PHE F 102 33.64 -41.53 25.27
CA PHE F 102 33.00 -40.74 24.22
C PHE F 102 32.19 -41.65 23.31
N TYR F 103 32.85 -42.67 22.79
CA TYR F 103 32.20 -43.63 21.90
C TYR F 103 30.94 -44.22 22.54
N LYS F 104 31.03 -44.58 23.81
CA LYS F 104 29.88 -45.16 24.49
C LYS F 104 28.76 -44.15 24.62
N SER F 105 29.11 -42.90 24.87
CA SER F 105 28.11 -41.84 24.98
C SER F 105 27.43 -41.69 23.62
N ALA F 106 28.23 -41.71 22.56
CA ALA F 106 27.72 -41.57 21.19
C ALA F 106 26.76 -42.69 20.84
N ALA F 107 27.14 -43.92 21.20
CA ALA F 107 26.30 -45.08 20.94
C ALA F 107 25.00 -44.93 21.72
N PHE F 108 25.12 -44.45 22.96
CA PHE F 108 23.95 -44.24 23.78
C PHE F 108 23.00 -43.30 23.03
N ALA F 109 23.54 -42.16 22.62
CA ALA F 109 22.77 -41.15 21.90
C ALA F 109 22.13 -41.71 20.63
N ARG F 110 22.93 -42.36 19.80
CA ARG F 110 22.44 -42.93 18.54
C ARG F 110 21.23 -43.82 18.78
N VAL F 111 21.28 -44.61 19.85
CA VAL F 111 20.19 -45.52 20.17
C VAL F 111 18.96 -44.84 20.76
N HIS F 112 19.19 -43.89 21.67
CA HIS F 112 18.11 -43.21 22.36
C HIS F 112 17.55 -41.89 21.82
N LEU F 113 18.38 -41.10 21.14
CA LEU F 113 17.92 -39.80 20.67
C LEU F 113 17.54 -39.66 19.19
N ASN F 114 17.06 -38.46 18.87
CA ASN F 114 16.66 -38.11 17.52
C ASN F 114 17.89 -38.19 16.60
N GLN F 115 17.73 -38.86 15.47
CA GLN F 115 18.83 -39.03 14.53
C GLN F 115 19.48 -37.71 14.10
N GLY F 116 18.66 -36.71 13.74
CA GLY F 116 19.23 -35.44 13.35
C GLY F 116 19.99 -34.79 14.49
N GLN F 117 19.39 -34.81 15.68
CA GLN F 117 19.99 -34.23 16.86
C GLN F 117 21.30 -34.93 17.23
N PHE F 118 21.29 -36.24 17.10
CA PHE F 118 22.49 -37.01 17.41
C PHE F 118 23.60 -36.66 16.44
N LEU F 119 23.29 -36.74 15.15
CA LEU F 119 24.29 -36.45 14.12
C LEU F 119 24.92 -35.08 14.27
N TYR F 120 24.12 -34.08 14.63
CA TYR F 120 24.59 -32.72 14.82
C TYR F 120 25.63 -32.60 15.92
N ALA F 121 25.28 -33.10 17.10
CA ALA F 121 26.19 -33.07 18.25
C ALA F 121 27.37 -33.99 18.04
N TYR F 122 27.15 -35.06 17.28
CA TYR F 122 28.21 -36.02 17.00
C TYR F 122 29.25 -35.35 16.12
N TYR F 123 28.79 -34.80 15.00
CA TYR F 123 29.68 -34.13 14.05
C TYR F 123 30.54 -33.09 14.75
N ILE F 124 29.93 -32.24 15.57
CA ILE F 124 30.67 -31.19 16.25
C ILE F 124 31.70 -31.73 17.23
N ALA F 125 31.32 -32.74 18.02
CA ALA F 125 32.22 -33.33 19.00
C ALA F 125 33.48 -33.93 18.34
N ILE F 126 33.31 -34.58 17.20
CA ILE F 126 34.44 -35.17 16.50
C ILE F 126 35.38 -34.04 16.11
N ILE F 127 34.82 -32.89 15.78
CA ILE F 127 35.63 -31.73 15.41
C ILE F 127 36.33 -31.12 16.63
N GLN F 128 35.60 -31.02 17.74
CA GLN F 128 36.15 -30.39 18.95
C GLN F 128 37.03 -31.21 19.90
N ARG F 129 36.70 -32.48 20.13
CA ARG F 129 37.50 -33.31 21.02
C ARG F 129 38.94 -33.43 20.55
N LYS F 130 39.89 -33.24 21.46
CA LYS F 130 41.29 -33.36 21.08
C LYS F 130 41.66 -34.76 20.60
N ASP F 131 41.23 -35.79 21.31
CA ASP F 131 41.58 -37.14 20.90
C ASP F 131 41.07 -37.57 19.53
N THR F 132 40.13 -36.81 18.97
CA THR F 132 39.61 -37.15 17.64
C THR F 132 40.15 -36.21 16.55
N TYR F 133 41.17 -35.44 16.90
CA TYR F 133 41.76 -34.52 15.93
C TYR F 133 42.29 -35.31 14.74
N GLY F 134 41.98 -34.84 13.54
CA GLY F 134 42.44 -35.52 12.34
C GLY F 134 41.42 -36.53 11.82
N ILE F 135 40.51 -37.00 12.67
CA ILE F 135 39.50 -37.95 12.24
C ILE F 135 38.72 -37.43 11.05
N VAL F 136 38.64 -38.23 9.99
CA VAL F 136 37.93 -37.83 8.79
C VAL F 136 36.41 -37.95 8.92
N LEU F 137 35.71 -36.84 8.66
CA LEU F 137 34.26 -36.81 8.72
C LEU F 137 33.67 -37.19 7.37
N PRO F 138 32.56 -37.95 7.38
CA PRO F 138 31.94 -38.33 6.10
C PRO F 138 31.26 -37.11 5.49
N ALA F 139 31.16 -37.09 4.16
CA ALA F 139 30.53 -35.97 3.49
C ALA F 139 29.12 -35.74 4.04
N PRO F 140 28.77 -34.49 4.32
CA PRO F 140 27.43 -34.19 4.85
C PRO F 140 26.33 -34.64 3.89
N TYR F 141 26.58 -34.58 2.59
CA TYR F 141 25.55 -35.01 1.64
C TYR F 141 25.34 -36.53 1.66
N GLU F 142 26.29 -37.24 2.25
CA GLU F 142 26.19 -38.68 2.36
C GLU F 142 25.38 -39.00 3.62
N ILE F 143 25.43 -38.10 4.59
CA ILE F 143 24.74 -38.30 5.86
C ILE F 143 23.32 -37.74 5.85
N TYR F 144 23.12 -36.64 5.15
CA TYR F 144 21.81 -35.99 5.08
C TYR F 144 21.39 -35.89 3.62
N PRO F 145 21.31 -37.02 2.91
CA PRO F 145 20.91 -36.97 1.49
C PRO F 145 19.59 -36.26 1.25
N GLU F 146 18.68 -36.35 2.21
CA GLU F 146 17.38 -35.71 2.06
C GLU F 146 17.49 -34.17 2.15
N LEU F 147 18.68 -33.67 2.47
CA LEU F 147 18.91 -32.24 2.55
C LEU F 147 19.78 -31.77 1.40
N PHE F 148 20.27 -32.71 0.59
CA PHE F 148 21.12 -32.36 -0.54
C PHE F 148 20.60 -32.75 -1.92
N VAL F 149 19.44 -33.39 -1.96
CA VAL F 149 18.86 -33.78 -3.25
C VAL F 149 17.35 -33.59 -3.23
N ASN F 150 16.82 -33.03 -4.32
CA ASN F 150 15.39 -32.76 -4.42
C ASN F 150 14.54 -34.02 -4.34
N ILE F 151 13.26 -33.87 -3.98
CA ILE F 151 12.37 -35.02 -3.84
C ILE F 151 12.19 -35.89 -5.07
N ASP F 152 12.30 -35.31 -6.26
CA ASP F 152 12.10 -36.12 -7.46
C ASP F 152 13.07 -37.28 -7.54
N THR F 153 14.30 -37.11 -7.08
CA THR F 153 15.25 -38.23 -7.13
C THR F 153 15.13 -39.06 -5.85
N THR F 154 14.76 -38.42 -4.74
CA THR F 154 14.55 -39.15 -3.50
C THR F 154 13.41 -40.16 -3.72
N TYR F 155 12.35 -39.71 -4.39
CA TYR F 155 11.22 -40.57 -4.65
C TYR F 155 11.58 -41.73 -5.57
N LYS F 156 12.55 -41.52 -6.45
CA LYS F 156 12.96 -42.59 -7.36
C LYS F 156 13.70 -43.65 -6.55
N MET F 157 14.49 -43.23 -5.57
CA MET F 157 15.18 -44.20 -4.76
C MET F 157 14.14 -44.99 -3.94
N PHE F 158 13.14 -44.27 -3.39
CA PHE F 158 12.08 -44.90 -2.61
C PHE F 158 11.37 -45.96 -3.45
N ARG F 159 11.06 -45.61 -4.69
CA ARG F 159 10.37 -46.55 -5.58
C ARG F 159 11.25 -47.76 -5.88
N THR F 160 12.56 -47.56 -5.95
CA THR F 160 13.47 -48.66 -6.24
C THR F 160 13.54 -49.62 -5.07
N LYS F 161 13.69 -49.09 -3.87
CA LYS F 161 13.78 -49.89 -2.67
C LYS F 161 12.46 -50.64 -2.42
N MET F 162 11.34 -49.97 -2.69
CA MET F 162 10.02 -50.60 -2.51
C MET F 162 9.82 -51.75 -3.49
N GLN F 163 10.30 -51.57 -4.72
CA GLN F 163 10.17 -52.61 -5.73
C GLN F 163 11.28 -53.63 -5.52
N ASN F 164 12.23 -53.30 -4.64
CA ASN F 164 13.36 -54.15 -4.35
C ASN F 164 14.20 -54.37 -5.60
N GLY F 165 14.35 -53.30 -6.38
CA GLY F 165 15.12 -53.37 -7.61
C GLY F 165 14.37 -52.76 -8.76
N LEU F 166 14.89 -52.93 -9.97
CA LEU F 166 14.24 -52.40 -11.16
C LEU F 166 13.36 -53.47 -11.78
N ILE F 167 12.11 -53.11 -12.04
CA ILE F 167 11.18 -54.07 -12.62
C ILE F 167 11.32 -54.04 -14.13
N ASN F 168 11.58 -52.86 -14.68
CA ASN F 168 11.78 -52.71 -16.13
C ASN F 168 12.92 -51.72 -16.33
N PRO F 169 14.18 -52.20 -16.20
CA PRO F 169 15.36 -51.34 -16.36
C PRO F 169 15.40 -50.53 -17.64
N GLU F 170 14.91 -51.10 -18.73
CA GLU F 170 14.93 -50.38 -20.00
C GLU F 170 14.06 -49.13 -19.90
N ALA F 171 12.96 -49.21 -19.16
CA ALA F 171 12.08 -48.06 -19.02
C ALA F 171 12.61 -47.08 -17.98
N ALA F 172 13.22 -47.62 -16.92
CA ALA F 172 13.76 -46.80 -15.86
C ALA F 172 14.76 -45.76 -16.39
N VAL F 173 15.56 -46.16 -17.37
CA VAL F 173 16.55 -45.27 -17.93
C VAL F 173 15.95 -43.92 -18.33
N GLU F 174 14.72 -43.93 -18.83
CA GLU F 174 14.07 -42.68 -19.25
C GLU F 174 13.77 -41.73 -18.09
N TYR F 175 13.95 -42.21 -16.85
CA TYR F 175 13.73 -41.38 -15.67
C TYR F 175 15.04 -41.19 -14.92
N GLY F 176 16.15 -41.35 -15.64
CA GLY F 176 17.46 -41.19 -15.05
C GLY F 176 17.87 -42.26 -14.05
N ILE F 177 17.26 -43.43 -14.12
CA ILE F 177 17.63 -44.50 -13.21
C ILE F 177 18.36 -45.54 -14.02
N VAL F 178 19.64 -45.73 -13.71
CA VAL F 178 20.45 -46.68 -14.43
C VAL F 178 21.13 -47.63 -13.46
N LYS F 179 21.44 -48.83 -13.92
CA LYS F 179 22.13 -49.77 -13.06
C LYS F 179 23.57 -49.92 -13.57
N GLU F 180 24.52 -49.79 -12.66
CA GLU F 180 25.93 -49.91 -12.99
C GLU F 180 26.58 -50.82 -11.96
N ASP F 181 27.16 -51.93 -12.41
CA ASP F 181 27.78 -52.88 -11.48
C ASP F 181 26.66 -53.33 -10.57
N ASN F 182 26.86 -53.15 -9.27
CA ASN F 182 25.87 -53.52 -8.29
C ASN F 182 25.18 -52.28 -7.72
N HIS F 183 25.41 -51.14 -8.37
CA HIS F 183 24.83 -49.89 -7.93
C HIS F 183 23.65 -49.41 -8.75
N TYR F 184 22.80 -48.64 -8.10
CA TYR F 184 21.66 -48.02 -8.77
C TYR F 184 22.08 -46.55 -8.83
N VAL F 185 22.20 -46.03 -10.03
CA VAL F 185 22.62 -44.65 -10.21
C VAL F 185 21.43 -43.77 -10.58
N TYR F 186 21.32 -42.64 -9.88
CA TYR F 186 20.23 -41.70 -10.11
C TYR F 186 20.72 -40.35 -10.59
N TYR F 187 20.46 -40.03 -11.85
CA TYR F 187 20.86 -38.75 -12.40
C TYR F 187 19.93 -37.71 -11.77
N SER F 188 20.52 -36.78 -11.02
CA SER F 188 19.73 -35.78 -10.31
C SER F 188 19.91 -34.33 -10.81
N ASN F 189 18.81 -33.73 -11.26
CA ASN F 189 18.80 -32.35 -11.76
C ASN F 189 18.71 -31.30 -10.65
N TYR F 190 19.19 -30.10 -10.94
CA TYR F 190 19.06 -29.00 -10.00
C TYR F 190 17.64 -28.52 -10.27
N SER F 191 17.06 -27.74 -9.36
CA SER F 191 15.67 -27.27 -9.50
C SER F 191 15.32 -26.43 -10.73
N ASN F 192 16.29 -25.73 -11.31
CA ASN F 192 15.97 -24.91 -12.48
C ASN F 192 15.54 -25.75 -13.66
N ALA F 193 15.67 -27.07 -13.55
CA ALA F 193 15.29 -27.99 -14.63
C ALA F 193 13.89 -28.56 -14.46
N ILE F 194 13.20 -28.17 -13.39
CA ILE F 194 11.85 -28.65 -13.14
C ILE F 194 10.87 -27.51 -12.84
N THR F 195 11.40 -26.38 -12.37
CA THR F 195 10.59 -25.20 -12.06
C THR F 195 11.44 -23.93 -12.19
N TYR F 196 10.91 -22.93 -12.88
CA TYR F 196 11.66 -21.69 -13.09
C TYR F 196 10.89 -20.46 -12.62
N TYR F 197 10.53 -20.42 -11.34
CA TYR F 197 9.75 -19.33 -10.76
C TYR F 197 10.34 -17.92 -10.75
N ASN F 198 11.65 -17.78 -10.88
CA ASN F 198 12.24 -16.44 -10.95
C ASN F 198 13.63 -16.55 -11.53
N GLU F 199 14.17 -15.43 -12.00
CA GLU F 199 15.48 -15.42 -12.63
C GLU F 199 16.64 -15.98 -11.82
N GLU F 200 16.52 -15.98 -10.50
CA GLU F 200 17.57 -16.50 -9.64
C GLU F 200 17.76 -18.00 -9.88
N GLN F 201 16.75 -18.64 -10.46
CA GLN F 201 16.81 -20.06 -10.74
C GLN F 201 17.97 -20.38 -11.68
N ARG F 202 18.35 -19.39 -12.49
CA ARG F 202 19.46 -19.58 -13.41
C ARG F 202 20.78 -19.92 -12.71
N LEU F 203 20.83 -19.70 -11.39
CA LEU F 203 22.03 -19.96 -10.58
C LEU F 203 21.97 -21.28 -9.81
N ALA F 204 20.91 -22.06 -10.03
CA ALA F 204 20.72 -23.33 -9.30
C ALA F 204 21.89 -24.33 -9.26
N TYR F 205 22.64 -24.44 -10.35
CA TYR F 205 23.77 -25.35 -10.40
C TYR F 205 24.82 -24.98 -9.35
N PHE F 206 24.85 -23.70 -8.99
CA PHE F 206 25.80 -23.20 -8.00
C PHE F 206 25.23 -23.23 -6.59
N THR F 207 24.06 -22.61 -6.41
CA THR F 207 23.44 -22.56 -5.08
C THR F 207 23.00 -23.92 -4.53
N GLU F 208 22.84 -24.91 -5.39
CA GLU F 208 22.42 -26.23 -4.92
C GLU F 208 23.58 -27.21 -4.96
N ASP F 209 24.74 -26.72 -5.38
CA ASP F 209 25.91 -27.60 -5.43
C ASP F 209 26.11 -28.20 -4.03
N ILE F 210 26.19 -29.53 -3.96
CA ILE F 210 26.36 -30.20 -2.67
C ILE F 210 27.63 -29.78 -1.95
N GLY F 211 28.70 -29.52 -2.70
CA GLY F 211 29.94 -29.10 -2.08
C GLY F 211 29.81 -27.73 -1.43
N LEU F 212 29.18 -26.79 -2.14
CA LEU F 212 29.00 -25.44 -1.60
C LEU F 212 28.19 -25.51 -0.30
N ASN F 213 27.09 -26.25 -0.34
CA ASN F 213 26.27 -26.39 0.84
C ASN F 213 26.99 -27.10 1.97
N ALA F 214 27.78 -28.13 1.65
CA ALA F 214 28.54 -28.85 2.68
C ALA F 214 29.52 -27.87 3.32
N TYR F 215 30.11 -27.02 2.49
CA TYR F 215 31.04 -26.01 2.93
C TYR F 215 30.47 -25.10 4.05
N TYR F 216 29.21 -24.70 3.93
CA TYR F 216 28.60 -23.86 4.95
C TYR F 216 28.36 -24.66 6.24
N PHE F 217 27.96 -25.92 6.06
CA PHE F 217 27.73 -26.78 7.20
C PHE F 217 29.06 -26.94 7.97
N PHE F 218 30.15 -27.20 7.25
CA PHE F 218 31.44 -27.36 7.90
C PHE F 218 31.86 -26.10 8.64
N PHE F 219 31.55 -24.94 8.04
CA PHE F 219 31.87 -23.65 8.65
C PHE F 219 31.22 -23.59 10.03
N HIS F 220 29.94 -23.98 10.08
CA HIS F 220 29.21 -23.95 11.33
C HIS F 220 29.65 -24.94 12.40
N ILE F 221 29.87 -26.20 12.03
CA ILE F 221 30.27 -27.18 13.03
C ILE F 221 31.72 -27.00 13.47
N HIS F 222 32.49 -26.25 12.70
CA HIS F 222 33.88 -26.00 13.05
C HIS F 222 33.91 -25.11 14.28
N LEU F 223 32.93 -24.22 14.38
CA LEU F 223 32.81 -23.30 15.51
C LEU F 223 31.40 -22.70 15.56
N PRO F 224 30.46 -23.40 16.21
CA PRO F 224 29.07 -22.97 16.33
C PRO F 224 28.93 -21.57 16.92
N PHE F 225 27.94 -20.82 16.46
CA PHE F 225 27.71 -19.48 16.97
C PHE F 225 27.39 -19.54 18.46
N TRP F 226 26.78 -20.64 18.89
CA TRP F 226 26.43 -20.77 20.31
C TRP F 226 27.59 -21.12 21.23
N TRP F 227 28.75 -21.43 20.66
CA TRP F 227 29.88 -21.80 21.51
C TRP F 227 30.97 -20.74 21.55
N THR F 228 31.72 -20.73 22.65
CA THR F 228 32.82 -19.79 22.79
C THR F 228 33.98 -20.29 21.93
N ALA F 229 34.84 -19.38 21.50
CA ALA F 229 35.97 -19.76 20.69
C ALA F 229 37.20 -20.04 21.57
N GLU F 230 36.97 -20.14 22.87
CA GLU F 230 38.03 -20.39 23.84
C GLU F 230 39.01 -21.49 23.42
N LYS F 231 38.49 -22.63 23.02
CA LYS F 231 39.32 -23.75 22.60
C LYS F 231 40.40 -23.36 21.61
N TYR F 232 40.09 -22.42 20.73
CA TYR F 232 41.04 -22.01 19.70
C TYR F 232 41.98 -20.87 20.06
N GLY F 233 42.16 -20.67 21.36
CA GLY F 233 43.06 -19.64 21.86
C GLY F 233 43.01 -18.27 21.22
N ASN F 234 43.86 -18.05 20.22
CA ASN F 234 43.93 -16.76 19.51
C ASN F 234 42.69 -16.38 18.73
N LEU F 235 42.07 -17.35 18.06
CA LEU F 235 40.88 -17.05 17.27
C LEU F 235 39.87 -16.23 18.08
N LYS F 236 39.79 -16.49 19.38
CA LYS F 236 38.84 -15.78 20.22
C LYS F 236 38.91 -14.26 20.06
N GLU F 237 40.12 -13.71 20.09
CA GLU F 237 40.31 -12.26 19.95
C GLU F 237 40.09 -11.79 18.51
N ARG F 238 40.17 -12.73 17.57
CA ARG F 238 40.00 -12.43 16.15
C ARG F 238 38.73 -13.06 15.56
N ARG F 239 37.78 -13.42 16.41
CA ARG F 239 36.56 -14.06 15.94
C ARG F 239 35.74 -13.21 14.99
N GLY F 240 35.51 -11.96 15.36
CA GLY F 240 34.75 -11.04 14.52
C GLY F 240 35.42 -10.86 13.17
N GLU F 241 36.75 -10.90 13.18
CA GLU F 241 37.53 -10.75 11.96
C GLU F 241 37.22 -11.94 11.05
N MET F 242 37.23 -13.14 11.61
CA MET F 242 36.96 -14.37 10.88
C MET F 242 35.54 -14.36 10.30
N TYR F 243 34.60 -13.81 11.06
CA TYR F 243 33.21 -13.71 10.63
C TYR F 243 33.15 -12.88 9.35
N HIS F 244 33.70 -11.66 9.40
CA HIS F 244 33.72 -10.79 8.24
C HIS F 244 34.35 -11.46 7.02
N TYR F 245 35.54 -12.01 7.22
CA TYR F 245 36.26 -12.69 6.15
C TYR F 245 35.44 -13.80 5.49
N PHE F 246 34.96 -14.73 6.29
CA PHE F 246 34.17 -15.83 5.77
C PHE F 246 33.01 -15.37 4.90
N TYR F 247 32.14 -14.52 5.45
CA TYR F 247 30.99 -14.05 4.69
C TYR F 247 31.34 -13.13 3.52
N ASP F 248 32.31 -12.25 3.69
CA ASP F 248 32.66 -11.37 2.59
C ASP F 248 33.13 -12.20 1.41
N GLN F 249 33.99 -13.17 1.70
CA GLN F 249 34.54 -14.08 0.69
C GLN F 249 33.44 -14.88 0.01
N LEU F 250 32.52 -15.41 0.80
CA LEU F 250 31.42 -16.19 0.26
C LEU F 250 30.50 -15.31 -0.59
N LEU F 251 30.15 -14.13 -0.08
CA LEU F 251 29.28 -13.19 -0.79
C LEU F 251 29.91 -12.71 -2.09
N THR F 252 31.21 -12.44 -2.05
CA THR F 252 31.92 -11.99 -3.24
C THR F 252 31.92 -13.11 -4.28
N ARG F 253 32.20 -14.34 -3.85
CA ARG F 253 32.21 -15.46 -4.80
C ARG F 253 30.83 -15.63 -5.42
N TYR F 254 29.78 -15.52 -4.61
CA TYR F 254 28.42 -15.64 -5.09
C TYR F 254 28.13 -14.50 -6.07
N TYR F 255 28.68 -13.32 -5.78
CA TYR F 255 28.50 -12.18 -6.65
C TYR F 255 29.07 -12.48 -8.03
N PHE F 256 30.24 -13.12 -8.10
CA PHE F 256 30.85 -13.45 -9.39
C PHE F 256 29.93 -14.38 -10.19
N GLU F 257 29.32 -15.35 -9.51
CA GLU F 257 28.43 -16.25 -10.21
C GLU F 257 27.28 -15.42 -10.79
N ARG F 258 26.83 -14.42 -10.04
CA ARG F 258 25.75 -13.56 -10.51
C ARG F 258 26.15 -12.80 -11.78
N LEU F 259 27.35 -12.20 -11.74
CA LEU F 259 27.92 -11.44 -12.85
C LEU F 259 27.98 -12.22 -14.18
N THR F 260 28.50 -13.44 -14.15
CA THR F 260 28.59 -14.23 -15.38
C THR F 260 27.23 -14.70 -15.85
N ASN F 261 26.19 -14.43 -15.07
CA ASN F 261 24.85 -14.83 -15.46
C ASN F 261 23.97 -13.60 -15.67
N GLY F 262 24.62 -12.43 -15.65
CA GLY F 262 23.91 -11.18 -15.86
C GLY F 262 22.92 -10.80 -14.78
N LEU F 263 23.08 -11.34 -13.57
CA LEU F 263 22.17 -11.05 -12.48
C LEU F 263 22.51 -9.87 -11.55
N GLY F 264 23.53 -9.09 -11.88
CA GLY F 264 23.89 -7.94 -11.07
C GLY F 264 24.19 -8.14 -9.59
N THR F 265 24.29 -7.03 -8.86
CA THR F 265 24.60 -7.07 -7.43
C THR F 265 23.58 -7.84 -6.60
N ILE F 266 23.98 -8.19 -5.38
CA ILE F 266 23.09 -8.90 -4.48
C ILE F 266 22.00 -7.89 -4.12
N PRO F 267 20.71 -8.25 -4.38
CA PRO F 267 19.52 -7.43 -4.12
C PRO F 267 19.41 -6.91 -2.69
N GLU F 268 18.88 -5.71 -2.54
CA GLU F 268 18.66 -5.13 -1.21
C GLU F 268 17.16 -5.21 -0.91
N PHE F 269 16.82 -5.37 0.36
CA PHE F 269 15.42 -5.47 0.71
C PHE F 269 15.07 -4.63 1.93
N SER F 270 13.78 -4.62 2.25
CA SER F 270 13.26 -3.87 3.37
C SER F 270 12.33 -4.79 4.18
N TRP F 271 12.31 -4.65 5.50
CA TRP F 271 11.43 -5.49 6.32
C TRP F 271 10.01 -4.93 6.25
N TYR F 272 9.86 -3.79 5.58
CA TYR F 272 8.55 -3.14 5.49
C TYR F 272 7.94 -3.14 4.09
N SER F 273 8.55 -3.90 3.19
CA SER F 273 8.09 -4.03 1.81
C SER F 273 8.12 -5.51 1.40
N PRO F 274 7.38 -5.88 0.35
CA PRO F 274 7.42 -7.29 -0.05
C PRO F 274 8.84 -7.72 -0.44
N VAL F 275 9.22 -8.95 -0.09
CA VAL F 275 10.53 -9.45 -0.45
C VAL F 275 10.40 -10.00 -1.87
N LYS F 276 11.15 -9.42 -2.79
CA LYS F 276 11.03 -9.83 -4.18
C LYS F 276 11.34 -11.27 -4.57
N THR F 277 12.52 -11.74 -4.20
CA THR F 277 12.94 -13.07 -4.60
C THR F 277 12.44 -14.23 -3.74
N GLY F 278 11.47 -14.96 -4.28
CA GLY F 278 10.91 -16.07 -3.54
C GLY F 278 11.80 -17.28 -3.70
N HIS F 279 11.42 -18.37 -3.04
CA HIS F 279 12.19 -19.60 -3.11
C HIS F 279 11.30 -20.79 -2.77
N TYR F 280 11.37 -21.83 -3.60
CA TYR F 280 10.58 -23.03 -3.38
C TYR F 280 11.46 -24.26 -3.16
N PRO F 281 11.70 -24.62 -1.88
CA PRO F 281 12.53 -25.79 -1.61
C PRO F 281 11.84 -27.05 -2.09
N LEU F 282 12.54 -27.86 -2.88
CA LEU F 282 11.97 -29.11 -3.36
C LEU F 282 12.48 -30.19 -2.41
N LEU F 283 12.38 -29.90 -1.12
CA LEU F 283 12.82 -30.80 -0.06
C LEU F 283 11.61 -31.09 0.81
N THR F 284 11.74 -32.11 1.65
CA THR F 284 10.65 -32.49 2.55
C THR F 284 11.18 -33.14 3.83
N SER F 285 10.44 -33.03 4.92
CA SER F 285 10.84 -33.68 6.17
C SER F 285 10.00 -34.96 6.22
N TYR F 286 10.01 -35.68 7.34
CA TYR F 286 9.19 -36.89 7.42
C TYR F 286 7.73 -36.54 7.72
N TYR F 287 7.49 -35.30 8.15
CA TYR F 287 6.15 -34.88 8.51
C TYR F 287 5.56 -33.75 7.69
N THR F 288 6.38 -33.00 6.96
CA THR F 288 5.86 -31.89 6.19
C THR F 288 6.77 -31.36 5.09
N PRO F 289 6.18 -30.75 4.05
CA PRO F 289 7.01 -30.20 2.96
C PRO F 289 7.71 -28.98 3.57
N PHE F 290 8.87 -28.61 3.05
CA PHE F 290 9.57 -27.42 3.54
C PHE F 290 8.68 -26.21 3.18
N SER F 291 8.71 -25.14 3.98
CA SER F 291 7.90 -23.95 3.68
C SER F 291 8.43 -23.23 2.45
N GLN F 292 7.51 -22.62 1.71
CA GLN F 292 7.83 -21.89 0.48
C GLN F 292 7.58 -20.41 0.65
N ARG F 293 8.38 -19.59 -0.01
CA ARG F 293 8.19 -18.14 0.05
C ARG F 293 7.99 -17.68 -1.39
N PRO F 294 6.74 -17.36 -1.76
CA PRO F 294 6.48 -16.91 -3.13
C PRO F 294 7.17 -15.59 -3.44
N ASN F 295 7.30 -15.28 -4.71
CA ASN F 295 7.92 -14.02 -5.12
C ASN F 295 7.06 -12.88 -4.55
N PHE F 296 7.70 -11.75 -4.22
CA PHE F 296 7.01 -10.59 -3.67
C PHE F 296 6.19 -10.97 -2.45
N TYR F 297 6.84 -11.71 -1.56
CA TYR F 297 6.21 -12.17 -0.33
C TYR F 297 5.94 -10.99 0.59
N ASN F 298 4.71 -10.93 1.10
CA ASN F 298 4.28 -9.88 2.04
C ASN F 298 4.82 -10.24 3.43
N VAL F 299 6.07 -9.86 3.68
CA VAL F 299 6.75 -10.15 4.93
C VAL F 299 6.28 -9.33 6.14
N HIS F 300 5.78 -8.12 5.87
CA HIS F 300 5.30 -7.24 6.93
C HIS F 300 3.86 -7.52 7.30
N SER F 301 3.61 -8.69 7.88
CA SER F 301 2.27 -9.09 8.29
C SER F 301 2.18 -9.14 9.81
N GLU F 302 0.98 -9.27 10.34
CA GLU F 302 0.77 -9.32 11.79
C GLU F 302 1.66 -10.31 12.55
N GLU F 303 1.92 -11.47 11.94
CA GLU F 303 2.77 -12.48 12.57
C GLU F 303 4.23 -12.03 12.75
N ASN F 304 4.68 -11.06 11.96
CA ASN F 304 6.07 -10.59 12.05
C ASN F 304 6.30 -9.18 12.61
N TYR F 305 5.23 -8.46 12.93
CA TYR F 305 5.36 -7.10 13.45
C TYR F 305 6.43 -6.95 14.53
N GLU F 306 6.29 -7.72 15.59
CA GLU F 306 7.21 -7.65 16.71
C GLU F 306 8.62 -8.03 16.31
N LYS F 307 8.75 -9.10 15.54
CA LYS F 307 10.07 -9.55 15.08
C LYS F 307 10.72 -8.52 14.18
N ILE F 308 9.91 -7.89 13.33
CA ILE F 308 10.48 -6.89 12.45
C ILE F 308 10.97 -5.70 13.25
N ARG F 309 10.23 -5.30 14.29
CA ARG F 309 10.64 -4.18 15.12
C ARG F 309 11.95 -4.53 15.82
N PHE F 310 12.14 -5.80 16.15
CA PHE F 310 13.38 -6.23 16.81
C PHE F 310 14.53 -6.14 15.83
N LEU F 311 14.31 -6.61 14.61
CA LEU F 311 15.34 -6.57 13.59
C LEU F 311 15.69 -5.11 13.29
N ASP F 312 14.67 -4.27 13.21
CA ASP F 312 14.87 -2.85 12.94
C ASP F 312 15.75 -2.27 14.05
N ALA F 313 15.32 -2.47 15.29
CA ALA F 313 16.06 -1.99 16.44
C ALA F 313 17.52 -2.44 16.41
N TYR F 314 17.73 -3.71 16.08
CA TYR F 314 19.07 -4.27 16.01
C TYR F 314 19.95 -3.50 15.03
N GLU F 315 19.38 -3.15 13.88
CA GLU F 315 20.11 -2.41 12.87
C GLU F 315 20.31 -0.99 13.33
N ASN F 316 19.26 -0.42 13.90
CA ASN F 316 19.32 0.95 14.39
C ASN F 316 20.47 1.14 15.36
N TYR F 317 20.60 0.22 16.29
CA TYR F 317 21.64 0.30 17.29
C TYR F 317 23.00 0.47 16.64
N PHE F 318 23.31 -0.39 15.69
CA PHE F 318 24.60 -0.34 15.00
C PHE F 318 24.80 0.99 14.27
N VAL F 319 23.82 1.38 13.46
CA VAL F 319 23.90 2.62 12.71
C VAL F 319 24.09 3.85 13.63
N GLN F 320 23.50 3.81 14.82
CA GLN F 320 23.66 4.92 15.73
C GLN F 320 25.04 4.89 16.36
N ALA F 321 25.59 3.70 16.56
CA ALA F 321 26.90 3.55 17.17
C ALA F 321 27.95 4.14 16.23
N LEU F 322 27.77 3.87 14.94
CA LEU F 322 28.68 4.39 13.91
C LEU F 322 28.63 5.90 13.90
N GLN F 323 27.41 6.44 13.99
CA GLN F 323 27.25 7.88 13.96
C GLN F 323 27.95 8.57 15.16
N LYS F 324 27.70 8.07 16.37
CA LYS F 324 28.28 8.68 17.56
C LYS F 324 29.69 8.20 17.88
N GLY F 325 30.19 7.29 17.05
CA GLY F 325 31.54 6.78 17.23
C GLY F 325 31.80 5.84 18.39
N VAL F 326 30.77 5.19 18.91
CA VAL F 326 31.00 4.29 20.03
C VAL F 326 29.94 3.21 20.23
N PHE F 327 30.41 2.01 20.55
CA PHE F 327 29.53 0.88 20.82
C PHE F 327 29.38 0.77 22.33
N GLU F 328 28.20 1.12 22.84
CA GLU F 328 27.90 1.03 24.26
C GLU F 328 27.10 -0.21 24.59
N GLY F 329 27.27 -0.73 25.80
CA GLY F 329 26.54 -1.92 26.19
C GLY F 329 27.40 -3.17 26.23
N PHE F 330 26.78 -4.30 26.53
CA PHE F 330 27.50 -5.56 26.61
C PHE F 330 28.67 -5.46 27.60
N GLY F 331 28.46 -4.67 28.66
CA GLY F 331 29.46 -4.51 29.70
C GLY F 331 30.70 -3.72 29.35
N GLN F 332 30.61 -2.85 28.35
CA GLN F 332 31.78 -2.08 27.94
C GLN F 332 31.44 -0.93 27.00
N THR F 333 32.43 -0.09 26.73
CA THR F 333 32.27 1.03 25.82
C THR F 333 33.47 1.05 24.91
N ILE F 334 33.21 0.79 23.64
CA ILE F 334 34.23 0.69 22.63
C ILE F 334 34.14 1.80 21.60
N TYR F 335 35.24 2.50 21.39
CA TYR F 335 35.28 3.53 20.37
C TYR F 335 35.53 2.74 19.09
N LEU F 336 35.19 3.32 17.94
CA LEU F 336 35.39 2.61 16.69
C LEU F 336 36.84 2.20 16.44
N ASN F 337 37.81 2.99 16.89
CA ASN F 337 39.22 2.61 16.67
C ASN F 337 39.81 1.67 17.71
N ASP F 338 38.99 1.18 18.64
CA ASP F 338 39.48 0.26 19.66
C ASP F 338 40.11 -0.94 18.95
N SER F 339 41.07 -1.59 19.60
CA SER F 339 41.73 -2.73 18.98
C SER F 339 40.86 -3.98 19.01
N LYS F 340 39.75 -3.94 19.74
CA LYS F 340 38.86 -5.08 19.81
C LYS F 340 37.54 -4.78 19.11
N ALA F 341 37.42 -3.59 18.56
CA ALA F 341 36.20 -3.14 17.87
C ALA F 341 35.81 -4.04 16.71
N ASN F 342 36.79 -4.45 15.92
CA ASN F 342 36.53 -5.30 14.78
C ASN F 342 35.89 -6.62 15.24
N SER F 343 36.40 -7.19 16.31
CA SER F 343 35.86 -8.46 16.81
C SER F 343 34.47 -8.23 17.41
N PHE F 344 34.24 -7.04 17.97
CA PHE F 344 32.94 -6.74 18.54
C PHE F 344 31.84 -6.69 17.47
N VAL F 345 32.05 -5.96 16.38
CA VAL F 345 30.98 -5.89 15.39
C VAL F 345 30.66 -7.28 14.85
N GLY F 346 31.69 -8.08 14.60
CA GLY F 346 31.48 -9.43 14.14
C GLY F 346 30.68 -10.25 15.13
N ASN F 347 31.09 -10.23 16.40
CA ASN F 347 30.38 -10.98 17.42
C ASN F 347 28.98 -10.43 17.67
N TYR F 348 28.82 -9.12 17.51
CA TYR F 348 27.53 -8.48 17.70
C TYR F 348 26.55 -8.97 16.63
N TRP F 349 26.94 -8.86 15.36
CA TRP F 349 26.05 -9.29 14.30
C TRP F 349 25.65 -10.75 14.39
N GLN F 350 26.56 -11.59 14.84
CA GLN F 350 26.29 -13.01 14.96
C GLN F 350 25.65 -13.37 16.31
N ASP F 351 25.70 -12.45 17.26
CA ASP F 351 25.13 -12.68 18.59
C ASP F 351 25.72 -13.96 19.22
N ASN F 352 27.04 -14.14 19.09
CA ASN F 352 27.67 -15.34 19.63
C ASN F 352 28.06 -15.31 21.10
N ALA F 353 28.42 -16.47 21.62
CA ALA F 353 28.77 -16.62 23.01
C ALA F 353 29.87 -15.68 23.45
N ASP F 354 30.80 -15.39 22.56
CA ASP F 354 31.92 -14.50 22.89
C ASP F 354 31.53 -13.04 23.07
N LEU F 355 30.38 -12.66 22.54
CA LEU F 355 29.89 -11.29 22.66
C LEU F 355 29.57 -11.03 24.12
N TYR F 356 29.12 -12.07 24.81
CA TYR F 356 28.73 -12.02 26.22
C TYR F 356 29.78 -12.53 27.21
N GLY F 357 30.90 -13.05 26.72
CA GLY F 357 31.90 -13.59 27.62
C GLY F 357 31.37 -14.83 28.35
N GLU F 358 30.74 -15.73 27.63
CA GLU F 358 30.18 -16.94 28.22
C GLU F 358 30.64 -18.15 27.39
N GLU F 359 30.40 -19.36 27.89
CA GLU F 359 30.81 -20.52 27.12
C GLU F 359 29.73 -20.92 26.11
N VAL F 360 28.47 -20.66 26.46
CA VAL F 360 27.34 -20.96 25.57
C VAL F 360 26.26 -19.89 25.68
N THR F 361 25.58 -19.61 24.57
CA THR F 361 24.52 -18.59 24.59
C THR F 361 23.31 -19.10 25.35
N LYS F 362 22.46 -18.17 25.78
CA LYS F 362 21.24 -18.47 26.51
C LYS F 362 20.04 -18.18 25.60
N ASP F 363 18.89 -18.74 25.94
CA ASP F 363 17.67 -18.55 25.15
C ASP F 363 17.21 -17.10 25.02
N TYR F 364 17.39 -16.33 26.09
CA TYR F 364 16.95 -14.94 26.10
C TYR F 364 17.86 -13.92 25.40
N GLN F 365 19.03 -14.36 24.95
CA GLN F 365 19.94 -13.44 24.26
C GLN F 365 19.53 -13.56 22.79
N ARG F 366 18.46 -12.86 22.42
CA ARG F 366 17.90 -12.91 21.08
C ARG F 366 18.90 -12.57 19.97
N SER F 367 18.85 -13.38 18.91
CA SER F 367 19.74 -13.26 17.77
C SER F 367 19.15 -12.65 16.50
N TYR F 368 19.88 -11.70 15.92
CA TYR F 368 19.45 -11.06 14.70
C TYR F 368 19.31 -12.14 13.60
N GLU F 369 20.38 -12.90 13.40
CA GLU F 369 20.36 -13.92 12.37
C GLU F 369 19.23 -14.91 12.53
N ILE F 370 19.00 -15.41 13.73
CA ILE F 370 17.93 -16.39 13.90
C ILE F 370 16.55 -15.81 13.58
N VAL F 371 16.27 -14.60 14.06
CA VAL F 371 14.99 -13.99 13.82
C VAL F 371 14.83 -13.64 12.35
N ALA F 372 15.91 -13.20 11.71
CA ALA F 372 15.86 -12.86 10.29
C ALA F 372 15.61 -14.12 9.46
N ARG F 373 16.23 -15.23 9.85
CA ARG F 373 16.04 -16.48 9.11
C ARG F 373 14.58 -16.90 9.25
N GLN F 374 14.03 -16.67 10.43
CA GLN F 374 12.64 -16.99 10.73
C GLN F 374 11.65 -16.27 9.81
N VAL F 375 11.73 -14.94 9.75
CA VAL F 375 10.81 -14.19 8.90
C VAL F 375 11.06 -14.38 7.39
N LEU F 376 12.33 -14.58 7.00
CA LEU F 376 12.64 -14.78 5.58
C LEU F 376 12.28 -16.20 5.11
N GLY F 377 12.31 -17.16 6.05
CA GLY F 377 11.98 -18.53 5.70
C GLY F 377 10.51 -18.64 5.34
N ALA F 378 9.71 -17.71 5.87
CA ALA F 378 8.28 -17.65 5.59
C ALA F 378 7.44 -18.78 6.19
N ALA F 379 8.02 -19.59 7.05
CA ALA F 379 7.26 -20.69 7.65
C ALA F 379 6.27 -20.20 8.70
N PRO F 380 5.13 -20.89 8.85
CA PRO F 380 4.15 -20.47 9.86
C PRO F 380 4.84 -20.70 11.21
N LYS F 381 4.36 -20.09 12.29
CA LYS F 381 5.00 -20.31 13.58
C LYS F 381 4.92 -21.80 13.94
N PRO F 382 5.93 -22.29 14.67
CA PRO F 382 5.98 -23.70 15.07
C PRO F 382 4.75 -24.17 15.79
N PHE F 383 4.38 -25.41 15.52
CA PHE F 383 3.22 -26.03 16.13
C PHE F 383 3.47 -26.09 17.64
N ASP F 384 4.68 -26.52 18.01
CA ASP F 384 5.10 -26.58 19.40
C ASP F 384 6.64 -26.69 19.42
N LYS F 385 7.25 -26.72 20.60
CA LYS F 385 8.71 -26.76 20.67
C LYS F 385 9.41 -27.86 19.87
N TYR F 386 8.71 -28.96 19.62
CA TYR F 386 9.32 -30.06 18.90
C TYR F 386 8.85 -30.21 17.46
N THR F 387 7.88 -29.40 17.05
CA THR F 387 7.32 -29.50 15.71
C THR F 387 7.25 -28.18 14.95
N PHE F 388 7.93 -28.12 13.81
CA PHE F 388 7.94 -26.93 12.99
C PHE F 388 8.04 -27.28 11.52
N MET F 389 7.61 -26.35 10.65
CA MET F 389 7.70 -26.57 9.22
C MET F 389 9.02 -25.93 8.83
N PRO F 390 10.00 -26.73 8.43
CA PRO F 390 11.31 -26.19 8.06
C PRO F 390 11.37 -25.45 6.75
N SER F 391 12.36 -24.55 6.63
CA SER F 391 12.60 -23.82 5.40
C SER F 391 14.09 -24.00 5.14
N ALA F 392 14.56 -23.64 3.96
CA ALA F 392 15.98 -23.78 3.63
C ALA F 392 16.86 -23.06 4.65
N LEU F 393 16.30 -22.03 5.28
CA LEU F 393 17.03 -21.23 6.26
C LEU F 393 17.16 -21.84 7.64
N ASP F 394 16.63 -23.06 7.83
CA ASP F 394 16.71 -23.74 9.13
C ASP F 394 17.90 -24.70 9.21
N PHE F 395 18.68 -24.78 8.15
CA PHE F 395 19.80 -25.72 8.14
C PHE F 395 21.01 -25.11 7.49
N TYR F 396 22.17 -25.32 8.10
CA TYR F 396 23.39 -24.80 7.52
C TYR F 396 23.68 -25.61 6.25
N GLN F 397 23.05 -26.77 6.12
CA GLN F 397 23.30 -27.57 4.93
C GLN F 397 22.42 -27.23 3.72
N THR F 398 21.44 -26.35 3.93
CA THR F 398 20.55 -25.95 2.83
C THR F 398 20.40 -24.43 2.74
N SER F 399 21.05 -23.70 3.65
CA SER F 399 20.93 -22.25 3.63
C SER F 399 21.29 -21.57 2.32
N LEU F 400 22.39 -21.98 1.70
CA LEU F 400 22.82 -21.34 0.47
C LEU F 400 21.90 -21.57 -0.72
N ARG F 401 20.88 -22.41 -0.54
CA ARG F 401 19.95 -22.65 -1.65
C ARG F 401 18.94 -21.50 -1.78
N ASP F 402 18.77 -20.75 -0.69
CA ASP F 402 17.81 -19.66 -0.68
C ASP F 402 18.44 -18.30 -1.05
N PRO F 403 17.92 -17.67 -2.10
CA PRO F 403 18.46 -16.37 -2.53
C PRO F 403 18.51 -15.32 -1.41
N THR F 404 17.57 -15.39 -0.46
CA THR F 404 17.55 -14.42 0.63
C THR F 404 18.68 -14.64 1.63
N PHE F 405 19.29 -15.83 1.61
CA PHE F 405 20.40 -16.07 2.52
C PHE F 405 21.50 -15.07 2.18
N TYR F 406 21.81 -14.97 0.88
CA TYR F 406 22.84 -14.05 0.42
C TYR F 406 22.41 -12.62 0.64
N GLN F 407 21.12 -12.36 0.50
CA GLN F 407 20.63 -11.01 0.70
C GLN F 407 20.73 -10.61 2.17
N LEU F 408 20.52 -11.57 3.08
CA LEU F 408 20.60 -11.31 4.51
C LEU F 408 22.02 -11.00 4.94
N TYR F 409 22.96 -11.88 4.58
CA TYR F 409 24.34 -11.66 4.97
C TYR F 409 25.00 -10.53 4.21
N ASN F 410 24.48 -10.22 3.02
CA ASN F 410 25.03 -9.10 2.26
C ASN F 410 24.62 -7.83 3.02
N ARG F 411 23.40 -7.84 3.58
CA ARG F 411 22.91 -6.70 4.35
C ARG F 411 23.86 -6.50 5.55
N ILE F 412 24.13 -7.60 6.26
CA ILE F 412 25.00 -7.59 7.44
C ILE F 412 26.41 -7.11 7.09
N ILE F 413 27.02 -7.72 6.08
CA ILE F 413 28.36 -7.32 5.69
C ILE F 413 28.31 -5.90 5.15
N GLY F 414 27.11 -5.48 4.76
CA GLY F 414 26.94 -4.11 4.29
C GLY F 414 27.30 -3.17 5.43
N TYR F 415 26.73 -3.43 6.62
CA TYR F 415 26.99 -2.64 7.82
C TYR F 415 28.44 -2.80 8.26
N PHE F 416 28.95 -4.03 8.21
CA PHE F 416 30.32 -4.32 8.61
C PHE F 416 31.28 -3.52 7.73
N ASN F 417 30.99 -3.47 6.43
CA ASN F 417 31.85 -2.70 5.54
C ASN F 417 31.71 -1.20 5.80
N GLN F 418 30.55 -0.75 6.24
CA GLN F 418 30.40 0.67 6.55
C GLN F 418 31.29 0.97 7.75
N PHE F 419 31.24 0.09 8.76
CA PHE F 419 32.05 0.27 9.96
C PHE F 419 33.52 0.39 9.57
N LYS F 420 33.94 -0.41 8.60
CA LYS F 420 35.34 -0.38 8.18
C LYS F 420 35.81 0.95 7.58
N GLN F 421 34.90 1.82 7.16
CA GLN F 421 35.38 3.08 6.61
C GLN F 421 35.69 4.10 7.69
N TYR F 422 35.41 3.76 8.94
CA TYR F 422 35.70 4.64 10.07
C TYR F 422 37.10 4.34 10.60
N LEU F 423 37.69 3.25 10.13
CA LEU F 423 39.02 2.86 10.56
C LEU F 423 40.12 3.54 9.76
N GLU F 424 41.33 3.45 10.28
CA GLU F 424 42.49 4.01 9.63
C GLU F 424 42.73 3.18 8.35
N PRO F 425 42.62 3.81 7.17
CA PRO F 425 42.84 3.06 5.94
C PRO F 425 44.31 2.74 5.73
N HIS F 426 44.59 1.68 4.99
CA HIS F 426 45.97 1.29 4.73
C HIS F 426 46.70 2.39 3.95
N SER F 427 47.77 2.91 4.52
CA SER F 427 48.54 3.96 3.86
C SER F 427 49.38 3.36 2.72
N GLN F 428 49.79 4.21 1.79
CA GLN F 428 50.61 3.74 0.67
C GLN F 428 51.98 3.23 1.10
N GLU F 429 52.51 3.79 2.20
CA GLU F 429 53.82 3.36 2.66
C GLU F 429 53.80 1.98 3.28
N LYS F 430 52.78 1.68 4.08
CA LYS F 430 52.69 0.38 4.72
C LYS F 430 52.40 -0.71 3.70
N LEU F 431 51.90 -0.31 2.54
CA LEU F 431 51.58 -1.25 1.48
C LEU F 431 52.76 -1.46 0.56
N HIS F 432 53.67 -0.49 0.54
CA HIS F 432 54.85 -0.56 -0.31
C HIS F 432 55.86 -1.59 0.18
N PHE F 433 56.46 -2.31 -0.77
CA PHE F 433 57.49 -3.29 -0.44
C PHE F 433 58.75 -2.74 -1.11
N VAL F 434 59.55 -1.99 -0.34
CA VAL F 434 60.78 -1.39 -0.85
C VAL F 434 61.76 -2.45 -1.34
N GLY F 435 62.06 -2.42 -2.63
CA GLY F 435 62.98 -3.39 -3.19
C GLY F 435 62.29 -4.50 -3.96
N VAL F 436 60.98 -4.67 -3.73
CA VAL F 436 60.24 -5.70 -4.44
C VAL F 436 59.30 -5.08 -5.48
N LYS F 437 59.29 -5.65 -6.69
CA LYS F 437 58.43 -5.15 -7.76
C LYS F 437 57.93 -6.29 -8.64
N VAL F 438 56.66 -6.23 -9.02
CA VAL F 438 56.06 -7.26 -9.87
C VAL F 438 56.00 -6.73 -11.29
N ASN F 439 56.96 -7.15 -12.13
CA ASN F 439 57.03 -6.70 -13.51
C ASN F 439 55.89 -7.21 -14.37
N ASN F 440 55.46 -8.45 -14.10
CA ASN F 440 54.40 -9.03 -14.92
C ASN F 440 53.72 -10.25 -14.32
N VAL F 441 52.51 -10.51 -14.77
CA VAL F 441 51.75 -11.67 -14.32
C VAL F 441 50.99 -12.18 -15.53
N VAL F 442 51.17 -13.45 -15.82
CA VAL F 442 50.49 -14.08 -16.95
C VAL F 442 49.67 -15.25 -16.42
N VAL F 443 48.40 -15.29 -16.81
CA VAL F 443 47.50 -16.33 -16.37
C VAL F 443 47.11 -17.23 -17.54
N ASP F 444 47.19 -18.55 -17.34
CA ASP F 444 46.80 -19.49 -18.39
C ASP F 444 45.30 -19.35 -18.67
N LYS F 445 44.82 -20.01 -19.73
CA LYS F 445 43.41 -19.93 -20.06
C LYS F 445 42.54 -20.44 -18.91
N LEU F 446 41.50 -19.68 -18.60
CA LEU F 446 40.54 -20.00 -17.54
C LEU F 446 39.30 -20.63 -18.19
N VAL F 447 39.10 -21.93 -17.95
CA VAL F 447 37.97 -22.63 -18.55
C VAL F 447 37.15 -23.44 -17.54
N THR F 448 35.84 -23.26 -17.59
CA THR F 448 34.93 -24.01 -16.72
C THR F 448 34.16 -25.00 -17.59
N PHE F 449 33.63 -26.02 -16.95
CA PHE F 449 32.83 -27.05 -17.63
C PHE F 449 32.11 -27.84 -16.57
N PHE F 450 31.12 -28.63 -16.99
CA PHE F 450 30.39 -29.46 -16.04
C PHE F 450 30.92 -30.87 -16.17
N GLU F 451 31.05 -31.54 -15.04
CA GLU F 451 31.56 -32.90 -14.98
C GLU F 451 30.78 -33.73 -13.95
N TYR F 452 30.38 -34.93 -14.36
CA TYR F 452 29.63 -35.82 -13.48
C TYR F 452 30.31 -36.06 -12.15
N TYR F 453 29.53 -36.14 -11.09
CA TYR F 453 30.06 -36.42 -9.78
C TYR F 453 29.07 -37.31 -9.05
N ASP F 454 29.59 -38.38 -8.44
CA ASP F 454 28.75 -39.32 -7.70
C ASP F 454 29.01 -39.28 -6.20
N PHE F 455 28.00 -39.66 -5.44
CA PHE F 455 28.13 -39.75 -4.00
C PHE F 455 27.11 -40.80 -3.56
N ASP F 456 27.40 -41.46 -2.44
CA ASP F 456 26.53 -42.49 -1.89
C ASP F 456 25.32 -41.85 -1.23
N ALA F 457 24.13 -42.22 -1.68
CA ALA F 457 22.90 -41.67 -1.13
C ALA F 457 22.04 -42.75 -0.46
N THR F 458 22.64 -43.91 -0.21
CA THR F 458 21.90 -45.00 0.39
C THR F 458 21.17 -44.63 1.69
N ASN F 459 21.69 -43.68 2.45
CA ASN F 459 21.02 -43.29 3.69
C ASN F 459 19.59 -42.79 3.44
N THR F 460 19.27 -42.56 2.18
CA THR F 460 17.93 -42.09 1.80
C THR F 460 16.88 -43.17 2.06
N VAL F 461 17.31 -44.41 1.93
CA VAL F 461 16.45 -45.57 2.05
C VAL F 461 16.48 -46.34 3.39
N PHE F 462 15.41 -47.10 3.64
CA PHE F 462 15.33 -47.91 4.86
C PHE F 462 15.65 -49.37 4.54
N LEU F 463 16.49 -49.99 5.36
CA LEU F 463 16.87 -51.37 5.14
C LEU F 463 15.94 -52.37 5.81
N THR F 464 15.87 -53.55 5.19
CA THR F 464 15.06 -54.68 5.66
C THR F 464 15.70 -55.38 6.85
N GLU F 465 14.87 -56.02 7.67
CA GLU F 465 15.36 -56.74 8.85
C GLU F 465 16.47 -57.73 8.44
N GLU F 466 16.31 -58.35 7.26
CA GLU F 466 17.31 -59.28 6.75
C GLU F 466 18.55 -58.54 6.28
N GLU F 467 18.34 -57.42 5.60
CA GLU F 467 19.46 -56.62 5.11
C GLU F 467 20.34 -56.13 6.25
N LEU F 468 19.75 -55.95 7.43
CA LEU F 468 20.51 -55.49 8.58
C LEU F 468 21.39 -56.59 9.18
N LYS F 469 21.17 -57.83 8.75
CA LYS F 469 21.96 -58.96 9.24
C LYS F 469 23.31 -59.02 8.53
N THR F 470 23.34 -58.51 7.30
CA THR F 470 24.55 -58.48 6.50
C THR F 470 25.14 -57.07 6.43
N LYS F 471 26.33 -56.94 5.84
CA LYS F 471 27.01 -55.65 5.71
C LYS F 471 26.13 -54.64 4.98
N TYR F 472 26.31 -53.36 5.29
CA TYR F 472 25.52 -52.31 4.64
C TYR F 472 25.79 -52.35 3.13
N PRO F 473 24.75 -52.10 2.33
CA PRO F 473 24.88 -52.12 0.87
C PRO F 473 25.61 -51.00 0.15
N HIS F 474 25.49 -49.75 0.62
CA HIS F 474 26.14 -48.61 -0.06
C HIS F 474 25.84 -48.80 -1.55
N ASN F 475 24.59 -49.17 -1.75
CA ASN F 475 23.93 -49.50 -3.00
C ASN F 475 23.52 -48.35 -3.94
N LEU F 476 23.04 -47.25 -3.36
CA LEU F 476 22.57 -46.13 -4.16
C LEU F 476 23.57 -45.01 -4.42
N LYS F 477 23.60 -44.59 -5.68
CA LYS F 477 24.49 -43.53 -6.15
C LYS F 477 23.72 -42.39 -6.78
N VAL F 478 23.98 -41.16 -6.32
CA VAL F 478 23.35 -39.99 -6.92
C VAL F 478 24.43 -39.37 -7.83
N ARG F 479 24.06 -39.12 -9.08
CA ARG F 479 24.99 -38.56 -10.05
C ARG F 479 24.53 -37.20 -10.56
N GLN F 480 25.37 -36.18 -10.37
CA GLN F 480 25.03 -34.83 -10.83
C GLN F 480 26.18 -34.15 -11.54
N PRO F 481 25.89 -33.45 -12.63
CA PRO F 481 27.00 -32.77 -13.31
C PRO F 481 27.32 -31.57 -12.42
N ARG F 482 28.55 -31.49 -11.93
CA ARG F 482 28.94 -30.38 -11.07
C ARG F 482 29.99 -29.49 -11.70
N LEU F 483 29.89 -28.19 -11.41
CA LEU F 483 30.82 -27.20 -11.94
C LEU F 483 32.27 -27.57 -11.63
N ASN F 484 33.16 -27.26 -12.56
CA ASN F 484 34.58 -27.54 -12.38
C ASN F 484 35.34 -26.72 -13.41
N HIS F 485 36.66 -26.72 -13.32
CA HIS F 485 37.47 -25.95 -14.25
C HIS F 485 38.75 -26.71 -14.52
N GLN F 486 39.42 -26.35 -15.61
CA GLN F 486 40.70 -26.96 -15.97
C GLN F 486 41.79 -26.30 -15.13
N PRO F 487 42.82 -27.07 -14.73
CA PRO F 487 43.90 -26.48 -13.94
C PRO F 487 44.58 -25.36 -14.74
N PHE F 488 45.06 -24.34 -14.04
CA PHE F 488 45.74 -23.24 -14.72
C PHE F 488 46.89 -22.70 -13.90
N ASN F 489 47.91 -22.21 -14.59
CA ASN F 489 49.09 -21.63 -13.94
C ASN F 489 49.02 -20.12 -13.93
N ILE F 490 49.69 -19.55 -12.95
CA ILE F 490 49.83 -18.12 -12.81
C ILE F 490 51.33 -17.88 -12.73
N ASN F 491 51.88 -17.25 -13.77
CA ASN F 491 53.30 -16.96 -13.82
C ASN F 491 53.56 -15.54 -13.31
N ILE F 492 54.31 -15.45 -12.21
CA ILE F 492 54.62 -14.17 -11.61
C ILE F 492 56.08 -13.76 -11.87
N ASP F 493 56.27 -12.54 -12.33
CA ASP F 493 57.59 -11.99 -12.63
C ASP F 493 57.91 -10.92 -11.58
N ILE F 494 58.94 -11.16 -10.77
CA ILE F 494 59.32 -10.22 -9.73
C ILE F 494 60.77 -9.75 -9.82
N LYS F 495 60.95 -8.44 -9.91
CA LYS F 495 62.29 -7.84 -9.98
C LYS F 495 62.61 -7.33 -8.58
N ALA F 496 63.63 -7.92 -7.95
CA ALA F 496 64.02 -7.51 -6.61
C ALA F 496 65.42 -6.91 -6.52
N ASP F 497 65.68 -6.25 -5.39
CA ASP F 497 66.96 -5.65 -5.12
C ASP F 497 67.62 -6.49 -4.07
N VAL F 498 67.05 -6.48 -2.86
CA VAL F 498 67.63 -7.28 -1.78
C VAL F 498 66.92 -8.62 -1.62
N ALA F 499 67.45 -9.44 -0.71
CA ALA F 499 66.88 -10.75 -0.44
C ALA F 499 66.09 -10.69 0.86
N THR F 500 64.87 -11.20 0.82
CA THR F 500 63.99 -11.20 1.98
C THR F 500 62.90 -12.26 1.85
N ASP F 501 62.33 -12.64 3.00
CA ASP F 501 61.24 -13.61 3.02
C ASP F 501 60.00 -12.80 2.70
N ALA F 502 59.30 -13.16 1.64
CA ALA F 502 58.10 -12.43 1.26
C ALA F 502 56.86 -13.29 1.31
N VAL F 503 55.71 -12.63 1.38
CA VAL F 503 54.43 -13.31 1.39
C VAL F 503 53.78 -12.87 0.09
N VAL F 504 53.22 -13.82 -0.65
CA VAL F 504 52.58 -13.45 -1.89
C VAL F 504 51.15 -13.96 -1.85
N LYS F 505 50.22 -13.08 -2.23
CA LYS F 505 48.80 -13.40 -2.22
C LYS F 505 48.21 -13.21 -3.60
N ILE F 506 47.23 -14.04 -3.92
CA ILE F 506 46.58 -14.00 -5.21
C ILE F 506 45.08 -13.78 -5.02
N PHE F 507 44.55 -12.73 -5.66
CA PHE F 507 43.14 -12.46 -5.56
C PHE F 507 42.53 -12.48 -6.94
N MET F 508 41.20 -12.58 -6.96
CA MET F 508 40.41 -12.54 -8.18
C MET F 508 39.34 -11.48 -7.93
N GLY F 509 39.20 -10.54 -8.85
CA GLY F 509 38.20 -9.50 -8.65
C GLY F 509 37.47 -9.19 -9.92
N PRO F 510 36.37 -8.42 -9.83
CA PRO F 510 35.63 -8.10 -11.05
C PRO F 510 36.39 -7.02 -11.82
N LYS F 511 36.12 -6.94 -13.12
CA LYS F 511 36.73 -5.93 -13.95
C LYS F 511 35.73 -4.77 -14.07
N TYR F 512 34.46 -5.10 -14.25
CA TYR F 512 33.42 -4.09 -14.39
C TYR F 512 32.33 -4.22 -13.33
N ASN F 513 31.56 -3.16 -13.14
CA ASN F 513 30.45 -3.21 -12.19
C ASN F 513 29.27 -3.86 -12.92
N GLU F 514 28.13 -3.94 -12.25
CA GLU F 514 26.97 -4.57 -12.84
C GLU F 514 26.51 -3.93 -14.15
N ASN F 515 26.79 -2.64 -14.33
CA ASN F 515 26.39 -1.94 -15.56
C ASN F 515 27.44 -1.99 -16.69
N GLY F 516 28.50 -2.76 -16.50
CA GLY F 516 29.53 -2.85 -17.53
C GLY F 516 30.62 -1.78 -17.50
N PHE F 517 30.62 -0.94 -16.47
CA PHE F 517 31.64 0.10 -16.36
C PHE F 517 32.76 -0.27 -15.41
N PRO F 518 33.94 0.29 -15.63
CA PRO F 518 35.15 0.06 -14.83
C PRO F 518 34.93 0.07 -13.34
N ILE F 519 35.52 -0.91 -12.67
CA ILE F 519 35.45 -1.05 -11.22
C ILE F 519 36.24 0.12 -10.61
N THR F 520 35.97 0.42 -9.35
CA THR F 520 36.68 1.48 -8.64
C THR F 520 37.13 0.90 -7.29
N LEU F 521 38.42 0.98 -6.99
CA LEU F 521 38.92 0.43 -5.74
C LEU F 521 38.27 1.08 -4.51
N GLU F 522 37.93 2.37 -4.62
CA GLU F 522 37.32 3.08 -3.50
C GLU F 522 36.00 2.45 -3.08
N ASN F 523 35.19 2.02 -4.04
CA ASN F 523 33.91 1.42 -3.73
C ASN F 523 33.86 -0.10 -3.89
N ASP F 524 34.91 -0.68 -4.46
CA ASP F 524 34.92 -2.12 -4.71
C ASP F 524 36.07 -2.93 -4.09
N TRP F 525 36.69 -2.41 -3.03
CA TRP F 525 37.77 -3.12 -2.37
C TRP F 525 37.29 -4.42 -1.73
N MET F 526 36.03 -4.45 -1.30
CA MET F 526 35.46 -5.64 -0.65
C MET F 526 35.02 -6.75 -1.63
N LYS F 527 35.25 -6.50 -2.91
CA LYS F 527 34.87 -7.45 -3.96
C LYS F 527 36.03 -8.31 -4.48
N PHE F 528 37.04 -8.53 -3.64
CA PHE F 528 38.17 -9.35 -4.07
C PHE F 528 38.20 -10.70 -3.36
N PHE F 529 38.19 -11.76 -4.16
CA PHE F 529 38.18 -13.13 -3.69
C PHE F 529 39.60 -13.65 -3.53
N GLU F 530 39.98 -13.96 -2.29
CA GLU F 530 41.31 -14.47 -2.00
C GLU F 530 41.45 -15.89 -2.53
N MET F 531 42.45 -16.12 -3.37
CA MET F 531 42.65 -17.44 -3.94
C MET F 531 43.90 -18.16 -3.46
N ASP F 532 44.94 -17.42 -3.11
CA ASP F 532 46.17 -18.05 -2.68
C ASP F 532 46.96 -17.24 -1.64
N TRP F 533 47.75 -17.95 -0.84
CA TRP F 533 48.54 -17.33 0.22
C TRP F 533 49.76 -18.20 0.47
N PHE F 534 50.95 -17.67 0.23
CA PHE F 534 52.17 -18.46 0.47
C PHE F 534 53.45 -17.64 0.63
N THR F 535 54.38 -18.17 1.41
CA THR F 535 55.66 -17.54 1.64
C THR F 535 56.65 -17.95 0.55
N HIS F 536 57.60 -17.08 0.24
CA HIS F 536 58.57 -17.36 -0.81
C HIS F 536 59.81 -16.49 -0.55
N LYS F 537 61.00 -17.10 -0.62
CA LYS F 537 62.23 -16.34 -0.41
C LYS F 537 62.62 -15.65 -1.69
N ILE F 538 62.61 -14.31 -1.66
CA ILE F 538 62.97 -13.55 -2.84
C ILE F 538 64.47 -13.31 -2.88
N THR F 539 65.07 -13.66 -4.02
CA THR F 539 66.49 -13.48 -4.22
C THR F 539 66.68 -12.20 -5.02
N PRO F 540 67.78 -11.48 -4.79
CA PRO F 540 68.04 -10.24 -5.51
C PRO F 540 68.05 -10.53 -7.01
N GLY F 541 67.52 -9.60 -7.80
CA GLY F 541 67.47 -9.79 -9.24
C GLY F 541 66.14 -10.37 -9.69
N GLN F 542 66.17 -11.11 -10.79
CA GLN F 542 64.97 -11.73 -11.36
C GLN F 542 64.46 -12.91 -10.54
N ASN F 543 63.16 -12.92 -10.24
CA ASN F 543 62.49 -13.99 -9.49
C ASN F 543 61.29 -14.49 -10.30
N THR F 544 61.26 -15.77 -10.64
CA THR F 544 60.12 -16.28 -11.40
C THR F 544 59.34 -17.31 -10.59
N ILE F 545 58.06 -17.02 -10.34
CA ILE F 545 57.22 -17.94 -9.59
C ILE F 545 56.10 -18.48 -10.45
N VAL F 546 55.82 -19.76 -10.30
CA VAL F 546 54.75 -20.40 -11.05
C VAL F 546 53.86 -21.14 -10.05
N ARG F 547 52.62 -20.66 -9.91
CA ARG F 547 51.65 -21.29 -9.01
C ARG F 547 50.53 -21.94 -9.80
N ASN F 548 50.36 -23.24 -9.62
CA ASN F 548 49.28 -23.93 -10.31
C ASN F 548 48.03 -23.85 -9.43
N SER F 549 46.88 -23.65 -10.06
CA SER F 549 45.61 -23.53 -9.35
C SER F 549 45.39 -24.67 -8.37
N ASN F 550 45.90 -25.85 -8.73
CA ASN F 550 45.75 -27.01 -7.86
C ASN F 550 46.53 -26.83 -6.56
N GLU F 551 47.43 -25.86 -6.53
CA GLU F 551 48.22 -25.59 -5.35
C GLU F 551 47.63 -24.50 -4.45
N PHE F 552 46.69 -23.70 -4.96
CA PHE F 552 46.11 -22.65 -4.14
C PHE F 552 45.73 -23.26 -2.80
N VAL F 553 46.22 -22.66 -1.73
CA VAL F 553 45.96 -23.18 -0.39
C VAL F 553 44.53 -22.99 0.14
N ILE F 554 43.80 -22.05 -0.45
CA ILE F 554 42.44 -21.76 -0.02
C ILE F 554 41.41 -22.88 -0.26
N PHE F 555 41.68 -23.76 -1.22
CA PHE F 555 40.74 -24.81 -1.57
C PHE F 555 41.11 -26.27 -1.29
N LYS F 556 40.10 -27.14 -1.24
CA LYS F 556 40.31 -28.57 -0.98
C LYS F 556 39.77 -29.48 -2.07
N GLU F 557 40.21 -30.74 -2.06
CA GLU F 557 39.75 -31.75 -3.02
C GLU F 557 38.36 -32.22 -2.61
N ASP F 558 37.62 -32.81 -3.54
CA ASP F 558 36.30 -33.32 -3.22
C ASP F 558 36.45 -34.43 -2.19
N SER F 559 35.43 -34.65 -1.38
CA SER F 559 35.46 -35.69 -0.37
C SER F 559 35.32 -37.06 -1.02
N LEU F 560 35.77 -38.09 -0.33
CA LEU F 560 35.66 -39.45 -0.84
C LEU F 560 34.54 -40.16 -0.09
N PRO F 561 33.84 -41.10 -0.77
CA PRO F 561 32.76 -41.81 -0.07
C PRO F 561 33.32 -42.70 1.05
N SER F 562 32.55 -42.84 2.13
CA SER F 562 32.97 -43.65 3.28
C SER F 562 33.59 -45.00 2.90
N THR F 563 33.09 -45.59 1.83
CA THR F 563 33.57 -46.88 1.37
C THR F 563 35.04 -46.82 0.90
N GLU F 564 35.41 -45.72 0.26
CA GLU F 564 36.79 -45.55 -0.21
C GLU F 564 37.68 -45.18 0.97
N LEU F 565 37.05 -44.61 2.01
CA LEU F 565 37.78 -44.22 3.20
C LEU F 565 38.29 -45.48 3.90
N TYR F 566 37.45 -46.51 3.94
CA TYR F 566 37.83 -47.77 4.58
C TYR F 566 39.00 -48.44 3.87
N LYS F 567 38.92 -48.52 2.55
CA LYS F 567 39.99 -49.14 1.78
C LYS F 567 41.30 -48.41 2.06
N LEU F 568 41.20 -47.10 2.18
CA LEU F 568 42.37 -46.27 2.42
C LEU F 568 42.91 -46.49 3.83
N LEU F 569 42.03 -46.91 4.74
CA LEU F 569 42.44 -47.17 6.13
C LEU F 569 43.25 -48.45 6.23
N GLU F 570 42.97 -49.40 5.35
CA GLU F 570 43.71 -50.66 5.36
C GLU F 570 45.18 -50.37 5.12
N LYS F 571 45.45 -49.32 4.34
CA LYS F 571 46.82 -48.91 4.03
C LYS F 571 47.36 -48.01 5.13
N GLY F 572 46.57 -47.79 6.18
CA GLY F 572 46.99 -46.92 7.27
C GLY F 572 47.14 -45.49 6.79
N LYS F 573 46.19 -45.04 5.96
CA LYS F 573 46.21 -43.68 5.41
C LYS F 573 44.83 -43.02 5.44
N VAL F 574 44.80 -41.71 5.22
CA VAL F 574 43.57 -40.94 5.18
C VAL F 574 43.78 -39.81 4.18
N PRO F 575 42.72 -39.36 3.50
CA PRO F 575 42.90 -38.27 2.55
C PRO F 575 43.50 -37.10 3.32
N PHE F 576 44.45 -36.39 2.73
CA PHE F 576 45.05 -35.26 3.42
C PHE F 576 44.06 -34.13 3.68
N ASP F 577 43.47 -33.60 2.61
CA ASP F 577 42.51 -32.51 2.70
C ASP F 577 41.30 -32.84 3.55
N MET F 578 40.70 -34.01 3.32
CA MET F 578 39.52 -34.43 4.08
C MET F 578 39.75 -34.45 5.59
N SER F 579 41.01 -34.61 5.98
CA SER F 579 41.38 -34.67 7.39
C SER F 579 41.72 -33.31 8.00
N GLU F 580 42.55 -32.52 7.32
CA GLU F 580 42.99 -31.23 7.83
C GLU F 580 42.40 -29.96 7.24
N ASP F 581 41.73 -30.07 6.08
CA ASP F 581 41.16 -28.89 5.44
C ASP F 581 39.70 -29.10 5.04
N PHE F 582 38.98 -29.90 5.82
CA PHE F 582 37.57 -30.20 5.55
C PHE F 582 36.70 -28.94 5.45
N GLY F 583 37.17 -27.84 6.02
CA GLY F 583 36.41 -26.60 5.99
C GLY F 583 36.65 -25.71 4.78
N TYR F 584 37.67 -26.04 3.98
CA TYR F 584 37.95 -25.24 2.79
C TYR F 584 36.91 -25.41 1.68
N LEU F 585 36.78 -24.38 0.86
CA LEU F 585 35.86 -24.39 -0.28
C LEU F 585 36.44 -25.35 -1.33
N PRO F 586 35.61 -26.27 -1.86
CA PRO F 586 36.06 -27.24 -2.86
C PRO F 586 36.72 -26.53 -4.03
N LYS F 587 37.93 -26.95 -4.40
CA LYS F 587 38.61 -26.26 -5.49
C LYS F 587 37.88 -26.29 -6.82
N ARG F 588 37.00 -27.26 -7.04
CA ARG F 588 36.28 -27.30 -8.31
C ARG F 588 35.35 -26.10 -8.51
N LEU F 589 35.16 -25.33 -7.45
CA LEU F 589 34.28 -24.16 -7.49
C LEU F 589 35.01 -22.82 -7.39
N MET F 590 36.34 -22.83 -7.39
CA MET F 590 37.08 -21.57 -7.27
C MET F 590 36.79 -20.58 -8.38
N LEU F 591 36.24 -21.07 -9.48
CA LEU F 591 35.92 -20.19 -10.61
C LEU F 591 34.43 -20.24 -10.88
N PRO F 592 33.82 -19.08 -11.22
CA PRO F 592 32.39 -19.07 -11.50
C PRO F 592 32.18 -19.61 -12.91
N ARG F 593 30.99 -20.10 -13.22
CA ARG F 593 30.77 -20.59 -14.58
C ARG F 593 31.10 -19.45 -15.55
N GLY F 594 31.89 -19.76 -16.58
CA GLY F 594 32.25 -18.74 -17.54
C GLY F 594 31.20 -18.64 -18.62
N THR F 595 31.46 -17.91 -19.69
CA THR F 595 30.51 -17.81 -20.79
C THR F 595 31.24 -18.34 -22.02
N LYS F 596 30.49 -18.67 -23.07
CA LYS F 596 31.11 -19.19 -24.28
C LYS F 596 32.11 -18.20 -24.88
N GLY F 597 31.85 -16.90 -24.71
CA GLY F 597 32.75 -15.90 -25.26
C GLY F 597 33.79 -15.40 -24.29
N GLY F 598 33.74 -15.89 -23.05
CA GLY F 598 34.69 -15.48 -22.03
C GLY F 598 34.24 -14.24 -21.27
N PHE F 599 33.99 -14.38 -19.98
CA PHE F 599 33.55 -13.25 -19.16
C PHE F 599 34.71 -12.57 -18.42
N PRO F 600 34.77 -11.22 -18.49
CA PRO F 600 35.80 -10.38 -17.88
C PRO F 600 35.92 -10.32 -16.36
N PHE F 601 37.15 -10.49 -15.88
CA PHE F 601 37.51 -10.44 -14.47
C PHE F 601 38.96 -10.02 -14.44
N GLN F 602 39.55 -9.98 -13.24
CA GLN F 602 40.96 -9.66 -13.16
C GLN F 602 41.61 -10.33 -11.98
N PHE F 603 42.85 -10.75 -12.18
CA PHE F 603 43.58 -11.37 -11.11
C PHE F 603 44.52 -10.29 -10.62
N VAL F 604 44.93 -10.41 -9.37
CA VAL F 604 45.83 -9.46 -8.78
C VAL F 604 46.77 -10.19 -7.84
N VAL F 605 48.07 -9.91 -7.97
CA VAL F 605 49.05 -10.54 -7.10
C VAL F 605 49.64 -9.43 -6.26
N PHE F 606 49.75 -9.70 -4.97
CA PHE F 606 50.30 -8.74 -4.03
C PHE F 606 51.32 -9.45 -3.20
N VAL F 607 52.51 -8.86 -3.12
CA VAL F 607 53.57 -9.46 -2.33
C VAL F 607 54.05 -8.45 -1.30
N TYR F 608 54.15 -8.92 -0.05
CA TYR F 608 54.58 -8.08 1.05
C TYR F 608 55.56 -8.81 1.97
N PRO F 609 56.29 -8.06 2.80
CA PRO F 609 57.28 -8.62 3.73
C PRO F 609 56.72 -9.66 4.69
N PHE F 610 57.41 -10.79 4.81
CA PHE F 610 56.99 -11.84 5.73
C PHE F 610 57.61 -11.55 7.08
N GLU F 611 56.78 -11.56 8.12
CA GLU F 611 57.26 -11.28 9.47
C GLU F 611 56.50 -12.00 10.58
N SER F 612 55.81 -11.23 11.42
CA SER F 612 55.09 -11.80 12.57
C SER F 612 53.95 -12.77 12.25
N THR F 613 53.90 -13.83 13.05
CA THR F 613 52.89 -14.89 12.93
C THR F 613 52.55 -15.29 14.37
N THR F 614 52.73 -14.35 15.28
CA THR F 614 52.48 -14.57 16.72
C THR F 614 51.03 -14.80 17.07
N LYS F 615 50.11 -14.19 16.33
CA LYS F 615 48.68 -14.34 16.59
C LYS F 615 47.96 -14.97 15.41
N ASN F 616 48.59 -15.99 14.82
CA ASN F 616 48.02 -16.69 13.67
C ASN F 616 46.87 -17.60 14.10
N LEU F 617 46.07 -18.02 13.12
CA LEU F 617 44.93 -18.88 13.38
C LEU F 617 45.07 -20.26 12.75
N THR F 618 46.26 -20.85 12.87
CA THR F 618 46.52 -22.17 12.31
C THR F 618 45.67 -23.27 12.97
N PRO F 619 45.43 -23.18 14.30
CA PRO F 619 44.62 -24.20 14.97
C PRO F 619 43.21 -24.29 14.37
N TYR F 620 42.75 -23.20 13.75
CA TYR F 620 41.44 -23.15 13.12
C TYR F 620 41.57 -23.53 11.64
N GLU F 621 42.13 -22.63 10.84
CA GLU F 621 42.34 -22.86 9.41
C GLU F 621 43.85 -22.77 9.10
N LYS F 622 44.40 -23.86 8.57
CA LYS F 622 45.82 -23.95 8.25
C LYS F 622 46.48 -22.78 7.51
N PHE F 623 45.84 -22.28 6.45
CA PHE F 623 46.39 -21.18 5.66
C PHE F 623 46.52 -19.82 6.34
N MET F 624 45.97 -19.68 7.54
CA MET F 624 46.03 -18.42 8.28
C MET F 624 47.32 -18.37 9.11
N ILE F 625 48.46 -18.22 8.42
CA ILE F 625 49.78 -18.21 9.07
C ILE F 625 50.47 -16.86 9.25
N ASP F 626 49.71 -15.77 9.35
CA ASP F 626 50.32 -14.45 9.49
C ASP F 626 49.64 -13.63 10.57
N ASN F 627 50.11 -12.39 10.73
CA ASN F 627 49.54 -11.49 11.73
C ASN F 627 48.63 -10.45 11.08
N LYS F 628 48.73 -10.31 9.76
CA LYS F 628 47.93 -9.36 9.00
C LYS F 628 46.44 -9.69 9.08
N PRO F 629 45.58 -8.67 8.98
CA PRO F 629 44.14 -8.94 9.03
C PRO F 629 43.68 -9.83 7.88
N LEU F 630 42.76 -10.74 8.18
CA LEU F 630 42.25 -11.64 7.16
C LEU F 630 41.79 -10.86 5.93
N GLY F 631 42.21 -11.29 4.76
CA GLY F 631 41.81 -10.62 3.54
C GLY F 631 42.72 -9.47 3.12
N TYR F 632 43.78 -9.27 3.88
CA TYR F 632 44.77 -8.22 3.62
C TYR F 632 45.31 -8.37 2.19
N PRO F 633 45.44 -7.26 1.44
CA PRO F 633 45.15 -5.87 1.79
C PRO F 633 43.76 -5.36 1.39
N PHE F 634 42.81 -6.26 1.16
CA PHE F 634 41.46 -5.86 0.77
C PHE F 634 40.47 -6.07 1.91
N ASP F 635 40.95 -5.93 3.14
CA ASP F 635 40.14 -6.13 4.34
C ASP F 635 39.44 -4.84 4.76
N ARG F 636 39.90 -3.73 4.20
CA ARG F 636 39.37 -2.41 4.49
C ARG F 636 39.78 -1.51 3.35
N PRO F 637 39.17 -0.32 3.23
CA PRO F 637 39.52 0.60 2.16
C PRO F 637 41.01 0.95 2.25
N VAL F 638 41.55 1.53 1.19
CA VAL F 638 42.95 1.91 1.17
C VAL F 638 43.08 3.38 0.79
N ASP F 639 44.00 4.09 1.45
CA ASP F 639 44.21 5.51 1.17
C ASP F 639 44.27 5.76 -0.32
N THR F 640 43.13 6.14 -0.89
CA THR F 640 43.05 6.40 -2.31
C THR F 640 44.32 7.03 -2.86
N SER F 641 44.88 6.39 -3.87
CA SER F 641 46.08 6.87 -4.56
C SER F 641 45.95 6.37 -5.99
N CYS F 642 46.34 7.24 -6.92
CA CYS F 642 46.22 7.01 -8.35
C CYS F 642 47.40 6.29 -8.97
N PHE F 643 48.46 6.13 -8.18
CA PHE F 643 49.65 5.43 -8.63
C PHE F 643 49.83 4.16 -7.80
N LYS F 644 49.59 3.02 -8.43
CA LYS F 644 49.68 1.73 -7.73
C LYS F 644 51.08 1.38 -7.22
N GLN F 645 51.10 0.64 -6.13
CA GLN F 645 52.34 0.20 -5.53
C GLN F 645 53.04 -0.73 -6.53
N PRO F 646 54.38 -0.79 -6.50
CA PRO F 646 55.07 -1.66 -7.45
C PRO F 646 54.93 -3.14 -7.06
N ASN F 647 54.56 -3.40 -5.81
CA ASN F 647 54.42 -4.78 -5.37
C ASN F 647 53.02 -5.37 -5.51
N ILE F 648 52.24 -4.80 -6.42
CA ILE F 648 50.90 -5.30 -6.67
C ILE F 648 50.65 -5.19 -8.18
N PHE F 649 50.07 -6.23 -8.76
CA PHE F 649 49.84 -6.24 -10.20
C PHE F 649 48.44 -6.75 -10.54
N PHE F 650 47.77 -6.06 -11.46
CA PHE F 650 46.42 -6.42 -11.90
C PHE F 650 46.45 -6.92 -13.33
N ARG F 651 45.95 -8.15 -13.55
CA ARG F 651 45.94 -8.73 -14.89
C ARG F 651 44.55 -9.12 -15.36
N ASP F 652 44.13 -8.56 -16.49
CA ASP F 652 42.82 -8.89 -17.03
C ASP F 652 42.77 -10.38 -17.33
N VAL F 653 41.59 -10.95 -17.22
CA VAL F 653 41.44 -12.37 -17.42
C VAL F 653 40.03 -12.65 -17.93
N SER F 654 39.87 -13.71 -18.72
CA SER F 654 38.55 -14.08 -19.24
C SER F 654 38.21 -15.50 -18.84
N VAL F 655 37.00 -15.70 -18.33
CA VAL F 655 36.61 -17.04 -17.95
C VAL F 655 35.69 -17.60 -19.01
N TYR F 656 36.13 -18.65 -19.69
CA TYR F 656 35.34 -19.28 -20.74
C TYR F 656 34.69 -20.53 -20.17
N HIS F 657 33.68 -21.03 -20.86
CA HIS F 657 33.00 -22.24 -20.45
C HIS F 657 32.88 -23.17 -21.64
N GLU F 658 33.34 -24.40 -21.48
CA GLU F 658 33.29 -25.39 -22.55
C GLU F 658 32.19 -26.40 -22.33
N GLY F 659 31.83 -27.09 -23.40
CA GLY F 659 30.79 -28.08 -23.33
C GLY F 659 29.42 -27.46 -23.14
N GLU F 660 28.46 -28.29 -22.71
CA GLU F 660 27.10 -27.81 -22.51
C GLU F 660 27.03 -26.71 -21.45
N TYR F 661 26.39 -25.59 -21.78
CA TYR F 661 26.27 -24.49 -20.85
C TYR F 661 25.42 -24.84 -19.64
N HIS F 662 24.25 -25.42 -19.90
CA HIS F 662 23.33 -25.81 -18.84
C HIS F 662 23.64 -27.21 -18.30
N ALA F 663 23.72 -27.35 -16.99
CA ALA F 663 24.02 -28.62 -16.35
C ALA F 663 22.99 -29.71 -16.66
N TYR F 664 21.71 -29.33 -16.70
CA TYR F 664 20.68 -30.33 -16.93
C TYR F 664 20.78 -31.09 -18.25
N GLU F 665 21.53 -30.54 -19.21
CA GLU F 665 21.70 -31.20 -20.50
C GLU F 665 22.41 -32.55 -20.34
N TYR F 666 23.30 -32.64 -19.37
CA TYR F 666 24.04 -33.87 -19.10
C TYR F 666 23.18 -34.94 -18.40
N ASN F 667 21.96 -34.59 -18.04
CA ASN F 667 21.07 -35.55 -17.39
C ASN F 667 19.93 -35.94 -18.32
N VAL F 668 20.00 -35.53 -19.57
CA VAL F 668 18.98 -35.88 -20.55
C VAL F 668 19.25 -37.34 -20.96
N PRO F 669 18.24 -38.22 -20.81
CA PRO F 669 18.39 -39.64 -21.17
C PRO F 669 19.06 -39.92 -22.53
N ALA F 670 18.61 -39.24 -23.58
CA ALA F 670 19.20 -39.41 -24.90
C ALA F 670 20.69 -39.17 -24.87
N TYR F 671 21.13 -38.30 -23.95
CA TYR F 671 22.54 -37.99 -23.82
C TYR F 671 23.32 -39.02 -23.01
N PHE F 672 22.89 -39.31 -21.78
CA PHE F 672 23.66 -40.26 -20.99
C PHE F 672 23.52 -41.73 -21.37
N SER F 673 22.60 -42.03 -22.28
CA SER F 673 22.43 -43.41 -22.75
C SER F 673 23.29 -43.47 -24.01
N HIS F 674 23.96 -42.35 -24.29
CA HIS F 674 24.83 -42.19 -25.45
C HIS F 674 24.16 -42.56 -26.77
C1 NAG G . -19.10 30.38 18.75
C2 NAG G . -19.24 30.54 20.26
C3 NAG G . -18.30 31.61 20.78
C4 NAG G . -16.86 31.39 20.27
C5 NAG G . -16.86 31.20 18.76
C6 NAG G . -15.50 30.87 18.20
C7 NAG G . -21.41 29.93 21.12
C8 NAG G . -22.84 30.34 21.47
N2 NAG G . -20.61 30.86 20.61
O3 NAG G . -18.32 31.56 22.19
O4 NAG G . -16.03 32.52 20.59
O5 NAG G . -17.73 30.12 18.41
O6 NAG G . -14.91 29.79 18.88
O7 NAG G . -21.04 28.76 21.30
C1 NAG G . -15.23 32.41 21.71
C2 NAG G . -14.10 33.45 21.67
C3 NAG G . -13.35 33.52 23.01
C4 NAG G . -14.30 33.57 24.21
C5 NAG G . -15.32 32.44 24.08
C6 NAG G . -16.31 32.31 25.21
C7 NAG G . -12.99 33.84 19.56
C8 NAG G . -11.99 33.36 18.51
N2 NAG G . -13.17 33.06 20.62
O3 NAG G . -12.50 34.66 23.03
O4 NAG G . -13.55 33.42 25.42
O5 NAG G . -16.06 32.61 22.86
O6 NAG G . -17.18 33.44 25.27
O7 NAG G . -13.57 34.91 19.41
C1 BMA G . -13.93 34.20 26.49
C2 BMA G . -13.33 33.61 27.77
C3 BMA G . -13.69 34.49 28.96
C4 BMA G . -13.21 35.92 28.68
C5 BMA G . -13.80 36.42 27.36
C6 BMA G . -13.34 37.81 26.97
O2 BMA G . -11.91 33.54 27.63
O3 BMA G . -13.08 33.99 30.16
O4 BMA G . -13.61 36.77 29.74
O5 BMA G . -13.43 35.53 26.29
O6 BMA G . -11.90 37.81 26.83
C1 MAN G . -13.75 32.94 30.78
C2 MAN G . -13.37 32.89 32.26
C3 MAN G . -11.92 32.43 32.40
C4 MAN G . -11.75 31.07 31.73
C5 MAN G . -12.16 31.18 30.26
C6 MAN G . -12.13 29.83 29.55
O2 MAN G . -14.21 31.94 32.94
O3 MAN G . -11.58 32.32 33.79
O4 MAN G . -10.40 30.64 31.84
O5 MAN G . -13.52 31.68 30.15
O6 MAN G . -12.66 29.94 28.25
C1 MAN G . -15.48 32.40 33.32
C2 MAN G . -15.93 31.61 34.56
C3 MAN G . -16.13 30.14 34.17
C4 MAN G . -17.11 30.04 33.00
C5 MAN G . -16.65 30.92 31.83
C6 MAN G . -17.71 30.99 30.74
O2 MAN G . -17.18 32.13 35.08
O3 MAN G . -16.62 29.40 35.28
O4 MAN G . -17.20 28.69 32.58
O5 MAN G . -16.43 32.27 32.27
O6 MAN G . -17.16 31.41 29.50
C1 MAN G . -17.13 33.35 35.77
C2 MAN G . -18.35 33.48 36.67
C3 MAN G . -19.62 33.60 35.78
C4 MAN G . -19.46 34.78 34.82
C5 MAN G . -18.18 34.66 34.01
C6 MAN G . -17.92 35.90 33.20
O2 MAN G . -18.22 34.60 37.52
O3 MAN G . -20.79 33.80 36.59
O4 MAN G . -20.57 34.82 33.93
O5 MAN G . -17.04 34.48 34.90
O6 MAN G . -16.87 35.70 32.27
C1 GLC G . -21.21 32.75 37.40
C2 GLC G . -22.63 33.07 37.91
C3 GLC G . -22.57 33.50 39.37
C4 GLC G . -22.05 32.34 40.20
C5 GLC G . -20.73 31.80 39.64
C6 GLC G . -20.68 30.34 39.30
O2 GLC G . -23.20 34.11 37.14
O3 GLC G . -23.88 33.86 39.82
O4 GLC G . -21.83 32.77 41.53
O5 GLC G . -20.28 32.54 38.47
O6 GLC G . -19.38 29.81 39.52
C1 MAN G . -11.36 39.10 26.94
C2 MAN G . -9.85 39.04 26.67
C3 MAN G . -9.13 38.30 27.81
C4 MAN G . -9.50 38.88 29.17
C5 MAN G . -11.02 39.00 29.34
C6 MAN G . -11.39 39.78 30.61
O2 MAN G . -9.32 40.34 26.52
O3 MAN G . -7.71 38.44 27.63
O4 MAN G . -8.97 38.06 30.20
O5 MAN G . -11.61 39.70 28.22
O6 MAN G . -10.64 41.02 30.62
C1 MAN G . -7.09 37.37 26.98
C2 MAN G . -5.68 37.17 27.58
C3 MAN G . -4.68 38.22 27.09
C4 MAN G . -4.78 38.46 25.56
C5 MAN G . -6.22 38.69 25.15
C6 MAN G . -6.39 38.83 23.64
O2 MAN G . -5.19 35.82 27.35
O3 MAN G . -3.35 37.82 27.42
O4 MAN G . -4.01 39.60 25.21
O5 MAN G . -7.03 37.56 25.57
O6 MAN G . -7.69 39.28 23.30
C1 MAN G . -5.34 35.27 26.07
C2 MAN G . -6.20 34.01 26.16
C3 MAN G . -5.79 33.01 25.07
C4 MAN G . -4.34 32.57 25.28
C5 MAN G . -3.47 33.73 25.79
C6 MAN G . -2.05 33.74 25.23
O2 MAN G . -7.58 34.35 26.01
O3 MAN G . -5.94 33.61 23.79
O4 MAN G . -4.29 31.50 26.23
O5 MAN G . -4.07 35.00 25.45
O6 MAN G . -2.04 33.68 23.82
C1 MAN G . -10.76 41.74 31.83
C2 MAN G . -10.28 43.18 31.62
C3 MAN G . -8.77 43.17 31.33
C4 MAN G . -8.03 42.48 32.50
C5 MAN G . -8.59 41.08 32.74
C6 MAN G . -8.01 40.44 33.99
O2 MAN G . -10.55 43.97 32.79
O3 MAN G . -8.30 44.49 31.16
O4 MAN G . -6.63 42.39 32.20
O5 MAN G . -10.04 41.14 32.90
O6 MAN G . -8.40 39.08 34.11
C1 MAN G . -11.77 44.68 32.79
C2 MAN G . -11.83 45.61 34.02
C3 MAN G . -13.23 45.59 34.65
C4 MAN G . -13.62 44.17 35.06
C5 MAN G . -13.26 43.15 33.96
C6 MAN G . -14.42 42.21 33.66
O2 MAN G . -11.50 46.94 33.63
O3 MAN G . -14.19 46.09 33.72
O4 MAN G . -12.95 43.82 36.27
O5 MAN G . -12.91 43.82 32.72
O6 MAN G . -13.95 40.94 33.22
C1 NAG H . -26.68 9.93 -34.68
C2 NAG H . -26.59 10.68 -36.01
C3 NAG H . -26.54 9.70 -37.19
C4 NAG H . -25.50 8.59 -36.97
C5 NAG H . -25.72 7.94 -35.60
C6 NAG H . -24.67 6.90 -35.26
C7 NAG H . -27.62 12.84 -36.21
C8 NAG H . -28.91 13.65 -36.35
N2 NAG H . -27.75 11.53 -36.15
O3 NAG H . -26.20 10.42 -38.36
O4 NAG H . -25.64 7.60 -38.01
O5 NAG H . -25.65 8.95 -34.56
O6 NAG H . -23.45 7.51 -34.86
O7 NAG H . -26.53 13.42 -36.15
C1 NAG H . -24.64 7.60 -38.98
C2 NAG H . -24.60 6.23 -39.66
C3 NAG H . -23.55 6.26 -40.78
C4 NAG H . -23.86 7.39 -41.76
C5 NAG H . -23.98 8.72 -41.00
C6 NAG H . -24.42 9.86 -41.91
C7 NAG H . -25.27 4.46 -38.16
C8 NAG H . -24.85 3.38 -37.16
N2 NAG H . -24.30 5.18 -38.71
O3 NAG H . -23.54 5.02 -41.47
O4 NAG H . -22.84 7.48 -42.75
O5 NAG H . -24.96 8.62 -39.94
O6 NAG H . -23.45 10.90 -41.95
O7 NAG H . -26.46 4.62 -38.42
C1 NAG I . -2.12 -37.15 16.08
C2 NAG I . -0.90 -37.97 16.56
C3 NAG I . -0.83 -37.96 18.09
C4 NAG I . -0.91 -36.51 18.63
C5 NAG I . -2.13 -35.81 18.06
C6 NAG I . -2.23 -34.36 18.48
C7 NAG I . -0.45 -39.73 14.98
C8 NAG I . -0.63 -41.17 14.57
N2 NAG I . -1.03 -39.34 16.10
O3 NAG I . 0.38 -38.57 18.50
O4 NAG I . -0.99 -36.53 20.07
O5 NAG I . -2.07 -35.82 16.61
O6 NAG I . -0.97 -33.72 18.43
O7 NAG I . 0.21 -38.96 14.27
C1 NAG I . 0.19 -36.37 20.76
C2 NAG I . -0.13 -36.00 22.22
C3 NAG I . 1.14 -36.04 23.09
C4 NAG I . 1.92 -37.34 22.89
C5 NAG I . 2.17 -37.52 21.40
C6 NAG I . 2.99 -38.75 21.03
C7 NAG I . -1.93 -34.45 22.66
C8 NAG I . -2.45 -33.02 22.63
N2 NAG I . -0.69 -34.65 22.24
O3 NAG I . 0.80 -35.90 24.46
O4 NAG I . 3.16 -37.23 23.59
O5 NAG I . 0.91 -37.61 20.71
O6 NAG I . 2.29 -39.95 21.33
O7 NAG I . -2.66 -35.36 23.03
C1 BMA I . 3.63 -38.36 24.21
C2 BMA I . 5.14 -38.23 24.45
C3 BMA I . 5.64 -39.46 25.17
C4 BMA I . 4.84 -39.69 26.46
C5 BMA I . 3.34 -39.71 26.16
C6 BMA I . 2.49 -39.82 27.41
O2 BMA I . 5.38 -37.06 25.23
O3 BMA I . 7.03 -39.32 25.48
O4 BMA I . 5.23 -40.91 27.06
O5 BMA I . 2.96 -38.51 25.47
O6 BMA I . 2.67 -38.64 28.22
C1 MAN I . 7.92 -39.64 24.45
C2 MAN I . 9.31 -39.95 25.03
C3 MAN I . 9.91 -38.68 25.64
C4 MAN I . 9.97 -37.59 24.55
C5 MAN I . 8.57 -37.35 23.98
C6 MAN I . 8.58 -36.38 22.83
O2 MAN I . 10.17 -40.44 23.99
O3 MAN I . 11.22 -38.95 26.12
O4 MAN I . 10.48 -36.38 25.11
O5 MAN I . 8.02 -38.59 23.49
O6 MAN I . 7.30 -36.34 22.20
C1 MAN I . 10.04 -41.78 23.64
C2 MAN I . 11.41 -42.28 23.11
C3 MAN I . 11.71 -41.56 21.79
C4 MAN I . 10.60 -41.84 20.79
C5 MAN I . 9.26 -41.36 21.37
C6 MAN I . 8.09 -41.71 20.49
O2 MAN I . 11.37 -43.71 22.88
O3 MAN I . 12.97 -42.00 21.29
O4 MAN I . 10.85 -41.16 19.57
O5 MAN I . 9.02 -41.99 22.65
O6 MAN I . 6.92 -41.01 20.88
C1 MAN I . 11.35 -44.51 24.03
C2 MAN I . 11.89 -45.92 23.69
C3 MAN I . 10.91 -46.63 22.76
C4 MAN I . 9.51 -46.66 23.39
C5 MAN I . 9.06 -45.25 23.78
C6 MAN I . 7.75 -45.26 24.55
O2 MAN I . 12.06 -46.67 24.88
O3 MAN I . 11.37 -47.97 22.53
O4 MAN I . 8.57 -47.21 22.47
O5 MAN I . 10.05 -44.61 24.61
O6 MAN I . 7.51 -44.03 25.20
C1 GLC I . 11.89 -48.21 21.25
C2 GLC I . 12.02 -49.72 20.99
C3 GLC I . 13.15 -50.29 21.85
C4 GLC I . 14.46 -49.54 21.57
C5 GLC I . 14.25 -48.04 21.82
C6 GLC I . 15.46 -47.22 21.44
O2 GLC I . 10.80 -50.36 21.32
O3 GLC I . 13.30 -51.67 21.55
O4 GLC I . 15.51 -50.00 22.41
O5 GLC I . 13.14 -47.55 21.03
O6 GLC I . 15.31 -45.87 21.85
C1 MAN I . 2.28 -38.84 29.55
C2 MAN I . 2.43 -37.53 30.34
C3 MAN I . 3.93 -37.20 30.51
C4 MAN I . 4.65 -38.37 31.17
C5 MAN I . 4.41 -39.66 30.36
C6 MAN I . 4.99 -40.87 31.07
O2 MAN I . 1.82 -37.66 31.61
O3 MAN I . 4.10 -36.01 31.32
O4 MAN I . 6.04 -38.10 31.25
O5 MAN I . 3.00 -39.89 30.19
O6 MAN I . 4.49 -40.91 32.43
C1 MAN I . 3.78 -34.81 30.69
C2 MAN I . 4.56 -33.63 31.28
C3 MAN I . 4.23 -33.58 32.77
C4 MAN I . 2.73 -33.26 32.88
C5 MAN I . 1.88 -34.30 32.11
C6 MAN I . 0.44 -33.87 31.96
O2 MAN I . 3.98 -32.45 30.71
O3 MAN I . 5.00 -32.55 33.39
O4 MAN I . 2.33 -33.22 34.24
O5 MAN I . 2.38 -34.51 30.77
O6 MAN I . -0.27 -34.78 31.13
C1 MAN I . 4.66 -31.56 29.88
C2 MAN I . 5.29 -32.13 28.63
C3 MAN I . 5.24 -30.95 27.67
C4 MAN I . 6.03 -29.76 28.24
C5 MAN I . 5.64 -29.40 29.70
C6 MAN I . 4.34 -28.61 29.79
O2 MAN I . 4.53 -33.23 28.15
O3 MAN I . 3.88 -30.58 27.48
O4 MAN I . 7.42 -30.03 28.17
O5 MAN I . 5.48 -30.60 30.50
O6 MAN I . 4.41 -27.57 30.76
C1 MAN I . 5.17 -41.83 33.25
C2 MAN I . 4.42 -41.96 34.60
C3 MAN I . 4.57 -40.64 35.37
C4 MAN I . 6.05 -40.27 35.54
C5 MAN I . 6.77 -40.26 34.17
C6 MAN I . 8.27 -40.09 34.32
O2 MAN I . 4.93 -43.05 35.39
O3 MAN I . 3.96 -40.77 36.65
O4 MAN I . 6.16 -38.99 36.15
O5 MAN I . 6.54 -41.50 33.47
O6 MAN I . 8.86 -39.63 33.11
C1 MAN I . 5.09 -44.29 34.76
C2 MAN I . 5.26 -45.39 35.83
C3 MAN I . 5.43 -46.75 35.15
C4 MAN I . 6.57 -46.72 34.11
C5 MAN I . 6.49 -45.52 33.16
C6 MAN I . 5.47 -45.61 32.02
O2 MAN I . 4.15 -45.41 36.70
O3 MAN I . 4.22 -47.14 34.52
O4 MAN I . 7.83 -46.68 34.79
O5 MAN I . 6.23 -44.28 33.88
O6 MAN I . 5.86 -44.78 30.94
C1 NAG J . -39.89 -10.00 -18.78
C2 NAG J . -41.42 -9.78 -18.80
C3 NAG J . -41.79 -8.95 -20.03
C4 NAG J . -41.00 -7.64 -20.03
C5 NAG J . -39.50 -7.93 -19.95
C6 NAG J . -38.67 -6.67 -19.84
C7 NAG J . -42.67 -11.56 -17.74
C8 NAG J . -43.40 -12.89 -17.87
N2 NAG J . -42.13 -11.05 -18.84
O3 NAG J . -43.19 -8.66 -20.03
O4 NAG J . -41.30 -6.86 -21.21
O5 NAG J . -39.21 -8.73 -18.77
O6 NAG J . -38.24 -6.22 -21.12
O7 NAG J . -42.60 -11.01 -16.64
C1 NAG J . -41.92 -5.65 -20.95
C2 NAG J . -41.71 -4.65 -22.11
C3 NAG J . -42.40 -3.34 -21.75
C4 NAG J . -43.87 -3.56 -21.37
C5 NAG J . -44.01 -4.68 -20.32
C6 NAG J . -45.47 -5.06 -20.08
C7 NAG J . -39.71 -4.80 -23.47
C8 NAG J . -38.22 -4.53 -23.61
N2 NAG J . -40.29 -4.43 -22.32
O3 NAG J . -42.33 -2.43 -22.84
O4 NAG J . -44.42 -2.36 -20.85
O5 NAG J . -43.32 -5.87 -20.75
O6 NAG J . -45.56 -6.26 -19.34
O7 NAG J . -40.33 -5.34 -24.38
C1 NAG K . 30.98 8.85 -24.35
C2 NAG K . 32.02 9.95 -24.12
C3 NAG K . 33.34 9.33 -23.65
C4 NAG K . 33.10 8.47 -22.42
C5 NAG K . 32.04 7.42 -22.75
C6 NAG K . 31.72 6.50 -21.58
C7 NAG K . 31.58 11.81 -25.54
C8 NAG K . 31.84 12.54 -26.84
N2 NAG K . 32.23 10.67 -25.35
O3 NAG K . 34.28 10.38 -23.34
O4 NAG K . 34.32 7.80 -22.08
O5 NAG K . 30.81 8.07 -23.16
O6 NAG K . 31.46 7.22 -20.40
O7 NAG K . 30.80 12.27 -24.71
C1 NAG K . 35.05 8.33 -21.04
C2 NAG K . 36.04 7.25 -20.57
C3 NAG K . 37.06 7.82 -19.59
C4 NAG K . 37.69 9.12 -20.13
C5 NAG K . 36.56 10.08 -20.53
C6 NAG K . 36.98 11.45 -21.05
C7 NAG K . 35.39 4.94 -20.33
C8 NAG K . 34.55 3.91 -19.61
N2 NAG K . 35.27 6.21 -19.93
O3 NAG K . 38.09 6.87 -19.35
O4 NAG K . 38.49 9.70 -19.09
O5 NAG K . 35.76 9.46 -21.54
O6 NAG K . 37.84 11.33 -22.18
O7 NAG K . 36.15 4.61 -21.23
C1 BMA K . 39.66 10.33 -19.47
C2 BMA K . 40.09 11.28 -18.37
C3 BMA K . 41.41 11.96 -18.77
C4 BMA K . 42.46 10.88 -19.06
C5 BMA K . 41.93 9.89 -20.11
C6 BMA K . 42.87 8.73 -20.35
O2 BMA K . 40.29 10.53 -17.17
O3 BMA K . 41.86 12.83 -17.71
O4 BMA K . 43.65 11.48 -19.54
O5 BMA K . 40.66 9.33 -19.68
O6 BMA K . 43.09 8.00 -19.13
C1 MAN K . 41.33 14.13 -17.69
C2 MAN K . 42.26 15.07 -16.88
C3 MAN K . 42.20 14.70 -15.39
C4 MAN K . 40.76 14.75 -14.89
C5 MAN K . 39.86 13.85 -15.77
C6 MAN K . 38.39 14.00 -15.41
O2 MAN K . 41.82 16.43 -17.02
O3 MAN K . 42.98 15.63 -14.65
O4 MAN K . 40.69 14.30 -13.55
O5 MAN K . 40.00 14.21 -17.16
O6 MAN K . 37.58 13.03 -16.07
C1 MAN K . 42.16 17.11 -18.19
C2 MAN K . 42.14 18.62 -17.89
C3 MAN K . 40.71 19.06 -17.60
C4 MAN K . 39.82 18.72 -18.80
C5 MAN K . 39.89 17.22 -19.05
C6 MAN K . 39.09 16.77 -20.26
O2 MAN K . 42.65 19.35 -19.02
O3 MAN K . 40.68 20.46 -17.35
O4 MAN K . 38.48 19.12 -18.56
O5 MAN K . 41.27 16.81 -19.27
O6 MAN K . 38.85 15.38 -20.23
C1 MAN K . 44.03 19.31 -19.23
C2 MAN K . 44.45 20.54 -20.04
C3 MAN K . 43.83 20.46 -21.44
C4 MAN K . 44.16 19.12 -22.12
C5 MAN K . 43.84 17.94 -21.20
C6 MAN K . 44.36 16.64 -21.76
O2 MAN K . 45.85 20.61 -20.14
O3 MAN K . 44.37 21.53 -22.24
O4 MAN K . 43.39 19.01 -23.30
O5 MAN K . 44.44 18.13 -19.90
O6 MAN K . 43.63 15.52 -21.26
C1 GLC K . 43.50 22.61 -22.48
C2 GLC K . 44.01 23.45 -23.64
C3 GLC K . 45.27 24.24 -23.23
C4 GLC K . 45.00 25.03 -21.96
C5 GLC K . 44.46 24.14 -20.85
C6 GLC K . 44.01 24.96 -19.66
O2 GLC K . 44.32 22.60 -24.74
O3 GLC K . 45.65 25.12 -24.27
O4 GLC K . 46.20 25.66 -21.53
O5 GLC K . 43.29 23.41 -21.31
O6 GLC K . 43.56 24.14 -18.60
C1 MAN K . 44.22 7.19 -19.17
C2 MAN K . 44.28 6.30 -17.93
C3 MAN K . 44.57 7.15 -16.68
C4 MAN K . 45.82 8.02 -16.88
C5 MAN K . 45.72 8.82 -18.18
C6 MAN K . 47.02 9.54 -18.51
O2 MAN K . 45.28 5.30 -18.09
O3 MAN K . 44.81 6.30 -15.55
O4 MAN K . 45.95 8.91 -15.79
O5 MAN K . 45.44 7.93 -19.29
O6 MAN K . 48.12 8.62 -18.35
C1 MAN K . 43.68 6.04 -14.75
C2 MAN K . 44.13 5.94 -13.27
C3 MAN K . 44.86 4.62 -12.96
C4 MAN K . 44.19 3.40 -13.61
C5 MAN K . 43.82 3.66 -15.06
C6 MAN K . 43.04 2.53 -15.69
O2 MAN K . 43.02 6.14 -12.35
O3 MAN K . 44.94 4.44 -11.56
O4 MAN K . 45.09 2.30 -13.55
O5 MAN K . 43.01 4.85 -15.16
O6 MAN K . 43.16 2.57 -17.11
C1 MAN K . 41.81 5.49 -12.60
C2 MAN K . 40.69 6.53 -12.82
C3 MAN K . 39.36 6.04 -12.24
C4 MAN K . 39.50 5.78 -10.74
C5 MAN K . 40.85 5.12 -10.39
C6 MAN K . 40.72 3.99 -9.37
O2 MAN K . 40.54 6.78 -14.22
O3 MAN K . 38.96 4.85 -12.89
O4 MAN K . 39.37 7.01 -10.02
O5 MAN K . 41.46 4.55 -11.58
O6 MAN K . 39.85 2.97 -9.82
C1 MAN K . 49.38 9.24 -18.43
C2 MAN K . 50.45 8.18 -18.65
C3 MAN K . 50.57 7.30 -17.40
C4 MAN K . 50.84 8.15 -16.16
C5 MAN K . 49.80 9.28 -16.02
C6 MAN K . 50.21 10.26 -14.95
O2 MAN K . 51.72 8.82 -18.92
O3 MAN K . 51.62 6.35 -17.58
O4 MAN K . 50.79 7.34 -15.00
O5 MAN K . 49.69 10.03 -17.26
O6 MAN K . 49.09 10.97 -14.43
C1 MAN K . 52.01 9.08 -20.26
C2 MAN K . 53.43 9.64 -20.40
C3 MAN K . 53.48 10.77 -21.43
C4 MAN K . 52.54 11.91 -21.02
C5 MAN K . 51.18 11.36 -20.54
C6 MAN K . 50.01 12.09 -21.19
O2 MAN K . 54.31 8.59 -20.78
O3 MAN K . 53.13 10.28 -22.71
O4 MAN K . 53.13 12.68 -19.99
O5 MAN K . 51.05 9.95 -20.88
O6 MAN K . 48.88 12.13 -20.33
C1 NAG L . -19.12 -17.94 -37.03
C2 NAG L . -19.53 -19.32 -37.62
C3 NAG L . -21.03 -19.60 -37.43
C4 NAG L . -21.54 -19.26 -36.02
C5 NAG L . -21.03 -17.86 -35.61
C6 NAG L . -21.43 -17.48 -34.20
C7 NAG L . -18.40 -20.24 -39.54
C8 NAG L . -18.16 -20.20 -41.05
N2 NAG L . -19.24 -19.34 -39.04
O3 NAG L . -21.28 -20.97 -37.69
O4 NAG L . -22.98 -19.28 -35.99
O5 NAG L . -19.59 -17.82 -35.68
O6 NAG L . -20.88 -18.39 -33.24
O7 NAG L . -17.81 -21.07 -38.84
C1 NAG L . -23.58 -20.34 -35.30
C2 NAG L . -25.06 -20.01 -35.02
C3 NAG L . -25.74 -21.23 -34.36
C4 NAG L . -25.53 -22.49 -35.20
C5 NAG L . -24.03 -22.69 -35.46
C6 NAG L . -23.74 -23.87 -36.36
C7 NAG L . -25.24 -17.62 -34.65
C8 NAG L . -25.36 -16.48 -33.64
N2 NAG L . -25.18 -18.85 -34.15
O3 NAG L . -27.14 -20.99 -34.22
O4 NAG L . -26.05 -23.61 -34.50
O5 NAG L . -23.48 -21.51 -36.11
O6 NAG L . -22.39 -24.32 -36.21
O7 NAG L . -25.21 -17.38 -35.85
C1 NAG M . -31.72 -4.75 24.53
C2 NAG M . -33.12 -4.16 24.31
C3 NAG M . -34.08 -5.22 23.82
C4 NAG M . -33.51 -5.92 22.58
C5 NAG M . -32.09 -6.41 22.84
C6 NAG M . -31.43 -6.98 21.59
C7 NAG M . -33.54 -2.27 25.72
C8 NAG M . -34.11 -1.72 27.02
N2 NAG M . -33.63 -3.58 25.53
O3 NAG M . -35.32 -4.63 23.52
O4 NAG M . -34.35 -7.05 22.26
O5 NAG M . -31.25 -5.33 23.30
O6 NAG M . -31.33 -6.00 20.56
O7 NAG M . -33.03 -1.51 24.91
C1 NAG M . -35.24 -6.89 21.22
C2 NAG M . -35.72 -8.27 20.76
C3 NAG M . -36.86 -8.15 19.74
C4 NAG M . -37.97 -7.22 20.27
C5 NAG M . -37.33 -5.88 20.64
C6 NAG M . -38.28 -4.82 21.14
C7 NAG M . -34.20 -10.13 20.63
C8 NAG M . -32.99 -10.79 19.94
N2 NAG M . -34.60 -8.96 20.16
O3 NAG M . -37.40 -9.44 19.49
O4 NAG M . -38.95 -7.04 19.23
O5 NAG M . -36.34 -6.09 21.67
O6 NAG M . -38.98 -5.26 22.29
O7 NAG M . -34.74 -10.69 21.58
C1 BMA M . -40.27 -6.91 19.64
C2 BMA M . -41.06 -6.13 18.56
C3 BMA M . -42.55 -6.08 18.94
C4 BMA M . -43.07 -7.50 19.22
C5 BMA M . -42.19 -8.16 20.27
C6 BMA M . -42.61 -9.57 20.65
O2 BMA M . -40.90 -6.76 17.29
O3 BMA M . -43.32 -5.48 17.89
O4 BMA M . -44.42 -7.42 19.67
O5 BMA M . -40.83 -8.22 19.81
O6 BMA M . -42.39 -10.45 19.53
C1 MAN M . -43.33 -4.08 17.88
C2 MAN M . -44.56 -3.58 17.11
C3 MAN M . -44.43 -3.94 15.63
C4 MAN M . -43.14 -3.31 15.09
C5 MAN M . -41.94 -3.81 15.90
C6 MAN M . -40.65 -3.13 15.49
O2 MAN M . -44.65 -2.15 17.23
O3 MAN M . -45.56 -3.46 14.92
O4 MAN M . -42.96 -3.64 13.72
O5 MAN M . -42.14 -3.53 17.30
O6 MAN M . -39.58 -3.51 16.33
C1 MAN M . -45.25 -1.66 18.39
C2 MAN M . -45.91 -0.32 18.09
C3 MAN M . -44.84 0.70 17.73
C4 MAN M . -43.86 0.84 18.91
C5 MAN M . -43.26 -0.54 19.21
C6 MAN M . -42.34 -0.52 20.42
O2 MAN M . -46.65 0.14 19.23
O3 MAN M . -45.42 1.96 17.42
O4 MAN M . -42.84 1.77 18.59
O5 MAN M . -44.31 -1.51 19.45
O6 MAN M . -41.60 -1.73 20.51
C1 MAN M . -47.88 -0.50 19.51
C2 MAN M . -48.79 0.46 20.26
C3 MAN M . -48.17 0.78 21.62
C4 MAN M . -47.82 -0.49 22.41
C5 MAN M . -47.02 -1.46 21.54
C6 MAN M . -46.86 -2.81 22.19
O2 MAN M . -50.07 -0.12 20.41
O3 MAN M . -49.10 1.57 22.38
O4 MAN M . -47.04 -0.14 23.54
O5 MAN M . -47.70 -1.68 20.28
O6 MAN M . -46.31 -3.74 21.28
C1 GLC M . -48.70 2.88 22.66
C2 GLC M . -49.53 3.45 23.80
C3 GLC M . -50.98 3.59 23.34
C4 GLC M . -51.05 4.48 22.10
C5 GLC M . -50.13 3.94 21.00
C6 GLC M . -50.01 4.94 19.87
O2 GLC M . -49.47 2.58 24.92
O3 GLC M . -51.76 4.18 24.39
O4 GLC M . -52.39 4.53 21.61
O5 GLC M . -48.79 3.73 21.51
O6 GLC M . -49.26 4.41 18.79
C1 MAN M . -43.15 -11.63 19.62
C2 MAN M . -42.87 -12.49 18.38
C3 MAN M . -43.45 -11.82 17.14
C4 MAN M . -44.93 -11.50 17.33
C5 MAN M . -45.14 -10.69 18.61
C6 MAN M . -46.63 -10.53 18.93
O2 MAN M . -43.47 -13.77 18.55
O3 MAN M . -43.31 -12.67 16.00
O4 MAN M . -45.41 -10.75 16.21
O5 MAN M . -44.55 -11.38 19.74
O6 MAN M . -47.24 -11.84 18.88
C1 MAN M . -42.25 -12.35 15.15
C2 MAN M . -42.69 -12.56 13.68
C3 MAN M . -42.67 -14.04 13.23
C4 MAN M . -41.54 -14.88 13.83
C5 MAN M . -41.28 -14.53 15.30
C6 MAN M . -40.07 -15.22 15.90
O2 MAN M . -41.99 -11.70 12.77
O3 MAN M . -42.60 -14.10 11.82
O4 MAN M . -41.87 -16.25 13.75
O5 MAN M . -41.09 -13.11 15.43
O6 MAN M . -39.98 -14.94 17.29
C1 MAN M . -40.63 -11.90 12.48
C2 MAN M . -39.87 -10.63 12.95
C3 MAN M . -38.40 -10.69 12.55
C4 MAN M . -38.30 -10.84 11.02
C5 MAN M . -39.09 -12.05 10.53
C6 MAN M . -38.44 -13.41 10.77
O2 MAN M . -39.98 -10.49 14.36
O3 MAN M . -37.75 -11.77 13.19
O4 MAN M . -38.77 -9.66 10.38
O5 MAN M . -40.45 -12.08 11.07
O6 MAN M . -37.72 -13.84 9.63
C1 MAN M . -48.63 -11.82 18.97
C2 MAN M . -49.15 -13.25 19.14
C3 MAN M . -48.90 -14.03 17.83
C4 MAN M . -49.56 -13.32 16.66
C5 MAN M . -49.08 -11.86 16.57
C6 MAN M . -49.86 -11.07 15.53
O2 MAN M . -50.56 -13.28 19.48
O3 MAN M . -49.39 -15.35 17.96
O4 MAN M . -49.25 -13.99 15.45
O5 MAN M . -49.27 -11.18 17.84
O6 MAN M . -49.10 -10.01 14.99
C1 MAN M . -50.99 -12.46 20.54
C2 MAN M . -52.40 -12.90 20.96
C3 MAN M . -52.89 -12.03 22.14
C4 MAN M . -52.79 -10.54 21.80
C5 MAN M . -51.42 -10.14 21.19
C6 MAN M . -50.27 -9.97 22.17
O2 MAN M . -52.41 -14.27 21.34
O3 MAN M . -52.11 -12.31 23.30
O4 MAN M . -53.82 -10.16 20.90
O5 MAN M . -51.00 -11.09 20.17
O6 MAN M . -49.26 -9.15 21.61
C1 NAG N . 23.91 -10.11 36.15
C2 NAG N . 23.97 -11.64 36.40
C3 NAG N . 25.40 -12.18 36.28
C4 NAG N . 26.10 -11.67 35.01
C5 NAG N . 25.96 -10.15 34.90
C6 NAG N . 26.53 -9.60 33.60
C7 NAG N . 23.06 -13.18 38.03
C8 NAG N . 22.51 -13.41 39.43
N2 NAG N . 23.43 -11.94 37.72
O3 NAG N . 25.37 -13.61 36.26
O4 NAG N . 27.50 -12.03 35.05
O5 NAG N . 24.56 -9.79 34.92
O6 NAG N . 25.50 -9.19 32.73
O7 NAG N . 23.15 -14.14 37.25
C1 NAG N . 27.95 -12.92 34.09
C2 NAG N . 29.44 -12.66 33.80
C3 NAG N . 30.01 -13.75 32.87
C4 NAG N . 29.69 -15.15 33.41
C5 NAG N . 28.19 -15.29 33.67
C6 NAG N . 27.81 -16.62 34.27
C7 NAG N . 29.64 -10.25 33.92
C8 NAG N . 29.83 -8.93 33.19
N2 NAG N . 29.62 -11.35 33.18
O3 NAG N . 31.42 -13.59 32.74
O4 NAG N . 30.11 -16.15 32.48
O5 NAG N . 27.76 -14.25 34.60
O6 NAG N . 26.67 -17.17 33.64
O7 NAG N . 29.52 -10.25 35.16
C1 NAG O . 5.04 35.55 -18.71
C2 NAG O . 5.10 35.74 -20.23
C3 NAG O . 3.79 36.34 -20.73
C4 NAG O . 2.60 35.53 -20.23
C5 NAG O . 2.67 35.34 -18.72
C6 NAG O . 1.57 34.43 -18.18
C7 NAG O . 7.34 36.07 -21.01
C8 NAG O . 8.47 37.01 -21.37
N2 NAG O . 6.20 36.60 -20.58
O3 NAG O . 3.80 36.37 -22.15
O4 NAG O . 1.39 36.23 -20.56
O5 NAG O . 3.93 34.74 -18.36
O6 NAG O . 1.54 33.20 -18.89
O7 NAG O . 7.51 34.84 -21.14
C1 NAG O . 0.70 35.78 -21.67
C2 NAG O . -0.73 36.33 -21.61
C3 NAG O . -1.49 36.07 -22.91
C4 NAG O . -0.67 36.52 -24.12
C5 NAG O . 0.71 35.85 -24.05
C6 NAG O . 1.64 36.13 -25.22
C7 NAG O . -2.00 36.39 -19.56
C8 NAG O . -2.70 35.61 -18.47
N2 NAG O . -1.42 35.68 -20.52
O3 NAG O . -2.72 36.76 -22.89
O4 NAG O . -1.36 36.12 -25.32
O5 NAG O . 1.38 36.25 -22.84
O6 NAG O . 2.07 37.49 -25.24
O7 NAG O . -1.99 37.63 -19.53
C1 BMA O . -1.28 36.96 -26.41
C2 BMA O . -1.54 36.14 -27.69
C3 BMA O . -1.54 37.08 -28.90
C4 BMA O . -2.56 38.21 -28.67
C5 BMA O . -2.23 38.94 -27.37
C6 BMA O . -3.19 40.08 -27.04
O2 BMA O . -2.80 35.50 -27.58
O3 BMA O . -1.84 36.33 -30.10
O4 BMA O . -2.51 39.11 -29.77
O5 BMA O . -2.26 38.00 -26.27
O6 BMA O . -4.50 39.54 -26.82
C1 MAN O . -0.75 35.71 -30.72
C2 MAN O . -1.06 35.49 -32.21
C3 MAN O . -2.18 34.48 -32.37
C4 MAN O . -1.77 33.18 -31.68
C5 MAN O . -1.43 33.44 -30.21
C6 MAN O . -0.88 32.20 -29.55
O2 MAN O . 0.11 34.97 -32.87
O3 MAN O . -2.40 34.24 -33.75
O4 MAN O . -2.82 32.24 -31.75
O5 MAN O . -0.42 34.47 -30.10
O6 MAN O . -0.41 32.48 -28.24
C1 MAN O . 1.08 35.91 -33.25
C2 MAN O . 1.80 35.40 -34.51
C3 MAN O . 2.61 34.14 -34.14
C4 MAN O . 3.59 34.48 -33.00
C5 MAN O . 2.80 35.02 -31.80
C6 MAN O . 3.70 35.47 -30.66
O2 MAN O . 2.70 36.41 -35.01
O3 MAN O . 3.34 33.69 -35.28
O4 MAN O . 4.31 33.33 -32.63
O5 MAN O . 2.02 36.17 -32.20
O6 MAN O . 2.92 35.94 -29.58
C1 MAN O . 2.14 37.49 -35.71
C2 MAN O . 3.24 38.12 -36.60
C3 MAN O . 4.31 38.77 -35.70
C4 MAN O . 3.66 39.77 -34.77
C5 MAN O . 2.56 39.10 -33.95
C6 MAN O . 1.80 40.09 -33.10
O2 MAN O . 2.66 39.07 -37.47
O3 MAN O . 5.30 39.47 -36.50
O4 MAN O . 4.65 40.30 -33.89
O5 MAN O . 1.60 38.47 -34.84
O6 MAN O . 1.03 39.43 -32.10
C1 GLC O . 6.11 38.72 -37.36
C2 GLC O . 7.23 39.64 -37.87
C3 GLC O . 6.96 40.01 -39.33
C4 GLC O . 7.01 38.73 -40.17
C5 GLC O . 6.03 37.68 -39.60
C6 GLC O . 6.61 36.33 -39.25
O2 GLC O . 7.27 40.83 -37.09
O3 GLC O . 7.94 40.93 -39.79
O4 GLC O . 6.67 39.03 -41.51
O5 GLC O . 5.32 38.17 -38.44
O6 GLC O . 5.58 35.35 -39.16
C1 MAN O . -5.53 40.47 -27.02
C2 MAN O . -6.88 39.83 -26.71
C3 MAN O . -7.23 38.78 -27.78
C4 MAN O . -7.18 39.40 -29.16
C5 MAN O . -5.83 40.10 -29.41
C6 MAN O . -5.85 40.90 -30.70
O2 MAN O . -7.89 40.82 -26.68
O3 MAN O . -8.56 38.28 -27.53
O4 MAN O . -7.38 38.40 -30.15
O5 MAN O . -5.54 41.04 -28.34
O6 MAN O . -6.99 41.78 -30.69
C1 MAN O . -8.65 37.02 -26.94
C2 MAN O . -9.78 36.23 -27.61
C3 MAN O . -11.20 36.62 -27.13
C4 MAN O . -11.27 36.92 -25.63
C5 MAN O . -10.09 37.78 -25.19
C6 MAN O . -10.04 38.06 -23.70
O2 MAN O . -9.56 34.79 -27.61
O3 MAN O . -12.11 35.57 -27.45
O4 MAN O . -12.47 37.62 -25.35
O5 MAN O . -8.85 37.11 -25.54
O6 MAN O . -9.10 39.08 -23.41
C1 MAN O . -9.61 34.02 -26.43
C2 MAN O . -8.19 33.46 -26.18
C3 MAN O . -8.17 32.43 -25.05
C4 MAN O . -9.20 31.33 -25.31
C5 MAN O . -10.59 31.91 -25.57
C6 MAN O . -11.32 32.45 -24.35
O2 MAN O . -7.28 34.51 -25.89
O3 MAN O . -8.45 33.07 -23.80
O4 MAN O . -8.79 30.55 -26.43
O5 MAN O . -10.55 32.96 -26.59
O6 MAN O . -12.31 31.54 -23.88
C1 MAN O . -7.16 42.52 -31.87
C2 MAN O . -8.22 43.60 -31.65
C3 MAN O . -9.59 42.94 -31.45
C4 MAN O . -9.93 42.05 -32.66
C5 MAN O . -8.79 41.04 -32.88
C6 MAN O . -8.99 40.23 -34.14
O2 MAN O . -8.28 44.47 -32.79
O3 MAN O . -10.59 43.94 -31.29
O4 MAN O . -11.16 41.38 -32.44
O5 MAN O . -7.52 41.71 -32.99
O6 MAN O . -8.16 39.07 -34.13
C1 MAN O . -7.47 45.63 -32.74
C2 MAN O . -7.80 46.54 -33.94
C3 MAN O . -6.52 47.08 -34.58
C4 MAN O . -5.62 45.92 -35.03
C5 MAN O . -5.49 44.85 -33.93
C6 MAN O . -4.04 44.50 -33.64
O2 MAN O . -8.61 47.61 -33.49
O3 MAN O . -5.82 47.90 -33.66
O4 MAN O . -6.15 45.34 -36.21
O5 MAN O . -6.08 45.31 -32.69
O6 MAN O . -3.91 43.16 -33.21
C1 NAG P . 21.40 20.07 35.13
C2 NAG P . 21.20 20.51 36.60
C3 NAG P . 22.00 19.60 37.53
C4 NAG P . 21.67 18.12 37.25
C5 NAG P . 21.87 17.81 35.76
C6 NAG P . 21.49 16.40 35.40
C7 NAG P . 20.77 22.86 36.96
C8 NAG P . 21.32 24.27 37.14
N2 NAG P . 21.66 21.89 36.77
O3 NAG P . 21.67 19.90 38.88
O4 NAG P . 22.51 17.26 38.04
O5 NAG P . 21.04 18.70 34.97
O6 NAG P . 20.12 16.14 35.70
O7 NAG P . 19.56 22.67 36.99
C1 NAG P . 21.91 16.17 38.65
C2 NAG P . 22.99 15.31 39.31
C3 NAG P . 22.33 14.16 40.10
C4 NAG P . 21.31 14.72 41.09
C5 NAG P . 20.30 15.60 40.32
C6 NAG P . 19.26 16.24 41.21
C7 NAG P . 25.09 15.30 38.13
C8 NAG P . 25.97 14.69 37.06
N2 NAG P . 23.88 14.77 38.30
O3 NAG P . 23.33 13.44 40.81
O4 NAG P . 20.63 13.66 41.74
O5 NAG P . 20.99 16.66 39.63
O6 NAG P . 18.42 17.10 40.45
O7 NAG P . 25.50 16.25 38.81
C1 NAG Q . 16.82 -33.00 -16.21
C2 NAG Q . 16.04 -34.23 -16.67
C3 NAG Q . 15.98 -34.24 -18.19
C4 NAG Q . 15.41 -32.93 -18.72
C5 NAG Q . 16.22 -31.77 -18.15
C6 NAG Q . 15.71 -30.40 -18.57
C7 NAG Q . 16.28 -36.02 -15.10
C8 NAG Q . 17.02 -37.29 -14.66
N2 NAG Q . 16.70 -35.44 -16.21
O3 NAG Q . 15.16 -35.32 -18.62
O4 NAG Q . 15.51 -32.92 -20.14
O5 NAG Q . 16.24 -31.80 -16.72
O6 NAG Q . 14.33 -30.25 -18.26
O7 NAG Q . 15.35 -35.58 -14.42
C1 NAG Q . 14.36 -33.24 -20.84
C2 NAG Q . 14.53 -32.78 -22.30
C3 NAG Q . 13.39 -33.29 -23.18
C4 NAG Q . 13.20 -34.79 -22.99
C5 NAG Q . 13.01 -35.07 -21.50
C6 NAG Q . 12.67 -36.50 -21.09
C7 NAG Q . 15.59 -30.70 -22.87
C8 NAG Q . 15.54 -29.18 -22.89
N2 NAG Q . 14.55 -31.33 -22.34
O3 NAG Q . 13.68 -33.01 -24.53
O4 NAG Q . 12.03 -35.19 -23.72
O5 NAG Q . 14.19 -34.66 -20.80
O6 NAG Q . 13.74 -37.39 -21.38
O7 NAG Q . 16.56 -31.30 -23.34
C1 BMA Q . 12.08 -36.44 -24.31
C2 BMA Q . 10.64 -36.92 -24.53
C3 BMA Q . 10.64 -38.25 -25.29
C4 BMA Q . 11.48 -38.12 -26.57
C5 BMA Q . 12.88 -37.57 -26.25
C6 BMA Q . 13.70 -37.32 -27.49
O2 BMA Q . 9.91 -35.95 -25.26
O3 BMA Q . 9.29 -38.62 -25.60
O4 BMA Q . 11.59 -39.39 -27.19
O5 BMA Q . 12.75 -36.31 -25.57
O6 BMA Q . 13.04 -36.35 -28.31
C1 MAN Q . 8.60 -39.34 -24.61
C2 MAN Q . 7.49 -40.18 -25.27
C3 MAN Q . 6.45 -39.27 -25.90
C4 MAN Q . 5.88 -38.32 -24.83
C5 MAN Q . 7.03 -37.56 -24.15
C6 MAN Q . 6.59 -36.70 -22.98
O2 MAN Q . 6.84 -41.00 -24.28
O3 MAN Q . 5.40 -40.07 -26.44
O4 MAN Q . 4.98 -37.39 -25.43
O5 MAN Q . 8.01 -38.48 -23.64
O6 MAN Q . 7.68 -35.97 -22.43
C1 MAN Q . 7.48 -42.18 -23.92
C2 MAN Q . 6.44 -43.16 -23.35
C3 MAN Q . 5.96 -42.62 -21.99
C4 MAN Q . 7.14 -42.48 -21.06
C5 MAN Q . 8.16 -41.51 -21.68
C6 MAN Q . 9.43 -41.44 -20.84
O2 MAN Q . 7.03 -44.45 -23.16
O3 MAN Q . 5.01 -43.52 -21.41
O4 MAN Q . 6.71 -42.00 -19.80
O5 MAN Q . 8.55 -41.97 -23.00
O6 MAN Q . 10.11 -40.20 -21.03
C1 MAN Q . 7.34 -45.18 -24.31
C2 MAN Q . 7.41 -46.67 -23.93
C3 MAN Q . 8.60 -46.91 -23.00
C4 MAN Q . 9.88 -46.39 -23.63
C5 MAN Q . 9.74 -44.92 -24.06
C6 MAN Q . 10.95 -44.47 -24.88
O2 MAN Q . 7.54 -47.46 -25.10
O3 MAN Q . 8.73 -48.32 -22.76
O4 MAN Q . 10.96 -46.51 -22.71
O5 MAN Q . 8.57 -44.76 -24.90
O6 MAN Q . 10.93 -43.07 -25.11
C1 GLC Q . 8.43 -48.77 -21.47
C2 GLC Q . 8.96 -50.19 -21.30
C3 GLC Q . 8.13 -51.16 -22.14
C4 GLC Q . 6.64 -51.03 -21.80
C5 GLC Q . 6.20 -49.58 -21.95
C6 GLC Q . 4.78 -49.36 -21.47
O2 GLC Q . 10.32 -50.25 -21.68
O3 GLC Q . 8.56 -52.50 -21.91
O4 GLC Q . 5.88 -51.86 -22.67
O5 GLC Q . 7.05 -48.71 -21.16
O6 GLC Q . 4.23 -48.17 -22.00
C1 MAN Q . 13.54 -36.34 -29.63
C2 MAN Q . 12.94 -35.16 -30.41
C3 MAN Q . 11.45 -35.39 -30.67
C4 MAN Q . 11.21 -36.76 -31.32
C5 MAN Q . 11.88 -37.87 -30.52
C6 MAN Q . 11.81 -39.21 -31.23
O2 MAN Q . 13.62 -35.00 -31.63
O3 MAN Q . 10.94 -34.37 -31.53
O4 MAN Q . 9.81 -37.00 -31.40
O5 MAN Q . 13.28 -37.57 -30.32
O6 MAN Q . 12.25 -39.06 -32.58
C1 MAN Q . 10.35 -33.27 -30.90
C2 MAN Q . 9.13 -32.81 -31.73
C3 MAN Q . 9.53 -32.04 -32.99
C4 MAN Q . 10.66 -31.02 -32.73
C5 MAN Q . 11.79 -31.65 -31.92
C6 MAN Q . 12.88 -30.65 -31.53
O2 MAN Q . 8.16 -32.06 -30.94
O3 MAN Q . 8.39 -31.37 -33.51
O4 MAN Q . 11.17 -30.55 -33.97
O5 MAN Q . 11.27 -32.21 -30.70
O6 MAN Q . 13.96 -31.30 -30.89
C1 MAN Q . 8.62 -31.04 -30.10
C2 MAN Q . 8.20 -31.32 -28.65
C3 MAN Q . 8.00 -30.02 -27.88
C4 MAN Q . 6.87 -29.19 -28.52
C5 MAN Q . 6.85 -29.36 -30.05
C6 MAN Q . 6.47 -28.08 -30.77
O2 MAN Q . 9.20 -32.10 -28.01
O3 MAN Q . 9.20 -29.26 -27.90
O4 MAN Q . 5.62 -29.59 -27.97
O5 MAN Q . 8.15 -29.75 -30.53
O6 MAN Q . 7.37 -27.02 -30.46
C1 MAN Q . 12.00 -40.18 -33.39
C2 MAN Q . 12.74 -40.03 -34.72
C3 MAN Q . 12.11 -38.91 -35.56
C4 MAN Q . 10.61 -39.14 -35.72
C5 MAN Q . 9.95 -39.33 -34.35
C6 MAN Q . 8.49 -39.73 -34.49
O2 MAN Q . 12.69 -41.27 -35.45
O3 MAN Q . 12.74 -38.84 -36.82
O4 MAN Q . 10.02 -38.03 -36.38
O5 MAN Q . 10.61 -40.40 -33.62
O6 MAN Q . 7.77 -39.53 -33.28
C1 MAN Q . 13.73 -42.17 -35.22
C2 MAN Q . 13.65 -43.33 -36.22
C3 MAN Q . 13.90 -44.67 -35.53
C4 MAN Q . 12.91 -44.90 -34.38
C5 MAN Q . 12.73 -43.61 -33.54
C6 MAN Q . 12.83 -43.88 -32.05
O2 MAN Q . 14.61 -43.14 -37.26
O3 MAN Q . 15.23 -44.73 -35.03
O4 MAN Q . 11.65 -45.29 -34.90
O5 MAN Q . 13.75 -42.64 -33.87
O6 MAN Q . 12.24 -42.82 -31.29
C1 NAG R . 40.22 6.89 18.79
C2 NAG R . 41.51 7.72 18.76
C3 NAG R . 41.50 8.81 19.84
C4 NAG R . 40.22 9.63 19.75
C5 NAG R . 39.01 8.70 19.82
C6 NAG R . 37.70 9.44 19.67
C7 NAG R . 43.44 6.53 17.95
C8 NAG R . 44.60 5.60 18.23
N2 NAG R . 42.64 6.84 18.97
O3 NAG R . 42.62 9.66 19.66
O4 NAG R . 40.18 10.56 20.84
O5 NAG R . 39.07 7.75 18.73
O6 NAG R . 37.39 9.69 18.32
O7 NAG R . 43.26 6.96 16.81
C1 NAG R . 40.12 11.91 20.52
C2 NAG R . 40.05 12.74 21.80
C3 NAG R . 40.24 14.24 21.54
C4 NAG R . 41.40 14.53 20.59
C5 NAG R . 41.30 13.63 19.35
C6 NAG R . 42.46 13.81 18.39
C7 NAG R . 38.55 11.50 23.27
C8 NAG R . 37.17 11.36 23.88
N2 NAG R . 38.75 12.53 22.44
O3 NAG R . 40.46 14.92 22.76
O4 NAG R . 41.37 15.89 20.18
O5 NAG R . 41.30 12.24 19.76
O6 NAG R . 42.43 15.10 17.80
O7 NAG R . 39.44 10.69 23.55
C FMT S . -12.97 -5.43 -4.50
O1 FMT S . -13.31 -6.55 -4.94
O2 FMT S . -11.86 -4.88 -4.67
C FMT T . -4.20 -5.23 -13.12
O1 FMT T . -4.06 -4.71 -12.00
O2 FMT T . -3.48 -5.03 -14.13
C FMT U . -9.74 5.05 -10.15
O1 FMT U . -10.35 6.11 -9.92
O2 FMT U . -8.95 4.48 -9.36
C FMT V . 6.46 8.65 9.98
O1 FMT V . 7.44 9.43 10.01
O2 FMT V . 6.44 7.51 9.47
C FMT W . 13.94 0.48 4.95
O1 FMT W . 12.70 0.44 4.78
O2 FMT W . 14.76 -0.37 4.55
C FMT X . 6.19 -3.16 13.10
O1 FMT X . 5.64 -3.19 14.22
O2 FMT X . 5.70 -2.66 12.06
#